data_8UVO
#
_entry.id   8UVO
#
_cell.length_a   1.00
_cell.length_b   1.00
_cell.length_c   1.00
_cell.angle_alpha   90.00
_cell.angle_beta   90.00
_cell.angle_gamma   90.00
#
_symmetry.space_group_name_H-M   'P 1'
#
loop_
_entity.id
_entity.type
_entity.pdbx_description
1 polymer 'Transitional endoplasmic reticulum ATPase'
2 non-polymer "ADENOSINE-5'-DIPHOSPHATE"
3 non-polymer N-[3-(2,5-difluoro-4-{[(4M)-5-(hexylsulfanyl)-4-(pyridin-3-yl)-4H-1,2,4-triazol-3-yl]methoxy}phenyl)prop-2-yn-1-yl]propanamide
#
_entity_poly.entity_id   1
_entity_poly.type   'polypeptide(L)'
_entity_poly.pdbx_seq_one_letter_code
;MASGADSKGDDLSTAILKQKNRPNRLIVDEAINEDNSVVSLSQPKMDELQLFRGDTVLLKGKKRREAVCIVLSDDTCSDE
KIRMNRVVRNNLRVRLGDVISIQPCPDVKYGKRIHVLPIDDTVEGITGNLFEVYLKPYFLEAYRPIRKGDIFLVHGGMRA
VEFKVVETDPSPYCIVAPDTVIHCEGEPIKREDEEESLNEVGYDDIGGCRKQLAQIKEMVELPLRHPALFKAIGVKPPRG
ILLYGPPGTGKTLIARAVANETGAFFFLINGPEIMSKLAGESESNLRKAFEEAEKNAPAIIFIDELDAIAPKREKTHGEV
ERRIVSQLLTLMDGLKQRAHVIVMAATNRPNSIDPALRRFGRFDREVDIGIPDATGRLEILQIHTKNMKLADDVDLEQVA
NETHGHVGADLAALCSEAALQAIRKKMDLIDLEDETIDAEVMNSLAVTMDDFRWALSQSNPSALRETVVEVPQVTWEDIG
GLEDVKRELQELVQYPVEHPDKFLKFGMTPSKGVLFYGPPGCGKTLLAKAIANECQANFISIKGPELLTMWFGESEANVR
EIFDKARQAAPCVLFFDELDSIAKARGGNIGDGGGAADRVINQILTEMDGMSTKKNVFIIGATNRPDIIDPAILRPGRLD
QLIYIPLPDEKSRVAILKANLRKSPVAKDVDLEFLAKMTNGFSGADLTEICQRACKLAIRESIESEIRRERERQTNPSAM
EVEEDDPVPEIRRDHFEEAMRFARRSVSDNDIRKYEMFAQTLQQSRGFGSFRFPSGNQGGAGPSQGSGGGTGGSVYTEDN
DDDLYG
;
_entity_poly.pdbx_strand_id   A,B,C,D,E,F
#
loop_
_chem_comp.id
_chem_comp.type
_chem_comp.name
_chem_comp.formula
ADP non-polymer ADENOSINE-5'-DIPHOSPHATE 'C10 H15 N5 O10 P2'
XNU non-polymer N-[3-(2,5-difluoro-4-{[(4M)-5-(hexylsulfanyl)-4-(pyridin-3-yl)-4H-1,2,4-triazol-3-yl]methoxy}phenyl)prop-2-yn-1-yl]propanamide 'C26 H29 F2 N5 O2 S'
#
# COMPACT_ATOMS: atom_id res chain seq x y z
N GLU A 200 -31.08 -36.66 -19.37
CA GLU A 200 -32.23 -36.96 -18.53
C GLU A 200 -31.77 -37.40 -17.14
N VAL A 201 -32.10 -36.60 -16.13
CA VAL A 201 -31.76 -36.86 -14.74
C VAL A 201 -33.01 -36.63 -13.89
N GLY A 202 -32.83 -36.77 -12.58
CA GLY A 202 -33.94 -36.57 -11.68
C GLY A 202 -33.48 -36.59 -10.24
N TYR A 203 -34.47 -36.65 -9.34
CA TYR A 203 -34.17 -36.64 -7.91
C TYR A 203 -33.29 -37.81 -7.52
N ASP A 204 -33.43 -38.96 -8.20
CA ASP A 204 -32.61 -40.11 -7.89
C ASP A 204 -31.13 -39.81 -8.15
N ASP A 205 -30.85 -39.10 -9.24
CA ASP A 205 -29.45 -38.83 -9.59
C ASP A 205 -28.75 -38.01 -8.52
N ILE A 206 -29.43 -37.01 -7.97
CA ILE A 206 -28.82 -36.19 -6.93
C ILE A 206 -28.61 -37.02 -5.68
N GLY A 207 -27.40 -36.98 -5.14
CA GLY A 207 -27.09 -37.69 -3.92
C GLY A 207 -26.35 -36.82 -2.94
N GLY A 208 -26.58 -37.07 -1.66
CA GLY A 208 -25.95 -36.31 -0.60
C GLY A 208 -26.63 -34.98 -0.37
N CYS A 209 -26.91 -34.26 -1.44
CA CYS A 209 -27.72 -33.05 -1.33
C CYS A 209 -29.15 -33.43 -1.00
N ARG A 210 -29.48 -33.45 0.28
CA ARG A 210 -30.83 -33.75 0.76
C ARG A 210 -31.48 -32.54 1.44
N LYS A 211 -30.80 -31.94 2.41
CA LYS A 211 -31.34 -30.74 3.05
C LYS A 211 -31.51 -29.63 2.03
N GLN A 212 -30.44 -29.32 1.28
CA GLN A 212 -30.54 -28.28 0.27
C GLN A 212 -31.48 -28.71 -0.87
N LEU A 213 -31.42 -29.98 -1.26
CA LEU A 213 -32.38 -30.46 -2.25
C LEU A 213 -33.80 -30.42 -1.70
N ALA A 214 -33.97 -30.67 -0.42
CA ALA A 214 -35.30 -30.53 0.18
C ALA A 214 -35.79 -29.10 0.08
N GLN A 215 -34.90 -28.14 0.37
CA GLN A 215 -35.28 -26.73 0.25
C GLN A 215 -35.64 -26.38 -1.19
N ILE A 216 -34.86 -26.87 -2.16
CA ILE A 216 -35.16 -26.59 -3.55
C ILE A 216 -36.50 -27.20 -3.94
N LYS A 217 -36.75 -28.44 -3.52
CA LYS A 217 -38.04 -29.06 -3.75
C LYS A 217 -39.16 -28.18 -3.22
N GLU A 218 -39.06 -27.81 -1.95
CA GLU A 218 -40.02 -26.91 -1.32
C GLU A 218 -40.26 -25.67 -2.17
N MET A 219 -39.17 -25.03 -2.58
CA MET A 219 -39.20 -23.69 -3.15
C MET A 219 -39.51 -23.67 -4.63
N VAL A 220 -39.52 -24.83 -5.30
CA VAL A 220 -39.67 -24.87 -6.75
C VAL A 220 -40.88 -25.70 -7.16
N GLU A 221 -41.32 -26.63 -6.32
CA GLU A 221 -42.47 -27.45 -6.68
C GLU A 221 -43.77 -26.68 -6.54
N LEU A 222 -44.03 -26.16 -5.33
CA LEU A 222 -45.32 -25.51 -5.08
C LEU A 222 -45.58 -24.34 -6.01
N PRO A 223 -44.65 -23.43 -6.26
CA PRO A 223 -44.96 -22.30 -7.14
C PRO A 223 -45.30 -22.69 -8.57
N LEU A 224 -44.92 -23.89 -9.00
CA LEU A 224 -45.16 -24.34 -10.37
C LEU A 224 -46.21 -25.44 -10.46
N ARG A 225 -46.08 -26.48 -9.64
CA ARG A 225 -47.05 -27.58 -9.71
C ARG A 225 -48.42 -27.14 -9.22
N HIS A 226 -48.46 -26.32 -8.16
CA HIS A 226 -49.70 -25.81 -7.59
C HIS A 226 -49.61 -24.30 -7.46
N PRO A 227 -49.78 -23.57 -8.55
CA PRO A 227 -49.74 -22.10 -8.47
C PRO A 227 -51.04 -21.47 -7.98
N ALA A 228 -52.14 -22.22 -7.96
CA ALA A 228 -53.43 -21.64 -7.65
C ALA A 228 -53.49 -21.13 -6.22
N LEU A 229 -53.08 -21.97 -5.25
CA LEU A 229 -53.23 -21.59 -3.85
C LEU A 229 -52.34 -20.41 -3.51
N PHE A 230 -51.14 -20.35 -4.09
CA PHE A 230 -50.28 -19.19 -3.85
C PHE A 230 -50.91 -17.92 -4.38
N LYS A 231 -51.48 -17.97 -5.58
CA LYS A 231 -52.13 -16.79 -6.14
C LYS A 231 -53.31 -16.35 -5.29
N ALA A 232 -54.12 -17.32 -4.83
CA ALA A 232 -55.29 -16.96 -4.03
C ALA A 232 -54.90 -16.40 -2.67
N ILE A 233 -53.92 -17.03 -2.01
CA ILE A 233 -53.53 -16.57 -0.67
C ILE A 233 -52.93 -15.18 -0.73
N GLY A 234 -52.08 -14.92 -1.73
CA GLY A 234 -51.47 -13.62 -1.90
C GLY A 234 -50.02 -13.52 -1.47
N VAL A 235 -49.47 -14.56 -0.85
CA VAL A 235 -48.07 -14.54 -0.47
C VAL A 235 -47.21 -14.72 -1.71
N LYS A 236 -46.24 -13.83 -1.88
CA LYS A 236 -45.41 -13.84 -3.08
C LYS A 236 -44.40 -14.96 -2.99
N PRO A 237 -44.38 -15.92 -3.92
CA PRO A 237 -43.34 -16.95 -3.88
C PRO A 237 -41.98 -16.35 -4.22
N PRO A 238 -40.90 -16.98 -3.79
CA PRO A 238 -39.57 -16.44 -4.08
C PRO A 238 -39.28 -16.46 -5.57
N ARG A 239 -39.10 -15.27 -6.15
CA ARG A 239 -38.90 -15.16 -7.58
C ARG A 239 -37.55 -15.75 -7.99
N GLY A 240 -36.49 -15.36 -7.29
CA GLY A 240 -35.15 -15.82 -7.59
C GLY A 240 -34.66 -16.78 -6.50
N ILE A 241 -33.92 -17.80 -6.92
CA ILE A 241 -33.38 -18.81 -6.01
C ILE A 241 -31.92 -18.97 -6.39
N LEU A 242 -31.03 -18.32 -5.64
CA LEU A 242 -29.60 -18.34 -5.93
C LEU A 242 -28.98 -19.47 -5.13
N LEU A 243 -28.67 -20.58 -5.80
CA LEU A 243 -27.98 -21.70 -5.18
C LEU A 243 -26.52 -21.66 -5.58
N TYR A 244 -25.62 -21.70 -4.61
CA TYR A 244 -24.19 -21.56 -4.86
C TYR A 244 -23.41 -22.67 -4.17
N GLY A 245 -22.09 -22.62 -4.29
CA GLY A 245 -21.22 -23.61 -3.72
C GLY A 245 -19.94 -23.68 -4.52
N PRO A 246 -19.04 -24.59 -4.14
CA PRO A 246 -17.78 -24.73 -4.88
C PRO A 246 -18.05 -25.31 -6.26
N PRO A 247 -17.13 -25.13 -7.20
CA PRO A 247 -17.37 -25.61 -8.56
C PRO A 247 -17.51 -27.13 -8.61
N GLY A 248 -18.31 -27.59 -9.56
CA GLY A 248 -18.54 -29.01 -9.72
C GLY A 248 -19.25 -29.66 -8.56
N THR A 249 -20.15 -28.94 -7.90
CA THR A 249 -20.89 -29.46 -6.77
C THR A 249 -22.28 -29.99 -7.15
N GLY A 250 -22.62 -29.98 -8.43
CA GLY A 250 -23.92 -30.43 -8.89
C GLY A 250 -24.96 -29.33 -9.01
N LYS A 251 -24.56 -28.06 -9.00
CA LYS A 251 -25.53 -26.98 -9.11
C LYS A 251 -26.35 -27.11 -10.39
N THR A 252 -25.67 -27.24 -11.53
CA THR A 252 -26.38 -27.45 -12.79
C THR A 252 -27.17 -28.75 -12.75
N LEU A 253 -26.59 -29.81 -12.19
CA LEU A 253 -27.30 -31.08 -12.12
C LEU A 253 -28.54 -30.94 -11.24
N ILE A 254 -28.42 -30.25 -10.10
CA ILE A 254 -29.57 -30.06 -9.23
C ILE A 254 -30.66 -29.27 -9.95
N ALA A 255 -30.27 -28.22 -10.67
CA ALA A 255 -31.26 -27.43 -11.39
C ALA A 255 -31.96 -28.27 -12.44
N ARG A 256 -31.21 -29.05 -13.20
CA ARG A 256 -31.81 -29.89 -14.23
C ARG A 256 -32.74 -30.93 -13.61
N ALA A 257 -32.31 -31.52 -12.48
CA ALA A 257 -33.12 -32.55 -11.84
C ALA A 257 -34.44 -31.98 -11.34
N VAL A 258 -34.39 -30.82 -10.68
CA VAL A 258 -35.63 -30.24 -10.17
C VAL A 258 -36.52 -29.80 -11.32
N ALA A 259 -35.94 -29.27 -12.39
CA ALA A 259 -36.73 -28.88 -13.54
C ALA A 259 -37.44 -30.08 -14.16
N ASN A 260 -36.72 -31.19 -14.32
CA ASN A 260 -37.33 -32.39 -14.89
C ASN A 260 -38.40 -32.96 -13.97
N GLU A 261 -38.14 -32.96 -12.65
CA GLU A 261 -39.13 -33.49 -11.72
C GLU A 261 -40.40 -32.66 -11.73
N THR A 262 -40.27 -31.34 -11.75
CA THR A 262 -41.45 -30.48 -11.81
C THR A 262 -42.23 -30.70 -13.11
N GLY A 263 -41.52 -30.97 -14.19
CA GLY A 263 -42.13 -31.09 -15.50
C GLY A 263 -42.42 -29.77 -16.18
N ALA A 264 -42.11 -28.66 -15.54
CA ALA A 264 -42.34 -27.35 -16.13
C ALA A 264 -41.33 -27.07 -17.24
N PHE A 265 -41.67 -26.09 -18.07
CA PHE A 265 -40.75 -25.67 -19.12
C PHE A 265 -39.44 -25.20 -18.50
N PHE A 266 -38.34 -25.55 -19.14
CA PHE A 266 -37.01 -25.24 -18.63
C PHE A 266 -36.16 -24.68 -19.76
N PHE A 267 -35.31 -23.71 -19.42
CA PHE A 267 -34.44 -23.09 -20.42
C PHE A 267 -33.13 -22.69 -19.73
N LEU A 268 -32.11 -23.53 -19.90
CA LEU A 268 -30.81 -23.24 -19.31
C LEU A 268 -30.18 -22.04 -20.01
N ILE A 269 -29.59 -21.14 -19.23
CA ILE A 269 -28.82 -20.02 -19.74
C ILE A 269 -27.42 -20.11 -19.15
N ASN A 270 -26.41 -20.06 -20.01
CA ASN A 270 -25.03 -20.19 -19.60
C ASN A 270 -24.34 -18.83 -19.71
N GLY A 271 -23.64 -18.43 -18.67
CA GLY A 271 -22.97 -17.15 -18.66
C GLY A 271 -21.94 -17.03 -19.76
N PRO A 272 -21.07 -18.04 -19.90
CA PRO A 272 -20.09 -18.01 -20.99
C PRO A 272 -20.70 -17.79 -22.37
N GLU A 273 -21.74 -18.52 -22.75
CA GLU A 273 -22.26 -18.37 -24.10
C GLU A 273 -22.97 -17.03 -24.28
N ILE A 274 -23.62 -16.53 -23.23
CA ILE A 274 -24.21 -15.20 -23.31
C ILE A 274 -23.13 -14.15 -23.53
N MET A 275 -22.02 -14.25 -22.80
CA MET A 275 -20.95 -13.28 -22.97
C MET A 275 -20.17 -13.48 -24.27
N SER A 276 -20.27 -14.65 -24.88
CA SER A 276 -19.52 -14.90 -26.11
C SER A 276 -20.04 -14.08 -27.28
N LYS A 277 -21.32 -13.76 -27.28
CA LYS A 277 -21.91 -13.08 -28.43
C LYS A 277 -21.39 -11.64 -28.51
N LEU A 278 -21.55 -11.05 -29.70
CA LEU A 278 -21.10 -9.69 -29.92
C LEU A 278 -21.89 -8.71 -29.07
N ALA A 279 -21.31 -7.53 -28.88
CA ALA A 279 -22.00 -6.47 -28.15
C ALA A 279 -23.33 -6.15 -28.83
N GLY A 280 -24.39 -6.06 -28.02
CA GLY A 280 -25.73 -5.86 -28.52
C GLY A 280 -26.50 -7.14 -28.75
N GLU A 281 -25.79 -8.26 -28.95
CA GLU A 281 -26.44 -9.54 -29.15
C GLU A 281 -26.59 -10.33 -27.85
N SER A 282 -25.71 -10.11 -26.87
CA SER A 282 -25.84 -10.80 -25.60
C SER A 282 -27.10 -10.37 -24.86
N GLU A 283 -27.32 -9.06 -24.73
CA GLU A 283 -28.52 -8.57 -24.07
C GLU A 283 -29.76 -8.93 -24.86
N SER A 284 -29.69 -8.90 -26.20
CA SER A 284 -30.82 -9.34 -27.00
C SER A 284 -31.14 -10.82 -26.77
N ASN A 285 -30.10 -11.65 -26.67
CA ASN A 285 -30.30 -13.06 -26.40
C ASN A 285 -30.97 -13.26 -25.03
N LEU A 286 -30.48 -12.55 -24.02
CA LEU A 286 -31.08 -12.66 -22.70
C LEU A 286 -32.54 -12.20 -22.72
N ARG A 287 -32.81 -11.10 -23.41
CA ARG A 287 -34.18 -10.58 -23.48
C ARG A 287 -35.11 -11.58 -24.15
N LYS A 288 -34.69 -12.16 -25.28
CA LYS A 288 -35.56 -13.10 -25.96
C LYS A 288 -35.70 -14.39 -25.17
N ALA A 289 -34.68 -14.79 -24.42
CA ALA A 289 -34.80 -15.94 -23.53
C ALA A 289 -35.88 -15.69 -22.48
N PHE A 290 -35.83 -14.52 -21.83
CA PHE A 290 -36.86 -14.21 -20.85
C PHE A 290 -38.23 -14.12 -21.51
N GLU A 291 -38.30 -13.57 -22.73
CA GLU A 291 -39.58 -13.46 -23.41
C GLU A 291 -40.18 -14.83 -23.71
N GLU A 292 -39.37 -15.75 -24.26
CA GLU A 292 -39.90 -17.07 -24.57
C GLU A 292 -40.21 -17.86 -23.31
N ALA A 293 -39.49 -17.60 -22.22
CA ALA A 293 -39.89 -18.16 -20.94
C ALA A 293 -41.26 -17.63 -20.52
N GLU A 294 -41.49 -16.33 -20.72
CA GLU A 294 -42.77 -15.73 -20.37
C GLU A 294 -43.90 -16.33 -21.19
N LYS A 295 -43.68 -16.53 -22.49
CA LYS A 295 -44.73 -17.09 -23.35
C LYS A 295 -45.07 -18.53 -22.97
N ASN A 296 -44.21 -19.20 -22.22
CA ASN A 296 -44.36 -20.61 -21.87
C ASN A 296 -44.16 -20.80 -20.37
N ALA A 297 -44.91 -20.06 -19.55
CA ALA A 297 -44.37 -19.69 -18.26
C ALA A 297 -45.02 -20.36 -17.06
N PRO A 298 -45.14 -21.67 -17.04
CA PRO A 298 -44.62 -22.41 -15.89
C PRO A 298 -43.15 -22.68 -16.20
N ALA A 299 -42.22 -21.96 -15.58
CA ALA A 299 -40.87 -21.91 -16.12
C ALA A 299 -39.83 -21.84 -15.02
N ILE A 300 -38.71 -22.53 -15.27
CA ILE A 300 -37.53 -22.46 -14.42
C ILE A 300 -36.39 -21.99 -15.31
N ILE A 301 -36.18 -20.67 -15.35
CA ILE A 301 -34.99 -20.14 -16.00
C ILE A 301 -33.79 -20.44 -15.12
N PHE A 302 -32.67 -20.84 -15.74
CA PHE A 302 -31.47 -21.20 -15.00
C PHE A 302 -30.29 -20.46 -15.59
N ILE A 303 -29.70 -19.56 -14.81
CA ILE A 303 -28.53 -18.79 -15.23
C ILE A 303 -27.32 -19.45 -14.58
N ASP A 304 -26.58 -20.23 -15.37
CA ASP A 304 -25.40 -20.91 -14.85
C ASP A 304 -24.21 -19.95 -14.85
N GLU A 305 -23.37 -20.07 -13.82
CA GLU A 305 -22.20 -19.21 -13.66
C GLU A 305 -22.62 -17.73 -13.67
N LEU A 306 -23.50 -17.38 -12.74
CA LEU A 306 -23.97 -16.01 -12.64
C LEU A 306 -22.82 -15.05 -12.39
N ASP A 307 -21.75 -15.52 -11.74
CA ASP A 307 -20.62 -14.64 -11.45
C ASP A 307 -19.98 -14.13 -12.72
N ALA A 308 -19.82 -15.00 -13.72
CA ALA A 308 -19.17 -14.59 -14.96
C ALA A 308 -19.96 -13.50 -15.66
N ILE A 309 -21.28 -13.67 -15.75
CA ILE A 309 -22.10 -12.67 -16.44
C ILE A 309 -22.20 -11.39 -15.60
N ALA A 310 -22.35 -11.52 -14.28
CA ALA A 310 -22.60 -10.39 -13.40
C ALA A 310 -21.67 -10.46 -12.19
N PRO A 311 -20.39 -10.13 -12.38
CA PRO A 311 -19.47 -10.06 -11.25
C PRO A 311 -19.67 -8.75 -10.48
N LYS A 312 -18.82 -8.52 -9.49
CA LYS A 312 -18.96 -7.35 -8.64
C LYS A 312 -18.95 -6.08 -9.46
N ARG A 313 -19.59 -5.03 -8.92
CA ARG A 313 -19.75 -3.79 -9.66
C ARG A 313 -18.40 -3.22 -10.07
N GLU A 314 -17.45 -3.18 -9.15
CA GLU A 314 -16.18 -2.53 -9.42
C GLU A 314 -15.24 -3.37 -10.27
N LYS A 315 -15.43 -4.69 -10.29
CA LYS A 315 -14.61 -5.57 -11.12
C LYS A 315 -15.20 -5.79 -12.51
N THR A 316 -16.34 -5.19 -12.82
CA THR A 316 -16.85 -5.13 -14.18
C THR A 316 -16.10 -4.01 -14.89
N HIS A 317 -15.14 -4.37 -15.73
CA HIS A 317 -14.25 -3.37 -16.31
C HIS A 317 -14.88 -2.69 -17.52
N GLY A 318 -15.43 -3.46 -18.45
CA GLY A 318 -15.98 -2.88 -19.66
C GLY A 318 -17.37 -2.30 -19.44
N GLU A 319 -17.76 -1.41 -20.37
CA GLU A 319 -19.10 -0.83 -20.31
C GLU A 319 -20.16 -1.86 -20.66
N VAL A 320 -19.86 -2.75 -21.61
CA VAL A 320 -20.82 -3.78 -21.99
C VAL A 320 -21.10 -4.70 -20.81
N GLU A 321 -20.12 -4.92 -19.94
CA GLU A 321 -20.35 -5.71 -18.74
C GLU A 321 -21.44 -5.09 -17.88
N ARG A 322 -21.31 -3.80 -17.58
CA ARG A 322 -22.33 -3.11 -16.81
C ARG A 322 -23.66 -3.10 -17.54
N ARG A 323 -23.65 -2.98 -18.85
CA ARG A 323 -24.90 -2.97 -19.61
C ARG A 323 -25.62 -4.30 -19.47
N ILE A 324 -24.90 -5.42 -19.58
CA ILE A 324 -25.55 -6.72 -19.46
C ILE A 324 -26.02 -6.95 -18.02
N VAL A 325 -25.24 -6.48 -17.04
CA VAL A 325 -25.68 -6.60 -15.66
C VAL A 325 -26.99 -5.85 -15.44
N SER A 326 -27.06 -4.61 -15.94
CA SER A 326 -28.29 -3.83 -15.79
C SER A 326 -29.43 -4.45 -16.56
N GLN A 327 -29.14 -5.06 -17.71
CA GLN A 327 -30.18 -5.77 -18.46
C GLN A 327 -30.76 -6.90 -17.63
N LEU A 328 -29.90 -7.69 -16.99
CA LEU A 328 -30.38 -8.75 -16.13
C LEU A 328 -31.19 -8.20 -14.97
N LEU A 329 -30.73 -7.10 -14.37
CA LEU A 329 -31.46 -6.48 -13.27
C LEU A 329 -32.86 -6.08 -13.71
N THR A 330 -32.97 -5.37 -14.82
CA THR A 330 -34.27 -4.87 -15.25
C THR A 330 -35.18 -6.01 -15.67
N LEU A 331 -34.63 -7.06 -16.29
CA LEU A 331 -35.47 -8.20 -16.63
C LEU A 331 -36.01 -8.88 -15.38
N MET A 332 -35.15 -9.07 -14.38
CA MET A 332 -35.60 -9.71 -13.15
C MET A 332 -36.65 -8.87 -12.44
N ASP A 333 -36.49 -7.54 -12.45
CA ASP A 333 -37.49 -6.69 -11.81
C ASP A 333 -38.79 -6.66 -12.61
N GLY A 334 -38.71 -6.68 -13.94
CA GLY A 334 -39.90 -6.62 -14.77
C GLY A 334 -40.65 -7.94 -14.86
N LEU A 335 -40.01 -9.05 -14.52
CA LEU A 335 -40.71 -10.32 -14.42
C LEU A 335 -41.43 -10.48 -13.08
N LYS A 336 -41.67 -9.38 -12.38
CA LYS A 336 -42.49 -9.41 -11.17
C LYS A 336 -43.93 -9.82 -11.46
N GLN A 337 -44.34 -9.79 -12.73
CA GLN A 337 -45.71 -10.15 -13.07
C GLN A 337 -46.05 -11.54 -12.56
N ARG A 338 -47.35 -11.83 -12.50
CA ARG A 338 -47.82 -13.07 -11.91
C ARG A 338 -47.49 -14.29 -12.77
N ALA A 339 -47.02 -14.10 -13.99
CA ALA A 339 -46.57 -15.23 -14.79
C ALA A 339 -45.52 -16.01 -14.03
N HIS A 340 -45.67 -17.34 -14.02
CA HIS A 340 -44.91 -18.20 -13.11
C HIS A 340 -43.56 -18.53 -13.74
N VAL A 341 -42.58 -17.68 -13.49
CA VAL A 341 -41.20 -17.90 -13.89
C VAL A 341 -40.34 -17.80 -12.65
N ILE A 342 -39.47 -18.78 -12.45
CA ILE A 342 -38.52 -18.79 -11.33
C ILE A 342 -37.12 -18.71 -11.92
N VAL A 343 -36.38 -17.68 -11.53
CA VAL A 343 -35.06 -17.42 -12.10
C VAL A 343 -34.04 -17.96 -11.10
N MET A 344 -33.67 -19.22 -11.28
CA MET A 344 -32.61 -19.83 -10.50
C MET A 344 -31.26 -19.44 -11.09
N ALA A 345 -30.27 -19.27 -10.21
CA ALA A 345 -28.93 -18.90 -10.66
C ALA A 345 -27.90 -19.73 -9.90
N ALA A 346 -26.86 -20.15 -10.61
CA ALA A 346 -25.77 -20.93 -10.05
C ALA A 346 -24.51 -20.12 -10.10
N THR A 347 -23.78 -20.08 -8.98
CA THR A 347 -22.56 -19.30 -8.90
C THR A 347 -21.64 -19.92 -7.86
N ASN A 348 -20.56 -19.23 -7.56
CA ASN A 348 -19.57 -19.66 -6.57
C ASN A 348 -19.19 -18.46 -5.73
N ARG A 349 -19.05 -18.67 -4.43
CA ARG A 349 -18.71 -17.57 -3.53
C ARG A 349 -19.71 -16.43 -3.72
N PRO A 350 -20.93 -16.55 -3.18
CA PRO A 350 -22.00 -15.59 -3.53
C PRO A 350 -21.63 -14.13 -3.31
N ASN A 351 -20.58 -13.87 -2.53
CA ASN A 351 -20.06 -12.51 -2.44
C ASN A 351 -19.39 -12.05 -3.73
N SER A 352 -19.15 -12.95 -4.68
CA SER A 352 -18.49 -12.58 -5.92
C SER A 352 -19.41 -11.85 -6.89
N ILE A 353 -20.71 -12.13 -6.86
CA ILE A 353 -21.63 -11.52 -7.81
C ILE A 353 -21.91 -10.09 -7.37
N ASP A 354 -22.48 -9.31 -8.27
CA ASP A 354 -22.84 -7.94 -7.95
C ASP A 354 -23.86 -7.94 -6.82
N PRO A 355 -23.61 -7.23 -5.71
CA PRO A 355 -24.60 -7.24 -4.62
C PRO A 355 -25.96 -6.71 -5.02
N ALA A 356 -26.04 -5.95 -6.11
CA ALA A 356 -27.34 -5.47 -6.57
C ALA A 356 -28.28 -6.63 -6.88
N LEU A 357 -27.76 -7.76 -7.32
CA LEU A 357 -28.60 -8.90 -7.62
C LEU A 357 -29.14 -9.54 -6.34
N ARG A 358 -28.36 -9.52 -5.26
CA ARG A 358 -28.78 -10.15 -4.01
C ARG A 358 -29.91 -9.40 -3.33
N ARG A 359 -30.24 -8.19 -3.77
CA ARG A 359 -31.30 -7.43 -3.12
C ARG A 359 -32.65 -8.12 -3.30
N PHE A 360 -33.56 -7.86 -2.37
CA PHE A 360 -34.84 -8.54 -2.38
C PHE A 360 -35.64 -8.15 -3.62
N GLY A 361 -36.48 -9.07 -4.06
CA GLY A 361 -37.22 -8.92 -5.30
C GLY A 361 -36.49 -9.45 -6.52
N ARG A 362 -35.19 -9.70 -6.41
CA ARG A 362 -34.41 -10.28 -7.50
C ARG A 362 -33.92 -11.68 -7.16
N PHE A 363 -33.20 -11.84 -6.04
CA PHE A 363 -32.78 -13.16 -5.56
C PHE A 363 -33.06 -13.20 -4.06
N ASP A 364 -34.29 -13.56 -3.71
CA ASP A 364 -34.71 -13.51 -2.32
C ASP A 364 -34.02 -14.59 -1.49
N ARG A 365 -33.94 -15.81 -2.02
CA ARG A 365 -33.52 -16.98 -1.26
C ARG A 365 -32.19 -17.48 -1.76
N GLU A 366 -31.32 -17.84 -0.81
CA GLU A 366 -29.99 -18.34 -1.09
C GLU A 366 -29.88 -19.77 -0.57
N VAL A 367 -29.15 -20.61 -1.31
CA VAL A 367 -29.00 -22.02 -0.98
C VAL A 367 -27.53 -22.39 -1.05
N ASP A 368 -26.93 -22.67 0.09
CA ASP A 368 -25.53 -23.08 0.17
C ASP A 368 -25.46 -24.60 0.05
N ILE A 369 -25.11 -25.09 -1.14
CA ILE A 369 -25.05 -26.53 -1.35
C ILE A 369 -23.97 -27.14 -0.47
N GLY A 370 -22.76 -26.57 -0.51
CA GLY A 370 -21.68 -27.03 0.35
C GLY A 370 -21.11 -28.36 -0.05
N ILE A 371 -20.07 -28.79 0.65
CA ILE A 371 -19.44 -30.09 0.37
C ILE A 371 -20.36 -31.19 0.87
N PRO A 372 -20.50 -32.31 0.16
CA PRO A 372 -21.23 -33.45 0.73
C PRO A 372 -20.47 -34.06 1.91
N ASP A 373 -21.22 -34.59 2.86
CA ASP A 373 -20.63 -35.23 4.03
C ASP A 373 -20.26 -36.67 3.69
N ALA A 374 -19.88 -37.45 4.70
CA ALA A 374 -19.49 -38.84 4.46
C ALA A 374 -20.61 -39.63 3.82
N THR A 375 -21.81 -39.55 4.41
CA THR A 375 -22.96 -40.20 3.79
C THR A 375 -23.24 -39.60 2.42
N GLY A 376 -23.00 -38.29 2.27
CA GLY A 376 -23.19 -37.67 0.97
C GLY A 376 -22.26 -38.23 -0.08
N ARG A 377 -20.97 -38.35 0.26
CA ARG A 377 -20.03 -38.91 -0.69
C ARG A 377 -20.35 -40.37 -0.98
N LEU A 378 -20.83 -41.10 0.02
CA LEU A 378 -21.26 -42.47 -0.22
C LEU A 378 -22.40 -42.51 -1.23
N GLU A 379 -23.37 -41.61 -1.09
CA GLU A 379 -24.48 -41.56 -2.04
C GLU A 379 -23.99 -41.20 -3.44
N ILE A 380 -23.07 -40.24 -3.53
CA ILE A 380 -22.53 -39.86 -4.83
C ILE A 380 -21.87 -41.05 -5.49
N LEU A 381 -21.04 -41.78 -4.74
CA LEU A 381 -20.34 -42.92 -5.30
C LEU A 381 -21.33 -44.01 -5.72
N GLN A 382 -22.39 -44.21 -4.93
CA GLN A 382 -23.43 -45.17 -5.34
C GLN A 382 -24.04 -44.76 -6.66
N ILE A 383 -24.36 -43.47 -6.82
CA ILE A 383 -24.99 -43.01 -8.05
C ILE A 383 -24.05 -43.21 -9.24
N HIS A 384 -22.78 -42.85 -9.09
CA HIS A 384 -21.85 -42.90 -10.21
C HIS A 384 -21.29 -44.30 -10.47
N THR A 385 -21.50 -45.25 -9.56
CA THR A 385 -21.02 -46.61 -9.73
C THR A 385 -22.16 -47.61 -9.90
N LYS A 386 -23.37 -47.13 -10.21
CA LYS A 386 -24.49 -48.04 -10.37
C LYS A 386 -24.27 -48.97 -11.56
N ASN A 387 -23.96 -48.42 -12.72
CA ASN A 387 -23.78 -49.22 -13.94
C ASN A 387 -22.29 -49.43 -14.20
N MET A 388 -21.69 -50.28 -13.36
CA MET A 388 -20.28 -50.64 -13.50
C MET A 388 -19.98 -52.11 -13.34
N LYS A 389 -20.85 -52.91 -12.72
CA LYS A 389 -20.54 -54.31 -12.44
C LYS A 389 -19.27 -54.43 -11.60
N LEU A 390 -19.13 -53.54 -10.62
CA LEU A 390 -17.96 -53.55 -9.74
C LEU A 390 -17.93 -54.84 -8.93
N ALA A 391 -16.72 -55.32 -8.68
CA ALA A 391 -16.55 -56.53 -7.88
C ALA A 391 -17.07 -56.30 -6.47
N ASP A 392 -17.70 -57.32 -5.89
CA ASP A 392 -18.28 -57.20 -4.56
C ASP A 392 -17.23 -57.03 -3.46
N ASP A 393 -15.96 -57.29 -3.77
CA ASP A 393 -14.92 -57.16 -2.75
C ASP A 393 -14.85 -55.73 -2.22
N VAL A 394 -14.92 -54.73 -3.11
CA VAL A 394 -14.93 -53.35 -2.65
C VAL A 394 -16.26 -53.04 -1.97
N ASP A 395 -16.19 -52.13 -1.00
CA ASP A 395 -17.36 -51.75 -0.22
C ASP A 395 -18.01 -50.45 -0.70
N LEU A 396 -17.27 -49.58 -1.38
CA LEU A 396 -17.74 -48.28 -1.82
C LEU A 396 -18.07 -47.35 -0.67
N GLU A 397 -17.67 -47.72 0.56
CA GLU A 397 -17.84 -46.88 1.73
C GLU A 397 -16.52 -46.59 2.43
N GLN A 398 -15.57 -47.52 2.39
CA GLN A 398 -14.23 -47.24 2.87
C GLN A 398 -13.62 -46.08 2.07
N VAL A 399 -13.79 -46.11 0.75
CA VAL A 399 -13.27 -45.02 -0.08
C VAL A 399 -13.99 -43.71 0.24
N ALA A 400 -15.29 -43.78 0.54
CA ALA A 400 -16.05 -42.56 0.78
C ALA A 400 -15.51 -41.79 1.98
N ASN A 401 -15.20 -42.50 3.08
CA ASN A 401 -14.73 -41.81 4.27
C ASN A 401 -13.34 -41.21 4.07
N GLU A 402 -12.56 -41.77 3.15
CA GLU A 402 -11.21 -41.27 2.88
C GLU A 402 -11.20 -40.15 1.86
N THR A 403 -12.32 -39.86 1.21
CA THR A 403 -12.39 -38.78 0.21
C THR A 403 -12.86 -37.48 0.87
N HIS A 404 -12.16 -37.10 1.93
CA HIS A 404 -12.47 -35.85 2.60
C HIS A 404 -12.16 -34.67 1.68
N GLY A 405 -13.07 -33.70 1.64
CA GLY A 405 -12.89 -32.53 0.82
C GLY A 405 -13.19 -32.71 -0.65
N HIS A 406 -13.46 -33.94 -1.10
CA HIS A 406 -13.81 -34.16 -2.48
C HIS A 406 -15.20 -33.60 -2.77
N VAL A 407 -15.33 -32.97 -3.93
CA VAL A 407 -16.61 -32.48 -4.39
C VAL A 407 -17.18 -33.49 -5.38
N GLY A 408 -18.47 -33.34 -5.71
CA GLY A 408 -19.12 -34.34 -6.55
C GLY A 408 -18.41 -34.56 -7.87
N ALA A 409 -17.99 -33.48 -8.52
CA ALA A 409 -17.23 -33.63 -9.75
C ALA A 409 -15.94 -34.39 -9.51
N ASP A 410 -15.26 -34.10 -8.39
CA ASP A 410 -14.06 -34.85 -8.06
C ASP A 410 -14.37 -36.32 -7.83
N LEU A 411 -15.53 -36.62 -7.24
CA LEU A 411 -15.90 -38.03 -7.06
C LEU A 411 -16.13 -38.72 -8.39
N ALA A 412 -16.79 -38.03 -9.34
CA ALA A 412 -16.96 -38.61 -10.66
C ALA A 412 -15.61 -38.83 -11.34
N ALA A 413 -14.69 -37.87 -11.18
CA ALA A 413 -13.36 -38.04 -11.74
C ALA A 413 -12.64 -39.22 -11.09
N LEU A 414 -12.80 -39.39 -9.78
CA LEU A 414 -12.19 -40.52 -9.09
C LEU A 414 -12.74 -41.83 -9.62
N CYS A 415 -14.05 -41.91 -9.83
CA CYS A 415 -14.64 -43.13 -10.38
C CYS A 415 -14.10 -43.41 -11.77
N SER A 416 -14.02 -42.38 -12.61
CA SER A 416 -13.49 -42.57 -13.96
C SER A 416 -12.04 -43.03 -13.92
N GLU A 417 -11.24 -42.46 -13.02
CA GLU A 417 -9.84 -42.85 -12.92
C GLU A 417 -9.70 -44.28 -12.40
N ALA A 418 -10.58 -44.69 -11.51
CA ALA A 418 -10.58 -46.08 -11.05
C ALA A 418 -10.89 -47.03 -12.21
N ALA A 419 -11.90 -46.68 -13.02
CA ALA A 419 -12.20 -47.49 -14.19
C ALA A 419 -11.01 -47.52 -15.15
N LEU A 420 -10.34 -46.39 -15.30
CA LEU A 420 -9.18 -46.32 -16.20
C LEU A 420 -8.04 -47.19 -15.69
N GLN A 421 -7.82 -47.22 -14.38
CA GLN A 421 -6.84 -48.14 -13.82
C GLN A 421 -7.25 -49.58 -14.07
N ALA A 422 -8.54 -49.87 -13.98
CA ALA A 422 -9.01 -51.21 -14.32
C ALA A 422 -8.67 -51.56 -15.76
N ILE A 423 -8.82 -50.59 -16.67
CA ILE A 423 -8.40 -50.82 -18.05
C ILE A 423 -6.91 -51.10 -18.12
N ARG A 424 -6.11 -50.31 -17.38
CA ARG A 424 -4.67 -50.53 -17.36
C ARG A 424 -4.33 -51.95 -16.98
N LYS A 425 -4.95 -52.45 -15.91
CA LYS A 425 -4.68 -53.82 -15.48
C LYS A 425 -4.98 -54.82 -16.58
N LYS A 426 -5.89 -54.48 -17.49
CA LYS A 426 -6.21 -55.34 -18.61
C LYS A 426 -5.32 -55.01 -19.81
N MET A 427 -4.85 -56.03 -20.49
CA MET A 427 -4.00 -55.85 -21.67
C MET A 427 -4.86 -55.80 -22.94
N ASP A 428 -4.22 -55.43 -24.04
CA ASP A 428 -4.90 -55.28 -25.32
C ASP A 428 -6.05 -54.29 -25.22
N ILE A 437 -10.71 -58.91 -29.66
CA ILE A 437 -11.54 -59.14 -28.48
C ILE A 437 -12.30 -57.88 -28.12
N ASP A 438 -13.62 -58.01 -28.02
CA ASP A 438 -14.50 -56.89 -27.73
C ASP A 438 -15.49 -57.22 -26.62
N ALA A 439 -15.95 -58.47 -26.57
CA ALA A 439 -17.01 -58.86 -25.64
C ALA A 439 -16.44 -59.34 -24.31
N GLU A 440 -15.45 -60.24 -24.35
CA GLU A 440 -14.94 -60.82 -23.11
C GLU A 440 -14.15 -59.84 -22.27
N VAL A 441 -13.80 -58.67 -22.81
CA VAL A 441 -13.08 -57.67 -22.04
C VAL A 441 -14.04 -56.66 -21.41
N MET A 442 -15.07 -56.25 -22.15
CA MET A 442 -16.07 -55.34 -21.60
C MET A 442 -17.03 -56.01 -20.63
N ASN A 443 -17.17 -57.33 -20.73
CA ASN A 443 -18.07 -58.07 -19.83
C ASN A 443 -17.39 -58.50 -18.55
N SER A 444 -16.10 -58.81 -18.60
CA SER A 444 -15.35 -59.25 -17.42
C SER A 444 -14.76 -58.09 -16.63
N LEU A 445 -14.99 -56.85 -17.04
CA LEU A 445 -14.46 -55.70 -16.32
C LEU A 445 -15.13 -55.61 -14.96
N ALA A 446 -14.32 -55.64 -13.90
CA ALA A 446 -14.82 -55.54 -12.52
C ALA A 446 -13.80 -54.71 -11.73
N VAL A 447 -14.13 -53.44 -11.51
CA VAL A 447 -13.25 -52.57 -10.74
C VAL A 447 -13.14 -53.10 -9.32
N THR A 448 -11.91 -53.23 -8.85
CA THR A 448 -11.63 -53.75 -7.51
C THR A 448 -11.29 -52.62 -6.56
N MET A 449 -11.26 -52.94 -5.27
CA MET A 449 -10.86 -51.95 -4.27
C MET A 449 -9.45 -51.45 -4.54
N ASP A 450 -8.58 -52.31 -5.08
CA ASP A 450 -7.23 -51.87 -5.43
C ASP A 450 -7.21 -50.85 -6.55
N ASP A 451 -8.29 -50.73 -7.32
CA ASP A 451 -8.38 -49.71 -8.34
C ASP A 451 -8.90 -48.39 -7.78
N PHE A 452 -9.92 -48.45 -6.93
CA PHE A 452 -10.36 -47.23 -6.24
C PHE A 452 -9.26 -46.68 -5.36
N ARG A 453 -8.41 -47.54 -4.80
CA ARG A 453 -7.28 -47.06 -4.02
C ARG A 453 -6.34 -46.21 -4.88
N TRP A 454 -6.01 -46.71 -6.08
CA TRP A 454 -5.18 -45.93 -6.99
C TRP A 454 -5.87 -44.63 -7.37
N ALA A 455 -7.16 -44.69 -7.69
CA ALA A 455 -7.87 -43.48 -8.10
C ALA A 455 -7.85 -42.45 -6.99
N LEU A 456 -8.08 -42.88 -5.75
CA LEU A 456 -8.02 -41.97 -4.62
C LEU A 456 -6.63 -41.38 -4.45
N SER A 457 -5.59 -42.21 -4.59
CA SER A 457 -4.23 -41.72 -4.44
C SER A 457 -3.91 -40.67 -5.51
N GLN A 458 -4.17 -41.00 -6.77
CA GLN A 458 -3.87 -40.10 -7.89
C GLN A 458 -5.08 -39.24 -8.26
N SER A 459 -5.65 -38.55 -7.26
CA SER A 459 -6.75 -37.63 -7.53
C SER A 459 -6.79 -36.61 -6.40
N ASN A 460 -6.37 -35.38 -6.69
CA ASN A 460 -6.40 -34.35 -5.67
C ASN A 460 -7.80 -33.76 -5.55
N PRO A 461 -8.26 -33.43 -4.35
CA PRO A 461 -9.54 -32.72 -4.23
C PRO A 461 -9.42 -31.30 -4.76
N SER A 462 -10.55 -30.76 -5.20
CA SER A 462 -10.62 -29.37 -5.64
C SER A 462 -11.15 -28.44 -4.55
N ALA A 463 -12.34 -28.73 -4.03
CA ALA A 463 -12.92 -27.92 -2.96
C ALA A 463 -12.37 -28.36 -1.61
N LEU A 464 -11.07 -28.14 -1.45
CA LEU A 464 -10.35 -28.49 -0.23
C LEU A 464 -10.13 -27.26 0.64
N ARG A 465 -9.89 -27.51 1.92
CA ARG A 465 -9.68 -26.48 2.93
C ARG A 465 -10.67 -25.34 2.79
N GLU A 466 -11.92 -25.68 2.49
CA GLU A 466 -13.05 -24.77 2.65
C GLU A 466 -13.83 -25.27 3.87
N THR A 467 -14.05 -24.38 4.83
CA THR A 467 -14.60 -24.77 6.12
C THR A 467 -15.82 -25.68 5.95
N VAL A 468 -15.71 -26.89 6.50
CA VAL A 468 -16.67 -27.95 6.23
C VAL A 468 -17.96 -27.68 7.00
N VAL A 469 -19.09 -27.78 6.30
CA VAL A 469 -20.41 -27.71 6.91
C VAL A 469 -20.90 -29.14 6.98
N GLU A 470 -20.63 -29.80 8.11
CA GLU A 470 -20.95 -31.21 8.24
C GLU A 470 -21.28 -31.51 9.70
N VAL A 471 -22.00 -32.61 9.89
CA VAL A 471 -22.33 -33.10 11.23
C VAL A 471 -21.23 -34.04 11.69
N PRO A 472 -20.62 -33.82 12.85
CA PRO A 472 -19.55 -34.73 13.29
C PRO A 472 -20.09 -36.12 13.61
N GLN A 473 -19.17 -37.03 13.94
CA GLN A 473 -19.48 -38.43 14.14
C GLN A 473 -18.80 -38.95 15.40
N VAL A 474 -18.98 -38.27 16.52
CA VAL A 474 -18.44 -38.68 17.80
C VAL A 474 -19.53 -39.17 18.75
N THR A 475 -20.72 -38.56 18.70
CA THR A 475 -21.92 -39.05 19.36
C THR A 475 -21.68 -39.48 20.81
N TRP A 476 -20.93 -38.68 21.55
CA TRP A 476 -20.69 -38.81 22.99
C TRP A 476 -19.91 -40.06 23.37
N GLU A 477 -19.54 -40.92 22.41
CA GLU A 477 -18.80 -42.14 22.72
C GLU A 477 -17.31 -42.01 22.43
N ASP A 478 -16.94 -41.26 21.39
CA ASP A 478 -15.53 -40.98 21.16
C ASP A 478 -14.94 -40.22 22.35
N ILE A 479 -15.68 -39.23 22.87
CA ILE A 479 -15.28 -38.56 24.10
C ILE A 479 -15.42 -39.53 25.27
N GLY A 480 -14.61 -39.32 26.30
CA GLY A 480 -14.61 -40.20 27.45
C GLY A 480 -14.93 -39.51 28.76
N GLY A 481 -16.13 -39.77 29.28
CA GLY A 481 -16.45 -39.40 30.64
C GLY A 481 -16.39 -37.91 30.90
N LEU A 482 -15.70 -37.56 32.00
CA LEU A 482 -15.69 -36.27 32.68
C LEU A 482 -16.98 -36.03 33.47
N GLU A 483 -18.02 -36.82 33.20
CA GLU A 483 -19.11 -37.11 34.14
C GLU A 483 -19.90 -35.89 34.61
N ASP A 484 -19.50 -34.67 34.25
CA ASP A 484 -20.22 -33.48 34.67
C ASP A 484 -20.40 -32.43 33.58
N VAL A 485 -19.49 -32.34 32.60
CA VAL A 485 -19.63 -31.33 31.56
C VAL A 485 -20.58 -31.78 30.46
N LYS A 486 -20.80 -33.09 30.31
CA LYS A 486 -21.85 -33.55 29.41
C LYS A 486 -23.20 -32.98 29.83
N ARG A 487 -23.52 -33.09 31.12
CA ARG A 487 -24.77 -32.54 31.62
C ARG A 487 -24.82 -31.03 31.46
N GLU A 488 -23.70 -30.35 31.73
CA GLU A 488 -23.68 -28.90 31.60
C GLU A 488 -23.94 -28.46 30.16
N LEU A 489 -23.27 -29.11 29.21
CA LEU A 489 -23.50 -28.78 27.81
C LEU A 489 -24.93 -29.09 27.40
N GLN A 490 -25.47 -30.23 27.85
CA GLN A 490 -26.87 -30.53 27.54
C GLN A 490 -27.79 -29.43 28.06
N GLU A 491 -27.60 -29.01 29.31
CA GLU A 491 -28.45 -27.98 29.87
C GLU A 491 -28.23 -26.61 29.24
N LEU A 492 -27.06 -26.37 28.64
CA LEU A 492 -26.81 -25.08 28.01
C LEU A 492 -27.29 -25.02 26.58
N VAL A 493 -27.37 -26.16 25.87
CA VAL A 493 -27.78 -26.14 24.47
C VAL A 493 -28.92 -27.11 24.15
N GLN A 494 -29.18 -28.13 24.97
CA GLN A 494 -30.28 -29.05 24.69
C GLN A 494 -31.58 -28.60 25.33
N TYR A 495 -31.56 -28.24 26.61
CA TYR A 495 -32.79 -27.78 27.26
C TYR A 495 -33.37 -26.53 26.61
N PRO A 496 -32.58 -25.50 26.27
CA PRO A 496 -33.18 -24.31 25.65
C PRO A 496 -33.96 -24.60 24.40
N VAL A 497 -33.49 -25.53 23.56
CA VAL A 497 -34.22 -25.84 22.33
C VAL A 497 -35.39 -26.79 22.59
N GLU A 498 -35.26 -27.69 23.57
CA GLU A 498 -36.33 -28.66 23.81
C GLU A 498 -37.50 -28.04 24.55
N HIS A 499 -37.24 -27.09 25.46
CA HIS A 499 -38.27 -26.50 26.31
C HIS A 499 -38.16 -24.99 26.31
N PRO A 500 -38.41 -24.35 25.16
CA PRO A 500 -38.40 -22.88 25.15
C PRO A 500 -39.43 -22.26 26.07
N ASP A 501 -40.54 -22.96 26.32
CA ASP A 501 -41.62 -22.38 27.11
C ASP A 501 -41.16 -22.03 28.52
N LYS A 502 -40.39 -22.91 29.15
CA LYS A 502 -39.88 -22.61 30.49
C LYS A 502 -38.95 -21.42 30.46
N PHE A 503 -38.08 -21.34 29.45
CA PHE A 503 -37.18 -20.19 29.35
C PHE A 503 -37.94 -18.89 29.15
N LEU A 504 -39.09 -18.93 28.48
CA LEU A 504 -39.94 -17.75 28.40
C LEU A 504 -40.63 -17.46 29.73
N LYS A 505 -41.01 -18.50 30.46
CA LYS A 505 -41.73 -18.30 31.72
C LYS A 505 -40.87 -17.53 32.72
N PHE A 506 -39.73 -18.09 33.11
CA PHE A 506 -38.88 -17.43 34.09
C PHE A 506 -38.15 -16.23 33.51
N GLY A 507 -38.24 -15.99 32.21
CA GLY A 507 -37.70 -14.78 31.63
C GLY A 507 -36.21 -14.64 31.78
N MET A 508 -35.46 -15.51 31.11
CA MET A 508 -34.00 -15.41 31.06
C MET A 508 -33.55 -15.82 29.67
N THR A 509 -32.88 -14.91 28.98
CA THR A 509 -32.38 -15.23 27.65
C THR A 509 -31.33 -16.33 27.76
N PRO A 510 -31.49 -17.47 27.09
CA PRO A 510 -30.47 -18.52 27.21
C PRO A 510 -29.13 -18.04 26.68
N SER A 511 -28.07 -18.52 27.31
CA SER A 511 -26.72 -18.14 26.93
C SER A 511 -26.36 -18.82 25.62
N LYS A 512 -26.06 -18.02 24.60
CA LYS A 512 -25.72 -18.56 23.28
C LYS A 512 -24.25 -18.97 23.15
N GLY A 513 -23.40 -18.56 24.08
CA GLY A 513 -21.97 -18.79 23.95
C GLY A 513 -21.41 -19.53 25.15
N VAL A 514 -20.44 -20.39 24.86
CA VAL A 514 -19.68 -21.10 25.89
C VAL A 514 -18.23 -21.08 25.48
N LEU A 515 -17.35 -20.79 26.44
CA LEU A 515 -15.91 -20.70 26.19
C LEU A 515 -15.20 -21.75 27.03
N PHE A 516 -14.91 -22.90 26.43
CA PHE A 516 -14.13 -23.92 27.11
C PHE A 516 -12.71 -23.42 27.36
N TYR A 517 -12.18 -23.77 28.53
CA TYR A 517 -10.80 -23.43 28.85
C TYR A 517 -10.25 -24.45 29.83
N GLY A 518 -8.99 -24.82 29.63
CA GLY A 518 -8.36 -25.82 30.47
C GLY A 518 -7.00 -26.22 29.94
N PRO A 519 -6.49 -27.35 30.41
CA PRO A 519 -5.21 -27.86 29.93
C PRO A 519 -5.23 -28.06 28.43
N PRO A 520 -4.12 -27.83 27.73
CA PRO A 520 -4.15 -27.93 26.27
C PRO A 520 -4.32 -29.39 25.84
N GLY A 521 -5.53 -29.72 25.45
CA GLY A 521 -5.89 -31.05 25.01
C GLY A 521 -6.48 -31.83 26.17
N CYS A 522 -7.79 -31.78 26.32
CA CYS A 522 -8.47 -32.64 27.27
C CYS A 522 -9.86 -33.01 26.76
N GLY A 523 -10.18 -32.64 25.52
CA GLY A 523 -11.47 -32.93 24.95
C GLY A 523 -12.29 -31.71 24.59
N LYS A 524 -11.63 -30.60 24.24
CA LYS A 524 -12.36 -29.40 23.83
C LYS A 524 -13.07 -29.62 22.51
N THR A 525 -12.30 -29.88 21.44
CA THR A 525 -12.89 -30.13 20.14
C THR A 525 -13.81 -31.35 20.18
N LEU A 526 -13.42 -32.37 20.94
CA LEU A 526 -14.29 -33.53 21.08
C LEU A 526 -15.60 -33.15 21.73
N LEU A 527 -15.57 -32.31 22.77
CA LEU A 527 -16.82 -31.90 23.41
C LEU A 527 -17.69 -31.13 22.43
N ALA A 528 -17.09 -30.20 21.68
CA ALA A 528 -17.88 -29.40 20.74
C ALA A 528 -18.50 -30.29 19.68
N LYS A 529 -17.72 -31.22 19.12
CA LYS A 529 -18.26 -32.12 18.10
C LYS A 529 -19.36 -32.99 18.68
N ALA A 530 -19.16 -33.50 19.91
CA ALA A 530 -20.16 -34.37 20.50
C ALA A 530 -21.46 -33.63 20.76
N ILE A 531 -21.39 -32.42 21.30
CA ILE A 531 -22.62 -31.69 21.56
C ILE A 531 -23.28 -31.30 20.26
N ALA A 532 -22.50 -31.04 19.20
CA ALA A 532 -23.11 -30.78 17.91
C ALA A 532 -23.83 -32.02 17.39
N ASN A 533 -23.21 -33.18 17.52
CA ASN A 533 -23.82 -34.41 17.01
C ASN A 533 -25.08 -34.75 17.78
N GLU A 534 -25.09 -34.54 19.10
CA GLU A 534 -26.26 -34.85 19.89
C GLU A 534 -27.45 -34.02 19.45
N CYS A 535 -27.21 -32.77 19.04
CA CYS A 535 -28.27 -31.89 18.57
C CYS A 535 -28.57 -32.07 17.09
N GLN A 536 -27.83 -32.92 16.38
CA GLN A 536 -28.00 -33.13 14.95
C GLN A 536 -27.90 -31.79 14.22
N ALA A 537 -26.78 -31.11 14.44
CA ALA A 537 -26.57 -29.76 13.93
C ALA A 537 -25.20 -29.69 13.25
N ASN A 538 -25.10 -28.78 12.30
CA ASN A 538 -23.85 -28.57 11.58
C ASN A 538 -22.79 -28.02 12.53
N PHE A 539 -21.54 -28.37 12.26
CA PHE A 539 -20.40 -28.01 13.10
C PHE A 539 -19.38 -27.28 12.24
N ILE A 540 -19.35 -25.96 12.32
CA ILE A 540 -18.47 -25.13 11.51
C ILE A 540 -17.17 -24.98 12.29
N SER A 541 -16.25 -25.93 12.06
CA SER A 541 -14.95 -25.86 12.70
C SER A 541 -14.16 -24.66 12.19
N ILE A 542 -13.49 -23.96 13.10
CA ILE A 542 -12.60 -22.86 12.76
C ILE A 542 -11.32 -23.08 13.58
N LYS A 543 -10.32 -23.69 12.97
CA LYS A 543 -9.07 -23.92 13.67
C LYS A 543 -8.35 -22.60 13.94
N GLY A 544 -7.49 -22.61 14.96
CA GLY A 544 -6.70 -21.47 15.31
C GLY A 544 -5.77 -20.97 14.21
N PRO A 545 -5.11 -21.87 13.47
CA PRO A 545 -4.27 -21.40 12.35
C PRO A 545 -5.01 -20.51 11.36
N GLU A 546 -6.27 -20.79 11.05
CA GLU A 546 -6.96 -19.92 10.10
C GLU A 546 -7.21 -18.54 10.70
N LEU A 547 -7.46 -18.46 12.01
CA LEU A 547 -7.56 -17.15 12.64
C LEU A 547 -6.23 -16.42 12.63
N LEU A 548 -5.13 -17.14 12.84
CA LEU A 548 -3.82 -16.51 12.75
C LEU A 548 -3.57 -15.98 11.34
N THR A 549 -3.96 -16.75 10.32
CA THR A 549 -3.85 -16.27 8.95
C THR A 549 -4.72 -15.05 8.73
N MET A 550 -5.90 -15.04 9.33
CA MET A 550 -6.78 -13.87 9.27
C MET A 550 -6.06 -12.64 9.82
N TRP A 551 -5.45 -12.79 11.00
CA TRP A 551 -4.76 -11.66 11.61
C TRP A 551 -3.56 -11.22 10.77
N PHE A 552 -2.79 -12.18 10.26
CA PHE A 552 -1.60 -11.84 9.47
C PHE A 552 -1.95 -11.30 8.10
N GLY A 553 -3.02 -11.82 7.48
CA GLY A 553 -3.39 -11.38 6.15
C GLY A 553 -3.92 -9.97 6.08
N GLU A 554 -4.13 -9.32 7.22
CA GLU A 554 -4.66 -7.96 7.28
C GLU A 554 -6.01 -7.85 6.60
N SER A 555 -6.76 -8.95 6.53
CA SER A 555 -8.07 -8.99 5.88
C SER A 555 -9.05 -9.61 6.85
N GLU A 556 -10.04 -8.83 7.28
CA GLU A 556 -11.08 -9.28 8.19
C GLU A 556 -12.43 -9.47 7.52
N ALA A 557 -12.55 -9.12 6.24
CA ALA A 557 -13.78 -9.41 5.51
C ALA A 557 -14.04 -10.91 5.42
N ASN A 558 -12.98 -11.73 5.49
CA ASN A 558 -13.20 -13.17 5.50
C ASN A 558 -13.87 -13.63 6.78
N VAL A 559 -13.74 -12.86 7.87
CA VAL A 559 -14.51 -13.17 9.07
C VAL A 559 -15.99 -12.92 8.82
N ARG A 560 -16.33 -11.81 8.17
CA ARG A 560 -17.69 -11.58 7.71
C ARG A 560 -18.17 -12.76 6.87
N GLU A 561 -17.33 -13.24 5.96
CA GLU A 561 -17.72 -14.37 5.12
C GLU A 561 -17.97 -15.62 5.95
N ILE A 562 -17.08 -15.91 6.92
CA ILE A 562 -17.23 -17.11 7.72
C ILE A 562 -18.50 -17.06 8.54
N PHE A 563 -18.79 -15.91 9.16
CA PHE A 563 -19.99 -15.81 9.96
C PHE A 563 -21.24 -15.87 9.09
N ASP A 564 -21.19 -15.29 7.89
CA ASP A 564 -22.32 -15.41 6.98
C ASP A 564 -22.57 -16.87 6.60
N LYS A 565 -21.50 -17.61 6.31
CA LYS A 565 -21.66 -19.02 5.98
C LYS A 565 -22.21 -19.81 7.16
N ALA A 566 -21.76 -19.48 8.37
CA ALA A 566 -22.31 -20.12 9.56
C ALA A 566 -23.81 -19.81 9.68
N ARG A 567 -24.19 -18.57 9.43
CA ARG A 567 -25.60 -18.20 9.50
C ARG A 567 -26.42 -18.91 8.44
N GLN A 568 -25.83 -19.16 7.27
CA GLN A 568 -26.56 -19.87 6.23
C GLN A 568 -26.96 -21.27 6.68
N ALA A 569 -26.05 -21.96 7.36
CA ALA A 569 -26.39 -23.24 7.98
C ALA A 569 -27.19 -22.97 9.24
N ALA A 570 -28.46 -23.37 9.23
CA ALA A 570 -29.39 -22.94 10.26
C ALA A 570 -28.97 -23.48 11.63
N PRO A 571 -28.99 -24.79 11.87
CA PRO A 571 -28.47 -25.30 13.15
C PRO A 571 -26.96 -25.44 13.08
N CYS A 572 -26.25 -24.55 13.77
CA CYS A 572 -24.81 -24.50 13.72
C CYS A 572 -24.22 -24.45 15.13
N VAL A 573 -23.01 -24.99 15.25
CA VAL A 573 -22.30 -25.09 16.52
C VAL A 573 -20.95 -24.40 16.39
N LEU A 574 -20.92 -23.27 15.69
CA LEU A 574 -19.70 -22.56 15.34
C LEU A 574 -18.66 -22.63 16.46
N PHE A 575 -17.48 -23.14 16.12
CA PHE A 575 -16.48 -23.54 17.10
C PHE A 575 -15.17 -22.83 16.78
N PHE A 576 -14.71 -22.01 17.72
CA PHE A 576 -13.44 -21.28 17.59
C PHE A 576 -12.41 -22.02 18.44
N ASP A 577 -11.62 -22.86 17.79
CA ASP A 577 -10.56 -23.59 18.47
C ASP A 577 -9.36 -22.68 18.65
N GLU A 578 -8.65 -22.86 19.76
CA GLU A 578 -7.47 -22.05 20.07
C GLU A 578 -7.81 -20.57 20.01
N LEU A 579 -8.93 -20.19 20.61
CA LEU A 579 -9.36 -18.81 20.60
C LEU A 579 -8.31 -17.93 21.26
N ASP A 580 -8.15 -16.72 20.73
CA ASP A 580 -7.10 -15.80 21.16
C ASP A 580 -5.72 -16.43 21.01
N SER A 581 -5.57 -17.34 20.05
CA SER A 581 -4.24 -17.72 19.61
C SER A 581 -3.48 -16.52 19.05
N ILE A 582 -4.21 -15.50 18.60
CA ILE A 582 -3.57 -14.26 18.18
C ILE A 582 -2.85 -13.63 19.36
N ALA A 583 -3.48 -13.65 20.54
CA ALA A 583 -2.82 -13.15 21.74
C ALA A 583 -1.55 -13.94 22.04
N LYS A 584 -1.61 -15.26 21.86
CA LYS A 584 -0.41 -16.08 22.05
C LYS A 584 0.66 -15.74 21.03
N ALA A 585 0.25 -15.33 19.82
CA ALA A 585 1.23 -15.00 18.80
C ALA A 585 1.94 -13.68 19.09
N ARG A 586 1.21 -12.71 19.62
CA ARG A 586 1.77 -11.37 19.87
C ARG A 586 2.33 -11.28 21.29
N GLY A 587 3.31 -12.13 21.57
CA GLY A 587 4.02 -12.09 22.83
C GLY A 587 3.40 -12.87 23.95
N GLY A 588 2.21 -13.44 23.75
CA GLY A 588 1.59 -14.24 24.80
C GLY A 588 1.34 -13.45 26.06
N ASN A 589 1.67 -14.06 27.20
CA ASN A 589 1.37 -13.44 28.49
C ASN A 589 2.07 -12.11 28.66
N ILE A 590 3.26 -11.95 28.07
CA ILE A 590 3.98 -10.69 28.18
C ILE A 590 3.16 -9.57 27.56
N GLY A 591 2.56 -9.83 26.41
CA GLY A 591 1.78 -8.80 25.73
C GLY A 591 2.63 -7.63 25.26
N ASP A 592 3.85 -7.91 24.77
CA ASP A 592 4.71 -6.83 24.31
C ASP A 592 4.09 -6.07 23.15
N GLY A 593 3.27 -6.73 22.34
CA GLY A 593 2.61 -6.04 21.24
C GLY A 593 1.68 -4.95 21.71
N GLY A 594 0.93 -5.20 22.78
CA GLY A 594 0.01 -4.21 23.29
C GLY A 594 -0.96 -4.81 24.29
N GLY A 595 -2.19 -4.27 24.28
CA GLY A 595 -3.21 -4.70 25.21
C GLY A 595 -3.84 -6.01 24.78
N ALA A 596 -4.78 -6.46 25.62
CA ALA A 596 -5.44 -7.75 25.37
C ALA A 596 -6.20 -7.73 24.04
N ALA A 597 -6.92 -6.65 23.77
CA ALA A 597 -7.68 -6.57 22.53
C ALA A 597 -6.74 -6.56 21.32
N ASP A 598 -7.17 -7.20 20.25
CA ASP A 598 -6.35 -7.31 19.05
C ASP A 598 -7.22 -7.19 17.80
N ARG A 599 -6.68 -7.58 16.64
CA ARG A 599 -7.30 -7.22 15.37
C ARG A 599 -8.49 -8.10 15.03
N VAL A 600 -8.26 -9.40 14.86
CA VAL A 600 -9.31 -10.27 14.33
C VAL A 600 -10.36 -10.56 15.38
N ILE A 601 -9.96 -10.67 16.65
CA ILE A 601 -10.94 -10.94 17.70
C ILE A 601 -11.93 -9.79 17.79
N ASN A 602 -11.53 -8.58 17.39
CA ASN A 602 -12.47 -7.48 17.35
C ASN A 602 -13.59 -7.74 16.35
N GLN A 603 -13.21 -8.19 15.15
CA GLN A 603 -14.24 -8.52 14.15
C GLN A 603 -15.10 -9.68 14.63
N ILE A 604 -14.49 -10.66 15.29
CA ILE A 604 -15.26 -11.77 15.84
C ILE A 604 -16.27 -11.25 16.86
N LEU A 605 -15.85 -10.32 17.72
CA LEU A 605 -16.75 -9.75 18.71
C LEU A 605 -17.91 -9.02 18.03
N THR A 606 -17.60 -8.22 17.00
CA THR A 606 -18.66 -7.50 16.32
C THR A 606 -19.66 -8.47 15.70
N GLU A 607 -19.17 -9.51 15.02
CA GLU A 607 -20.07 -10.47 14.40
C GLU A 607 -20.91 -11.19 15.43
N MET A 608 -20.30 -11.60 16.55
CA MET A 608 -21.06 -12.27 17.61
C MET A 608 -22.12 -11.36 18.18
N ASP A 609 -21.80 -10.08 18.37
CA ASP A 609 -22.81 -9.13 18.81
C ASP A 609 -23.95 -9.06 17.81
N GLY A 610 -23.64 -9.09 16.52
CA GLY A 610 -24.68 -9.18 15.51
C GLY A 610 -25.30 -10.54 15.37
N MET A 611 -24.67 -11.58 15.93
CA MET A 611 -25.15 -12.95 15.84
C MET A 611 -25.76 -13.44 17.14
N SER A 612 -26.32 -12.53 17.95
CA SER A 612 -27.07 -12.91 19.13
C SER A 612 -28.57 -13.03 18.86
N THR A 613 -29.01 -12.76 17.64
CA THR A 613 -30.42 -12.81 17.27
C THR A 613 -30.80 -14.05 16.48
N LYS A 614 -29.84 -14.68 15.79
CA LYS A 614 -30.17 -15.86 14.99
C LYS A 614 -30.74 -16.97 15.86
N LYS A 615 -30.31 -17.05 17.13
CA LYS A 615 -30.78 -18.05 18.08
C LYS A 615 -30.85 -19.45 17.48
N ASN A 616 -29.99 -19.74 16.53
CA ASN A 616 -29.87 -21.09 15.99
C ASN A 616 -28.42 -21.48 15.73
N VAL A 617 -27.46 -20.64 16.12
CA VAL A 617 -26.04 -20.92 15.93
C VAL A 617 -25.38 -20.78 17.30
N PHE A 618 -25.07 -21.90 17.93
CA PHE A 618 -24.49 -21.92 19.26
C PHE A 618 -22.98 -21.81 19.13
N ILE A 619 -22.43 -20.69 19.59
CA ILE A 619 -21.01 -20.39 19.41
C ILE A 619 -20.23 -20.97 20.58
N ILE A 620 -19.20 -21.73 20.28
CA ILE A 620 -18.34 -22.36 21.27
C ILE A 620 -16.93 -21.85 21.06
N GLY A 621 -16.21 -21.61 22.15
CA GLY A 621 -14.81 -21.21 22.09
C GLY A 621 -13.98 -22.16 22.94
N ALA A 622 -12.76 -22.44 22.49
CA ALA A 622 -11.90 -23.42 23.15
C ALA A 622 -10.52 -22.85 23.38
N THR A 623 -10.45 -21.68 23.99
CA THR A 623 -9.17 -21.10 24.36
C THR A 623 -8.41 -22.03 25.29
N ASN A 624 -7.13 -22.22 25.02
CA ASN A 624 -6.27 -23.02 25.88
C ASN A 624 -5.50 -22.19 26.91
N ARG A 625 -5.46 -20.86 26.74
CA ARG A 625 -4.76 -19.96 27.64
C ARG A 625 -5.74 -18.88 28.06
N PRO A 626 -6.64 -19.17 29.01
CA PRO A 626 -7.67 -18.19 29.37
C PRO A 626 -7.12 -16.90 29.95
N ASP A 627 -5.92 -16.90 30.51
CA ASP A 627 -5.39 -15.69 31.12
C ASP A 627 -5.11 -14.60 30.09
N ILE A 628 -4.88 -14.98 28.82
CA ILE A 628 -4.67 -14.00 27.76
C ILE A 628 -5.93 -13.74 26.95
N ILE A 629 -7.06 -14.35 27.33
CA ILE A 629 -8.31 -14.07 26.64
C ILE A 629 -8.67 -12.61 26.84
N ASP A 630 -9.08 -11.94 25.77
CA ASP A 630 -9.48 -10.55 25.89
C ASP A 630 -10.77 -10.48 26.67
N PRO A 631 -10.87 -9.70 27.76
CA PRO A 631 -12.10 -9.72 28.56
C PRO A 631 -13.31 -9.23 27.80
N ALA A 632 -13.12 -8.53 26.67
CA ALA A 632 -14.25 -8.04 25.91
C ALA A 632 -15.17 -9.16 25.44
N ILE A 633 -14.67 -10.39 25.35
CA ILE A 633 -15.48 -11.51 24.90
C ILE A 633 -16.18 -12.24 26.06
N LEU A 634 -15.86 -11.91 27.30
CA LEU A 634 -16.57 -12.45 28.46
C LEU A 634 -17.63 -11.47 28.93
N ARG A 635 -18.62 -11.26 28.08
CA ARG A 635 -19.69 -10.29 28.31
C ARG A 635 -20.99 -10.91 27.84
N PRO A 636 -22.13 -10.52 28.44
CA PRO A 636 -23.41 -11.03 27.96
C PRO A 636 -23.61 -10.72 26.49
N GLY A 637 -24.28 -11.64 25.79
CA GLY A 637 -24.38 -11.60 24.36
C GLY A 637 -23.20 -12.18 23.63
N ARG A 638 -22.17 -12.64 24.35
CA ARG A 638 -20.98 -13.23 23.75
C ARG A 638 -20.67 -14.51 24.52
N LEU A 639 -19.49 -15.08 24.27
CA LEU A 639 -19.06 -16.28 24.99
C LEU A 639 -18.90 -15.90 26.46
N ASP A 640 -19.97 -16.08 27.22
CA ASP A 640 -20.01 -15.71 28.63
C ASP A 640 -19.95 -16.90 29.57
N GLN A 641 -20.63 -18.00 29.22
CA GLN A 641 -20.63 -19.17 30.08
C GLN A 641 -19.27 -19.86 29.99
N LEU A 642 -18.63 -20.03 31.14
CA LEU A 642 -17.29 -20.62 31.23
C LEU A 642 -17.41 -22.01 31.82
N ILE A 643 -16.86 -22.99 31.12
CA ILE A 643 -16.84 -24.38 31.57
C ILE A 643 -15.39 -24.82 31.61
N TYR A 644 -14.89 -25.12 32.81
CA TYR A 644 -13.50 -25.55 32.98
C TYR A 644 -13.45 -27.06 32.87
N ILE A 645 -13.27 -27.53 31.64
CA ILE A 645 -13.10 -28.96 31.43
C ILE A 645 -11.73 -29.33 31.98
N PRO A 646 -11.64 -30.19 33.02
CA PRO A 646 -10.35 -30.42 33.66
C PRO A 646 -9.58 -31.58 33.06
N LEU A 647 -8.38 -31.85 33.58
CA LEU A 647 -7.64 -33.04 33.20
C LEU A 647 -8.45 -34.26 33.59
N PRO A 648 -8.36 -35.37 32.87
CA PRO A 648 -9.15 -36.55 33.25
C PRO A 648 -8.78 -37.04 34.65
N ASP A 649 -9.79 -37.54 35.36
CA ASP A 649 -9.63 -38.10 36.69
C ASP A 649 -9.35 -39.60 36.58
N GLU A 650 -9.06 -40.22 37.73
CA GLU A 650 -8.79 -41.65 37.75
C GLU A 650 -9.94 -42.44 37.14
N LYS A 651 -11.16 -42.14 37.58
CA LYS A 651 -12.33 -42.82 37.05
C LYS A 651 -12.55 -42.51 35.57
N SER A 652 -11.98 -41.42 35.07
CA SER A 652 -12.20 -41.01 33.69
C SER A 652 -11.19 -41.61 32.72
N ARG A 653 -9.93 -41.76 33.14
CA ARG A 653 -8.91 -42.22 32.21
C ARG A 653 -9.18 -43.63 31.70
N VAL A 654 -9.82 -44.46 32.52
CA VAL A 654 -10.19 -45.79 32.04
C VAL A 654 -11.17 -45.68 30.88
N ALA A 655 -12.16 -44.78 31.01
CA ALA A 655 -13.08 -44.56 29.90
C ALA A 655 -12.36 -43.97 28.70
N ILE A 656 -11.40 -43.08 28.94
CA ILE A 656 -10.62 -42.49 27.84
C ILE A 656 -9.93 -43.60 27.05
N LEU A 657 -9.26 -44.50 27.75
CA LEU A 657 -8.54 -45.57 27.08
C LEU A 657 -9.50 -46.55 26.41
N LYS A 658 -10.65 -46.82 27.04
CA LYS A 658 -11.62 -47.69 26.40
C LYS A 658 -12.12 -47.08 25.10
N ALA A 659 -12.36 -45.77 25.09
CA ALA A 659 -12.82 -45.11 23.87
C ALA A 659 -11.73 -45.11 22.80
N ASN A 660 -10.50 -44.80 23.19
CA ASN A 660 -9.42 -44.72 22.19
C ASN A 660 -9.09 -46.09 21.62
N LEU A 661 -8.99 -47.10 22.48
CA LEU A 661 -8.69 -48.46 22.01
C LEU A 661 -9.85 -49.07 21.24
N ARG A 662 -11.03 -48.46 21.28
CA ARG A 662 -12.14 -48.94 20.47
C ARG A 662 -11.75 -48.98 19.00
N LYS A 663 -12.48 -49.79 18.24
CA LYS A 663 -12.26 -49.99 16.81
C LYS A 663 -10.89 -50.58 16.50
N SER A 664 -10.17 -51.04 17.53
CA SER A 664 -8.85 -51.63 17.37
C SER A 664 -8.80 -52.89 18.22
N PRO A 665 -8.34 -54.03 17.69
CA PRO A 665 -8.25 -55.23 18.52
C PRO A 665 -7.36 -55.01 19.73
N VAL A 666 -7.77 -55.55 20.87
CA VAL A 666 -7.03 -55.45 22.12
C VAL A 666 -7.10 -56.79 22.84
N ALA A 667 -5.98 -57.23 23.40
CA ALA A 667 -5.94 -58.46 24.16
C ALA A 667 -6.55 -58.24 25.55
N LYS A 668 -6.90 -59.36 26.19
CA LYS A 668 -7.51 -59.32 27.51
C LYS A 668 -6.47 -59.14 28.63
N ASP A 669 -5.19 -59.34 28.32
CA ASP A 669 -4.16 -59.26 29.36
C ASP A 669 -3.98 -57.84 29.87
N VAL A 670 -4.13 -56.83 29.01
CA VAL A 670 -3.87 -55.46 29.41
C VAL A 670 -4.89 -55.05 30.47
N ASP A 671 -4.40 -54.44 31.55
CA ASP A 671 -5.23 -53.93 32.64
C ASP A 671 -5.18 -52.42 32.59
N LEU A 672 -6.30 -51.80 32.19
CA LEU A 672 -6.33 -50.35 31.98
C LEU A 672 -6.36 -49.57 33.29
N GLU A 673 -6.90 -50.14 34.36
CA GLU A 673 -6.98 -49.41 35.62
C GLU A 673 -5.59 -49.09 36.16
N PHE A 674 -4.69 -50.06 36.15
CA PHE A 674 -3.33 -49.82 36.65
C PHE A 674 -2.62 -48.79 35.78
N LEU A 675 -2.82 -48.86 34.46
CA LEU A 675 -2.22 -47.87 33.58
C LEU A 675 -2.77 -46.47 33.85
N ALA A 676 -4.07 -46.37 34.11
CA ALA A 676 -4.65 -45.08 34.44
C ALA A 676 -4.07 -44.52 35.73
N LYS A 677 -3.93 -45.38 36.75
CA LYS A 677 -3.31 -44.92 37.99
C LYS A 677 -1.87 -44.50 37.76
N MET A 678 -1.14 -45.25 36.92
CA MET A 678 0.25 -44.91 36.62
C MET A 678 0.35 -43.53 35.96
N THR A 679 -0.56 -43.22 35.05
CA THR A 679 -0.59 -41.93 34.37
C THR A 679 -1.54 -41.03 35.15
N ASN A 680 -0.99 -40.28 36.12
CA ASN A 680 -1.82 -39.49 37.01
C ASN A 680 -2.22 -38.17 36.37
N GLY A 681 -1.25 -37.32 36.07
CA GLY A 681 -1.53 -35.99 35.56
C GLY A 681 -1.57 -35.91 34.04
N PHE A 682 -1.55 -37.07 33.39
CA PHE A 682 -1.49 -37.09 31.93
C PHE A 682 -2.78 -36.52 31.35
N SER A 683 -2.63 -35.72 30.29
CA SER A 683 -3.77 -35.14 29.60
C SER A 683 -4.31 -36.10 28.55
N GLY A 684 -5.51 -35.81 28.08
CA GLY A 684 -6.12 -36.68 27.07
C GLY A 684 -5.26 -36.82 25.84
N ALA A 685 -4.62 -35.74 25.41
CA ALA A 685 -3.67 -35.83 24.31
C ALA A 685 -2.55 -36.81 24.65
N ASP A 686 -2.06 -36.78 25.88
CA ASP A 686 -1.02 -37.71 26.28
C ASP A 686 -1.53 -39.14 26.33
N LEU A 687 -2.78 -39.34 26.75
CA LEU A 687 -3.33 -40.70 26.79
C LEU A 687 -3.46 -41.26 25.38
N THR A 688 -4.00 -40.48 24.45
CA THR A 688 -4.08 -40.96 23.08
C THR A 688 -2.70 -41.13 22.47
N GLU A 689 -1.73 -40.30 22.88
CA GLU A 689 -0.36 -40.51 22.41
C GLU A 689 0.19 -41.84 22.90
N ILE A 690 -0.09 -42.20 24.16
CA ILE A 690 0.32 -43.50 24.67
C ILE A 690 -0.32 -44.61 23.87
N CYS A 691 -1.62 -44.48 23.59
CA CYS A 691 -2.32 -45.51 22.82
C CYS A 691 -1.69 -45.66 21.43
N GLN A 692 -1.44 -44.54 20.75
CA GLN A 692 -0.87 -44.60 19.41
C GLN A 692 0.54 -45.17 19.44
N ARG A 693 1.33 -44.82 20.45
CA ARG A 693 2.69 -45.36 20.56
C ARG A 693 2.66 -46.86 20.79
N ALA A 694 1.77 -47.33 21.67
CA ALA A 694 1.66 -48.77 21.89
C ALA A 694 1.21 -49.48 20.62
N CYS A 695 0.26 -48.88 19.89
CA CYS A 695 -0.19 -49.48 18.64
C CYS A 695 0.95 -49.52 17.63
N LYS A 696 1.75 -48.46 17.58
CA LYS A 696 2.89 -48.42 16.67
C LYS A 696 3.89 -49.51 17.01
N LEU A 697 4.18 -49.70 18.30
CA LEU A 697 5.11 -50.75 18.70
C LEU A 697 4.55 -52.11 18.32
N ALA A 698 3.26 -52.34 18.56
CA ALA A 698 2.67 -53.63 18.25
C ALA A 698 2.70 -53.90 16.75
N ILE A 699 2.37 -52.90 15.93
CA ILE A 699 2.37 -53.12 14.50
C ILE A 699 3.78 -53.28 13.97
N ARG A 700 4.76 -52.59 14.57
CA ARG A 700 6.15 -52.83 14.19
C ARG A 700 6.55 -54.27 14.48
N GLU A 701 6.17 -54.77 15.66
CA GLU A 701 6.46 -56.17 15.97
C GLU A 701 5.77 -57.10 14.98
N SER A 702 4.52 -56.82 14.63
CA SER A 702 3.80 -57.67 13.70
C SER A 702 4.47 -57.65 12.32
N ILE A 703 4.88 -56.48 11.85
CA ILE A 703 5.53 -56.38 10.56
C ILE A 703 6.85 -57.13 10.55
N GLU A 704 7.63 -57.00 11.61
CA GLU A 704 8.89 -57.75 11.70
C GLU A 704 8.62 -59.25 11.69
N SER A 705 7.61 -59.69 12.45
CA SER A 705 7.26 -61.10 12.49
C SER A 705 6.88 -61.61 11.11
N GLU A 706 6.03 -60.85 10.40
CA GLU A 706 5.61 -61.28 9.06
C GLU A 706 6.79 -61.29 8.10
N ILE A 707 7.68 -60.31 8.19
CA ILE A 707 8.82 -60.27 7.29
C ILE A 707 9.70 -61.49 7.51
N ARG A 708 10.01 -61.81 8.77
CA ARG A 708 10.85 -62.96 9.03
C ARG A 708 10.15 -64.26 8.65
N ARG A 709 8.84 -64.33 8.84
CA ARG A 709 8.10 -65.53 8.43
C ARG A 709 8.15 -65.72 6.93
N GLU A 710 7.95 -64.65 6.17
CA GLU A 710 8.02 -64.76 4.72
C GLU A 710 9.43 -65.13 4.26
N ARG A 711 10.44 -64.53 4.89
CA ARG A 711 11.81 -64.89 4.54
C ARG A 711 12.09 -66.36 4.82
N GLU A 712 11.63 -66.86 5.96
CA GLU A 712 11.82 -68.26 6.30
C GLU A 712 11.10 -69.17 5.30
N ARG A 713 9.87 -68.80 4.92
CA ARG A 713 9.11 -69.62 3.98
C ARG A 713 9.79 -69.66 2.62
N GLN A 714 10.27 -68.51 2.14
CA GLN A 714 10.89 -68.46 0.82
C GLN A 714 12.25 -69.12 0.78
N THR A 715 12.93 -69.24 1.92
CA THR A 715 14.28 -69.78 1.97
C THR A 715 14.22 -71.31 2.01
N ASN A 716 15.36 -71.94 2.34
CA ASN A 716 15.53 -73.39 2.38
C ASN A 716 14.36 -74.15 2.97
N PRO A 717 13.73 -73.69 4.07
CA PRO A 717 12.60 -74.44 4.62
C PRO A 717 11.49 -74.72 3.61
N SER A 718 11.23 -73.80 2.69
CA SER A 718 10.21 -74.02 1.67
C SER A 718 10.43 -73.11 0.47
N ASP A 726 1.42 -68.40 15.24
CA ASP A 726 0.59 -67.21 15.14
C ASP A 726 1.45 -65.95 14.98
N PRO A 727 0.95 -64.93 14.29
CA PRO A 727 1.71 -63.67 14.16
C PRO A 727 1.46 -62.67 15.29
N VAL A 728 0.81 -63.07 16.37
CA VAL A 728 0.47 -62.17 17.46
C VAL A 728 -0.39 -61.04 16.91
N PRO A 729 -1.64 -61.32 16.48
CA PRO A 729 -2.52 -60.27 15.94
C PRO A 729 -3.28 -59.52 17.03
N GLU A 730 -2.58 -59.14 18.09
CA GLU A 730 -3.17 -58.44 19.22
C GLU A 730 -2.09 -57.60 19.87
N ILE A 731 -2.53 -56.64 20.70
CA ILE A 731 -1.63 -55.80 21.47
C ILE A 731 -1.63 -56.28 22.91
N ARG A 732 -0.45 -56.55 23.45
CA ARG A 732 -0.28 -57.08 24.80
C ARG A 732 0.49 -56.08 25.65
N ARG A 733 0.56 -56.38 26.95
CA ARG A 733 1.00 -55.37 27.91
C ARG A 733 2.46 -54.97 27.71
N ASP A 734 3.28 -55.81 27.10
CA ASP A 734 4.68 -55.42 26.89
C ASP A 734 4.77 -54.21 25.99
N HIS A 735 3.96 -54.17 24.93
CA HIS A 735 3.93 -52.99 24.07
C HIS A 735 3.46 -51.77 24.85
N PHE A 736 2.44 -51.94 25.70
CA PHE A 736 1.91 -50.81 26.44
C PHE A 736 2.96 -50.23 27.38
N GLU A 737 3.67 -51.08 28.11
CA GLU A 737 4.70 -50.56 29.02
C GLU A 737 5.87 -49.97 28.25
N GLU A 738 6.23 -50.57 27.10
CA GLU A 738 7.29 -49.99 26.29
C GLU A 738 6.90 -48.59 25.82
N ALA A 739 5.65 -48.42 25.40
CA ALA A 739 5.18 -47.09 25.02
C ALA A 739 5.18 -46.14 26.21
N MET A 740 4.75 -46.63 27.38
CA MET A 740 4.71 -45.78 28.56
C MET A 740 6.09 -45.27 28.93
N ARG A 741 7.13 -46.11 28.71
CA ARG A 741 8.48 -45.66 28.98
C ARG A 741 8.80 -44.36 28.25
N PHE A 742 8.30 -44.21 27.02
CA PHE A 742 8.62 -43.05 26.21
C PHE A 742 7.68 -41.88 26.54
N ALA A 743 6.39 -42.09 26.42
CA ALA A 743 5.43 -41.00 26.57
C ALA A 743 5.44 -40.46 27.98
N ARG A 744 5.29 -39.14 28.09
CA ARG A 744 5.24 -38.46 29.38
C ARG A 744 4.23 -37.32 29.30
N ARG A 745 3.75 -36.91 30.46
CA ARG A 745 2.77 -35.84 30.53
C ARG A 745 3.34 -34.55 29.94
N SER A 746 2.54 -33.90 29.09
CA SER A 746 2.98 -32.70 28.39
C SER A 746 2.59 -31.41 29.09
N VAL A 747 1.61 -31.46 29.99
CA VAL A 747 1.16 -30.28 30.72
C VAL A 747 1.71 -30.37 32.14
N SER A 748 2.43 -29.33 32.56
CA SER A 748 3.08 -29.32 33.86
C SER A 748 2.08 -28.98 34.97
N ASP A 749 2.48 -29.28 36.20
CA ASP A 749 1.66 -28.93 37.35
C ASP A 749 1.45 -27.42 37.44
N ASN A 750 2.42 -26.64 36.95
CA ASN A 750 2.28 -25.19 36.97
C ASN A 750 1.09 -24.74 36.15
N ASP A 751 0.88 -25.36 34.98
CA ASP A 751 -0.21 -24.94 34.11
C ASP A 751 -1.56 -25.23 34.74
N ILE A 752 -1.73 -26.43 35.29
CA ILE A 752 -3.01 -26.76 35.92
C ILE A 752 -3.23 -25.90 37.16
N ARG A 753 -2.16 -25.59 37.89
CA ARG A 753 -2.30 -24.66 39.01
C ARG A 753 -2.76 -23.29 38.53
N LYS A 754 -2.22 -22.83 37.40
CA LYS A 754 -2.62 -21.54 36.85
C LYS A 754 -4.11 -21.56 36.45
N TYR A 755 -4.55 -22.64 35.81
CA TYR A 755 -5.96 -22.74 35.44
C TYR A 755 -6.85 -22.77 36.67
N GLU A 756 -6.42 -23.48 37.71
CA GLU A 756 -7.17 -23.52 38.95
C GLU A 756 -7.24 -22.13 39.58
N MET A 757 -6.15 -21.38 39.53
CA MET A 757 -6.16 -20.02 40.04
C MET A 757 -7.13 -19.15 39.26
N PHE A 758 -7.17 -19.31 37.93
CA PHE A 758 -8.14 -18.60 37.12
C PHE A 758 -9.57 -18.96 37.55
N ALA A 759 -9.81 -20.25 37.78
CA ALA A 759 -11.13 -20.67 38.25
C ALA A 759 -11.47 -20.03 39.58
N GLN A 760 -10.51 -19.98 40.51
CA GLN A 760 -10.74 -19.36 41.80
C GLN A 760 -11.05 -17.88 41.65
N THR A 761 -10.37 -17.21 40.71
CA THR A 761 -10.74 -15.84 40.39
C THR A 761 -12.18 -15.77 39.93
N LEU A 762 -12.62 -16.75 39.14
CA LEU A 762 -14.03 -16.84 38.76
C LEU A 762 -14.85 -17.51 39.86
N GLN A 763 -14.67 -18.81 40.04
CA GLN A 763 -15.30 -19.52 41.15
C GLN A 763 -14.45 -19.37 42.39
N GLU B 200 7.62 -34.02 -38.33
CA GLU B 200 7.30 -35.39 -37.97
C GLU B 200 8.11 -35.84 -36.76
N VAL B 201 7.41 -36.11 -35.65
CA VAL B 201 8.02 -36.54 -34.41
C VAL B 201 7.21 -37.72 -33.88
N GLY B 202 7.61 -38.20 -32.70
CA GLY B 202 6.92 -39.32 -32.11
C GLY B 202 7.41 -39.59 -30.70
N TYR B 203 6.99 -40.73 -30.17
CA TYR B 203 7.37 -41.09 -28.80
C TYR B 203 8.88 -41.18 -28.64
N ASP B 204 9.60 -41.58 -29.70
CA ASP B 204 11.05 -41.66 -29.62
C ASP B 204 11.66 -40.29 -29.38
N ASP B 205 11.11 -39.26 -30.02
CA ASP B 205 11.69 -37.92 -29.90
C ASP B 205 11.61 -37.42 -28.46
N ILE B 206 10.50 -37.67 -27.77
CA ILE B 206 10.35 -37.22 -26.40
C ILE B 206 11.32 -38.00 -25.52
N GLY B 207 12.08 -37.27 -24.70
CA GLY B 207 13.00 -37.90 -23.77
C GLY B 207 12.88 -37.29 -22.39
N GLY B 208 13.12 -38.13 -21.39
CA GLY B 208 13.05 -37.69 -20.01
C GLY B 208 11.62 -37.64 -19.50
N CYS B 209 10.73 -37.05 -20.28
CA CYS B 209 9.31 -37.09 -19.97
C CYS B 209 8.80 -38.51 -20.17
N ARG B 210 8.80 -39.31 -19.10
CA ARG B 210 8.30 -40.67 -19.12
C ARG B 210 7.07 -40.85 -18.26
N LYS B 211 7.12 -40.43 -16.99
CA LYS B 211 5.95 -40.50 -16.14
C LYS B 211 4.82 -39.66 -16.70
N GLN B 212 5.10 -38.38 -16.99
CA GLN B 212 4.09 -37.53 -17.58
C GLN B 212 3.71 -37.98 -18.98
N LEU B 213 4.70 -38.41 -19.77
CA LEU B 213 4.36 -38.97 -21.07
C LEU B 213 3.56 -40.25 -20.93
N ALA B 214 3.84 -41.05 -19.91
CA ALA B 214 3.02 -42.23 -19.67
C ALA B 214 1.58 -41.85 -19.36
N GLN B 215 1.39 -40.81 -18.54
CA GLN B 215 0.04 -40.34 -18.24
C GLN B 215 -0.66 -39.85 -19.49
N ILE B 216 0.05 -39.09 -20.34
CA ILE B 216 -0.55 -38.60 -21.57
C ILE B 216 -0.91 -39.76 -22.49
N LYS B 217 -0.03 -40.75 -22.61
CA LYS B 217 -0.34 -41.95 -23.37
C LYS B 217 -1.63 -42.57 -22.87
N GLU B 218 -1.68 -42.84 -21.57
CA GLU B 218 -2.88 -43.38 -20.95
C GLU B 218 -4.11 -42.58 -21.32
N MET B 219 -4.03 -41.27 -21.18
CA MET B 219 -5.19 -40.39 -21.23
C MET B 219 -5.60 -39.99 -22.64
N VAL B 220 -4.78 -40.31 -23.65
CA VAL B 220 -5.05 -39.85 -25.00
C VAL B 220 -5.16 -41.00 -25.98
N GLU B 221 -4.57 -42.15 -25.67
CA GLU B 221 -4.66 -43.29 -26.58
C GLU B 221 -6.03 -43.96 -26.50
N LEU B 222 -6.43 -44.39 -25.30
CA LEU B 222 -7.67 -45.14 -25.17
C LEU B 222 -8.90 -44.38 -25.66
N PRO B 223 -9.08 -43.10 -25.33
CA PRO B 223 -10.29 -42.40 -25.80
C PRO B 223 -10.38 -42.27 -27.31
N LEU B 224 -9.27 -42.41 -28.02
CA LEU B 224 -9.25 -42.25 -29.48
C LEU B 224 -9.02 -43.56 -30.21
N ARG B 225 -8.00 -44.33 -29.83
CA ARG B 225 -7.73 -45.58 -30.51
C ARG B 225 -8.83 -46.60 -30.26
N HIS B 226 -9.35 -46.66 -29.04
CA HIS B 226 -10.42 -47.58 -28.67
C HIS B 226 -11.53 -46.80 -27.98
N PRO B 227 -12.37 -46.10 -28.76
CA PRO B 227 -13.50 -45.38 -28.15
C PRO B 227 -14.70 -46.25 -27.83
N ALA B 228 -14.75 -47.48 -28.34
CA ALA B 228 -15.94 -48.30 -28.19
C ALA B 228 -16.17 -48.69 -26.73
N LEU B 229 -15.14 -49.20 -26.06
CA LEU B 229 -15.32 -49.70 -24.70
C LEU B 229 -15.68 -48.56 -23.74
N PHE B 230 -15.09 -47.38 -23.93
CA PHE B 230 -15.46 -46.25 -23.09
C PHE B 230 -16.92 -45.86 -23.29
N LYS B 231 -17.38 -45.84 -24.53
CA LYS B 231 -18.78 -45.50 -24.79
C LYS B 231 -19.71 -46.53 -24.17
N ALA B 232 -19.37 -47.82 -24.30
CA ALA B 232 -20.23 -48.87 -23.76
C ALA B 232 -20.26 -48.84 -22.24
N ILE B 233 -19.09 -48.68 -21.61
CA ILE B 233 -19.01 -48.72 -20.15
C ILE B 233 -19.77 -47.53 -19.55
N GLY B 234 -19.61 -46.35 -20.15
CA GLY B 234 -20.29 -45.15 -19.70
C GLY B 234 -19.45 -44.18 -18.90
N VAL B 235 -18.21 -44.55 -18.57
CA VAL B 235 -17.33 -43.63 -17.85
C VAL B 235 -16.85 -42.55 -18.81
N LYS B 236 -17.00 -41.30 -18.41
CA LYS B 236 -16.67 -40.17 -19.28
C LYS B 236 -15.15 -40.01 -19.33
N PRO B 237 -14.52 -40.08 -20.51
CA PRO B 237 -13.08 -39.83 -20.58
C PRO B 237 -12.79 -38.36 -20.31
N PRO B 238 -11.58 -38.04 -19.87
CA PRO B 238 -11.26 -36.63 -19.60
C PRO B 238 -11.27 -35.81 -20.87
N ARG B 239 -12.19 -34.84 -20.93
CA ARG B 239 -12.36 -34.03 -22.13
C ARG B 239 -11.15 -33.13 -22.35
N GLY B 240 -10.72 -32.42 -21.32
CA GLY B 240 -9.59 -31.51 -21.40
C GLY B 240 -8.40 -32.07 -20.64
N ILE B 241 -7.20 -31.85 -21.18
CA ILE B 241 -5.96 -32.32 -20.59
C ILE B 241 -5.01 -31.14 -20.62
N LEU B 242 -4.89 -30.44 -19.48
CA LEU B 242 -4.05 -29.25 -19.38
C LEU B 242 -2.67 -29.69 -18.91
N LEU B 243 -1.71 -29.71 -19.83
CA LEU B 243 -0.33 -30.02 -19.48
C LEU B 243 0.46 -28.71 -19.46
N TYR B 244 1.16 -28.46 -18.37
CA TYR B 244 1.86 -27.20 -18.18
C TYR B 244 3.30 -27.44 -17.74
N GLY B 245 4.02 -26.36 -17.47
CA GLY B 245 5.41 -26.43 -17.09
C GLY B 245 6.11 -25.15 -17.47
N PRO B 246 7.42 -25.09 -17.26
CA PRO B 246 8.17 -23.90 -17.66
C PRO B 246 8.25 -23.81 -19.18
N PRO B 247 8.56 -22.64 -19.72
CA PRO B 247 8.61 -22.51 -21.18
C PRO B 247 9.69 -23.38 -21.79
N GLY B 248 9.44 -23.84 -23.01
CA GLY B 248 10.39 -24.66 -23.72
C GLY B 248 10.69 -25.99 -23.09
N THR B 249 9.68 -26.62 -22.48
CA THR B 249 9.83 -27.93 -21.87
C THR B 249 9.37 -29.07 -22.77
N GLY B 250 8.96 -28.78 -24.00
CA GLY B 250 8.46 -29.79 -24.90
C GLY B 250 6.96 -29.98 -24.89
N LYS B 251 6.21 -29.04 -24.31
CA LYS B 251 4.75 -29.18 -24.26
C LYS B 251 4.18 -29.34 -25.67
N THR B 252 4.53 -28.42 -26.57
CA THR B 252 4.08 -28.54 -27.95
C THR B 252 4.64 -29.81 -28.59
N LEU B 253 5.91 -30.12 -28.31
CA LEU B 253 6.49 -31.33 -28.87
C LEU B 253 5.78 -32.57 -28.36
N ILE B 254 5.46 -32.59 -27.06
CA ILE B 254 4.75 -33.74 -26.50
C ILE B 254 3.37 -33.87 -27.14
N ALA B 255 2.67 -32.76 -27.31
CA ALA B 255 1.35 -32.80 -27.94
C ALA B 255 1.45 -33.34 -29.36
N ARG B 256 2.41 -32.83 -30.13
CA ARG B 256 2.56 -33.30 -31.50
C ARG B 256 2.91 -34.78 -31.54
N ALA B 257 3.80 -35.21 -30.64
CA ALA B 257 4.21 -36.61 -30.62
C ALA B 257 3.04 -37.53 -30.31
N VAL B 258 2.25 -37.18 -29.29
CA VAL B 258 1.12 -38.04 -28.94
C VAL B 258 0.08 -38.03 -30.05
N ALA B 259 -0.14 -36.87 -30.68
CA ALA B 259 -1.09 -36.81 -31.78
C ALA B 259 -0.64 -37.70 -32.93
N ASN B 260 0.64 -37.65 -33.28
CA ASN B 260 1.14 -38.47 -34.38
C ASN B 260 1.09 -39.95 -34.03
N GLU B 261 1.43 -40.30 -32.78
CA GLU B 261 1.39 -41.70 -32.39
C GLU B 261 -0.03 -42.24 -32.43
N THR B 262 -1.00 -41.47 -31.95
CA THR B 262 -2.39 -41.91 -32.00
C THR B 262 -2.86 -42.06 -33.44
N GLY B 263 -2.37 -41.21 -34.34
CA GLY B 263 -2.82 -41.22 -35.71
C GLY B 263 -4.13 -40.49 -35.93
N ALA B 264 -4.73 -39.95 -34.89
CA ALA B 264 -6.00 -39.24 -35.02
C ALA B 264 -5.76 -37.87 -35.65
N PHE B 265 -6.85 -37.29 -36.15
CA PHE B 265 -6.78 -35.94 -36.70
C PHE B 265 -6.29 -34.97 -35.64
N PHE B 266 -5.44 -34.04 -36.05
CA PHE B 266 -4.83 -33.09 -35.14
C PHE B 266 -4.93 -31.69 -35.74
N PHE B 267 -5.14 -30.69 -34.88
CA PHE B 267 -5.25 -29.31 -35.34
C PHE B 267 -4.67 -28.41 -34.25
N LEU B 268 -3.42 -27.99 -34.42
CA LEU B 268 -2.80 -27.09 -33.46
C LEU B 268 -3.47 -25.73 -33.51
N ILE B 269 -3.70 -25.14 -32.35
CA ILE B 269 -4.20 -23.79 -32.21
C ILE B 269 -3.22 -23.01 -31.35
N ASN B 270 -2.76 -21.88 -31.85
CA ASN B 270 -1.78 -21.05 -31.17
C ASN B 270 -2.46 -19.81 -30.62
N GLY B 271 -2.21 -19.52 -29.35
CA GLY B 271 -2.82 -18.37 -28.71
C GLY B 271 -2.45 -17.07 -29.40
N PRO B 272 -1.16 -16.85 -29.65
CA PRO B 272 -0.76 -15.64 -30.38
C PRO B 272 -1.49 -15.41 -31.69
N GLU B 273 -1.57 -16.41 -32.57
CA GLU B 273 -2.19 -16.17 -33.86
C GLU B 273 -3.70 -15.96 -33.74
N ILE B 274 -4.33 -16.64 -32.78
CA ILE B 274 -5.75 -16.39 -32.54
C ILE B 274 -5.97 -14.96 -32.08
N MET B 275 -5.12 -14.46 -31.19
CA MET B 275 -5.26 -13.10 -30.70
C MET B 275 -4.84 -12.07 -31.74
N SER B 276 -4.06 -12.46 -32.75
CA SER B 276 -3.59 -11.50 -33.74
C SER B 276 -4.70 -11.01 -34.64
N LYS B 277 -5.72 -11.83 -34.86
CA LYS B 277 -6.77 -11.46 -35.80
C LYS B 277 -7.62 -10.32 -35.24
N LEU B 278 -8.33 -9.65 -36.14
CA LEU B 278 -9.17 -8.53 -35.75
C LEU B 278 -10.29 -8.99 -34.84
N ALA B 279 -10.86 -8.04 -34.10
CA ALA B 279 -12.00 -8.33 -33.25
C ALA B 279 -13.14 -8.91 -34.08
N GLY B 280 -13.73 -10.00 -33.59
CA GLY B 280 -14.76 -10.72 -34.30
C GLY B 280 -14.23 -11.86 -35.16
N GLU B 281 -12.96 -11.78 -35.57
CA GLU B 281 -12.37 -12.84 -36.37
C GLU B 281 -11.66 -13.89 -35.51
N SER B 282 -11.18 -13.51 -34.32
CA SER B 282 -10.53 -14.48 -33.45
C SER B 282 -11.52 -15.53 -32.96
N GLU B 283 -12.66 -15.08 -32.43
CA GLU B 283 -13.67 -16.03 -31.98
C GLU B 283 -14.24 -16.83 -33.13
N SER B 284 -14.41 -16.21 -34.31
CA SER B 284 -14.85 -16.96 -35.48
C SER B 284 -13.84 -18.03 -35.86
N ASN B 285 -12.55 -17.70 -35.80
CA ASN B 285 -11.52 -18.68 -36.10
C ASN B 285 -11.57 -19.84 -35.12
N LEU B 286 -11.70 -19.54 -33.83
CA LEU B 286 -11.79 -20.61 -32.84
C LEU B 286 -13.03 -21.47 -33.06
N ARG B 287 -14.15 -20.83 -33.37
CA ARG B 287 -15.39 -21.58 -33.60
C ARG B 287 -15.26 -22.51 -34.79
N LYS B 288 -14.71 -22.01 -35.90
CA LYS B 288 -14.57 -22.88 -37.07
C LYS B 288 -13.52 -23.96 -36.86
N ALA B 289 -12.50 -23.68 -36.06
CA ALA B 289 -11.54 -24.72 -35.70
C ALA B 289 -12.23 -25.84 -34.94
N PHE B 290 -13.03 -25.49 -33.94
CA PHE B 290 -13.76 -26.52 -33.21
C PHE B 290 -14.75 -27.25 -34.11
N GLU B 291 -15.37 -26.53 -35.04
CA GLU B 291 -16.33 -27.16 -35.94
C GLU B 291 -15.64 -28.18 -36.85
N GLU B 292 -14.52 -27.80 -37.46
CA GLU B 292 -13.83 -28.74 -38.35
C GLU B 292 -13.23 -29.88 -37.57
N ALA B 293 -12.85 -29.66 -36.31
CA ALA B 293 -12.47 -30.77 -35.45
C ALA B 293 -13.64 -31.72 -35.24
N GLU B 294 -14.82 -31.16 -35.02
CA GLU B 294 -16.02 -31.98 -34.82
C GLU B 294 -16.34 -32.81 -36.07
N LYS B 295 -16.22 -32.20 -37.25
CA LYS B 295 -16.53 -32.91 -38.49
C LYS B 295 -15.55 -34.05 -38.75
N ASN B 296 -14.41 -34.06 -38.08
CA ASN B 296 -13.32 -35.01 -38.30
C ASN B 296 -12.84 -35.57 -36.97
N ALA B 297 -13.77 -36.11 -36.17
CA ALA B 297 -13.55 -36.05 -34.73
C ALA B 297 -13.24 -37.37 -34.06
N PRO B 298 -12.28 -38.13 -34.54
CA PRO B 298 -11.21 -38.58 -33.63
C PRO B 298 -10.18 -37.48 -33.63
N ALA B 299 -10.10 -36.66 -32.58
CA ALA B 299 -9.40 -35.39 -32.70
C ALA B 299 -8.67 -35.02 -31.43
N ILE B 300 -7.50 -34.43 -31.59
CA ILE B 300 -6.73 -33.84 -30.50
C ILE B 300 -6.55 -32.37 -30.85
N ILE B 301 -7.46 -31.53 -30.36
CA ILE B 301 -7.26 -30.09 -30.46
C ILE B 301 -6.19 -29.69 -29.47
N PHE B 302 -5.30 -28.80 -29.88
CA PHE B 302 -4.18 -28.37 -29.04
C PHE B 302 -4.15 -26.85 -29.01
N ILE B 303 -4.39 -26.28 -27.84
CA ILE B 303 -4.36 -24.83 -27.65
C ILE B 303 -3.03 -24.51 -26.98
N ASP B 304 -2.09 -24.01 -27.77
CA ASP B 304 -0.78 -23.66 -27.25
C ASP B 304 -0.81 -22.28 -26.61
N GLU B 305 -0.08 -22.13 -25.50
CA GLU B 305 -0.04 -20.87 -24.76
C GLU B 305 -1.46 -20.45 -24.36
N LEU B 306 -2.13 -21.34 -23.62
CA LEU B 306 -3.47 -21.03 -23.16
C LEU B 306 -3.51 -19.78 -22.30
N ASP B 307 -2.42 -19.48 -21.61
CA ASP B 307 -2.39 -18.29 -20.74
C ASP B 307 -2.58 -17.02 -21.56
N ALA B 308 -1.94 -16.92 -22.71
CA ALA B 308 -2.05 -15.71 -23.52
C ALA B 308 -3.48 -15.48 -23.96
N ILE B 309 -4.14 -16.52 -24.45
CA ILE B 309 -5.52 -16.37 -24.92
C ILE B 309 -6.46 -16.14 -23.76
N ALA B 310 -6.26 -16.87 -22.66
CA ALA B 310 -7.18 -16.86 -21.52
C ALA B 310 -6.41 -16.66 -20.22
N PRO B 311 -5.92 -15.45 -19.96
CA PRO B 311 -5.26 -15.19 -18.68
C PRO B 311 -6.27 -15.01 -17.56
N LYS B 312 -5.82 -14.66 -16.36
CA LYS B 312 -6.73 -14.55 -15.22
C LYS B 312 -7.85 -13.57 -15.52
N ARG B 313 -8.97 -13.75 -14.82
CA ARG B 313 -10.16 -12.93 -15.08
C ARG B 313 -9.85 -11.45 -14.92
N GLU B 314 -9.21 -11.08 -13.81
CA GLU B 314 -9.00 -9.66 -13.51
C GLU B 314 -7.89 -9.04 -14.34
N LYS B 315 -6.96 -9.83 -14.88
CA LYS B 315 -5.91 -9.30 -15.72
C LYS B 315 -6.27 -9.30 -17.19
N THR B 316 -7.49 -9.72 -17.55
CA THR B 316 -8.03 -9.51 -18.89
C THR B 316 -8.57 -8.09 -18.94
N HIS B 317 -7.80 -7.19 -19.56
CA HIS B 317 -8.15 -5.78 -19.51
C HIS B 317 -9.23 -5.41 -20.51
N GLY B 318 -9.07 -5.80 -21.77
CA GLY B 318 -10.03 -5.44 -22.79
C GLY B 318 -11.29 -6.28 -22.73
N GLU B 319 -12.34 -5.78 -23.38
CA GLU B 319 -13.59 -6.52 -23.45
C GLU B 319 -13.47 -7.70 -24.40
N VAL B 320 -12.73 -7.54 -25.49
CA VAL B 320 -12.55 -8.63 -26.44
C VAL B 320 -11.83 -9.80 -25.78
N GLU B 321 -10.95 -9.52 -24.82
CA GLU B 321 -10.29 -10.60 -24.09
C GLU B 321 -11.31 -11.46 -23.35
N ARG B 322 -12.22 -10.83 -22.60
CA ARG B 322 -13.25 -11.58 -21.92
C ARG B 322 -14.17 -12.29 -22.92
N ARG B 323 -14.44 -11.67 -24.06
CA ARG B 323 -15.30 -12.30 -25.06
C ARG B 323 -14.66 -13.57 -25.59
N ILE B 324 -13.36 -13.54 -25.90
CA ILE B 324 -12.70 -14.74 -26.41
C ILE B 324 -12.62 -15.80 -25.32
N VAL B 325 -12.38 -15.39 -24.07
CA VAL B 325 -12.35 -16.37 -22.98
C VAL B 325 -13.71 -17.05 -22.87
N SER B 326 -14.78 -16.29 -22.89
CA SER B 326 -16.12 -16.88 -22.79
C SER B 326 -16.41 -17.75 -24.01
N GLN B 327 -15.92 -17.36 -25.17
CA GLN B 327 -16.09 -18.19 -26.36
C GLN B 327 -15.43 -19.54 -26.17
N LEU B 328 -14.20 -19.55 -25.65
CA LEU B 328 -13.52 -20.81 -25.37
C LEU B 328 -14.29 -21.63 -24.34
N LEU B 329 -14.80 -20.97 -23.29
CA LEU B 329 -15.56 -21.67 -22.27
C LEU B 329 -16.78 -22.36 -22.88
N THR B 330 -17.56 -21.62 -23.66
CA THR B 330 -18.80 -22.18 -24.20
C THR B 330 -18.49 -23.27 -25.22
N LEU B 331 -17.43 -23.12 -26.00
CA LEU B 331 -17.07 -24.19 -26.93
C LEU B 331 -16.69 -25.45 -26.18
N MET B 332 -15.89 -25.31 -25.12
CA MET B 332 -15.47 -26.49 -24.36
C MET B 332 -16.67 -27.15 -23.70
N ASP B 333 -17.62 -26.36 -23.19
CA ASP B 333 -18.80 -26.95 -22.58
C ASP B 333 -19.71 -27.61 -23.62
N GLY B 334 -19.83 -27.00 -24.80
CA GLY B 334 -20.70 -27.53 -25.83
C GLY B 334 -20.13 -28.73 -26.56
N LEU B 335 -18.82 -28.94 -26.49
CA LEU B 335 -18.22 -30.15 -27.03
C LEU B 335 -18.34 -31.33 -26.07
N LYS B 336 -19.26 -31.25 -25.10
CA LYS B 336 -19.56 -32.39 -24.23
C LYS B 336 -20.13 -33.57 -25.01
N GLN B 337 -20.58 -33.35 -26.25
CA GLN B 337 -21.16 -34.42 -27.03
C GLN B 337 -20.19 -35.59 -27.15
N ARG B 338 -20.73 -36.74 -27.53
CA ARG B 338 -19.94 -37.97 -27.57
C ARG B 338 -18.91 -37.99 -28.68
N ALA B 339 -18.94 -37.01 -29.59
CA ALA B 339 -17.90 -36.91 -30.60
C ALA B 339 -16.54 -36.81 -29.93
N HIS B 340 -15.58 -37.59 -30.41
CA HIS B 340 -14.32 -37.81 -29.70
C HIS B 340 -13.35 -36.70 -30.05
N VAL B 341 -13.40 -35.63 -29.28
CA VAL B 341 -12.45 -34.52 -29.36
C VAL B 341 -11.84 -34.34 -27.99
N ILE B 342 -10.51 -34.26 -27.93
CA ILE B 342 -9.79 -34.02 -26.68
C ILE B 342 -9.09 -32.67 -26.83
N VAL B 343 -9.43 -31.74 -25.94
CA VAL B 343 -8.91 -30.37 -26.01
C VAL B 343 -7.74 -30.29 -25.04
N MET B 344 -6.55 -30.60 -25.55
CA MET B 344 -5.33 -30.40 -24.80
C MET B 344 -4.92 -28.94 -24.85
N ALA B 345 -4.33 -28.46 -23.75
CA ALA B 345 -3.88 -27.08 -23.67
C ALA B 345 -2.51 -27.03 -23.02
N ALA B 346 -1.66 -26.16 -23.55
CA ALA B 346 -0.31 -25.96 -23.04
C ALA B 346 -0.20 -24.56 -22.46
N THR B 347 0.36 -24.46 -21.26
CA THR B 347 0.48 -23.17 -20.58
C THR B 347 1.67 -23.22 -19.64
N ASN B 348 1.83 -22.16 -18.86
CA ASN B 348 2.89 -22.04 -17.88
C ASN B 348 2.29 -21.50 -16.60
N ARG B 349 2.72 -22.03 -15.45
CA ARG B 349 2.18 -21.58 -14.18
C ARG B 349 0.66 -21.69 -14.21
N PRO B 350 0.10 -22.91 -14.06
CA PRO B 350 -1.35 -23.08 -14.31
C PRO B 350 -2.25 -22.16 -13.51
N ASN B 351 -1.71 -21.55 -12.44
CA ASN B 351 -2.47 -20.52 -11.75
C ASN B 351 -2.61 -19.25 -12.57
N SER B 352 -1.88 -19.13 -13.69
CA SER B 352 -1.96 -17.92 -14.50
C SER B 352 -3.23 -17.86 -15.34
N ILE B 353 -3.76 -19.00 -15.76
CA ILE B 353 -4.94 -19.01 -16.63
C ILE B 353 -6.17 -18.69 -15.80
N ASP B 354 -7.26 -18.35 -16.48
CA ASP B 354 -8.51 -18.06 -15.79
C ASP B 354 -8.95 -19.31 -15.03
N PRO B 355 -9.21 -19.22 -13.72
CA PRO B 355 -9.65 -20.43 -13.00
C PRO B 355 -10.93 -21.03 -13.53
N ALA B 356 -11.74 -20.26 -14.27
CA ALA B 356 -12.95 -20.82 -14.84
C ALA B 356 -12.65 -21.99 -15.76
N LEU B 357 -11.49 -21.97 -16.44
CA LEU B 357 -11.13 -23.07 -17.32
C LEU B 357 -10.77 -24.32 -16.54
N ARG B 358 -10.19 -24.17 -15.35
CA ARG B 358 -9.77 -25.32 -14.55
C ARG B 358 -10.94 -26.09 -13.96
N ARG B 359 -12.16 -25.55 -14.01
CA ARG B 359 -13.30 -26.24 -13.43
C ARG B 359 -13.58 -27.53 -14.19
N PHE B 360 -14.19 -28.48 -13.49
CA PHE B 360 -14.44 -29.80 -14.07
C PHE B 360 -15.38 -29.70 -15.26
N GLY B 361 -15.22 -30.61 -16.21
CA GLY B 361 -15.95 -30.58 -17.45
C GLY B 361 -15.26 -29.78 -18.55
N ARG B 362 -14.26 -28.96 -18.21
CA ARG B 362 -13.51 -28.20 -19.19
C ARG B 362 -12.06 -28.65 -19.25
N PHE B 363 -11.34 -28.66 -18.12
CA PHE B 363 -9.99 -29.20 -18.04
C PHE B 363 -9.92 -30.05 -16.77
N ASP B 364 -10.32 -31.31 -16.90
CA ASP B 364 -10.42 -32.18 -15.74
C ASP B 364 -9.05 -32.54 -15.20
N ARG B 365 -8.11 -32.87 -16.08
CA ARG B 365 -6.84 -33.45 -15.70
C ARG B 365 -5.70 -32.48 -15.98
N GLU B 366 -4.75 -32.41 -15.04
CA GLU B 366 -3.59 -31.55 -15.13
C GLU B 366 -2.33 -32.39 -15.14
N VAL B 367 -1.34 -31.97 -15.93
CA VAL B 367 -0.10 -32.70 -16.10
C VAL B 367 1.07 -31.74 -15.91
N ASP B 368 1.81 -31.89 -14.82
CA ASP B 368 2.97 -31.05 -14.53
C ASP B 368 4.20 -31.72 -15.15
N ILE B 369 4.63 -31.21 -16.31
CA ILE B 369 5.78 -31.80 -16.99
C ILE B 369 7.03 -31.64 -16.14
N GLY B 370 7.29 -30.42 -15.67
CA GLY B 370 8.41 -30.18 -14.78
C GLY B 370 9.75 -30.25 -15.48
N ILE B 371 10.82 -29.97 -14.73
CA ILE B 371 12.17 -30.04 -15.28
C ILE B 371 12.56 -31.51 -15.45
N PRO B 372 13.26 -31.88 -16.52
CA PRO B 372 13.79 -33.25 -16.59
C PRO B 372 14.88 -33.45 -15.55
N ASP B 373 14.99 -34.69 -15.08
CA ASP B 373 16.01 -35.06 -14.10
C ASP B 373 17.32 -35.35 -14.83
N ALA B 374 18.31 -35.86 -14.09
CA ALA B 374 19.62 -36.15 -14.69
C ALA B 374 19.48 -37.14 -15.84
N THR B 375 18.80 -38.26 -15.60
CA THR B 375 18.53 -39.21 -16.68
C THR B 375 17.69 -38.55 -17.76
N GLY B 376 16.78 -37.65 -17.37
CA GLY B 376 16.00 -36.95 -18.38
C GLY B 376 16.86 -36.09 -19.27
N ARG B 377 17.77 -35.32 -18.68
CA ARG B 377 18.65 -34.48 -19.50
C ARG B 377 19.56 -35.34 -20.36
N LEU B 378 19.99 -36.48 -19.84
CA LEU B 378 20.78 -37.40 -20.65
C LEU B 378 19.99 -37.87 -21.86
N GLU B 379 18.72 -38.21 -21.67
CA GLU B 379 17.88 -38.64 -22.79
C GLU B 379 17.69 -37.51 -23.79
N ILE B 380 17.47 -36.29 -23.30
CA ILE B 380 17.30 -35.15 -24.20
C ILE B 380 18.54 -34.96 -25.05
N LEU B 381 19.71 -35.00 -24.41
CA LEU B 381 20.95 -34.82 -25.15
C LEU B 381 21.15 -35.93 -26.16
N GLN B 382 20.81 -37.17 -25.80
CA GLN B 382 20.90 -38.26 -26.77
C GLN B 382 20.01 -37.98 -27.98
N ILE B 383 18.78 -37.52 -27.74
CA ILE B 383 17.87 -37.26 -28.84
C ILE B 383 18.42 -36.16 -29.74
N HIS B 384 18.91 -35.07 -29.15
CA HIS B 384 19.35 -33.93 -29.94
C HIS B 384 20.75 -34.10 -30.51
N THR B 385 21.51 -35.11 -30.09
CA THR B 385 22.85 -35.35 -30.61
C THR B 385 22.93 -36.65 -31.40
N LYS B 386 21.78 -37.19 -31.83
CA LYS B 386 21.80 -38.44 -32.58
C LYS B 386 22.52 -38.26 -33.91
N ASN B 387 22.09 -37.26 -34.69
CA ASN B 387 22.66 -37.02 -36.02
C ASN B 387 23.69 -35.89 -35.95
N MET B 388 24.83 -36.21 -35.34
CA MET B 388 25.93 -35.25 -35.24
C MET B 388 27.30 -35.83 -35.53
N LYS B 389 27.50 -37.15 -35.49
CA LYS B 389 28.83 -37.73 -35.66
C LYS B 389 29.79 -37.17 -34.61
N LEU B 390 29.32 -37.05 -33.38
CA LEU B 390 30.15 -36.51 -32.31
C LEU B 390 31.30 -37.47 -32.00
N ALA B 391 32.44 -36.89 -31.63
CA ALA B 391 33.60 -37.69 -31.29
C ALA B 391 33.30 -38.56 -30.07
N ASP B 392 33.83 -39.78 -30.09
CA ASP B 392 33.57 -40.71 -29.00
C ASP B 392 34.22 -40.29 -27.69
N ASP B 393 35.14 -39.32 -27.72
CA ASP B 393 35.80 -38.89 -26.49
C ASP B 393 34.79 -38.34 -25.49
N VAL B 394 33.84 -37.53 -25.96
CA VAL B 394 32.80 -37.04 -25.07
C VAL B 394 31.86 -38.16 -24.69
N ASP B 395 31.31 -38.07 -23.47
CA ASP B 395 30.41 -39.09 -22.94
C ASP B 395 28.95 -38.73 -23.07
N LEU B 396 28.61 -37.45 -23.19
CA LEU B 396 27.23 -36.98 -23.25
C LEU B 396 26.47 -37.23 -21.95
N GLU B 397 27.16 -37.62 -20.89
CA GLU B 397 26.57 -37.81 -19.57
C GLU B 397 27.23 -36.96 -18.51
N GLN B 398 28.54 -36.70 -18.63
CA GLN B 398 29.18 -35.72 -17.75
C GLN B 398 28.54 -34.36 -17.92
N VAL B 399 28.26 -33.95 -19.16
CA VAL B 399 27.59 -32.68 -19.40
C VAL B 399 26.19 -32.68 -18.83
N ALA B 400 25.51 -33.83 -18.90
CA ALA B 400 24.11 -33.89 -18.45
C ALA B 400 24.00 -33.58 -16.97
N ASN B 401 24.88 -34.16 -16.16
CA ASN B 401 24.79 -33.95 -14.71
C ASN B 401 25.11 -32.51 -14.34
N GLU B 402 25.90 -31.81 -15.15
CA GLU B 402 26.26 -30.43 -14.88
C GLU B 402 25.26 -29.42 -15.39
N THR B 403 24.26 -29.85 -16.17
CA THR B 403 23.24 -28.95 -16.69
C THR B 403 22.03 -28.93 -15.76
N HIS B 404 22.27 -28.65 -14.49
CA HIS B 404 21.20 -28.56 -13.53
C HIS B 404 20.32 -27.35 -13.85
N GLY B 405 19.01 -27.54 -13.79
CA GLY B 405 18.07 -26.48 -14.06
C GLY B 405 17.83 -26.20 -15.53
N HIS B 406 18.58 -26.82 -16.43
CA HIS B 406 18.36 -26.63 -17.85
C HIS B 406 17.05 -27.29 -18.27
N VAL B 407 16.31 -26.60 -19.12
CA VAL B 407 15.09 -27.12 -19.70
C VAL B 407 15.42 -27.66 -21.09
N GLY B 408 14.49 -28.43 -21.66
CA GLY B 408 14.76 -29.08 -22.94
C GLY B 408 15.17 -28.09 -24.02
N ALA B 409 14.48 -26.97 -24.10
CA ALA B 409 14.87 -25.95 -25.07
C ALA B 409 16.27 -25.44 -24.79
N ASP B 410 16.61 -25.25 -23.51
CA ASP B 410 17.97 -24.86 -23.16
C ASP B 410 18.97 -25.92 -23.57
N LEU B 411 18.61 -27.20 -23.44
CA LEU B 411 19.52 -28.26 -23.86
C LEU B 411 19.73 -28.23 -25.37
N ALA B 412 18.67 -28.00 -26.13
CA ALA B 412 18.83 -27.87 -27.58
C ALA B 412 19.73 -26.67 -27.91
N ALA B 413 19.54 -25.56 -27.21
CA ALA B 413 20.40 -24.40 -27.43
C ALA B 413 21.85 -24.71 -27.08
N LEU B 414 22.07 -25.46 -26.00
CA LEU B 414 23.42 -25.85 -25.63
C LEU B 414 24.06 -26.71 -26.70
N CYS B 415 23.30 -27.66 -27.26
CA CYS B 415 23.83 -28.49 -28.33
C CYS B 415 24.18 -27.65 -29.55
N SER B 416 23.29 -26.72 -29.91
CA SER B 416 23.57 -25.86 -31.06
C SER B 416 24.81 -25.00 -30.81
N GLU B 417 24.96 -24.48 -29.60
CA GLU B 417 26.13 -23.65 -29.29
C GLU B 417 27.41 -24.48 -29.30
N ALA B 418 27.33 -25.74 -28.87
CA ALA B 418 28.50 -26.62 -28.96
C ALA B 418 28.89 -26.85 -30.41
N ALA B 419 27.90 -27.11 -31.26
CA ALA B 419 28.20 -27.26 -32.68
C ALA B 419 28.79 -25.98 -33.25
N LEU B 420 28.28 -24.83 -32.83
CA LEU B 420 28.79 -23.55 -33.30
C LEU B 420 30.24 -23.33 -32.87
N GLN B 421 30.57 -23.72 -31.64
CA GLN B 421 31.96 -23.67 -31.21
C GLN B 421 32.83 -24.60 -32.05
N ALA B 422 32.29 -25.77 -32.40
CA ALA B 422 33.02 -26.66 -33.30
C ALA B 422 33.29 -25.97 -34.64
N ILE B 423 32.32 -25.22 -35.14
CA ILE B 423 32.55 -24.44 -36.36
C ILE B 423 33.66 -23.42 -36.14
N ARG B 424 33.61 -22.73 -34.99
CA ARG B 424 34.65 -21.74 -34.69
C ARG B 424 36.03 -22.36 -34.76
N LYS B 425 36.20 -23.53 -34.13
CA LYS B 425 37.51 -24.19 -34.16
C LYS B 425 37.96 -24.48 -35.57
N LYS B 426 37.02 -24.62 -36.51
CA LYS B 426 37.33 -24.82 -37.91
C LYS B 426 37.43 -23.49 -38.63
N MET B 427 38.42 -23.37 -39.50
CA MET B 427 38.63 -22.15 -40.27
C MET B 427 37.90 -22.24 -41.62
N ASP B 428 37.84 -21.11 -42.31
CA ASP B 428 37.14 -21.01 -43.59
C ASP B 428 35.69 -21.44 -43.45
N ILE B 437 35.93 -25.47 -50.26
CA ILE B 437 35.79 -26.70 -49.50
C ILE B 437 34.38 -26.80 -48.92
N ASP B 438 33.71 -27.91 -49.21
CA ASP B 438 32.33 -28.13 -48.77
C ASP B 438 32.16 -29.50 -48.14
N ALA B 439 32.88 -30.50 -48.66
CA ALA B 439 32.70 -31.88 -48.24
C ALA B 439 33.59 -32.25 -47.07
N GLU B 440 34.88 -31.94 -47.16
CA GLU B 440 35.83 -32.36 -46.13
C GLU B 440 35.65 -31.60 -44.82
N VAL B 441 34.86 -30.53 -44.80
CA VAL B 441 34.61 -29.80 -43.57
C VAL B 441 33.32 -30.28 -42.89
N MET B 442 32.28 -30.56 -43.67
CA MET B 442 31.04 -31.07 -43.11
C MET B 442 31.13 -32.54 -42.73
N ASN B 443 32.08 -33.27 -43.32
CA ASN B 443 32.25 -34.69 -43.00
C ASN B 443 33.18 -34.92 -41.81
N SER B 444 34.18 -34.08 -41.65
CA SER B 444 35.15 -34.21 -40.56
C SER B 444 34.70 -33.51 -39.29
N LEU B 445 33.53 -32.90 -39.28
CA LEU B 445 33.03 -32.22 -38.09
C LEU B 445 32.75 -33.24 -36.99
N ALA B 446 33.41 -33.08 -35.85
CA ALA B 446 33.23 -33.98 -34.70
C ALA B 446 33.29 -33.12 -33.44
N VAL B 447 32.12 -32.83 -32.87
CA VAL B 447 32.07 -32.04 -31.65
C VAL B 447 32.75 -32.81 -30.53
N THR B 448 33.65 -32.13 -29.82
CA THR B 448 34.41 -32.73 -28.74
C THR B 448 33.85 -32.29 -27.39
N MET B 449 34.30 -32.97 -26.34
CA MET B 449 33.90 -32.58 -24.99
C MET B 449 34.30 -31.15 -24.70
N ASP B 450 35.42 -30.69 -25.27
CA ASP B 450 35.84 -29.31 -25.07
C ASP B 450 34.89 -28.31 -25.71
N ASP B 451 34.05 -28.75 -26.64
CA ASP B 451 33.03 -27.88 -27.23
C ASP B 451 31.77 -27.85 -26.39
N PHE B 452 31.32 -29.01 -25.89
CA PHE B 452 30.20 -29.01 -24.96
C PHE B 452 30.54 -28.26 -23.69
N ARG B 453 31.80 -28.28 -23.27
CA ARG B 453 32.21 -27.50 -22.11
C ARG B 453 31.98 -26.01 -22.35
N TRP B 454 32.41 -25.52 -23.52
CA TRP B 454 32.17 -24.13 -23.86
C TRP B 454 30.68 -23.82 -23.92
N ALA B 455 29.91 -24.70 -24.56
CA ALA B 455 28.48 -24.46 -24.68
C ALA B 455 27.82 -24.38 -23.30
N LEU B 456 28.21 -25.28 -22.40
CA LEU B 456 27.67 -25.24 -21.05
C LEU B 456 28.08 -23.96 -20.34
N SER B 457 29.33 -23.53 -20.51
CA SER B 457 29.78 -22.31 -19.86
C SER B 457 29.00 -21.10 -20.36
N GLN B 458 28.89 -20.94 -21.68
CA GLN B 458 28.19 -19.81 -22.27
C GLN B 458 26.74 -20.14 -22.59
N SER B 459 26.00 -20.64 -21.59
CA SER B 459 24.58 -20.91 -21.78
C SER B 459 23.91 -20.89 -20.40
N ASN B 460 23.17 -19.83 -20.14
CA ASN B 460 22.46 -19.74 -18.86
C ASN B 460 21.17 -20.55 -18.90
N PRO B 461 20.81 -21.26 -17.83
CA PRO B 461 19.51 -21.92 -17.81
C PRO B 461 18.38 -20.90 -17.74
N SER B 462 17.22 -21.30 -18.25
CA SER B 462 16.01 -20.48 -18.18
C SER B 462 15.13 -20.87 -17.02
N ALA B 463 14.72 -22.13 -16.94
CA ALA B 463 13.89 -22.61 -15.84
C ALA B 463 14.77 -22.98 -14.65
N LEU B 464 15.38 -21.96 -14.07
CA LEU B 464 16.26 -22.09 -12.92
C LEU B 464 15.54 -21.64 -11.65
N ARG B 465 16.07 -22.12 -10.52
CA ARG B 465 15.51 -21.83 -9.19
C ARG B 465 13.99 -21.97 -9.18
N GLU B 466 13.49 -22.98 -9.87
CA GLU B 466 12.11 -23.46 -9.70
C GLU B 466 12.21 -24.79 -8.99
N THR B 467 11.51 -24.92 -7.86
CA THR B 467 11.67 -26.07 -6.98
C THR B 467 11.64 -27.38 -7.76
N VAL B 468 12.73 -28.13 -7.67
CA VAL B 468 12.94 -29.28 -8.53
C VAL B 468 12.07 -30.45 -8.08
N VAL B 469 11.37 -31.06 -9.03
CA VAL B 469 10.61 -32.28 -8.77
C VAL B 469 11.45 -33.41 -9.34
N GLU B 470 12.30 -33.99 -8.51
CA GLU B 470 13.24 -35.00 -8.97
C GLU B 470 13.49 -36.00 -7.85
N VAL B 471 13.96 -37.18 -8.25
CA VAL B 471 14.33 -38.24 -7.30
C VAL B 471 15.80 -38.06 -6.94
N PRO B 472 16.16 -37.96 -5.66
CA PRO B 472 17.57 -37.78 -5.31
C PRO B 472 18.39 -39.03 -5.66
N GLN B 473 19.70 -38.91 -5.45
CA GLN B 473 20.65 -39.94 -5.84
C GLN B 473 21.65 -40.21 -4.72
N VAL B 474 21.16 -40.46 -3.51
CA VAL B 474 21.99 -40.78 -2.37
C VAL B 474 21.86 -42.25 -1.97
N THR B 475 20.66 -42.83 -2.10
CA THR B 475 20.42 -44.28 -2.00
C THR B 475 21.11 -44.91 -0.78
N TRP B 476 21.03 -44.22 0.36
CA TRP B 476 21.49 -44.71 1.67
C TRP B 476 23.00 -44.89 1.77
N GLU B 477 23.75 -44.65 0.70
CA GLU B 477 25.20 -44.82 0.74
C GLU B 477 25.94 -43.51 0.90
N ASP B 478 25.43 -42.42 0.33
CA ASP B 478 26.01 -41.11 0.60
C ASP B 478 25.93 -40.78 2.08
N ILE B 479 24.79 -41.07 2.70
CA ILE B 479 24.67 -40.93 4.14
C ILE B 479 25.51 -42.01 4.82
N GLY B 480 25.97 -41.70 6.04
CA GLY B 480 26.83 -42.61 6.76
C GLY B 480 26.28 -43.06 8.11
N GLY B 481 25.85 -44.31 8.17
CA GLY B 481 25.54 -44.94 9.45
C GLY B 481 24.43 -44.25 10.22
N LEU B 482 24.72 -44.01 11.51
CA LEU B 482 23.80 -43.63 12.58
C LEU B 482 22.97 -44.83 13.04
N GLU B 483 22.93 -45.90 12.25
CA GLU B 483 22.63 -47.25 12.71
C GLU B 483 21.26 -47.45 13.36
N ASP B 484 20.49 -46.38 13.57
CA ASP B 484 19.18 -46.51 14.17
C ASP B 484 18.10 -45.66 13.52
N VAL B 485 18.43 -44.52 12.91
CA VAL B 485 17.41 -43.68 12.29
C VAL B 485 17.05 -44.17 10.90
N LYS B 486 17.93 -44.93 10.25
CA LYS B 486 17.54 -45.59 9.01
C LYS B 486 16.34 -46.51 9.25
N ARG B 487 16.42 -47.33 10.29
CA ARG B 487 15.31 -48.22 10.61
C ARG B 487 14.07 -47.42 10.99
N GLU B 488 14.24 -46.34 11.76
CA GLU B 488 13.09 -45.55 12.16
C GLU B 488 12.39 -44.93 10.95
N LEU B 489 13.16 -44.36 10.03
CA LEU B 489 12.56 -43.79 8.83
C LEU B 489 11.88 -44.86 8.00
N GLN B 490 12.53 -46.02 7.86
CA GLN B 490 11.90 -47.11 7.12
C GLN B 490 10.56 -47.48 7.73
N GLU B 491 10.52 -47.64 9.05
CA GLU B 491 9.27 -48.01 9.71
C GLU B 491 8.23 -46.90 9.68
N LEU B 492 8.66 -45.65 9.53
CA LEU B 492 7.70 -44.54 9.48
C LEU B 492 7.16 -44.29 8.09
N VAL B 493 7.90 -44.62 7.04
CA VAL B 493 7.45 -44.36 5.67
C VAL B 493 7.49 -45.56 4.75
N GLN B 494 8.26 -46.61 5.06
CA GLN B 494 8.30 -47.80 4.20
C GLN B 494 7.25 -48.84 4.59
N TYR B 495 7.16 -49.17 5.88
CA TYR B 495 6.16 -50.14 6.30
C TYR B 495 4.74 -49.69 6.02
N PRO B 496 4.34 -48.43 6.29
CA PRO B 496 2.95 -48.04 6.00
C PRO B 496 2.53 -48.25 4.57
N VAL B 497 3.43 -48.02 3.61
CA VAL B 497 3.07 -48.22 2.21
C VAL B 497 3.16 -49.69 1.81
N GLU B 498 4.08 -50.45 2.39
CA GLU B 498 4.24 -51.84 2.01
C GLU B 498 3.14 -52.72 2.60
N HIS B 499 2.69 -52.43 3.81
CA HIS B 499 1.73 -53.26 4.53
C HIS B 499 0.60 -52.40 5.09
N PRO B 500 -0.22 -51.81 4.22
CA PRO B 500 -1.37 -51.05 4.72
C PRO B 500 -2.35 -51.89 5.50
N ASP B 501 -2.43 -53.19 5.19
CA ASP B 501 -3.43 -54.05 5.84
C ASP B 501 -3.22 -54.11 7.34
N LYS B 502 -1.97 -54.22 7.80
CA LYS B 502 -1.73 -54.25 9.23
C LYS B 502 -2.11 -52.92 9.88
N PHE B 503 -1.80 -51.81 9.22
CA PHE B 503 -2.18 -50.51 9.77
C PHE B 503 -3.68 -50.36 9.85
N LEU B 504 -4.43 -50.97 8.93
CA LEU B 504 -5.88 -50.99 9.06
C LEU B 504 -6.34 -51.91 10.18
N LYS B 505 -5.65 -53.03 10.38
CA LYS B 505 -6.05 -54.00 11.40
C LYS B 505 -6.02 -53.37 12.78
N PHE B 506 -4.83 -52.95 13.22
CA PHE B 506 -4.70 -52.39 14.56
C PHE B 506 -5.29 -50.98 14.67
N GLY B 507 -5.72 -50.39 13.56
CA GLY B 507 -6.45 -49.14 13.61
C GLY B 507 -5.64 -47.98 14.16
N MET B 508 -4.62 -47.56 13.43
CA MET B 508 -3.83 -46.39 13.80
C MET B 508 -3.43 -45.68 12.52
N THR B 509 -3.82 -44.42 12.38
CA THR B 509 -3.46 -43.65 11.20
C THR B 509 -1.95 -43.45 11.20
N PRO B 510 -1.24 -43.87 10.15
CA PRO B 510 0.22 -43.68 10.14
C PRO B 510 0.57 -42.20 10.17
N SER B 511 1.67 -41.90 10.86
CA SER B 511 2.13 -40.52 10.99
C SER B 511 2.70 -40.05 9.65
N LYS B 512 2.11 -38.99 9.10
CA LYS B 512 2.55 -38.47 7.82
C LYS B 512 3.72 -37.50 7.93
N GLY B 513 4.05 -37.04 9.14
CA GLY B 513 5.06 -36.02 9.31
C GLY B 513 6.15 -36.45 10.26
N VAL B 514 7.37 -36.04 9.94
CA VAL B 514 8.53 -36.25 10.81
C VAL B 514 9.34 -34.96 10.82
N LEU B 515 9.74 -34.53 12.01
CA LEU B 515 10.50 -33.29 12.19
C LEU B 515 11.87 -33.63 12.74
N PHE B 516 12.87 -33.72 11.87
CA PHE B 516 14.24 -33.93 12.31
C PHE B 516 14.73 -32.71 13.09
N TYR B 517 15.49 -32.96 14.15
CA TYR B 517 16.09 -31.88 14.92
C TYR B 517 17.36 -32.38 15.56
N GLY B 518 18.38 -31.53 15.58
CA GLY B 518 19.67 -31.91 16.11
C GLY B 518 20.73 -30.86 15.85
N PRO B 519 21.99 -31.24 16.02
CA PRO B 519 23.09 -30.32 15.73
C PRO B 519 23.03 -29.82 14.31
N PRO B 520 23.40 -28.56 14.05
CA PRO B 520 23.27 -28.04 12.69
C PRO B 520 24.26 -28.70 11.75
N GLY B 521 23.75 -29.64 10.98
CA GLY B 521 24.53 -30.40 10.03
C GLY B 521 24.94 -31.72 10.64
N CYS B 522 24.13 -32.75 10.45
CA CYS B 522 24.53 -34.11 10.83
C CYS B 522 23.92 -35.12 9.87
N GLY B 523 23.25 -34.65 8.81
CA GLY B 523 22.63 -35.53 7.85
C GLY B 523 21.12 -35.40 7.75
N LYS B 524 20.59 -34.20 8.00
CA LYS B 524 19.15 -33.99 7.88
C LYS B 524 18.71 -34.10 6.43
N THR B 525 19.23 -33.21 5.58
CA THR B 525 18.88 -33.25 4.17
C THR B 525 19.30 -34.58 3.55
N LEU B 526 20.45 -35.11 3.97
CA LEU B 526 20.87 -36.41 3.46
C LEU B 526 19.88 -37.49 3.84
N LEU B 527 19.38 -37.47 5.08
CA LEU B 527 18.39 -38.47 5.49
C LEU B 527 17.13 -38.34 4.66
N ALA B 528 16.66 -37.11 4.46
CA ALA B 528 15.43 -36.93 3.69
C ALA B 528 15.60 -37.40 2.26
N LYS B 529 16.71 -37.05 1.64
CA LYS B 529 16.96 -37.49 0.27
C LYS B 529 17.09 -39.01 0.20
N ALA B 530 17.77 -39.61 1.17
CA ALA B 530 17.94 -41.05 1.14
C ALA B 530 16.62 -41.78 1.30
N ILE B 531 15.79 -41.34 2.25
CA ILE B 531 14.52 -42.02 2.42
C ILE B 531 13.63 -41.80 1.20
N ALA B 532 13.72 -40.63 0.56
CA ALA B 532 12.98 -40.42 -0.68
C ALA B 532 13.45 -41.37 -1.75
N ASN B 533 14.77 -41.53 -1.90
CA ASN B 533 15.30 -42.40 -2.95
C ASN B 533 14.92 -43.85 -2.71
N GLU B 534 14.94 -44.29 -1.45
CA GLU B 534 14.59 -45.68 -1.14
C GLU B 534 13.15 -45.97 -1.56
N CYS B 535 12.27 -44.99 -1.42
CA CYS B 535 10.87 -45.16 -1.80
C CYS B 535 10.63 -44.87 -3.27
N GLN B 536 11.65 -44.43 -4.01
CA GLN B 536 11.49 -44.08 -5.42
C GLN B 536 10.40 -43.02 -5.58
N ALA B 537 10.56 -41.93 -4.84
CA ALA B 537 9.57 -40.88 -4.77
C ALA B 537 10.23 -39.53 -5.02
N ASN B 538 9.43 -38.60 -5.52
CA ASN B 538 9.93 -37.26 -5.76
C ASN B 538 10.26 -36.56 -4.46
N PHE B 539 11.25 -35.67 -4.50
CA PHE B 539 11.76 -34.97 -3.32
C PHE B 539 11.68 -33.47 -3.59
N ILE B 540 10.64 -32.84 -3.05
CA ILE B 540 10.41 -31.41 -3.25
C ILE B 540 11.19 -30.67 -2.16
N SER B 541 12.44 -30.35 -2.47
CA SER B 541 13.26 -29.58 -1.54
C SER B 541 12.70 -28.17 -1.37
N ILE B 542 12.69 -27.69 -0.13
CA ILE B 542 12.30 -26.32 0.18
C ILE B 542 13.34 -25.80 1.17
N LYS B 543 14.35 -25.10 0.66
CA LYS B 543 15.38 -24.55 1.52
C LYS B 543 14.80 -23.44 2.40
N GLY B 544 15.45 -23.24 3.56
CA GLY B 544 15.06 -22.19 4.47
C GLY B 544 15.07 -20.79 3.90
N PRO B 545 16.08 -20.43 3.09
CA PRO B 545 16.05 -19.11 2.47
C PRO B 545 14.78 -18.80 1.70
N GLU B 546 14.20 -19.77 1.00
CA GLU B 546 12.97 -19.45 0.27
C GLU B 546 11.82 -19.20 1.23
N LEU B 547 11.79 -19.88 2.38
CA LEU B 547 10.78 -19.57 3.39
C LEU B 547 11.01 -18.19 3.98
N LEU B 548 12.26 -17.80 4.19
CA LEU B 548 12.53 -16.44 4.66
C LEU B 548 12.07 -15.42 3.65
N THR B 549 12.30 -15.68 2.36
CA THR B 549 11.79 -14.79 1.33
C THR B 549 10.27 -14.74 1.35
N MET B 550 9.63 -15.88 1.57
CA MET B 550 8.18 -15.93 1.71
C MET B 550 7.72 -15.00 2.82
N TRP B 551 8.37 -15.09 3.98
CA TRP B 551 8.00 -14.25 5.11
C TRP B 551 8.24 -12.78 4.81
N PHE B 552 9.38 -12.45 4.21
CA PHE B 552 9.71 -11.07 3.93
C PHE B 552 8.89 -10.51 2.78
N GLY B 553 8.58 -11.32 1.78
CA GLY B 553 7.82 -10.86 0.63
C GLY B 553 6.38 -10.51 0.95
N GLU B 554 5.89 -10.82 2.15
CA GLU B 554 4.52 -10.54 2.54
C GLU B 554 3.52 -11.23 1.62
N SER B 555 3.93 -12.33 0.98
CA SER B 555 3.09 -13.07 0.05
C SER B 555 3.12 -14.53 0.46
N GLU B 556 1.98 -15.06 0.85
CA GLU B 556 1.85 -16.46 1.25
C GLU B 556 1.09 -17.30 0.23
N ALA B 557 0.57 -16.69 -0.83
CA ALA B 557 -0.04 -17.48 -1.90
C ALA B 557 0.98 -18.38 -2.58
N ASN B 558 2.26 -18.02 -2.53
CA ASN B 558 3.27 -18.91 -3.08
C ASN B 558 3.41 -20.17 -2.26
N VAL B 559 3.03 -20.15 -0.98
CA VAL B 559 2.99 -21.38 -0.21
C VAL B 559 1.87 -22.28 -0.73
N ARG B 560 0.70 -21.70 -1.01
CA ARG B 560 -0.35 -22.43 -1.69
C ARG B 560 0.17 -23.05 -2.98
N GLU B 561 0.93 -22.27 -3.76
CA GLU B 561 1.47 -22.79 -5.01
C GLU B 561 2.43 -23.95 -4.77
N ILE B 562 3.31 -23.82 -3.78
CA ILE B 562 4.29 -24.87 -3.50
C ILE B 562 3.59 -26.15 -3.09
N PHE B 563 2.61 -26.05 -2.19
CA PHE B 563 1.92 -27.24 -1.74
C PHE B 563 1.10 -27.86 -2.86
N ASP B 564 0.51 -27.03 -3.73
CA ASP B 564 -0.21 -27.58 -4.88
C ASP B 564 0.74 -28.33 -5.80
N LYS B 565 1.93 -27.78 -6.04
CA LYS B 565 2.89 -28.47 -6.89
C LYS B 565 3.35 -29.78 -6.25
N ALA B 566 3.54 -29.77 -4.93
CA ALA B 566 3.89 -31.00 -4.23
C ALA B 566 2.78 -32.03 -4.39
N ARG B 567 1.52 -31.60 -4.27
CA ARG B 567 0.39 -32.51 -4.43
C ARG B 567 0.32 -33.05 -5.84
N GLN B 568 0.69 -32.25 -6.84
CA GLN B 568 0.68 -32.73 -8.22
C GLN B 568 1.61 -33.92 -8.40
N ALA B 569 2.80 -33.85 -7.81
CA ALA B 569 3.69 -35.01 -7.79
C ALA B 569 3.17 -36.01 -6.77
N ALA B 570 2.73 -37.18 -7.24
CA ALA B 570 1.97 -38.09 -6.38
C ALA B 570 2.85 -38.61 -5.23
N PRO B 571 3.91 -39.38 -5.49
CA PRO B 571 4.81 -39.76 -4.40
C PRO B 571 5.82 -38.66 -4.11
N CYS B 572 5.63 -37.96 -3.00
CA CYS B 572 6.46 -36.82 -2.65
C CYS B 572 6.97 -36.94 -1.22
N VAL B 573 8.13 -36.34 -0.98
CA VAL B 573 8.80 -36.38 0.32
C VAL B 573 9.03 -34.95 0.80
N LEU B 574 8.06 -34.07 0.56
CA LEU B 574 8.16 -32.64 0.82
C LEU B 574 9.00 -32.35 2.05
N PHE B 575 10.06 -31.57 1.88
CA PHE B 575 11.11 -31.40 2.87
C PHE B 575 11.28 -29.92 3.16
N PHE B 576 11.05 -29.53 4.41
CA PHE B 576 11.23 -28.16 4.87
C PHE B 576 12.54 -28.10 5.63
N ASP B 577 13.60 -27.65 4.95
CA ASP B 577 14.91 -27.49 5.58
C ASP B 577 14.92 -26.20 6.37
N GLU B 578 15.65 -26.21 7.49
CA GLU B 578 15.76 -25.04 8.35
C GLU B 578 14.38 -24.52 8.74
N LEU B 579 13.51 -25.43 9.10
CA LEU B 579 12.15 -25.06 9.48
C LEU B 579 12.17 -24.09 10.65
N ASP B 580 11.25 -23.14 10.64
CA ASP B 580 11.20 -22.06 11.62
C ASP B 580 12.50 -21.27 11.63
N SER B 581 13.17 -21.20 10.48
CA SER B 581 14.21 -20.20 10.29
C SER B 581 13.64 -18.81 10.40
N ILE B 582 12.33 -18.66 10.17
CA ILE B 582 11.67 -17.37 10.41
C ILE B 582 11.78 -16.99 11.87
N ALA B 583 11.57 -17.96 12.76
CA ALA B 583 11.74 -17.69 14.18
C ALA B 583 13.16 -17.26 14.50
N LYS B 584 14.15 -17.90 13.86
CA LYS B 584 15.54 -17.49 14.05
C LYS B 584 15.78 -16.09 13.53
N ALA B 585 15.04 -15.68 12.49
CA ALA B 585 15.23 -14.36 11.93
C ALA B 585 14.65 -13.27 12.83
N ARG B 586 13.51 -13.55 13.47
CA ARG B 586 12.83 -12.56 14.31
C ARG B 586 13.28 -12.67 15.76
N GLY B 587 14.59 -12.48 15.96
CA GLY B 587 15.15 -12.45 17.29
C GLY B 587 15.57 -13.78 17.86
N GLY B 588 15.25 -14.89 17.19
CA GLY B 588 15.67 -16.18 17.69
C GLY B 588 15.06 -16.51 19.04
N ASN B 589 15.90 -17.03 19.94
CA ASN B 589 15.42 -17.49 21.24
C ASN B 589 14.81 -16.34 22.04
N ILE B 590 15.32 -15.12 21.86
CA ILE B 590 14.76 -13.99 22.59
C ILE B 590 13.30 -13.78 22.23
N GLY B 591 12.98 -13.89 20.94
CA GLY B 591 11.62 -13.68 20.51
C GLY B 591 11.14 -12.26 20.71
N ASP B 592 12.01 -11.28 20.49
CA ASP B 592 11.62 -9.88 20.66
C ASP B 592 10.47 -9.51 19.73
N GLY B 593 10.41 -10.14 18.55
CA GLY B 593 9.31 -9.84 17.64
C GLY B 593 7.96 -10.19 18.22
N GLY B 594 7.87 -11.33 18.88
CA GLY B 594 6.60 -11.75 19.47
C GLY B 594 6.63 -13.19 19.90
N GLY B 595 5.47 -13.84 19.78
CA GLY B 595 5.33 -15.22 20.20
C GLY B 595 5.91 -16.19 19.20
N ALA B 596 5.81 -17.48 19.55
CA ALA B 596 6.39 -18.51 18.71
C ALA B 596 5.75 -18.54 17.32
N ALA B 597 4.42 -18.42 17.27
CA ALA B 597 3.73 -18.44 16.00
C ALA B 597 4.13 -17.23 15.16
N ASP B 598 4.20 -17.42 13.85
CA ASP B 598 4.61 -16.37 12.94
C ASP B 598 3.83 -16.44 11.63
N ARG B 599 4.30 -15.75 10.59
CA ARG B 599 3.48 -15.51 9.41
C ARG B 599 3.41 -16.72 8.50
N VAL B 600 4.56 -17.14 7.94
CA VAL B 600 4.54 -18.15 6.89
C VAL B 600 4.30 -19.54 7.47
N ILE B 601 4.80 -19.81 8.67
CA ILE B 601 4.57 -21.12 9.26
C ILE B 601 3.08 -21.33 9.50
N ASN B 602 2.32 -20.25 9.67
CA ASN B 602 0.87 -20.40 9.78
C ASN B 602 0.27 -20.96 8.50
N GLN B 603 0.68 -20.41 7.36
CA GLN B 603 0.20 -20.94 6.08
C GLN B 603 0.66 -22.37 5.89
N ILE B 604 1.89 -22.67 6.30
CA ILE B 604 2.38 -24.05 6.20
C ILE B 604 1.51 -24.97 7.05
N LEU B 605 1.15 -24.54 8.25
CA LEU B 605 0.30 -25.35 9.12
C LEU B 605 -1.06 -25.57 8.47
N THR B 606 -1.66 -24.53 7.91
CA THR B 606 -2.95 -24.69 7.26
C THR B 606 -2.87 -25.67 6.11
N GLU B 607 -1.84 -25.54 5.26
CA GLU B 607 -1.71 -26.45 4.12
C GLU B 607 -1.50 -27.89 4.59
N MET B 608 -0.66 -28.08 5.61
CA MET B 608 -0.44 -29.43 6.12
C MET B 608 -1.72 -30.02 6.69
N ASP B 609 -2.51 -29.22 7.40
CA ASP B 609 -3.80 -29.69 7.87
C ASP B 609 -4.68 -30.10 6.70
N GLY B 610 -4.64 -29.34 5.61
CA GLY B 610 -5.33 -29.76 4.40
C GLY B 610 -4.64 -30.86 3.64
N MET B 611 -3.37 -31.14 3.94
CA MET B 611 -2.59 -32.16 3.24
C MET B 611 -2.39 -33.41 4.10
N SER B 612 -3.34 -33.70 4.98
CA SER B 612 -3.34 -34.96 5.74
C SER B 612 -4.18 -36.03 5.07
N THR B 613 -4.82 -35.72 3.94
CA THR B 613 -5.68 -36.67 3.24
C THR B 613 -5.04 -37.25 1.99
N LYS B 614 -4.06 -36.57 1.41
CA LYS B 614 -3.42 -37.07 0.20
C LYS B 614 -2.77 -38.43 0.44
N LYS B 615 -2.28 -38.67 1.66
CA LYS B 615 -1.65 -39.92 2.05
C LYS B 615 -0.65 -40.43 1.00
N ASN B 616 -0.04 -39.51 0.26
CA ASN B 616 1.01 -39.88 -0.67
C ASN B 616 2.13 -38.85 -0.68
N VAL B 617 2.11 -37.87 0.22
CA VAL B 617 3.11 -36.81 0.29
C VAL B 617 3.61 -36.80 1.73
N PHE B 618 4.72 -37.48 1.99
CA PHE B 618 5.29 -37.58 3.32
C PHE B 618 6.08 -36.31 3.60
N ILE B 619 5.64 -35.55 4.59
CA ILE B 619 6.23 -34.24 4.88
C ILE B 619 7.32 -34.42 5.92
N ILE B 620 8.49 -33.83 5.66
CA ILE B 620 9.64 -33.91 6.55
C ILE B 620 10.06 -32.50 6.90
N GLY B 621 10.48 -32.29 8.13
CA GLY B 621 11.00 -31.01 8.58
C GLY B 621 12.36 -31.21 9.24
N ALA B 622 13.25 -30.23 9.05
CA ALA B 622 14.63 -30.35 9.51
C ALA B 622 15.04 -29.10 10.28
N THR B 623 14.23 -28.71 11.26
CA THR B 623 14.59 -27.60 12.13
C THR B 623 15.91 -27.87 12.83
N ASN B 624 16.79 -26.88 12.85
CA ASN B 624 18.06 -26.98 13.55
C ASN B 624 18.00 -26.40 14.97
N ARG B 625 16.95 -25.66 15.30
CA ARG B 625 16.78 -25.06 16.61
C ARG B 625 15.40 -25.43 17.12
N PRO B 626 15.23 -26.65 17.64
CA PRO B 626 13.88 -27.09 18.04
C PRO B 626 13.28 -26.26 19.16
N ASP B 627 14.08 -25.59 19.98
CA ASP B 627 13.52 -24.82 21.08
C ASP B 627 12.69 -23.64 20.61
N ILE B 628 12.95 -23.13 19.39
CA ILE B 628 12.14 -22.04 18.83
C ILE B 628 11.08 -22.54 17.87
N ILE B 629 10.94 -23.86 17.70
CA ILE B 629 9.88 -24.39 16.87
C ILE B 629 8.54 -24.00 17.47
N ASP B 630 7.63 -23.54 16.64
CA ASP B 630 6.30 -23.20 17.13
C ASP B 630 5.57 -24.48 17.54
N PRO B 631 5.07 -24.60 18.76
CA PRO B 631 4.44 -25.87 19.17
C PRO B 631 3.23 -26.23 18.35
N ALA B 632 2.63 -25.27 17.63
CA ALA B 632 1.46 -25.56 16.82
C ALA B 632 1.72 -26.63 15.76
N ILE B 633 2.99 -26.83 15.39
CA ILE B 633 3.32 -27.84 14.38
C ILE B 633 3.62 -29.20 14.98
N LEU B 634 3.73 -29.30 16.30
CA LEU B 634 3.90 -30.59 16.97
C LEU B 634 2.56 -31.10 17.47
N ARG B 635 1.69 -31.40 16.52
CA ARG B 635 0.32 -31.83 16.79
C ARG B 635 -0.04 -32.95 15.83
N PRO B 636 -0.94 -33.86 16.22
CA PRO B 636 -1.36 -34.90 15.27
C PRO B 636 -1.94 -34.28 14.01
N GLY B 637 -1.71 -34.98 12.89
CA GLY B 637 -2.01 -34.42 11.59
C GLY B 637 -0.95 -33.52 11.02
N ARG B 638 0.13 -33.27 11.78
CA ARG B 638 1.21 -32.40 11.34
C ARG B 638 2.52 -33.12 11.65
N LEU B 639 3.63 -32.40 11.55
CA LEU B 639 4.94 -32.97 11.87
C LEU B 639 4.95 -33.27 13.37
N ASP B 640 4.56 -34.50 13.71
CA ASP B 640 4.44 -34.92 15.10
C ASP B 640 5.55 -35.86 15.53
N GLN B 641 5.96 -36.80 14.68
CA GLN B 641 7.01 -37.73 15.02
C GLN B 641 8.35 -37.00 15.04
N LEU B 642 9.05 -37.09 16.16
CA LEU B 642 10.32 -36.41 16.37
C LEU B 642 11.44 -37.45 16.39
N ILE B 643 12.45 -37.22 15.56
CA ILE B 643 13.62 -38.10 15.48
C ILE B 643 14.84 -37.24 15.75
N TYR B 644 15.53 -37.50 16.85
CA TYR B 644 16.72 -36.73 17.23
C TYR B 644 17.93 -37.39 16.59
N ILE B 645 18.21 -36.98 15.36
CA ILE B 645 19.42 -37.47 14.68
C ILE B 645 20.60 -36.85 15.42
N PRO B 646 21.47 -37.65 16.06
CA PRO B 646 22.52 -37.05 16.89
C PRO B 646 23.82 -36.80 16.14
N LEU B 647 24.82 -36.26 16.83
CA LEU B 647 26.14 -36.13 16.24
C LEU B 647 26.67 -37.53 15.95
N PRO B 648 27.52 -37.71 14.94
CA PRO B 648 28.04 -39.05 14.66
C PRO B 648 28.84 -39.60 15.83
N ASP B 649 28.72 -40.91 16.03
CA ASP B 649 29.45 -41.61 17.07
C ASP B 649 30.79 -42.10 16.52
N GLU B 650 31.61 -42.68 17.41
CA GLU B 650 32.91 -43.19 16.99
C GLU B 650 32.77 -44.22 15.88
N LYS B 651 31.86 -45.18 16.06
CA LYS B 651 31.63 -46.18 15.04
C LYS B 651 31.04 -45.58 13.76
N SER B 652 30.44 -44.40 13.85
CA SER B 652 29.81 -43.79 12.69
C SER B 652 30.75 -42.92 11.87
N ARG B 653 31.68 -42.21 12.51
CA ARG B 653 32.52 -41.28 11.77
C ARG B 653 33.39 -41.99 10.75
N VAL B 654 33.79 -43.23 11.02
CA VAL B 654 34.55 -43.98 10.03
C VAL B 654 33.71 -44.19 8.77
N ALA B 655 32.43 -44.54 8.96
CA ALA B 655 31.54 -44.66 7.80
C ALA B 655 31.34 -43.32 7.12
N ILE B 656 31.24 -42.25 7.89
CA ILE B 656 31.09 -40.92 7.32
C ILE B 656 32.26 -40.62 6.38
N LEU B 657 33.48 -40.85 6.87
CA LEU B 657 34.66 -40.56 6.07
C LEU B 657 34.76 -41.50 4.87
N LYS B 658 34.39 -42.77 5.06
CA LYS B 658 34.40 -43.69 3.92
C LYS B 658 33.45 -43.22 2.84
N ALA B 659 32.26 -42.75 3.23
CA ALA B 659 31.30 -42.26 2.24
C ALA B 659 31.80 -41.00 1.56
N ASN B 660 32.33 -40.04 2.33
CA ASN B 660 32.77 -38.78 1.75
C ASN B 660 33.97 -38.98 0.83
N LEU B 661 34.96 -39.78 1.27
CA LEU B 661 36.13 -40.03 0.45
C LEU B 661 35.82 -40.91 -0.76
N ARG B 662 34.63 -41.50 -0.82
CA ARG B 662 34.23 -42.26 -1.99
C ARG B 662 34.29 -41.37 -3.22
N LYS B 663 34.40 -42.01 -4.39
CA LYS B 663 34.48 -41.36 -5.69
C LYS B 663 35.72 -40.48 -5.82
N SER B 664 36.66 -40.57 -4.87
CA SER B 664 37.89 -39.80 -4.89
C SER B 664 39.03 -40.76 -4.55
N PRO B 665 40.13 -40.77 -5.31
CA PRO B 665 41.23 -41.66 -4.96
C PRO B 665 41.77 -41.37 -3.57
N VAL B 666 42.10 -42.43 -2.84
CA VAL B 666 42.65 -42.33 -1.49
C VAL B 666 43.76 -43.36 -1.35
N ALA B 667 44.85 -42.96 -0.71
CA ALA B 667 45.96 -43.86 -0.45
C ALA B 667 45.63 -44.79 0.71
N LYS B 668 46.39 -45.87 0.81
CA LYS B 668 46.19 -46.86 1.86
C LYS B 668 46.83 -46.45 3.18
N ASP B 669 47.70 -45.43 3.18
CA ASP B 669 48.40 -45.05 4.39
C ASP B 669 47.46 -44.40 5.41
N VAL B 670 46.45 -43.67 4.94
CA VAL B 670 45.57 -42.96 5.86
C VAL B 670 44.79 -43.95 6.71
N ASP B 671 44.76 -43.72 8.01
CA ASP B 671 44.02 -44.55 8.97
C ASP B 671 42.84 -43.73 9.47
N LEU B 672 41.64 -44.10 9.04
CA LEU B 672 40.45 -43.32 9.35
C LEU B 672 39.99 -43.48 10.79
N GLU B 673 40.27 -44.62 11.43
CA GLU B 673 39.82 -44.84 12.79
C GLU B 673 40.47 -43.84 13.75
N PHE B 674 41.78 -43.63 13.63
CA PHE B 674 42.45 -42.69 14.51
C PHE B 674 41.96 -41.28 14.27
N LEU B 675 41.70 -40.92 13.01
CA LEU B 675 41.16 -39.59 12.72
C LEU B 675 39.77 -39.43 13.32
N ALA B 676 38.94 -40.48 13.26
CA ALA B 676 37.62 -40.41 13.85
C ALA B 676 37.72 -40.22 15.36
N LYS B 677 38.61 -40.96 16.02
CA LYS B 677 38.79 -40.77 17.45
C LYS B 677 39.30 -39.36 17.76
N MET B 678 40.20 -38.84 16.93
CA MET B 678 40.72 -37.50 17.13
C MET B 678 39.61 -36.45 17.05
N THR B 679 38.69 -36.61 16.10
CA THR B 679 37.54 -35.70 15.94
C THR B 679 36.38 -36.30 16.72
N ASN B 680 36.27 -35.90 17.99
CA ASN B 680 35.26 -36.50 18.87
C ASN B 680 33.90 -35.87 18.66
N GLY B 681 33.76 -34.58 18.93
CA GLY B 681 32.48 -33.92 18.87
C GLY B 681 32.19 -33.29 17.53
N PHE B 682 33.02 -33.58 16.53
CA PHE B 682 32.87 -32.94 15.23
C PHE B 682 31.57 -33.40 14.57
N SER B 683 30.87 -32.44 13.97
CA SER B 683 29.63 -32.73 13.26
C SER B 683 29.94 -33.20 11.84
N GLY B 684 28.92 -33.78 11.20
CA GLY B 684 29.10 -34.26 9.84
C GLY B 684 29.56 -33.17 8.90
N ALA B 685 29.02 -31.96 9.06
CA ALA B 685 29.50 -30.84 8.27
C ALA B 685 30.99 -30.62 8.50
N ASP B 686 31.43 -30.74 9.75
CA ASP B 686 32.85 -30.57 10.05
C ASP B 686 33.68 -31.69 9.45
N LEU B 687 33.15 -32.93 9.44
CA LEU B 687 33.89 -34.03 8.86
C LEU B 687 34.06 -33.85 7.36
N THR B 688 32.99 -33.49 6.65
CA THR B 688 33.12 -33.22 5.23
C THR B 688 34.01 -32.00 4.98
N GLU B 689 34.00 -31.02 5.89
CA GLU B 689 34.90 -29.88 5.75
C GLU B 689 36.35 -30.35 5.86
N ILE B 690 36.64 -31.25 6.79
CA ILE B 690 37.99 -31.80 6.89
C ILE B 690 38.37 -32.52 5.61
N CYS B 691 37.45 -33.32 5.07
CA CYS B 691 37.74 -34.04 3.83
C CYS B 691 38.04 -33.07 2.70
N GLN B 692 37.21 -32.04 2.55
CA GLN B 692 37.41 -31.08 1.47
C GLN B 692 38.70 -30.31 1.64
N ARG B 693 39.03 -29.94 2.88
CA ARG B 693 40.28 -29.23 3.13
C ARG B 693 41.49 -30.10 2.81
N ALA B 694 41.45 -31.37 3.20
CA ALA B 694 42.54 -32.28 2.87
C ALA B 694 42.68 -32.43 1.36
N CYS B 695 41.55 -32.58 0.67
CA CYS B 695 41.60 -32.71 -0.78
C CYS B 695 42.14 -31.43 -1.42
N LYS B 696 41.77 -30.27 -0.88
CA LYS B 696 42.28 -29.01 -1.38
C LYS B 696 43.79 -28.92 -1.21
N LEU B 697 44.29 -29.32 -0.04
CA LEU B 697 45.73 -29.31 0.18
C LEU B 697 46.43 -30.27 -0.78
N ALA B 698 45.87 -31.45 -0.97
CA ALA B 698 46.49 -32.43 -1.86
C ALA B 698 46.51 -31.94 -3.31
N ILE B 699 45.41 -31.34 -3.77
CA ILE B 699 45.38 -30.87 -5.14
C ILE B 699 46.27 -29.65 -5.31
N ARG B 700 46.39 -28.81 -4.28
CA ARG B 700 47.36 -27.72 -4.34
C ARG B 700 48.77 -28.25 -4.49
N GLU B 701 49.11 -29.29 -3.71
CA GLU B 701 50.42 -29.90 -3.85
C GLU B 701 50.62 -30.48 -5.24
N SER B 702 49.59 -31.14 -5.78
CA SER B 702 49.70 -31.73 -7.10
C SER B 702 49.89 -30.65 -8.17
N ILE B 703 49.15 -29.55 -8.06
CA ILE B 703 49.28 -28.46 -9.03
C ILE B 703 50.67 -27.85 -8.96
N GLU B 704 51.18 -27.63 -7.76
CA GLU B 704 52.53 -27.10 -7.62
C GLU B 704 53.55 -28.05 -8.23
N SER B 705 53.40 -29.34 -7.96
CA SER B 705 54.32 -30.33 -8.51
C SER B 705 54.29 -30.31 -10.03
N GLU B 706 53.09 -30.28 -10.62
CA GLU B 706 52.99 -30.26 -12.08
C GLU B 706 53.56 -28.97 -12.66
N ILE B 707 53.33 -27.83 -12.00
CA ILE B 707 53.86 -26.57 -12.50
C ILE B 707 55.38 -26.62 -12.51
N ARG B 708 55.99 -27.06 -11.41
CA ARG B 708 57.45 -27.10 -11.37
C ARG B 708 57.99 -28.14 -12.34
N ARG B 709 57.29 -29.25 -12.53
CA ARG B 709 57.74 -30.25 -13.51
C ARG B 709 57.71 -29.68 -14.92
N GLU B 710 56.64 -28.97 -15.28
CA GLU B 710 56.56 -28.37 -16.60
C GLU B 710 57.63 -27.31 -16.78
N ARG B 711 57.86 -26.50 -15.75
CA ARG B 711 58.91 -25.48 -15.83
C ARG B 711 60.27 -26.13 -16.03
N GLU B 712 60.55 -27.22 -15.29
CA GLU B 712 61.83 -27.91 -15.45
C GLU B 712 61.96 -28.50 -16.85
N ARG B 713 60.88 -29.09 -17.37
CA ARG B 713 60.94 -29.69 -18.70
C ARG B 713 61.19 -28.64 -19.78
N GLN B 714 60.51 -27.49 -19.68
CA GLN B 714 60.66 -26.45 -20.69
C GLN B 714 62.00 -25.73 -20.61
N THR B 715 62.64 -25.75 -19.45
CA THR B 715 63.89 -25.02 -19.25
C THR B 715 65.06 -25.85 -19.76
N ASN B 716 66.29 -25.43 -19.41
CA ASN B 716 67.55 -26.04 -19.83
C ASN B 716 67.53 -27.57 -19.87
N PRO B 717 66.93 -28.25 -18.88
CA PRO B 717 66.93 -29.73 -18.94
C PRO B 717 66.35 -30.30 -20.23
N SER B 718 65.34 -29.64 -20.80
CA SER B 718 64.76 -30.11 -22.05
C SER B 718 64.01 -28.99 -22.76
N ASP B 726 56.96 -39.56 -10.12
CA ASP B 726 55.50 -39.56 -10.00
C ASP B 726 55.02 -38.21 -9.48
N PRO B 727 53.81 -37.79 -9.86
CA PRO B 727 53.25 -36.54 -9.33
C PRO B 727 52.48 -36.67 -8.03
N VAL B 728 52.56 -37.82 -7.37
CA VAL B 728 51.79 -38.08 -6.15
C VAL B 728 50.31 -37.94 -6.47
N PRO B 729 49.72 -38.85 -7.28
CA PRO B 729 48.29 -38.76 -7.61
C PRO B 729 47.39 -39.41 -6.56
N GLU B 730 47.67 -39.12 -5.30
CA GLU B 730 46.92 -39.69 -4.19
C GLU B 730 46.99 -38.73 -3.02
N ILE B 731 46.10 -38.92 -2.05
CA ILE B 731 46.07 -38.12 -0.83
C ILE B 731 46.66 -38.97 0.29
N ARG B 732 47.64 -38.42 1.00
CA ARG B 732 48.35 -39.12 2.06
C ARG B 732 48.15 -38.39 3.38
N ARG B 733 48.59 -39.03 4.46
CA ARG B 733 48.21 -38.58 5.79
C ARG B 733 48.73 -37.19 6.13
N ASP B 734 49.81 -36.73 5.50
CA ASP B 734 50.31 -35.39 5.80
C ASP B 734 49.28 -34.33 5.45
N HIS B 735 48.62 -34.49 4.30
CA HIS B 735 47.55 -33.56 3.93
C HIS B 735 46.41 -33.63 4.94
N PHE B 736 46.06 -34.84 5.38
CA PHE B 736 44.94 -34.99 6.31
C PHE B 736 45.24 -34.28 7.63
N GLU B 737 46.45 -34.47 8.17
CA GLU B 737 46.77 -33.82 9.43
C GLU B 737 46.91 -32.30 9.26
N GLU B 738 47.43 -31.86 8.10
CA GLU B 738 47.49 -30.42 7.85
C GLU B 738 46.10 -29.83 7.81
N ALA B 739 45.15 -30.51 7.18
CA ALA B 739 43.77 -30.05 7.18
C ALA B 739 43.18 -30.06 8.59
N MET B 740 43.48 -31.11 9.36
CA MET B 740 42.95 -31.22 10.71
C MET B 740 43.43 -30.06 11.58
N ARG B 741 44.67 -29.61 11.36
CA ARG B 741 45.17 -28.46 12.10
C ARG B 741 44.23 -27.27 11.98
N PHE B 742 43.65 -27.07 10.80
CA PHE B 742 42.80 -25.90 10.57
C PHE B 742 41.37 -26.15 11.03
N ALA B 743 40.74 -27.20 10.51
CA ALA B 743 39.33 -27.44 10.78
C ALA B 743 39.11 -27.73 12.26
N ARG B 744 37.99 -27.24 12.80
CA ARG B 744 37.61 -27.47 14.17
C ARG B 744 36.10 -27.63 14.25
N ARG B 745 35.64 -28.27 15.32
CA ARG B 745 34.22 -28.51 15.52
C ARG B 745 33.47 -27.19 15.57
N SER B 746 32.35 -27.12 14.83
CA SER B 746 31.57 -25.89 14.74
C SER B 746 30.42 -25.84 15.73
N VAL B 747 30.00 -26.97 16.27
CA VAL B 747 28.90 -27.02 17.23
C VAL B 747 29.50 -27.24 18.62
N SER B 748 29.17 -26.34 19.54
CA SER B 748 29.74 -26.38 20.88
C SER B 748 29.03 -27.42 21.74
N ASP B 749 29.68 -27.77 22.85
CA ASP B 749 29.06 -28.70 23.80
C ASP B 749 27.75 -28.14 24.36
N ASN B 750 27.65 -26.81 24.44
CA ASN B 750 26.43 -26.20 24.94
C ASN B 750 25.24 -26.53 24.04
N ASP B 751 25.45 -26.52 22.73
CA ASP B 751 24.34 -26.77 21.81
C ASP B 751 23.85 -28.21 21.92
N ILE B 752 24.78 -29.17 21.96
CA ILE B 752 24.36 -30.56 22.09
C ILE B 752 23.72 -30.81 23.45
N ARG B 753 24.22 -30.14 24.49
CA ARG B 753 23.56 -30.25 25.80
C ARG B 753 22.14 -29.71 25.73
N LYS B 754 21.94 -28.60 25.00
CA LYS B 754 20.59 -28.04 24.86
C LYS B 754 19.68 -29.00 24.12
N TYR B 755 20.17 -29.62 23.05
CA TYR B 755 19.36 -30.58 22.32
C TYR B 755 19.02 -31.79 23.19
N GLU B 756 19.98 -32.25 23.98
CA GLU B 756 19.73 -33.35 24.90
C GLU B 756 18.69 -32.97 25.94
N MET B 757 18.75 -31.74 26.43
CA MET B 757 17.74 -31.27 27.37
C MET B 757 16.36 -31.25 26.73
N PHE B 758 16.28 -30.82 25.46
CA PHE B 758 15.01 -30.86 24.75
C PHE B 758 14.51 -32.30 24.63
N ALA B 759 15.41 -33.23 24.32
CA ALA B 759 15.03 -34.63 24.25
C ALA B 759 14.49 -35.13 25.59
N GLN B 760 15.16 -34.75 26.69
CA GLN B 760 14.69 -35.15 28.01
C GLN B 760 13.33 -34.57 28.30
N THR B 761 13.09 -33.33 27.89
CA THR B 761 11.74 -32.77 27.98
C THR B 761 10.76 -33.63 27.21
N LEU B 762 11.18 -34.20 26.08
CA LEU B 762 10.35 -35.15 25.35
C LEU B 762 10.54 -36.57 25.88
N GLN B 763 11.70 -37.16 25.62
CA GLN B 763 12.04 -38.46 26.19
C GLN B 763 12.59 -38.25 27.60
N GLU C 200 26.02 4.55 -44.58
CA GLU C 200 26.97 3.47 -44.82
C GLU C 200 27.97 3.36 -43.68
N VAL C 201 27.92 2.23 -42.96
CA VAL C 201 28.81 1.97 -41.85
C VAL C 201 29.34 0.53 -41.98
N GLY C 202 30.12 0.11 -41.00
CA GLY C 202 30.68 -1.22 -41.04
C GLY C 202 31.37 -1.56 -39.75
N TYR C 203 32.10 -2.67 -39.76
CA TYR C 203 32.79 -3.13 -38.56
C TYR C 203 33.78 -2.10 -38.06
N ASP C 204 34.38 -1.32 -38.97
CA ASP C 204 35.33 -0.29 -38.55
C ASP C 204 34.64 0.76 -37.69
N ASP C 205 33.41 1.13 -38.05
CA ASP C 205 32.71 2.19 -37.31
C ASP C 205 32.48 1.79 -35.86
N ILE C 206 32.10 0.53 -35.62
CA ILE C 206 31.85 0.08 -34.27
C ILE C 206 33.16 0.06 -33.50
N GLY C 207 33.16 0.65 -32.31
CA GLY C 207 34.35 0.67 -31.47
C GLY C 207 33.99 0.30 -30.04
N GLY C 208 34.94 -0.34 -29.37
CA GLY C 208 34.74 -0.76 -28.00
C GLY C 208 33.92 -2.02 -27.88
N CYS C 209 32.81 -2.08 -28.61
CA CYS C 209 32.04 -3.30 -28.71
C CYS C 209 32.83 -4.33 -29.52
N ARG C 210 33.60 -5.16 -28.84
CA ARG C 210 34.37 -6.22 -29.47
C ARG C 210 33.90 -7.61 -29.07
N LYS C 211 33.78 -7.88 -27.76
CA LYS C 211 33.25 -9.16 -27.32
C LYS C 211 31.83 -9.35 -27.81
N GLN C 212 30.96 -8.38 -27.56
CA GLN C 212 29.59 -8.48 -28.03
C GLN C 212 29.53 -8.41 -29.55
N LEU C 213 30.35 -7.56 -30.17
CA LEU C 213 30.40 -7.55 -31.63
C LEU C 213 30.96 -8.87 -32.15
N ALA C 214 31.89 -9.50 -31.43
CA ALA C 214 32.37 -10.81 -31.84
C ALA C 214 31.24 -11.83 -31.80
N GLN C 215 30.42 -11.78 -30.74
CA GLN C 215 29.28 -12.69 -30.66
C GLN C 215 28.30 -12.46 -31.80
N ILE C 216 28.02 -11.18 -32.12
CA ILE C 216 27.10 -10.88 -33.20
C ILE C 216 27.67 -11.37 -34.53
N LYS C 217 28.97 -11.14 -34.76
CA LYS C 217 29.62 -11.66 -35.95
C LYS C 217 29.42 -13.16 -36.05
N GLU C 218 29.76 -13.88 -34.98
CA GLU C 218 29.57 -15.32 -34.92
C GLU C 218 28.15 -15.70 -35.29
N MET C 219 27.18 -15.04 -34.68
CA MET C 219 25.79 -15.46 -34.71
C MET C 219 25.04 -14.98 -35.94
N VAL C 220 25.62 -14.10 -36.75
CA VAL C 220 24.92 -13.50 -37.87
C VAL C 220 25.62 -13.77 -39.19
N GLU C 221 26.92 -14.04 -39.16
CA GLU C 221 27.63 -14.30 -40.41
C GLU C 221 27.37 -15.70 -40.93
N LEU C 222 27.63 -16.71 -40.11
CA LEU C 222 27.51 -18.10 -40.57
C LEU C 222 26.10 -18.43 -41.05
N PRO C 223 25.02 -18.07 -40.35
CA PRO C 223 23.69 -18.45 -40.84
C PRO C 223 23.32 -17.83 -42.17
N LEU C 224 23.99 -16.75 -42.58
CA LEU C 224 23.67 -16.06 -43.82
C LEU C 224 24.74 -16.25 -44.89
N ARG C 225 26.01 -16.02 -44.55
CA ARG C 225 27.06 -16.15 -45.54
C ARG C 225 27.25 -17.60 -45.97
N HIS C 226 27.16 -18.53 -45.02
CA HIS C 226 27.30 -19.97 -45.27
C HIS C 226 26.11 -20.70 -44.67
N PRO C 227 24.95 -20.67 -45.33
CA PRO C 227 23.80 -21.41 -44.82
C PRO C 227 23.82 -22.89 -45.14
N ALA C 228 24.67 -23.34 -46.06
CA ALA C 228 24.62 -24.73 -46.52
C ALA C 228 25.00 -25.69 -45.40
N LEU C 229 26.11 -25.43 -44.71
CA LEU C 229 26.58 -26.38 -43.72
C LEU C 229 25.62 -26.49 -42.54
N PHE C 230 25.01 -25.37 -42.15
CA PHE C 230 24.01 -25.43 -41.08
C PHE C 230 22.81 -26.27 -41.50
N LYS C 231 22.33 -26.09 -42.72
CA LYS C 231 21.20 -26.87 -43.19
C LYS C 231 21.54 -28.36 -43.24
N ALA C 232 22.74 -28.69 -43.72
CA ALA C 232 23.13 -30.09 -43.83
C ALA C 232 23.31 -30.73 -42.46
N ILE C 233 23.97 -30.02 -41.53
CA ILE C 233 24.24 -30.59 -40.21
C ILE C 233 22.94 -30.81 -39.45
N GLY C 234 22.02 -29.85 -39.53
CA GLY C 234 20.73 -29.96 -38.87
C GLY C 234 20.59 -29.15 -37.60
N VAL C 235 21.65 -28.54 -37.10
CA VAL C 235 21.56 -27.70 -35.92
C VAL C 235 20.85 -26.40 -36.28
N LYS C 236 19.84 -26.06 -35.50
CA LYS C 236 19.03 -24.88 -35.81
C LYS C 236 19.80 -23.62 -35.41
N PRO C 237 20.07 -22.69 -36.34
CA PRO C 237 20.72 -21.44 -35.94
C PRO C 237 19.77 -20.59 -35.11
N PRO C 238 20.29 -19.69 -34.28
CA PRO C 238 19.41 -18.85 -33.46
C PRO C 238 18.58 -17.93 -34.32
N ARG C 239 17.26 -18.11 -34.26
CA ARG C 239 16.36 -17.34 -35.10
C ARG C 239 16.34 -15.87 -34.68
N GLY C 240 16.18 -15.61 -33.38
CA GLY C 240 16.13 -14.26 -32.84
C GLY C 240 17.38 -13.96 -32.05
N ILE C 241 17.83 -12.71 -32.15
CA ILE C 241 19.04 -12.24 -31.46
C ILE C 241 18.66 -10.93 -30.82
N LEU C 242 18.35 -10.95 -29.53
CA LEU C 242 17.93 -9.76 -28.80
C LEU C 242 19.16 -9.13 -28.18
N LEU C 243 19.63 -8.05 -28.78
CA LEU C 243 20.75 -7.29 -28.23
C LEU C 243 20.20 -6.04 -27.56
N TYR C 244 20.59 -5.82 -26.31
CA TYR C 244 20.05 -4.73 -25.52
C TYR C 244 21.16 -3.94 -24.84
N GLY C 245 20.78 -2.94 -24.05
CA GLY C 245 21.71 -2.08 -23.37
C GLY C 245 21.07 -0.75 -23.10
N PRO C 246 21.83 0.18 -22.52
CA PRO C 246 21.29 1.52 -22.27
C PRO C 246 21.10 2.26 -23.57
N PRO C 247 20.24 3.29 -23.59
CA PRO C 247 19.96 3.98 -24.83
C PRO C 247 21.20 4.65 -25.40
N GLY C 248 21.24 4.76 -26.73
CA GLY C 248 22.36 5.37 -27.40
C GLY C 248 23.67 4.63 -27.24
N THR C 249 23.62 3.30 -27.17
CA THR C 249 24.81 2.48 -27.01
C THR C 249 25.31 1.92 -28.33
N GLY C 250 24.68 2.27 -29.45
CA GLY C 250 25.07 1.75 -30.74
C GLY C 250 24.32 0.51 -31.19
N LYS C 251 23.21 0.18 -30.54
CA LYS C 251 22.46 -1.02 -30.93
C LYS C 251 22.04 -0.95 -32.40
N THR C 252 21.42 0.16 -32.80
CA THR C 252 21.05 0.32 -34.20
C THR C 252 22.29 0.37 -35.07
N LEU C 253 23.34 1.07 -34.61
CA LEU C 253 24.56 1.13 -35.39
C LEU C 253 25.19 -0.25 -35.55
N ILE C 254 25.20 -1.05 -34.47
CA ILE C 254 25.74 -2.39 -34.56
C ILE C 254 24.94 -3.23 -35.53
N ALA C 255 23.61 -3.14 -35.47
CA ALA C 255 22.77 -3.90 -36.39
C ALA C 255 23.05 -3.51 -37.83
N ARG C 256 23.12 -2.21 -38.10
CA ARG C 256 23.39 -1.75 -39.47
C ARG C 256 24.76 -2.21 -39.93
N ALA C 257 25.76 -2.14 -39.05
CA ALA C 257 27.11 -2.53 -39.42
C ALA C 257 27.18 -4.01 -39.77
N VAL C 258 26.58 -4.86 -38.92
CA VAL C 258 26.62 -6.29 -39.20
C VAL C 258 25.84 -6.62 -40.46
N ALA C 259 24.71 -5.94 -40.67
CA ALA C 259 23.94 -6.17 -41.89
C ALA C 259 24.74 -5.80 -43.13
N ASN C 260 25.43 -4.66 -43.09
CA ASN C 260 26.21 -4.23 -44.25
C ASN C 260 27.40 -5.16 -44.47
N GLU C 261 28.06 -5.59 -43.38
CA GLU C 261 29.19 -6.50 -43.53
C GLU C 261 28.77 -7.82 -44.13
N THR C 262 27.64 -8.38 -43.66
CA THR C 262 27.15 -9.63 -44.22
C THR C 262 26.80 -9.48 -45.69
N GLY C 263 26.28 -8.31 -46.07
CA GLY C 263 25.82 -8.10 -47.42
C GLY C 263 24.44 -8.63 -47.70
N ALA C 264 23.80 -9.26 -46.72
CA ALA C 264 22.46 -9.80 -46.91
C ALA C 264 21.43 -8.67 -46.94
N PHE C 265 20.25 -9.01 -47.46
CA PHE C 265 19.16 -8.05 -47.47
C PHE C 265 18.84 -7.62 -46.05
N PHE C 266 18.55 -6.34 -45.87
CA PHE C 266 18.29 -5.76 -44.55
C PHE C 266 17.05 -4.90 -44.63
N PHE C 267 16.27 -4.91 -43.55
CA PHE C 267 15.05 -4.11 -43.50
C PHE C 267 14.82 -3.68 -42.05
N LEU C 268 15.21 -2.44 -41.74
CA LEU C 268 15.01 -1.91 -40.41
C LEU C 268 13.53 -1.71 -40.14
N ILE C 269 13.09 -2.08 -38.94
CA ILE C 269 11.73 -1.83 -38.46
C ILE C 269 11.83 -1.05 -37.17
N ASN C 270 11.14 0.08 -37.10
CA ASN C 270 11.18 0.96 -35.95
C ASN C 270 9.87 0.83 -35.19
N GLY C 271 9.95 0.65 -33.87
CA GLY C 271 8.77 0.50 -33.06
C GLY C 271 7.87 1.71 -33.12
N PRO C 272 8.44 2.91 -32.95
CA PRO C 272 7.61 4.13 -33.05
C PRO C 272 6.82 4.24 -34.34
N GLU C 273 7.43 3.97 -35.50
CA GLU C 273 6.69 4.18 -36.74
C GLU C 273 5.66 3.08 -36.96
N ILE C 274 5.93 1.87 -36.49
CA ILE C 274 4.92 0.81 -36.54
C ILE C 274 3.72 1.20 -35.68
N MET C 275 3.97 1.73 -34.49
CA MET C 275 2.87 2.13 -33.61
C MET C 275 2.18 3.40 -34.07
N SER C 276 2.83 4.20 -34.91
CA SER C 276 2.22 5.45 -35.36
C SER C 276 1.03 5.21 -36.28
N LYS C 277 1.03 4.10 -37.02
CA LYS C 277 -0.02 3.87 -37.99
C LYS C 277 -1.35 3.58 -37.30
N LEU C 278 -2.43 3.75 -38.05
CA LEU C 278 -3.77 3.52 -37.51
C LEU C 278 -3.95 2.05 -37.15
N ALA C 279 -4.94 1.80 -36.29
CA ALA C 279 -5.27 0.43 -35.92
C ALA C 279 -5.62 -0.37 -37.17
N GLY C 280 -5.03 -1.58 -37.27
CA GLY C 280 -5.18 -2.42 -38.42
C GLY C 280 -4.10 -2.24 -39.45
N GLU C 281 -3.45 -1.07 -39.48
CA GLU C 281 -2.37 -0.82 -40.42
C GLU C 281 -1.00 -1.16 -39.84
N SER C 282 -0.85 -1.11 -38.51
CA SER C 282 0.44 -1.45 -37.91
C SER C 282 0.74 -2.93 -38.09
N GLU C 283 -0.21 -3.79 -37.75
CA GLU C 283 -0.01 -5.22 -37.93
C GLU C 283 0.11 -5.57 -39.41
N SER C 284 -0.63 -4.90 -40.29
CA SER C 284 -0.47 -5.15 -41.72
C SER C 284 0.92 -4.75 -42.19
N ASN C 285 1.44 -3.63 -41.68
CA ASN C 285 2.79 -3.21 -42.04
C ASN C 285 3.81 -4.24 -41.58
N LEU C 286 3.67 -4.72 -40.35
CA LEU C 286 4.60 -5.73 -39.84
C LEU C 286 4.52 -7.01 -40.67
N ARG C 287 3.30 -7.42 -41.01
CA ARG C 287 3.12 -8.64 -41.80
C ARG C 287 3.76 -8.52 -43.17
N LYS C 288 3.55 -7.39 -43.85
CA LYS C 288 4.13 -7.24 -45.17
C LYS C 288 5.65 -7.07 -45.09
N ALA C 289 6.15 -6.48 -44.01
CA ALA C 289 7.60 -6.43 -43.82
C ALA C 289 8.19 -7.83 -43.71
N PHE C 290 7.57 -8.67 -42.89
CA PHE C 290 8.05 -10.05 -42.78
C PHE C 290 7.91 -10.78 -44.10
N GLU C 291 6.82 -10.53 -44.83
CA GLU C 291 6.63 -11.20 -46.12
C GLU C 291 7.70 -10.81 -47.11
N GLU C 292 8.00 -9.51 -47.24
CA GLU C 292 9.01 -9.09 -48.20
C GLU C 292 10.40 -9.55 -47.75
N ALA C 293 10.63 -9.65 -46.44
CA ALA C 293 11.85 -10.27 -45.96
C ALA C 293 11.93 -11.73 -46.41
N GLU C 294 10.81 -12.45 -46.31
CA GLU C 294 10.77 -13.85 -46.73
C GLU C 294 11.05 -13.98 -48.23
N LYS C 295 10.47 -13.11 -49.05
CA LYS C 295 10.69 -13.18 -50.49
C LYS C 295 12.13 -12.91 -50.88
N ASN C 296 12.92 -12.31 -49.99
CA ASN C 296 14.28 -11.88 -50.25
C ASN C 296 15.20 -12.35 -49.14
N ALA C 297 15.18 -13.65 -48.84
CA ALA C 297 15.47 -14.05 -47.46
C ALA C 297 16.79 -14.76 -47.24
N PRO C 298 17.91 -14.20 -47.70
CA PRO C 298 19.02 -14.00 -46.77
C PRO C 298 18.77 -12.65 -46.11
N ALA C 299 18.31 -12.63 -44.85
CA ALA C 299 17.71 -11.41 -44.34
C ALA C 299 18.02 -11.19 -42.87
N ILE C 300 18.23 -9.93 -42.51
CA ILE C 300 18.39 -9.50 -41.12
C ILE C 300 17.28 -8.48 -40.87
N ILE C 301 16.15 -8.95 -40.35
CA ILE C 301 15.12 -8.03 -39.90
C ILE C 301 15.58 -7.42 -38.58
N PHE C 302 15.38 -6.12 -38.42
CA PHE C 302 15.83 -5.42 -37.22
C PHE C 302 14.64 -4.64 -36.66
N ILE C 303 14.21 -5.02 -35.46
CA ILE C 303 13.11 -4.37 -34.77
C ILE C 303 13.74 -3.46 -33.72
N ASP C 304 13.80 -2.16 -34.00
CA ASP C 304 14.38 -1.21 -33.07
C ASP C 304 13.35 -0.81 -32.02
N GLU C 305 13.82 -0.63 -30.79
CA GLU C 305 12.97 -0.30 -29.66
C GLU C 305 11.83 -1.31 -29.52
N LEU C 306 12.24 -2.58 -29.33
CA LEU C 306 11.26 -3.63 -29.16
C LEU C 306 10.37 -3.39 -27.95
N ASP C 307 10.88 -2.69 -26.94
CA ASP C 307 10.09 -2.44 -25.74
C ASP C 307 8.86 -1.60 -26.06
N ALA C 308 9.01 -0.58 -26.91
CA ALA C 308 7.88 0.27 -27.24
C ALA C 308 6.77 -0.52 -27.92
N ILE C 309 7.12 -1.35 -28.90
CA ILE C 309 6.11 -2.11 -29.62
C ILE C 309 5.53 -3.21 -28.72
N ALA C 310 6.38 -3.87 -27.93
CA ALA C 310 5.98 -5.03 -27.14
C ALA C 310 6.48 -4.89 -25.72
N PRO C 311 5.86 -4.03 -24.92
CA PRO C 311 6.21 -3.93 -23.51
C PRO C 311 5.60 -5.09 -22.72
N LYS C 312 5.77 -5.04 -21.40
CA LYS C 312 5.30 -6.14 -20.55
C LYS C 312 3.81 -6.37 -20.76
N ARG C 313 3.39 -7.60 -20.47
CA ARG C 313 2.00 -7.98 -20.73
C ARG C 313 1.03 -7.08 -19.98
N GLU C 314 1.28 -6.84 -18.70
CA GLU C 314 0.35 -6.11 -17.87
C GLU C 314 0.38 -4.61 -18.12
N LYS C 315 1.49 -4.08 -18.62
CA LYS C 315 1.59 -2.66 -18.93
C LYS C 315 1.16 -2.33 -20.35
N THR C 316 0.73 -3.32 -21.13
CA THR C 316 0.06 -3.07 -22.40
C THR C 316 -1.40 -2.74 -22.09
N HIS C 317 -1.74 -1.46 -22.14
CA HIS C 317 -3.05 -1.03 -21.68
C HIS C 317 -4.12 -1.26 -22.74
N GLY C 318 -3.88 -0.82 -23.97
CA GLY C 318 -4.89 -0.94 -25.00
C GLY C 318 -4.96 -2.34 -25.57
N GLU C 319 -6.09 -2.62 -26.22
CA GLU C 319 -6.26 -3.92 -26.88
C GLU C 319 -5.39 -4.02 -28.12
N VAL C 320 -5.24 -2.92 -28.86
CA VAL C 320 -4.41 -2.95 -30.05
C VAL C 320 -2.96 -3.26 -29.69
N GLU C 321 -2.52 -2.84 -28.50
CA GLU C 321 -1.18 -3.18 -28.05
C GLU C 321 -1.00 -4.69 -27.97
N ARG C 322 -1.92 -5.38 -27.29
CA ARG C 322 -1.86 -6.83 -27.22
C ARG C 322 -1.99 -7.47 -28.59
N ARG C 323 -2.81 -6.88 -29.47
CA ARG C 323 -2.95 -7.45 -30.81
C ARG C 323 -1.64 -7.38 -31.57
N ILE C 324 -0.93 -6.24 -31.50
CA ILE C 324 0.34 -6.14 -32.23
C ILE C 324 1.38 -7.05 -31.60
N VAL C 325 1.37 -7.18 -30.27
CA VAL C 325 2.31 -8.10 -29.62
C VAL C 325 2.06 -9.52 -30.11
N SER C 326 0.80 -9.95 -30.13
CA SER C 326 0.50 -11.30 -30.60
C SER C 326 0.83 -11.46 -32.07
N GLN C 327 0.65 -10.40 -32.87
CA GLN C 327 1.04 -10.46 -34.27
C GLN C 327 2.53 -10.72 -34.40
N LEU C 328 3.34 -10.00 -33.62
CA LEU C 328 4.78 -10.24 -33.65
C LEU C 328 5.11 -11.66 -33.21
N LEU C 329 4.43 -12.14 -32.16
CA LEU C 329 4.66 -13.50 -31.69
C LEU C 329 4.40 -14.52 -32.78
N THR C 330 3.24 -14.42 -33.43
CA THR C 330 2.87 -15.41 -34.43
C THR C 330 3.77 -15.31 -35.66
N LEU C 331 4.18 -14.10 -36.04
CA LEU C 331 5.12 -13.98 -37.16
C LEU C 331 6.45 -14.64 -36.82
N MET C 332 6.96 -14.40 -35.61
CA MET C 332 8.24 -14.99 -35.23
C MET C 332 8.14 -16.51 -35.17
N ASP C 333 7.01 -17.04 -34.69
CA ASP C 333 6.86 -18.49 -34.65
C ASP C 333 6.69 -19.08 -36.04
N GLY C 334 5.97 -18.38 -36.93
CA GLY C 334 5.73 -18.89 -38.27
C GLY C 334 6.90 -18.74 -39.21
N LEU C 335 7.86 -17.89 -38.87
CA LEU C 335 9.10 -17.82 -39.64
C LEU C 335 10.10 -18.90 -39.23
N LYS C 336 9.63 -19.95 -38.56
CA LYS C 336 10.46 -21.11 -38.25
C LYS C 336 10.94 -21.81 -39.52
N GLN C 337 10.32 -21.54 -40.66
CA GLN C 337 10.71 -22.19 -41.91
C GLN C 337 12.19 -21.99 -42.17
N ARG C 338 12.73 -22.83 -43.06
CA ARG C 338 14.17 -22.83 -43.33
C ARG C 338 14.64 -21.59 -44.07
N ALA C 339 13.73 -20.75 -44.55
CA ALA C 339 14.12 -19.49 -45.15
C ALA C 339 14.96 -18.69 -44.17
N HIS C 340 16.08 -18.15 -44.64
CA HIS C 340 17.10 -17.60 -43.76
C HIS C 340 16.77 -16.15 -43.43
N VAL C 341 15.99 -15.97 -42.36
CA VAL C 341 15.68 -14.66 -41.81
C VAL C 341 16.09 -14.68 -40.35
N ILE C 342 16.83 -13.65 -39.93
CA ILE C 342 17.24 -13.50 -38.54
C ILE C 342 16.57 -12.24 -38.01
N VAL C 343 15.76 -12.39 -36.97
CA VAL C 343 14.98 -11.28 -36.41
C VAL C 343 15.76 -10.75 -35.21
N MET C 344 16.64 -9.80 -35.48
CA MET C 344 17.33 -9.08 -34.43
C MET C 344 16.41 -8.01 -33.85
N ALA C 345 16.54 -7.78 -32.54
CA ALA C 345 15.73 -6.78 -31.86
C ALA C 345 16.60 -5.98 -30.92
N ALA C 346 16.35 -4.68 -30.86
CA ALA C 346 17.07 -3.77 -29.99
C ALA C 346 16.11 -3.21 -28.95
N THR C 347 16.53 -3.24 -27.69
CA THR C 347 15.68 -2.77 -26.60
C THR C 347 16.57 -2.27 -25.47
N ASN C 348 15.93 -1.95 -24.34
CA ASN C 348 16.62 -1.49 -23.14
C ASN C 348 16.01 -2.21 -21.95
N ARG C 349 16.86 -2.62 -21.01
CA ARG C 349 16.35 -3.33 -19.84
C ARG C 349 15.53 -4.53 -20.28
N PRO C 350 16.16 -5.63 -20.73
CA PRO C 350 15.41 -6.71 -21.39
C PRO C 350 14.25 -7.26 -20.57
N ASN C 351 14.24 -6.99 -19.26
CA ASN C 351 13.07 -7.32 -18.45
C ASN C 351 11.87 -6.46 -18.79
N SER C 352 12.05 -5.38 -19.56
CA SER C 352 10.94 -4.49 -19.89
C SER C 352 10.02 -5.08 -20.95
N ILE C 353 10.54 -5.90 -21.86
CA ILE C 353 9.72 -6.42 -22.95
C ILE C 353 8.84 -7.55 -22.40
N ASP C 354 7.82 -7.92 -23.17
CA ASP C 354 6.95 -9.01 -22.77
C ASP C 354 7.78 -10.29 -22.64
N PRO C 355 7.74 -10.98 -21.50
CA PRO C 355 8.54 -12.21 -21.40
C PRO C 355 8.15 -13.28 -22.40
N ALA C 356 6.96 -13.20 -22.99
CA ALA C 356 6.59 -14.16 -24.02
C ALA C 356 7.56 -14.14 -25.19
N LEU C 357 8.15 -12.98 -25.48
CA LEU C 357 9.11 -12.90 -26.58
C LEU C 357 10.43 -13.57 -26.23
N ARG C 358 10.81 -13.55 -24.96
CA ARG C 358 12.09 -14.12 -24.54
C ARG C 358 12.08 -15.65 -24.58
N ARG C 359 10.92 -16.28 -24.74
CA ARG C 359 10.87 -17.73 -24.76
C ARG C 359 11.62 -18.28 -25.97
N PHE C 360 12.09 -19.52 -25.83
CA PHE C 360 12.89 -20.12 -26.88
C PHE C 360 12.08 -20.30 -28.16
N GLY C 361 12.77 -20.25 -29.29
CA GLY C 361 12.13 -20.27 -30.58
C GLY C 361 11.76 -18.90 -31.11
N ARG C 362 11.76 -17.87 -30.27
CA ARG C 362 11.48 -16.51 -30.69
C ARG C 362 12.70 -15.62 -30.53
N PHE C 363 13.29 -15.55 -29.34
CA PHE C 363 14.53 -14.81 -29.11
C PHE C 363 15.42 -15.71 -28.25
N ASP C 364 16.16 -16.59 -28.92
CA ASP C 364 16.95 -17.58 -28.20
C ASP C 364 18.14 -16.94 -27.48
N ARG C 365 18.83 -16.03 -28.16
CA ARG C 365 20.11 -15.52 -27.70
C ARG C 365 19.98 -14.04 -27.33
N GLU C 366 20.62 -13.68 -26.22
CA GLU C 366 20.62 -12.32 -25.69
C GLU C 366 22.04 -11.79 -25.69
N VAL C 367 22.19 -10.49 -25.97
CA VAL C 367 23.49 -9.85 -26.07
C VAL C 367 23.45 -8.54 -25.27
N ASP C 368 24.16 -8.52 -24.14
CA ASP C 368 24.24 -7.33 -23.30
C ASP C 368 25.40 -6.47 -23.79
N ILE C 369 25.10 -5.42 -24.54
CA ILE C 369 26.15 -4.55 -25.06
C ILE C 369 26.90 -3.89 -23.92
N GLY C 370 26.17 -3.27 -22.99
CA GLY C 370 26.78 -2.67 -21.82
C GLY C 370 27.54 -1.40 -22.12
N ILE C 371 28.05 -0.75 -21.08
CA ILE C 371 28.84 0.47 -21.25
C ILE C 371 30.20 0.11 -21.83
N PRO C 372 30.77 0.90 -22.75
CA PRO C 372 32.15 0.66 -23.16
C PRO C 372 33.11 0.95 -22.01
N ASP C 373 34.22 0.21 -22.00
CA ASP C 373 35.25 0.40 -20.99
C ASP C 373 36.17 1.55 -21.40
N ALA C 374 37.28 1.73 -20.67
CA ALA C 374 38.20 2.82 -20.99
C ALA C 374 38.73 2.69 -22.41
N THR C 375 39.25 1.51 -22.76
CA THR C 375 39.68 1.28 -24.13
C THR C 375 38.51 1.42 -25.09
N GLY C 376 37.31 1.02 -24.66
CA GLY C 376 36.15 1.19 -25.51
C GLY C 376 35.86 2.64 -25.80
N ARG C 377 35.88 3.49 -24.76
CA ARG C 377 35.62 4.91 -24.97
C ARG C 377 36.72 5.54 -25.82
N LEU C 378 37.96 5.07 -25.64
CA LEU C 378 39.05 5.54 -26.50
C LEU C 378 38.76 5.21 -27.96
N GLU C 379 38.31 3.98 -28.23
CA GLU C 379 37.99 3.59 -29.60
C GLU C 379 36.85 4.43 -30.15
N ILE C 380 35.82 4.68 -29.33
CA ILE C 380 34.69 5.48 -29.78
C ILE C 380 35.17 6.88 -30.16
N LEU C 381 35.99 7.49 -29.30
CA LEU C 381 36.49 8.82 -29.58
C LEU C 381 37.34 8.84 -30.84
N GLN C 382 38.16 7.80 -31.05
CA GLN C 382 38.93 7.72 -32.27
C GLN C 382 38.02 7.68 -33.49
N ILE C 383 36.95 6.89 -33.42
CA ILE C 383 36.03 6.78 -34.55
C ILE C 383 35.37 8.12 -34.84
N HIS C 384 34.90 8.80 -33.79
CA HIS C 384 34.15 10.05 -33.98
C HIS C 384 35.04 11.26 -34.21
N THR C 385 36.36 11.15 -34.00
CA THR C 385 37.27 12.25 -34.20
C THR C 385 38.23 11.99 -35.36
N LYS C 386 37.92 11.03 -36.22
CA LYS C 386 38.81 10.73 -37.34
C LYS C 386 38.90 11.91 -38.30
N ASN C 387 37.75 12.41 -38.74
CA ASN C 387 37.71 13.51 -39.71
C ASN C 387 37.44 14.83 -38.98
N MET C 388 38.47 15.29 -38.26
CA MET C 388 38.39 16.56 -37.54
C MET C 388 39.63 17.43 -37.67
N LYS C 389 40.79 16.90 -38.03
CA LYS C 389 42.03 17.68 -38.05
C LYS C 389 42.29 18.27 -36.67
N LEU C 390 42.08 17.47 -35.64
CA LEU C 390 42.32 17.92 -34.27
C LEU C 390 43.80 18.19 -34.05
N ALA C 391 44.07 19.20 -33.21
CA ALA C 391 45.45 19.54 -32.90
C ALA C 391 46.13 18.37 -32.18
N ASP C 392 47.40 18.16 -32.49
CA ASP C 392 48.14 17.04 -31.91
C ASP C 392 48.38 17.21 -30.42
N ASP C 393 48.16 18.41 -29.86
CA ASP C 393 48.39 18.61 -28.44
C ASP C 393 47.48 17.71 -27.60
N VAL C 394 46.21 17.59 -27.98
CA VAL C 394 45.32 16.69 -27.26
C VAL C 394 45.70 15.25 -27.57
N ASP C 395 45.48 14.38 -26.58
CA ASP C 395 45.83 12.97 -26.69
C ASP C 395 44.65 12.08 -27.06
N LEU C 396 43.43 12.51 -26.81
CA LEU C 396 42.22 11.73 -27.05
C LEU C 396 42.14 10.49 -26.16
N GLU C 397 43.01 10.38 -25.16
CA GLU C 397 42.99 9.30 -24.20
C GLU C 397 42.85 9.78 -22.78
N GLN C 398 43.40 10.96 -22.45
CA GLN C 398 43.14 11.57 -21.15
C GLN C 398 41.65 11.83 -20.98
N VAL C 399 40.99 12.33 -22.01
CA VAL C 399 39.55 12.56 -21.94
C VAL C 399 38.80 11.25 -21.80
N ALA C 400 39.29 10.19 -22.46
CA ALA C 400 38.58 8.92 -22.44
C ALA C 400 38.47 8.37 -21.01
N ASN C 401 39.56 8.43 -20.25
CA ASN C 401 39.55 7.86 -18.90
C ASN C 401 38.66 8.68 -17.97
N GLU C 402 38.46 9.96 -18.26
CA GLU C 402 37.64 10.82 -17.42
C GLU C 402 36.16 10.77 -17.78
N THR C 403 35.81 10.13 -18.89
CA THR C 403 34.40 10.01 -19.31
C THR C 403 33.78 8.72 -18.78
N HIS C 404 33.91 8.52 -17.47
CA HIS C 404 33.31 7.35 -16.85
C HIS C 404 31.80 7.42 -16.93
N GLY C 405 31.17 6.30 -17.29
CA GLY C 405 29.73 6.24 -17.40
C GLY C 405 29.16 6.81 -18.67
N HIS C 406 29.98 7.43 -19.51
CA HIS C 406 29.49 7.95 -20.77
C HIS C 406 29.16 6.81 -21.72
N VAL C 407 28.06 6.95 -22.44
CA VAL C 407 27.67 5.99 -23.45
C VAL C 407 28.09 6.54 -24.81
N GLY C 408 28.05 5.68 -25.83
CA GLY C 408 28.54 6.08 -27.14
C GLY C 408 27.87 7.34 -27.67
N ALA C 409 26.55 7.43 -27.52
CA ALA C 409 25.85 8.64 -27.93
C ALA C 409 26.33 9.84 -27.14
N ASP C 410 26.57 9.65 -25.84
CA ASP C 410 27.12 10.74 -25.04
C ASP C 410 28.50 11.13 -25.52
N LEU C 411 29.30 10.16 -25.95
CA LEU C 411 30.62 10.50 -26.48
C LEU C 411 30.52 11.29 -27.78
N ALA C 412 29.58 10.93 -28.65
CA ALA C 412 29.37 11.72 -29.86
C ALA C 412 28.92 13.14 -29.51
N ALA C 413 28.03 13.26 -28.52
CA ALA C 413 27.60 14.58 -28.09
C ALA C 413 28.76 15.38 -27.52
N LEU C 414 29.63 14.72 -26.75
CA LEU C 414 30.80 15.40 -26.21
C LEU C 414 31.71 15.90 -27.33
N CYS C 415 31.93 15.07 -28.35
CA CYS C 415 32.75 15.50 -29.47
C CYS C 415 32.12 16.69 -30.19
N SER C 416 30.80 16.64 -30.40
CA SER C 416 30.13 17.76 -31.06
C SER C 416 30.24 19.03 -30.23
N GLU C 417 30.10 18.90 -28.91
CA GLU C 417 30.19 20.07 -28.04
C GLU C 417 31.60 20.63 -28.02
N ALA C 418 32.61 19.77 -28.08
CA ALA C 418 33.98 20.24 -28.18
C ALA C 418 34.19 21.03 -29.47
N ALA C 419 33.70 20.50 -30.59
CA ALA C 419 33.78 21.24 -31.84
C ALA C 419 33.05 22.57 -31.75
N LEU C 420 31.90 22.57 -31.07
CA LEU C 420 31.13 23.80 -30.93
C LEU C 420 31.88 24.83 -30.09
N GLN C 421 32.56 24.38 -29.04
CA GLN C 421 33.41 25.29 -28.28
C GLN C 421 34.54 25.83 -29.14
N ALA C 422 35.10 24.98 -30.01
CA ALA C 422 36.10 25.46 -30.94
C ALA C 422 35.54 26.57 -31.83
N ILE C 423 34.30 26.41 -32.28
CA ILE C 423 33.64 27.47 -33.05
C ILE C 423 33.53 28.73 -32.19
N ARG C 424 33.12 28.59 -30.94
CA ARG C 424 33.01 29.74 -30.05
C ARG C 424 34.31 30.50 -29.97
N LYS C 425 35.42 29.79 -29.78
CA LYS C 425 36.72 30.46 -29.70
C LYS C 425 37.01 31.25 -30.97
N LYS C 426 36.44 30.84 -32.09
CA LYS C 426 36.61 31.57 -33.34
C LYS C 426 35.50 32.60 -33.50
N MET C 427 35.89 33.79 -33.97
CA MET C 427 34.95 34.87 -34.19
C MET C 427 34.39 34.80 -35.62
N ASP C 428 33.36 35.61 -35.87
CA ASP C 428 32.68 35.64 -37.16
C ASP C 428 32.20 34.25 -37.57
N ILE C 437 34.53 35.27 -45.04
CA ILE C 437 35.53 34.23 -44.82
C ILE C 437 34.84 32.87 -44.70
N ASP C 438 35.29 31.93 -45.53
CA ASP C 438 34.69 30.60 -45.57
C ASP C 438 35.76 29.51 -45.53
N ALA C 439 36.90 29.76 -46.17
CA ALA C 439 37.94 28.76 -46.32
C ALA C 439 38.94 28.77 -45.17
N GLU C 440 39.45 29.94 -44.81
CA GLU C 440 40.49 30.02 -43.78
C GLU C 440 39.97 29.74 -42.39
N VAL C 441 38.65 29.66 -42.20
CA VAL C 441 38.09 29.32 -40.89
C VAL C 441 37.80 27.82 -40.78
N MET C 442 37.29 27.21 -41.85
CA MET C 442 37.03 25.78 -41.83
C MET C 442 38.31 24.95 -42.00
N ASN C 443 39.38 25.55 -42.54
CA ASN C 443 40.64 24.84 -42.71
C ASN C 443 41.53 24.94 -41.49
N SER C 444 41.49 26.06 -40.78
CA SER C 444 42.33 26.27 -39.61
C SER C 444 41.68 25.76 -38.32
N LEU C 445 40.49 25.16 -38.40
CA LEU C 445 39.83 24.65 -37.22
C LEU C 445 40.63 23.46 -36.67
N ALA C 446 41.06 23.57 -35.41
CA ALA C 446 41.81 22.51 -34.75
C ALA C 446 41.35 22.45 -33.29
N VAL C 447 40.49 21.49 -32.97
CA VAL C 447 40.02 21.34 -31.61
C VAL C 447 41.20 21.01 -30.70
N THR C 448 41.30 21.74 -29.59
CA THR C 448 42.38 21.57 -28.64
C THR C 448 41.89 20.81 -27.42
N MET C 449 42.84 20.38 -26.59
CA MET C 449 42.48 19.72 -25.34
C MET C 449 41.63 20.63 -24.46
N ASP C 450 41.87 21.95 -24.53
CA ASP C 450 41.05 22.88 -23.76
C ASP C 450 39.62 22.93 -24.23
N ASP C 451 39.32 22.45 -25.44
CA ASP C 451 37.95 22.36 -25.91
C ASP C 451 37.28 21.06 -25.47
N PHE C 452 38.00 19.93 -25.56
CA PHE C 452 37.47 18.70 -25.00
C PHE C 452 37.25 18.81 -23.50
N ARG C 453 38.08 19.58 -22.81
CA ARG C 453 37.86 19.80 -21.38
C ARG C 453 36.52 20.48 -21.14
N TRP C 454 36.22 21.53 -21.91
CA TRP C 454 34.93 22.18 -21.78
C TRP C 454 33.80 21.22 -22.11
N ALA C 455 33.94 20.47 -23.20
CA ALA C 455 32.88 19.54 -23.58
C ALA C 455 32.62 18.52 -22.48
N LEU C 456 33.69 17.99 -21.89
CA LEU C 456 33.53 17.05 -20.79
C LEU C 456 32.85 17.70 -19.59
N SER C 457 33.24 18.94 -19.28
CA SER C 457 32.62 19.62 -18.14
C SER C 457 31.13 19.84 -18.37
N GLN C 458 30.77 20.38 -19.53
CA GLN C 458 29.37 20.67 -19.85
C GLN C 458 28.72 19.53 -20.62
N SER C 459 28.81 18.31 -20.09
CA SER C 459 28.14 17.16 -20.71
C SER C 459 27.93 16.11 -19.64
N ASN C 460 26.67 15.95 -19.21
CA ASN C 460 26.37 14.94 -18.22
C ASN C 460 26.23 13.56 -18.87
N PRO C 461 26.73 12.50 -18.24
CA PRO C 461 26.48 11.17 -18.78
C PRO C 461 25.01 10.79 -18.66
N SER C 462 24.56 9.92 -19.55
CA SER C 462 23.20 9.39 -19.50
C SER C 462 23.14 8.03 -18.82
N ALA C 463 23.91 7.07 -19.31
CA ALA C 463 23.95 5.73 -18.71
C ALA C 463 24.92 5.72 -17.52
N LEU C 464 24.56 6.48 -16.49
CA LEU C 464 25.35 6.61 -15.29
C LEU C 464 24.76 5.76 -14.18
N ARG C 465 25.60 5.45 -13.18
CA ARG C 465 25.24 4.62 -12.04
C ARG C 465 24.44 3.39 -12.45
N GLU C 466 24.81 2.79 -13.57
CA GLU C 466 24.40 1.44 -13.94
C GLU C 466 25.62 0.55 -13.74
N THR C 467 25.45 -0.52 -12.95
CA THR C 467 26.57 -1.34 -12.52
C THR C 467 27.47 -1.70 -13.69
N VAL C 468 28.73 -1.28 -13.60
CA VAL C 468 29.64 -1.34 -14.73
C VAL C 468 30.10 -2.78 -14.95
N VAL C 469 30.05 -3.22 -16.21
CA VAL C 469 30.58 -4.51 -16.61
C VAL C 469 31.90 -4.20 -17.30
N GLU C 470 32.98 -4.20 -16.53
CA GLU C 470 34.28 -3.80 -17.06
C GLU C 470 35.38 -4.57 -16.34
N VAL C 471 36.53 -4.65 -16.99
CA VAL C 471 37.70 -5.30 -16.42
C VAL C 471 38.51 -4.25 -15.66
N PRO C 472 38.82 -4.45 -14.38
CA PRO C 472 39.58 -3.43 -13.64
C PRO C 472 41.00 -3.30 -14.19
N GLN C 473 41.72 -2.33 -13.64
CA GLN C 473 43.06 -1.96 -14.10
C GLN C 473 44.02 -1.79 -12.93
N VAL C 474 44.10 -2.80 -12.07
CA VAL C 474 45.02 -2.79 -10.94
C VAL C 474 46.15 -3.80 -11.13
N THR C 475 45.85 -4.94 -11.75
CA THR C 475 46.88 -5.90 -12.23
C THR C 475 47.95 -6.19 -11.18
N TRP C 476 47.53 -6.39 -9.94
CA TRP C 476 48.36 -6.82 -8.82
C TRP C 476 49.42 -5.80 -8.40
N GLU C 477 49.53 -4.67 -9.08
CA GLU C 477 50.55 -3.67 -8.74
C GLU C 477 49.98 -2.51 -7.94
N ASP C 478 48.73 -2.11 -8.21
CA ASP C 478 48.08 -1.13 -7.36
C ASP C 478 47.99 -1.63 -5.93
N ILE C 479 47.61 -2.90 -5.76
CA ILE C 479 47.63 -3.52 -4.44
C ILE C 479 49.07 -3.71 -4.00
N GLY C 480 49.29 -3.71 -2.68
CA GLY C 480 50.62 -3.82 -2.14
C GLY C 480 50.83 -5.01 -1.23
N GLY C 481 51.58 -5.99 -1.72
CA GLY C 481 52.07 -7.07 -0.87
C GLY C 481 50.98 -7.89 -0.21
N LEU C 482 51.14 -8.07 1.10
CA LEU C 482 50.44 -9.02 1.96
C LEU C 482 50.94 -10.45 1.75
N GLU C 483 51.66 -10.69 0.65
CA GLU C 483 52.61 -11.79 0.51
C GLU C 483 52.03 -13.19 0.68
N ASP C 484 50.75 -13.32 1.05
CA ASP C 484 50.15 -14.65 1.21
C ASP C 484 48.75 -14.77 0.65
N VAL C 485 47.96 -13.69 0.60
CA VAL C 485 46.60 -13.78 0.07
C VAL C 485 46.58 -13.73 -1.45
N LYS C 486 47.62 -13.17 -2.07
CA LYS C 486 47.73 -13.28 -3.53
C LYS C 486 47.77 -14.74 -3.94
N ARG C 487 48.61 -15.53 -3.28
CA ARG C 487 48.71 -16.95 -3.58
C ARG C 487 47.39 -17.66 -3.28
N GLU C 488 46.74 -17.30 -2.17
CA GLU C 488 45.48 -17.96 -1.82
C GLU C 488 44.41 -17.69 -2.86
N LEU C 489 44.29 -16.43 -3.30
CA LEU C 489 43.31 -16.11 -4.33
C LEU C 489 43.65 -16.80 -5.64
N GLN C 490 44.93 -16.84 -6.00
CA GLN C 490 45.31 -17.55 -7.22
C GLN C 490 44.88 -19.01 -7.14
N GLU C 491 45.17 -19.67 -6.02
CA GLU C 491 44.80 -21.07 -5.87
C GLU C 491 43.31 -21.29 -5.78
N LEU C 492 42.55 -20.28 -5.35
CA LEU C 492 41.10 -20.43 -5.26
C LEU C 492 40.38 -20.15 -6.56
N VAL C 493 40.94 -19.31 -7.44
CA VAL C 493 40.27 -18.96 -8.69
C VAL C 493 41.13 -19.16 -9.92
N GLN C 494 42.46 -19.22 -9.82
CA GLN C 494 43.29 -19.43 -11.00
C GLN C 494 43.52 -20.92 -11.28
N TYR C 495 43.90 -21.68 -10.26
CA TYR C 495 44.12 -23.11 -10.48
C TYR C 495 42.87 -23.84 -10.94
N PRO C 496 41.68 -23.63 -10.36
CA PRO C 496 40.51 -24.36 -10.83
C PRO C 496 40.22 -24.18 -12.31
N VAL C 497 40.44 -22.99 -12.86
CA VAL C 497 40.19 -22.79 -14.28
C VAL C 497 41.35 -23.29 -15.14
N GLU C 498 42.58 -23.22 -14.63
CA GLU C 498 43.72 -23.63 -15.44
C GLU C 498 43.84 -25.16 -15.50
N HIS C 499 43.50 -25.85 -14.42
CA HIS C 499 43.70 -27.30 -14.32
C HIS C 499 42.42 -27.95 -13.80
N PRO C 500 41.35 -27.92 -14.57
CA PRO C 500 40.13 -28.62 -14.14
C PRO C 500 40.32 -30.12 -13.99
N ASP C 501 41.25 -30.70 -14.74
CA ASP C 501 41.42 -32.15 -14.73
C ASP C 501 41.80 -32.65 -13.34
N LYS C 502 42.71 -31.94 -12.66
CA LYS C 502 43.07 -32.36 -11.31
C LYS C 502 41.88 -32.26 -10.36
N PHE C 503 41.10 -31.19 -10.48
CA PHE C 503 39.92 -31.05 -9.63
C PHE C 503 38.91 -32.16 -9.88
N LEU C 504 38.82 -32.65 -11.11
CA LEU C 504 37.99 -33.82 -11.38
C LEU C 504 38.60 -35.09 -10.82
N LYS C 505 39.93 -35.21 -10.85
CA LYS C 505 40.58 -36.42 -10.38
C LYS C 505 40.31 -36.65 -8.90
N PHE C 506 40.73 -35.72 -8.05
CA PHE C 506 40.55 -35.90 -6.61
C PHE C 506 39.11 -35.68 -6.17
N GLY C 507 38.23 -35.26 -7.08
CA GLY C 507 36.81 -35.19 -6.78
C GLY C 507 36.47 -34.22 -5.66
N MET C 508 36.68 -32.94 -5.90
CA MET C 508 36.27 -31.89 -4.96
C MET C 508 35.77 -30.71 -5.76
N THR C 509 34.52 -30.33 -5.52
CA THR C 509 33.95 -29.19 -6.22
C THR C 509 34.69 -27.92 -5.79
N PRO C 510 35.31 -27.17 -6.70
CA PRO C 510 36.02 -25.96 -6.27
C PRO C 510 35.08 -24.96 -5.63
N SER C 511 35.59 -24.26 -4.62
CA SER C 511 34.80 -23.27 -3.90
C SER C 511 34.57 -22.06 -4.79
N LYS C 512 33.30 -21.73 -5.05
CA LYS C 512 32.98 -20.61 -5.90
C LYS C 512 32.94 -19.28 -5.16
N GLY C 513 32.91 -19.30 -3.84
CA GLY C 513 32.74 -18.09 -3.06
C GLY C 513 33.89 -17.87 -2.09
N VAL C 514 34.24 -16.60 -1.92
CA VAL C 514 35.22 -16.18 -0.92
C VAL C 514 34.70 -14.92 -0.25
N LEU C 515 34.78 -14.89 1.08
CA LEU C 515 34.27 -13.77 1.86
C LEU C 515 35.44 -13.13 2.61
N PHE C 516 35.98 -12.05 2.05
CA PHE C 516 37.03 -11.30 2.72
C PHE C 516 36.47 -10.64 3.97
N TYR C 517 37.25 -10.66 5.03
CA TYR C 517 36.86 -9.98 6.26
C TYR C 517 38.11 -9.52 7.00
N GLY C 518 38.05 -8.34 7.58
CA GLY C 518 39.19 -7.76 8.25
C GLY C 518 38.97 -6.32 8.66
N PRO C 519 40.04 -5.62 8.98
CA PRO C 519 39.92 -4.20 9.34
C PRO C 519 39.28 -3.40 8.21
N PRO C 520 38.49 -2.38 8.52
CA PRO C 520 37.81 -1.66 7.45
C PRO C 520 38.80 -0.85 6.62
N GLY C 521 39.12 -1.39 5.46
CA GLY C 521 40.04 -0.78 4.52
C GLY C 521 41.41 -1.37 4.73
N CYS C 522 41.72 -2.44 3.99
CA CYS C 522 43.08 -2.96 3.96
C CYS C 522 43.40 -3.55 2.60
N GLY C 523 42.50 -3.40 1.62
CA GLY C 523 42.69 -3.92 0.29
C GLY C 523 41.68 -4.97 -0.12
N LYS C 524 40.45 -4.87 0.38
CA LYS C 524 39.40 -5.80 -0.02
C LYS C 524 39.02 -5.58 -1.48
N THR C 525 38.50 -4.39 -1.78
CA THR C 525 38.12 -4.08 -3.16
C THR C 525 39.33 -4.17 -4.08
N LEU C 526 40.49 -3.75 -3.60
CA LEU C 526 41.70 -3.86 -4.41
C LEU C 526 42.01 -5.32 -4.71
N LEU C 527 41.87 -6.20 -3.72
CA LEU C 527 42.12 -7.61 -3.96
C LEU C 527 41.14 -8.17 -4.98
N ALA C 528 39.87 -7.83 -4.85
CA ALA C 528 38.87 -8.35 -5.78
C ALA C 528 39.16 -7.87 -7.20
N LYS C 529 39.46 -6.57 -7.35
CA LYS C 529 39.76 -6.05 -8.67
C LYS C 529 41.01 -6.68 -9.25
N ALA C 530 42.04 -6.87 -8.41
CA ALA C 530 43.28 -7.45 -8.91
C ALA C 530 43.08 -8.89 -9.36
N ILE C 531 42.37 -9.70 -8.57
CA ILE C 531 42.16 -11.07 -8.97
C ILE C 531 41.26 -11.14 -10.20
N ALA C 532 40.34 -10.20 -10.35
CA ALA C 532 39.56 -10.15 -11.58
C ALA C 532 40.43 -9.82 -12.77
N ASN C 533 41.34 -8.86 -12.61
CA ASN C 533 42.19 -8.47 -13.73
C ASN C 533 43.15 -9.59 -14.12
N GLU C 534 43.69 -10.31 -13.14
CA GLU C 534 44.60 -11.41 -13.44
C GLU C 534 43.90 -12.48 -14.26
N CYS C 535 42.61 -12.69 -14.02
CA CYS C 535 41.83 -13.66 -14.77
C CYS C 535 41.27 -13.10 -16.07
N GLN C 536 41.46 -11.81 -16.34
CA GLN C 536 40.91 -11.16 -17.51
C GLN C 536 39.40 -11.40 -17.58
N ALA C 537 38.73 -11.03 -16.49
CA ALA C 537 37.31 -11.28 -16.32
C ALA C 537 36.61 -9.99 -15.89
N ASN C 538 35.32 -9.93 -16.20
CA ASN C 538 34.51 -8.77 -15.81
C ASN C 538 34.37 -8.72 -14.30
N PHE C 539 34.22 -7.50 -13.78
CA PHE C 539 34.15 -7.24 -12.34
C PHE C 539 32.88 -6.44 -12.07
N ILE C 540 31.82 -7.12 -11.63
CA ILE C 540 30.53 -6.49 -11.37
C ILE C 540 30.57 -5.98 -9.93
N SER C 541 31.05 -4.76 -9.76
CA SER C 541 31.06 -4.14 -8.45
C SER C 541 29.64 -3.93 -7.94
N ILE C 542 29.43 -4.21 -6.66
CA ILE C 542 28.16 -3.94 -5.99
C ILE C 542 28.50 -3.30 -4.66
N LYS C 543 28.49 -1.98 -4.61
CA LYS C 543 28.78 -1.27 -3.38
C LYS C 543 27.69 -1.53 -2.34
N GLY C 544 28.08 -1.40 -1.06
CA GLY C 544 27.15 -1.55 0.03
C GLY C 544 25.98 -0.60 0.01
N PRO C 545 26.17 0.68 -0.34
CA PRO C 545 25.01 1.59 -0.43
C PRO C 545 23.91 1.08 -1.35
N GLU C 546 24.23 0.44 -2.47
CA GLU C 546 23.15 -0.04 -3.32
C GLU C 546 22.40 -1.18 -2.66
N LEU C 547 23.07 -2.02 -1.89
CA LEU C 547 22.37 -3.04 -1.12
C LEU C 547 21.48 -2.42 -0.05
N LEU C 548 21.96 -1.36 0.60
CA LEU C 548 21.13 -0.68 1.58
C LEU C 548 19.90 -0.09 0.90
N THR C 549 20.06 0.49 -0.28
CA THR C 549 18.91 0.99 -1.03
C THR C 549 17.96 -0.15 -1.39
N MET C 550 18.52 -1.30 -1.74
CA MET C 550 17.71 -2.48 -2.00
C MET C 550 16.85 -2.82 -0.79
N TRP C 551 17.47 -2.86 0.39
CA TRP C 551 16.74 -3.19 1.61
C TRP C 551 15.69 -2.15 1.92
N PHE C 552 16.03 -0.87 1.79
CA PHE C 552 15.10 0.20 2.10
C PHE C 552 14.01 0.34 1.05
N GLY C 553 14.33 0.11 -0.22
CA GLY C 553 13.34 0.24 -1.27
C GLY C 553 12.25 -0.81 -1.25
N GLU C 554 12.39 -1.83 -0.41
CA GLU C 554 11.40 -2.91 -0.29
C GLU C 554 11.21 -3.64 -1.62
N SER C 555 12.22 -3.58 -2.49
CA SER C 555 12.17 -4.23 -3.80
C SER C 555 13.41 -5.11 -3.93
N GLU C 556 13.19 -6.41 -4.05
CA GLU C 556 14.26 -7.38 -4.21
C GLU C 556 14.34 -7.95 -5.62
N ALA C 557 13.40 -7.61 -6.49
CA ALA C 557 13.50 -8.03 -7.89
C ALA C 557 14.72 -7.42 -8.57
N ASN C 558 15.22 -6.29 -8.07
CA ASN C 558 16.44 -5.73 -8.62
C ASN C 558 17.65 -6.61 -8.30
N VAL C 559 17.57 -7.41 -7.23
CA VAL C 559 18.63 -8.39 -6.98
C VAL C 559 18.60 -9.47 -8.05
N ARG C 560 17.40 -9.95 -8.40
CA ARG C 560 17.25 -10.84 -9.55
C ARG C 560 17.87 -10.21 -10.79
N GLU C 561 17.60 -8.93 -11.02
CA GLU C 561 18.15 -8.26 -12.19
C GLU C 561 19.67 -8.22 -12.14
N ILE C 562 20.24 -7.89 -10.97
CA ILE C 562 21.69 -7.78 -10.85
C ILE C 562 22.34 -9.12 -11.10
N PHE C 563 21.80 -10.19 -10.51
CA PHE C 563 22.40 -11.51 -10.71
C PHE C 563 22.24 -11.98 -12.15
N ASP C 564 21.11 -11.66 -12.78
CA ASP C 564 20.96 -12.00 -14.19
C ASP C 564 21.99 -11.28 -15.04
N LYS C 565 22.22 -9.99 -14.76
CA LYS C 565 23.23 -9.26 -15.53
C LYS C 565 24.62 -9.83 -15.29
N ALA C 566 24.91 -10.22 -14.05
CA ALA C 566 26.19 -10.87 -13.77
C ALA C 566 26.32 -12.17 -14.57
N ARG C 567 25.24 -12.95 -14.62
CA ARG C 567 25.27 -14.20 -15.38
C ARG C 567 25.45 -13.95 -16.87
N GLN C 568 24.91 -12.84 -17.38
CA GLN C 568 25.08 -12.54 -18.80
C GLN C 568 26.55 -12.35 -19.14
N ALA C 569 27.29 -11.65 -18.28
CA ALA C 569 28.73 -11.55 -18.44
C ALA C 569 29.37 -12.87 -18.00
N ALA C 570 29.96 -13.58 -18.95
CA ALA C 570 30.35 -14.96 -18.70
C ALA C 570 31.46 -15.04 -17.65
N PRO C 571 32.67 -14.54 -17.90
CA PRO C 571 33.68 -14.48 -16.83
C PRO C 571 33.44 -13.28 -15.94
N CYS C 572 32.94 -13.54 -14.73
CA CYS C 572 32.57 -12.48 -13.81
C CYS C 572 33.11 -12.77 -12.42
N VAL C 573 33.38 -11.70 -11.69
CA VAL C 573 33.99 -11.75 -10.37
C VAL C 573 33.09 -11.05 -9.37
N LEU C 574 31.77 -11.23 -9.52
CA LEU C 574 30.75 -10.53 -8.75
C LEU C 574 31.19 -10.27 -7.32
N PHE C 575 31.19 -8.98 -6.94
CA PHE C 575 31.83 -8.52 -5.71
C PHE C 575 30.80 -7.77 -4.88
N PHE C 576 30.55 -8.27 -3.67
CA PHE C 576 29.64 -7.64 -2.73
C PHE C 576 30.47 -6.92 -1.68
N ASP C 577 30.65 -5.61 -1.86
CA ASP C 577 31.38 -4.80 -0.91
C ASP C 577 30.48 -4.46 0.28
N GLU C 578 31.09 -4.39 1.46
CA GLU C 578 30.36 -4.06 2.68
C GLU C 578 29.17 -5.01 2.86
N LEU C 579 29.42 -6.30 2.65
CA LEU C 579 28.37 -7.29 2.77
C LEU C 579 27.78 -7.26 4.18
N ASP C 580 26.47 -7.48 4.27
CA ASP C 580 25.74 -7.39 5.52
C ASP C 580 25.88 -6.01 6.14
N SER C 581 26.08 -4.99 5.29
CA SER C 581 25.89 -3.62 5.76
C SER C 581 24.45 -3.39 6.20
N ILE C 582 23.52 -4.22 5.71
CA ILE C 582 22.15 -4.17 6.20
C ILE C 582 22.12 -4.51 7.68
N ALA C 583 22.89 -5.50 8.10
CA ALA C 583 22.98 -5.84 9.52
C ALA C 583 23.53 -4.66 10.30
N LYS C 584 24.54 -3.97 9.76
CA LYS C 584 25.07 -2.79 10.43
C LYS C 584 24.02 -1.68 10.52
N ALA C 585 23.13 -1.60 9.53
CA ALA C 585 22.11 -0.56 9.55
C ALA C 585 21.04 -0.85 10.59
N ARG C 586 20.67 -2.12 10.78
CA ARG C 586 19.60 -2.49 11.70
C ARG C 586 20.16 -2.80 13.09
N GLY C 587 20.81 -1.80 13.68
CA GLY C 587 21.30 -1.90 15.03
C GLY C 587 22.69 -2.49 15.18
N GLY C 588 23.28 -2.99 14.11
CA GLY C 588 24.63 -3.54 14.20
C GLY C 588 24.71 -4.71 15.15
N ASN C 589 25.75 -4.71 15.98
CA ASN C 589 26.00 -5.85 16.87
C ASN C 589 24.84 -6.06 17.84
N ILE C 590 24.16 -5.00 18.24
CA ILE C 590 23.03 -5.14 19.16
C ILE C 590 21.95 -5.99 18.53
N GLY C 591 21.66 -5.77 17.25
CA GLY C 591 20.62 -6.51 16.57
C GLY C 591 19.25 -6.24 17.15
N ASP C 592 18.96 -4.99 17.51
CA ASP C 592 17.65 -4.67 18.07
C ASP C 592 16.53 -4.96 17.08
N GLY C 593 16.81 -4.84 15.78
CA GLY C 593 15.79 -5.14 14.78
C GLY C 593 15.35 -6.59 14.83
N GLY C 594 16.29 -7.51 15.01
CA GLY C 594 15.94 -8.92 15.05
C GLY C 594 17.16 -9.80 14.94
N GLY C 595 16.96 -10.96 14.31
CA GLY C 595 18.02 -11.93 14.16
C GLY C 595 19.01 -11.56 13.07
N ALA C 596 20.01 -12.42 12.90
CA ALA C 596 21.06 -12.15 11.93
C ALA C 596 20.49 -12.08 10.52
N ALA C 597 19.60 -13.00 10.16
CA ALA C 597 19.03 -13.01 8.83
C ALA C 597 18.19 -11.75 8.61
N ASP C 598 18.21 -11.25 7.37
CA ASP C 598 17.50 -10.03 7.03
C ASP C 598 16.91 -10.12 5.63
N ARG C 599 16.49 -8.99 5.06
CA ARG C 599 15.64 -9.02 3.88
C ARG C 599 16.43 -9.30 2.59
N VAL C 600 17.36 -8.41 2.24
CA VAL C 600 18.00 -8.50 0.95
C VAL C 600 19.03 -9.63 0.90
N ILE C 601 19.71 -9.89 2.02
CA ILE C 601 20.69 -10.96 2.04
C ILE C 601 20.00 -12.29 1.80
N ASN C 602 18.72 -12.41 2.13
CA ASN C 602 17.98 -13.63 1.82
C ASN C 602 17.89 -13.83 0.32
N GLN C 603 17.53 -12.78 -0.42
CA GLN C 603 17.48 -12.89 -1.87
C GLN C 603 18.86 -13.18 -2.44
N ILE C 604 19.89 -12.57 -1.87
CA ILE C 604 21.25 -12.83 -2.31
C ILE C 604 21.58 -14.31 -2.11
N LEU C 605 21.21 -14.86 -0.96
CA LEU C 605 21.45 -16.27 -0.69
C LEU C 605 20.73 -17.15 -1.70
N THR C 606 19.47 -16.84 -1.99
CA THR C 606 18.73 -17.64 -2.96
C THR C 606 19.39 -17.60 -4.32
N GLU C 607 19.78 -16.40 -4.77
CA GLU C 607 20.42 -16.29 -6.08
C GLU C 607 21.75 -17.04 -6.11
N MET C 608 22.55 -16.93 -5.05
CA MET C 608 23.82 -17.63 -5.01
C MET C 608 23.61 -19.14 -5.04
N ASP C 609 22.59 -19.62 -4.31
CA ASP C 609 22.26 -21.04 -4.39
C ASP C 609 21.90 -21.44 -5.82
N GLY C 610 21.16 -20.59 -6.52
CA GLY C 610 20.90 -20.83 -7.92
C GLY C 610 22.08 -20.54 -8.82
N MET C 611 23.09 -19.83 -8.32
CA MET C 611 24.27 -19.46 -9.11
C MET C 611 25.49 -20.28 -8.73
N SER C 612 25.29 -21.52 -8.27
CA SER C 612 26.39 -22.44 -8.05
C SER C 612 26.65 -23.34 -9.24
N THR C 613 25.87 -23.22 -10.32
CA THR C 613 26.02 -24.05 -11.50
C THR C 613 26.68 -23.34 -12.67
N LYS C 614 26.65 -22.01 -12.70
CA LYS C 614 27.25 -21.28 -13.81
C LYS C 614 28.74 -21.59 -13.92
N LYS C 615 29.41 -21.83 -12.80
CA LYS C 615 30.83 -22.14 -12.73
C LYS C 615 31.68 -21.22 -13.62
N ASN C 616 31.22 -19.99 -13.80
CA ASN C 616 32.00 -18.97 -14.49
C ASN C 616 31.86 -17.61 -13.84
N VAL C 617 31.19 -17.54 -12.68
CA VAL C 617 30.96 -16.29 -11.95
C VAL C 617 31.46 -16.51 -10.53
N PHE C 618 32.67 -16.03 -10.25
CA PHE C 618 33.29 -16.22 -8.94
C PHE C 618 32.83 -15.09 -8.02
N ILE C 619 32.05 -15.45 -7.01
CA ILE C 619 31.43 -14.47 -6.13
C ILE C 619 32.38 -14.17 -4.98
N ILE C 620 32.59 -12.89 -4.71
CA ILE C 620 33.47 -12.42 -3.65
C ILE C 620 32.64 -11.53 -2.73
N GLY C 621 32.91 -11.62 -1.43
CA GLY C 621 32.27 -10.77 -0.44
C GLY C 621 33.32 -10.11 0.42
N ALA C 622 33.06 -8.86 0.82
CA ALA C 622 34.03 -8.06 1.55
C ALA C 622 33.40 -7.44 2.79
N THR C 623 32.76 -8.27 3.61
CA THR C 623 32.22 -7.79 4.87
C THR C 623 33.33 -7.21 5.73
N ASN C 624 33.06 -6.05 6.33
CA ASN C 624 34.00 -5.43 7.26
C ASN C 624 33.71 -5.77 8.71
N ARG C 625 32.54 -6.33 9.01
CA ARG C 625 32.14 -6.69 10.37
C ARG C 625 31.68 -8.15 10.34
N PRO C 626 32.60 -9.10 10.34
CA PRO C 626 32.21 -10.51 10.20
C PRO C 626 31.35 -11.02 11.34
N ASP C 627 31.41 -10.41 12.53
CA ASP C 627 30.63 -10.90 13.65
C ASP C 627 29.13 -10.74 13.43
N ILE C 628 28.72 -9.80 12.58
CA ILE C 628 27.30 -9.62 12.25
C ILE C 628 26.92 -10.29 10.95
N ILE C 629 27.85 -10.99 10.29
CA ILE C 629 27.50 -11.72 9.08
C ILE C 629 26.49 -12.80 9.42
N ASP C 630 25.46 -12.92 8.60
CA ASP C 630 24.46 -13.95 8.84
C ASP C 630 25.10 -15.31 8.56
N PRO C 631 25.07 -16.26 9.49
CA PRO C 631 25.76 -17.54 9.24
C PRO C 631 25.19 -18.31 8.07
N ALA C 632 23.98 -17.97 7.60
CA ALA C 632 23.40 -18.68 6.46
C ALA C 632 24.25 -18.58 5.22
N ILE C 633 25.11 -17.57 5.13
CA ILE C 633 25.96 -17.39 3.95
C ILE C 633 27.31 -18.09 4.09
N LEU C 634 27.63 -18.62 5.27
CA LEU C 634 28.86 -19.40 5.45
C LEU C 634 28.53 -20.90 5.38
N ARG C 635 28.10 -21.32 4.19
CA ARG C 635 27.66 -22.68 3.94
C ARG C 635 28.19 -23.11 2.59
N PRO C 636 28.42 -24.42 2.38
CA PRO C 636 28.86 -24.87 1.06
C PRO C 636 27.86 -24.48 -0.01
N GLY C 637 28.38 -24.18 -1.20
CA GLY C 637 27.59 -23.60 -2.26
C GLY C 637 27.43 -22.10 -2.17
N ARG C 638 27.98 -21.48 -1.13
CA ARG C 638 27.87 -20.03 -0.94
C ARG C 638 29.27 -19.52 -0.58
N LEU C 639 29.35 -18.27 -0.13
CA LEU C 639 30.62 -17.69 0.30
C LEU C 639 31.07 -18.46 1.54
N ASP C 640 31.86 -19.50 1.31
CA ASP C 640 32.34 -20.38 2.37
C ASP C 640 33.80 -20.19 2.71
N GLN C 641 34.65 -20.01 1.71
CA GLN C 641 36.07 -19.82 1.96
C GLN C 641 36.30 -18.44 2.58
N LEU C 642 36.94 -18.42 3.74
CA LEU C 642 37.19 -17.20 4.50
C LEU C 642 38.68 -16.88 4.44
N ILE C 643 38.98 -15.66 4.00
CA ILE C 643 40.36 -15.18 3.93
C ILE C 643 40.45 -13.92 4.76
N TYR C 644 41.23 -13.98 5.85
CA TYR C 644 41.39 -12.84 6.75
C TYR C 644 42.54 -12.00 6.26
N ILE C 645 42.23 -11.05 5.38
CA ILE C 645 43.26 -10.12 4.92
C ILE C 645 43.58 -9.21 6.10
N PRO C 646 44.81 -9.20 6.62
CA PRO C 646 45.08 -8.45 7.85
C PRO C 646 45.54 -7.04 7.60
N LEU C 647 45.81 -6.29 8.66
CA LEU C 647 46.42 -4.97 8.52
C LEU C 647 47.80 -5.15 7.91
N PRO C 648 48.31 -4.20 7.14
CA PRO C 648 49.64 -4.37 6.55
C PRO C 648 50.71 -4.53 7.62
N ASP C 649 51.70 -5.36 7.31
CA ASP C 649 52.84 -5.59 8.18
C ASP C 649 53.95 -4.59 7.85
N GLU C 650 55.02 -4.62 8.65
CA GLU C 650 56.14 -3.71 8.44
C GLU C 650 56.70 -3.87 7.03
N LYS C 651 56.94 -5.12 6.62
CA LYS C 651 57.46 -5.37 5.29
C LYS C 651 56.46 -5.00 4.20
N SER C 652 55.18 -4.90 4.55
CA SER C 652 54.15 -4.60 3.56
C SER C 652 53.91 -3.11 3.37
N ARG C 653 54.00 -2.31 4.43
CA ARG C 653 53.66 -0.90 4.31
C ARG C 653 54.60 -0.17 3.37
N VAL C 654 55.86 -0.60 3.28
CA VAL C 654 56.76 0.00 2.31
C VAL C 654 56.26 -0.22 0.90
N ALA C 655 55.78 -1.44 0.61
CA ALA C 655 55.19 -1.70 -0.70
C ALA C 655 53.92 -0.89 -0.90
N ILE C 656 53.12 -0.75 0.15
CA ILE C 656 51.91 0.05 0.06
C ILE C 656 52.24 1.47 -0.36
N LEU C 657 53.22 2.07 0.30
CA LEU C 657 53.59 3.45 -0.01
C LEU C 657 54.22 3.55 -1.39
N LYS C 658 55.02 2.54 -1.78
CA LYS C 658 55.59 2.57 -3.13
C LYS C 658 54.50 2.53 -4.18
N ALA C 659 53.47 1.69 -3.97
CA ALA C 659 52.38 1.61 -4.92
C ALA C 659 51.58 2.91 -4.96
N ASN C 660 51.27 3.48 -3.79
CA ASN C 660 50.45 4.68 -3.77
C ASN C 660 51.20 5.87 -4.35
N LEU C 661 52.47 6.04 -3.98
CA LEU C 661 53.26 7.14 -4.52
C LEU C 661 53.59 6.97 -5.99
N ARG C 662 53.34 5.79 -6.56
CA ARG C 662 53.54 5.59 -7.98
C ARG C 662 52.70 6.59 -8.77
N LYS C 663 53.11 6.82 -10.01
CA LYS C 663 52.46 7.75 -10.94
C LYS C 663 52.50 9.20 -10.44
N SER C 664 53.26 9.47 -9.38
CA SER C 664 53.40 10.81 -8.82
C SER C 664 54.88 11.04 -8.55
N PRO C 665 55.43 12.19 -8.95
CA PRO C 665 56.85 12.45 -8.66
C PRO C 665 57.12 12.42 -7.16
N VAL C 666 58.27 11.85 -6.80
CA VAL C 666 58.70 11.76 -5.41
C VAL C 666 60.20 12.02 -5.35
N ALA C 667 60.62 12.80 -4.36
CA ALA C 667 62.03 13.07 -4.17
C ALA C 667 62.72 11.88 -3.53
N LYS C 668 64.05 11.87 -3.63
CA LYS C 668 64.85 10.78 -3.09
C LYS C 668 65.09 10.93 -1.58
N ASP C 669 64.83 12.11 -1.02
CA ASP C 669 65.10 12.33 0.40
C ASP C 669 64.18 11.50 1.29
N VAL C 670 62.93 11.31 0.89
CA VAL C 670 61.96 10.62 1.74
C VAL C 670 62.41 9.19 1.94
N ASP C 671 62.38 8.73 3.20
CA ASP C 671 62.73 7.36 3.56
C ASP C 671 61.45 6.67 4.01
N LEU C 672 60.95 5.74 3.18
CA LEU C 672 59.67 5.11 3.44
C LEU C 672 59.74 4.08 4.56
N GLU C 673 60.90 3.46 4.80
CA GLU C 673 60.99 2.45 5.85
C GLU C 673 60.73 3.04 7.23
N PHE C 674 61.33 4.20 7.51
CA PHE C 674 61.11 4.83 8.81
C PHE C 674 59.67 5.26 8.97
N LEU C 675 59.05 5.76 7.90
CA LEU C 675 57.65 6.13 7.96
C LEU C 675 56.76 4.91 8.21
N ALA C 676 57.09 3.78 7.57
CA ALA C 676 56.32 2.56 7.81
C ALA C 676 56.45 2.11 9.24
N LYS C 677 57.66 2.16 9.80
CA LYS C 677 57.82 1.79 11.21
C LYS C 677 57.06 2.75 12.11
N MET C 678 57.07 4.04 11.77
CA MET C 678 56.34 5.03 12.57
C MET C 678 54.84 4.75 12.58
N THR C 679 54.28 4.36 11.43
CA THR C 679 52.86 4.01 11.33
C THR C 679 52.74 2.51 11.52
N ASN C 680 52.53 2.09 12.76
CA ASN C 680 52.53 0.67 13.08
C ASN C 680 51.19 0.03 12.77
N GLY C 681 50.14 0.46 13.45
CA GLY C 681 48.84 -0.16 13.29
C GLY C 681 47.98 0.49 12.23
N PHE C 682 48.56 1.39 11.45
CA PHE C 682 47.79 2.12 10.45
C PHE C 682 47.27 1.18 9.38
N SER C 683 46.02 1.39 8.98
CA SER C 683 45.41 0.60 7.93
C SER C 683 45.76 1.18 6.55
N GLY C 684 45.52 0.38 5.52
CA GLY C 684 45.81 0.83 4.17
C GLY C 684 45.10 2.12 3.82
N ALA C 685 43.85 2.25 4.26
CA ALA C 685 43.14 3.51 4.08
C ALA C 685 43.89 4.65 4.75
N ASP C 686 44.42 4.41 5.94
CA ASP C 686 45.18 5.45 6.63
C ASP C 686 46.48 5.76 5.90
N LEU C 687 47.13 4.75 5.34
CA LEU C 687 48.36 4.99 4.60
C LEU C 687 48.11 5.84 3.36
N THR C 688 47.09 5.49 2.59
CA THR C 688 46.77 6.32 1.43
C THR C 688 46.29 7.70 1.86
N GLU C 689 45.63 7.80 3.02
CA GLU C 689 45.27 9.13 3.52
C GLU C 689 46.50 9.96 3.82
N ILE C 690 47.52 9.33 4.42
CA ILE C 690 48.78 10.04 4.67
C ILE C 690 49.39 10.50 3.36
N CYS C 691 49.40 9.62 2.35
CA CYS C 691 49.96 9.99 1.06
C CYS C 691 49.22 11.17 0.46
N GLN C 692 47.88 11.12 0.47
CA GLN C 692 47.10 12.21 -0.11
C GLN C 692 47.29 13.50 0.66
N ARG C 693 47.37 13.43 1.99
CA ARG C 693 47.59 14.63 2.78
C ARG C 693 48.95 15.24 2.49
N ALA C 694 49.98 14.41 2.39
CA ALA C 694 51.31 14.93 2.05
C ALA C 694 51.31 15.56 0.67
N CYS C 695 50.65 14.93 -0.30
CA CYS C 695 50.58 15.50 -1.63
C CYS C 695 49.80 16.82 -1.61
N LYS C 696 48.74 16.89 -0.80
CA LYS C 696 47.97 18.12 -0.69
C LYS C 696 48.83 19.24 -0.12
N LEU C 697 49.61 18.94 0.92
CA LEU C 697 50.49 19.95 1.49
C LEU C 697 51.53 20.40 0.47
N ALA C 698 52.11 19.45 -0.27
CA ALA C 698 53.13 19.81 -1.25
C ALA C 698 52.56 20.66 -2.37
N ILE C 699 51.36 20.31 -2.86
CA ILE C 699 50.77 21.10 -3.93
C ILE C 699 50.31 22.45 -3.43
N ARG C 700 49.88 22.55 -2.17
CA ARG C 700 49.58 23.86 -1.60
C ARG C 700 50.83 24.72 -1.56
N GLU C 701 51.95 24.15 -1.14
CA GLU C 701 53.20 24.89 -1.14
C GLU C 701 53.58 25.32 -2.55
N SER C 702 53.42 24.42 -3.52
CA SER C 702 53.75 24.76 -4.90
C SER C 702 52.87 25.89 -5.43
N ILE C 703 51.57 25.84 -5.13
CA ILE C 703 50.65 26.87 -5.59
C ILE C 703 51.02 28.21 -4.96
N GLU C 704 51.31 28.20 -3.66
CA GLU C 704 51.71 29.45 -3.01
C GLU C 704 52.99 30.00 -3.63
N SER C 705 53.96 29.12 -3.89
CA SER C 705 55.21 29.56 -4.50
C SER C 705 54.96 30.17 -5.86
N GLU C 706 54.14 29.52 -6.69
CA GLU C 706 53.86 30.04 -8.02
C GLU C 706 53.10 31.37 -7.94
N ILE C 707 52.16 31.49 -7.00
CA ILE C 707 51.41 32.74 -6.87
C ILE C 707 52.36 33.88 -6.51
N ARG C 708 53.23 33.66 -5.53
CA ARG C 708 54.14 34.72 -5.13
C ARG C 708 55.15 35.04 -6.23
N ARG C 709 55.58 34.02 -6.98
CA ARG C 709 56.49 34.26 -8.09
C ARG C 709 55.84 35.10 -9.17
N GLU C 710 54.58 34.79 -9.52
CA GLU C 710 53.88 35.57 -10.52
C GLU C 710 53.65 37.00 -10.04
N ARG C 711 53.29 37.16 -8.76
CA ARG C 711 53.11 38.50 -8.20
C ARG C 711 54.40 39.29 -8.26
N GLU C 712 55.53 38.65 -7.91
CA GLU C 712 56.82 39.33 -7.97
C GLU C 712 57.16 39.72 -9.40
N ARG C 713 56.92 38.83 -10.35
CA ARG C 713 57.24 39.11 -11.75
C ARG C 713 56.41 40.27 -12.28
N GLN C 714 55.11 40.29 -11.96
CA GLN C 714 54.23 41.34 -12.47
C GLN C 714 54.48 42.69 -11.80
N THR C 715 55.04 42.69 -10.60
CA THR C 715 55.24 43.92 -9.84
C THR C 715 56.52 44.61 -10.30
N ASN C 716 56.98 45.60 -9.52
CA ASN C 716 58.15 46.43 -9.79
C ASN C 716 59.34 45.67 -10.38
N PRO C 717 59.67 44.46 -9.88
CA PRO C 717 60.83 43.75 -10.46
C PRO C 717 60.75 43.55 -11.95
N SER C 718 59.54 43.34 -12.50
CA SER C 718 59.39 43.18 -13.94
C SER C 718 57.96 43.47 -14.37
N ASP C 726 63.86 27.58 -8.54
CA ASP C 726 63.01 26.44 -8.80
C ASP C 726 61.72 26.52 -7.97
N PRO C 727 60.62 25.97 -8.48
CA PRO C 727 59.37 25.97 -7.71
C PRO C 727 59.20 24.77 -6.78
N VAL C 728 60.24 23.98 -6.56
CA VAL C 728 60.16 22.76 -5.76
C VAL C 728 59.11 21.85 -6.38
N PRO C 729 59.36 21.27 -7.57
CA PRO C 729 58.40 20.37 -8.21
C PRO C 729 58.52 18.92 -7.73
N GLU C 730 58.63 18.76 -6.41
CA GLU C 730 58.79 17.44 -5.81
C GLU C 730 58.24 17.50 -4.40
N ILE C 731 57.99 16.32 -3.83
CA ILE C 731 57.52 16.20 -2.45
C ILE C 731 58.69 15.75 -1.59
N ARG C 732 58.95 16.48 -0.51
CA ARG C 732 60.08 16.23 0.38
C ARG C 732 59.56 15.90 1.77
N ARG C 733 60.48 15.48 2.64
CA ARG C 733 60.09 14.86 3.90
C ARG C 733 59.35 15.81 4.83
N ASP C 734 59.54 17.12 4.69
CA ASP C 734 58.82 18.04 5.56
C ASP C 734 57.32 17.94 5.35
N HIS C 735 56.88 17.83 4.09
CA HIS C 735 55.47 17.63 3.82
C HIS C 735 54.99 16.32 4.41
N PHE C 736 55.79 15.26 4.30
CA PHE C 736 55.37 13.96 4.80
C PHE C 736 55.18 14.00 6.31
N GLU C 737 56.12 14.60 7.04
CA GLU C 737 55.98 14.66 8.49
C GLU C 737 54.84 15.59 8.89
N GLU C 738 54.64 16.68 8.15
CA GLU C 738 53.51 17.55 8.45
C GLU C 738 52.20 16.81 8.27
N ALA C 739 52.08 16.00 7.21
CA ALA C 739 50.89 15.19 7.03
C ALA C 739 50.74 14.17 8.14
N MET C 740 51.86 13.54 8.54
CA MET C 740 51.81 12.52 9.59
C MET C 740 51.31 13.12 10.89
N ARG C 741 51.66 14.37 11.17
CA ARG C 741 51.17 15.03 12.38
C ARG C 741 49.64 14.96 12.45
N PHE C 742 48.97 15.09 11.30
CA PHE C 742 47.51 15.14 11.29
C PHE C 742 46.93 13.73 11.25
N ALA C 743 47.31 12.94 10.25
CA ALA C 743 46.70 11.63 10.05
C ALA C 743 47.00 10.71 11.22
N ARG C 744 46.01 9.90 11.59
CA ARG C 744 46.15 8.92 12.65
C ARG C 744 45.38 7.67 12.28
N ARG C 745 45.76 6.55 12.90
CA ARG C 745 45.13 5.28 12.62
C ARG C 745 43.64 5.33 12.96
N SER C 746 42.82 4.83 12.03
CA SER C 746 41.37 4.89 12.18
C SER C 746 40.78 3.64 12.80
N VAL C 747 41.50 2.52 12.77
CA VAL C 747 41.02 1.26 13.34
C VAL C 747 41.74 1.04 14.66
N SER C 748 40.96 0.86 15.73
CA SER C 748 41.53 0.72 17.06
C SER C 748 42.03 -0.70 17.29
N ASP C 749 42.86 -0.84 18.33
CA ASP C 749 43.35 -2.17 18.69
C ASP C 749 42.21 -3.11 19.06
N ASN C 750 41.11 -2.56 19.59
CA ASN C 750 39.97 -3.39 19.94
C ASN C 750 39.40 -4.09 18.71
N ASP C 751 39.32 -3.37 17.58
CA ASP C 751 38.74 -3.97 16.38
C ASP C 751 39.60 -5.11 15.85
N ILE C 752 40.91 -4.90 15.78
CA ILE C 752 41.78 -5.97 15.30
C ILE C 752 41.78 -7.14 16.27
N ARG C 753 41.70 -6.86 17.57
CA ARG C 753 41.57 -7.95 18.54
C ARG C 753 40.29 -8.73 18.30
N LYS C 754 39.19 -8.03 18.00
CA LYS C 754 37.93 -8.70 17.73
C LYS C 754 38.03 -9.58 16.48
N TYR C 755 38.67 -9.08 15.43
CA TYR C 755 38.83 -9.89 14.22
C TYR C 755 39.70 -11.10 14.49
N GLU C 756 40.76 -10.91 15.29
CA GLU C 756 41.60 -12.05 15.66
C GLU C 756 40.83 -13.08 16.46
N MET C 757 39.96 -12.62 17.36
CA MET C 757 39.11 -13.54 18.11
C MET C 757 38.19 -14.31 17.18
N PHE C 758 37.62 -13.63 16.18
CA PHE C 758 36.81 -14.31 15.19
C PHE C 758 37.61 -15.38 14.46
N ALA C 759 38.85 -15.04 14.08
CA ALA C 759 39.72 -16.01 13.42
C ALA C 759 39.99 -17.20 14.33
N GLN C 760 40.24 -16.96 15.61
CA GLN C 760 40.48 -18.05 16.55
C GLN C 760 39.24 -18.93 16.67
N THR C 761 38.05 -18.32 16.66
CA THR C 761 36.83 -19.12 16.60
C THR C 761 36.82 -19.99 15.36
N LEU C 762 37.29 -19.46 14.23
CA LEU C 762 37.45 -20.26 13.02
C LEU C 762 38.76 -21.05 13.05
N GLN C 763 39.88 -20.36 12.92
CA GLN C 763 41.19 -21.00 13.07
C GLN C 763 41.56 -21.04 14.54
N GLU D 200 5.72 40.47 -31.86
CA GLU D 200 7.11 40.74 -32.21
C GLU D 200 7.95 40.98 -30.97
N VAL D 201 8.91 40.08 -30.72
CA VAL D 201 9.81 40.16 -29.60
C VAL D 201 11.23 39.90 -30.09
N GLY D 202 12.17 39.87 -29.15
CA GLY D 202 13.55 39.64 -29.51
C GLY D 202 14.41 39.46 -28.28
N TYR D 203 15.72 39.46 -28.52
CA TYR D 203 16.67 39.27 -27.43
C TYR D 203 16.51 40.33 -26.35
N ASP D 204 16.13 41.56 -26.74
CA ASP D 204 15.94 42.61 -25.77
C ASP D 204 14.82 42.27 -24.79
N ASP D 205 13.75 41.67 -25.30
CA ASP D 205 12.60 41.37 -24.44
C ASP D 205 12.98 40.38 -23.33
N ILE D 206 13.77 39.36 -23.67
CA ILE D 206 14.17 38.38 -22.67
C ILE D 206 15.08 39.06 -21.64
N GLY D 207 14.78 38.87 -20.37
CA GLY D 207 15.58 39.42 -19.31
C GLY D 207 15.86 38.39 -18.25
N GLY D 208 17.03 38.51 -17.63
CA GLY D 208 17.44 37.59 -16.58
C GLY D 208 17.96 36.28 -17.14
N CYS D 209 17.24 35.70 -18.09
CA CYS D 209 17.73 34.54 -18.81
C CYS D 209 18.90 34.96 -19.70
N ARG D 210 20.12 34.85 -19.18
CA ARG D 210 21.33 35.17 -19.93
C ARG D 210 22.19 33.94 -20.18
N LYS D 211 22.52 33.18 -19.13
CA LYS D 211 23.28 31.95 -19.32
C LYS D 211 22.51 30.98 -20.20
N GLN D 212 21.26 30.70 -19.85
CA GLN D 212 20.45 29.80 -20.65
C GLN D 212 20.14 30.42 -22.02
N LEU D 213 19.87 31.72 -22.06
CA LEU D 213 19.70 32.37 -23.35
C LEU D 213 20.99 32.34 -24.15
N ALA D 214 22.14 32.45 -23.49
CA ALA D 214 23.40 32.32 -24.20
C ALA D 214 23.54 30.94 -24.82
N GLN D 215 23.17 29.90 -24.05
CA GLN D 215 23.22 28.54 -24.59
C GLN D 215 22.28 28.39 -25.78
N ILE D 216 21.07 28.94 -25.69
CA ILE D 216 20.13 28.84 -26.80
C ILE D 216 20.67 29.58 -28.02
N LYS D 217 21.23 30.77 -27.81
CA LYS D 217 21.87 31.49 -28.91
C LYS D 217 22.93 30.63 -29.58
N GLU D 218 23.85 30.09 -28.78
CA GLU D 218 24.87 29.19 -29.28
C GLU D 218 24.27 28.07 -30.11
N MET D 219 23.25 27.42 -29.57
CA MET D 219 22.74 26.16 -30.10
C MET D 219 21.75 26.34 -31.24
N VAL D 220 21.29 27.57 -31.50
CA VAL D 220 20.24 27.79 -32.49
C VAL D 220 20.70 28.73 -33.59
N GLU D 221 21.69 29.58 -33.33
CA GLU D 221 22.15 30.51 -34.36
C GLU D 221 23.01 29.80 -35.40
N LEU D 222 24.09 29.16 -34.94
CA LEU D 222 25.04 28.57 -35.88
C LEU D 222 24.40 27.52 -36.79
N PRO D 223 23.57 26.59 -36.30
CA PRO D 223 23.00 25.59 -37.21
C PRO D 223 22.11 26.17 -38.29
N LEU D 224 21.60 27.40 -38.11
CA LEU D 224 20.69 28.02 -39.06
C LEU D 224 21.33 29.18 -39.82
N ARG D 225 21.94 30.12 -39.10
CA ARG D 225 22.54 31.27 -39.77
C ARG D 225 23.74 30.85 -40.62
N HIS D 226 24.55 29.92 -40.12
CA HIS D 226 25.73 29.41 -40.82
C HIS D 226 25.68 27.90 -40.84
N PRO D 227 24.89 27.31 -41.72
CA PRO D 227 24.84 25.84 -41.82
C PRO D 227 25.98 25.24 -42.62
N ALA D 228 26.71 26.05 -43.39
CA ALA D 228 27.71 25.50 -44.31
C ALA D 228 28.85 24.84 -43.55
N LEU D 229 29.42 25.52 -42.55
CA LEU D 229 30.59 25.00 -41.88
C LEU D 229 30.25 23.73 -41.11
N PHE D 230 29.06 23.66 -40.51
CA PHE D 230 28.66 22.44 -39.82
C PHE D 230 28.54 21.28 -40.79
N LYS D 231 27.94 21.51 -41.96
CA LYS D 231 27.82 20.45 -42.96
C LYS D 231 29.20 19.98 -43.43
N ALA D 232 30.11 20.92 -43.68
CA ALA D 232 31.43 20.55 -44.17
C ALA D 232 32.23 19.80 -43.11
N ILE D 233 32.19 20.28 -41.86
CA ILE D 233 32.99 19.66 -40.80
C ILE D 233 32.50 18.25 -40.53
N GLY D 234 31.19 18.06 -40.50
CA GLY D 234 30.59 16.76 -40.27
C GLY D 234 30.05 16.52 -38.87
N VAL D 235 30.27 17.44 -37.94
CA VAL D 235 29.72 17.30 -36.60
C VAL D 235 28.22 17.57 -36.65
N LYS D 236 27.44 16.65 -36.09
CA LYS D 236 26.00 16.76 -36.16
C LYS D 236 25.51 17.80 -35.16
N PRO D 237 24.82 18.85 -35.58
CA PRO D 237 24.27 19.82 -34.62
C PRO D 237 23.15 19.18 -33.82
N PRO D 238 22.87 19.69 -32.62
CA PRO D 238 21.80 19.11 -31.81
C PRO D 238 20.45 19.29 -32.47
N ARG D 239 19.81 18.17 -32.82
CA ARG D 239 18.54 18.22 -33.53
C ARG D 239 17.43 18.77 -32.64
N GLY D 240 17.32 18.24 -31.43
CA GLY D 240 16.29 18.66 -30.49
C GLY D 240 16.92 19.44 -29.34
N ILE D 241 16.19 20.46 -28.88
CA ILE D 241 16.65 21.33 -27.79
C ILE D 241 15.46 21.44 -26.84
N LEU D 242 15.48 20.66 -25.76
CA LEU D 242 14.38 20.62 -24.80
C LEU D 242 14.71 21.63 -23.70
N LEU D 243 14.04 22.78 -23.72
CA LEU D 243 14.19 23.77 -22.66
C LEU D 243 12.97 23.69 -21.75
N TYR D 244 13.21 23.57 -20.45
CA TYR D 244 12.14 23.37 -19.50
C TYR D 244 12.27 24.32 -18.33
N GLY D 245 11.37 24.20 -17.35
CA GLY D 245 11.35 25.06 -16.20
C GLY D 245 9.95 25.12 -15.63
N PRO D 246 9.74 25.94 -14.62
CA PRO D 246 8.40 26.10 -14.07
C PRO D 246 7.50 26.85 -15.03
N PRO D 247 6.18 26.75 -14.87
CA PRO D 247 5.28 27.41 -15.82
C PRO D 247 5.45 28.92 -15.79
N GLY D 248 5.21 29.54 -16.94
CA GLY D 248 5.29 30.98 -17.04
C GLY D 248 6.68 31.55 -16.82
N THR D 249 7.71 30.84 -17.24
CA THR D 249 9.09 31.29 -17.10
C THR D 249 9.64 31.93 -18.37
N GLY D 250 8.84 32.06 -19.41
CA GLY D 250 9.29 32.62 -20.66
C GLY D 250 9.77 31.62 -21.68
N LYS D 251 9.46 30.34 -21.50
CA LYS D 251 9.89 29.33 -22.46
C LYS D 251 9.38 29.65 -23.86
N THR D 252 8.07 29.89 -23.99
CA THR D 252 7.53 30.28 -25.28
C THR D 252 8.11 31.61 -25.74
N LEU D 253 8.27 32.57 -24.81
CA LEU D 253 8.84 33.86 -25.17
C LEU D 253 10.29 33.70 -25.63
N ILE D 254 11.07 32.86 -24.95
CA ILE D 254 12.45 32.63 -25.36
C ILE D 254 12.49 32.00 -26.75
N ALA D 255 11.62 31.02 -27.00
CA ALA D 255 11.60 30.38 -28.31
C ALA D 255 11.25 31.39 -29.39
N ARG D 256 10.23 32.21 -29.16
CA ARG D 256 9.84 33.19 -30.15
C ARG D 256 10.96 34.20 -30.39
N ALA D 257 11.62 34.64 -29.30
CA ALA D 257 12.69 35.62 -29.44
C ALA D 257 13.84 35.07 -30.25
N VAL D 258 14.27 33.84 -29.96
CA VAL D 258 15.40 33.28 -30.70
C VAL D 258 15.00 33.04 -32.15
N ALA D 259 13.77 32.60 -32.39
CA ALA D 259 13.31 32.40 -33.76
C ALA D 259 13.33 33.71 -34.54
N ASN D 260 12.83 34.78 -33.93
CA ASN D 260 12.82 36.07 -34.61
C ASN D 260 14.23 36.59 -34.84
N GLU D 261 15.12 36.41 -33.86
CA GLU D 261 16.49 36.89 -34.01
C GLU D 261 17.20 36.16 -35.13
N THR D 262 17.03 34.83 -35.20
CA THR D 262 17.66 34.07 -36.28
C THR D 262 17.12 34.50 -37.63
N GLY D 263 15.83 34.84 -37.69
CA GLY D 263 15.19 35.15 -38.95
C GLY D 263 14.74 33.94 -39.74
N ALA D 264 14.99 32.73 -39.23
CA ALA D 264 14.59 31.53 -39.93
C ALA D 264 13.08 31.32 -39.83
N PHE D 265 12.56 30.47 -40.71
CA PHE D 265 11.15 30.12 -40.66
C PHE D 265 10.82 29.51 -39.30
N PHE D 266 9.67 29.86 -38.77
CA PHE D 266 9.24 29.42 -37.45
C PHE D 266 7.80 28.94 -37.51
N PHE D 267 7.49 27.88 -36.76
CA PHE D 267 6.14 27.34 -36.75
C PHE D 267 5.86 26.79 -35.35
N LEU D 268 5.16 27.58 -34.54
CA LEU D 268 4.81 27.14 -33.19
C LEU D 268 3.81 26.00 -33.26
N ILE D 269 4.01 24.99 -32.43
CA ILE D 269 3.07 23.89 -32.26
C ILE D 269 2.70 23.82 -30.78
N ASN D 270 1.40 23.82 -30.51
CA ASN D 270 0.89 23.81 -29.15
C ASN D 270 0.30 22.44 -28.84
N GLY D 271 0.68 21.88 -27.70
CA GLY D 271 0.20 20.57 -27.32
C GLY D 271 -1.31 20.53 -27.18
N PRO D 272 -1.88 21.49 -26.46
CA PRO D 272 -3.34 21.53 -26.33
C PRO D 272 -4.08 21.51 -27.67
N GLU D 273 -3.70 22.34 -28.63
CA GLU D 273 -4.46 22.39 -29.87
C GLU D 273 -4.25 21.13 -30.70
N ILE D 274 -3.06 20.54 -30.65
CA ILE D 274 -2.84 19.26 -31.33
C ILE D 274 -3.74 18.19 -30.72
N MET D 275 -3.83 18.14 -29.40
CA MET D 275 -4.67 17.13 -28.76
C MET D 275 -6.16 17.44 -28.91
N SER D 276 -6.51 18.68 -29.21
CA SER D 276 -7.93 19.04 -29.32
C SER D 276 -8.58 18.38 -30.54
N LYS D 277 -7.83 18.15 -31.60
CA LYS D 277 -8.41 17.63 -32.82
C LYS D 277 -8.89 16.19 -32.63
N LEU D 278 -9.76 15.75 -33.54
CA LEU D 278 -10.29 14.41 -33.48
C LEU D 278 -9.20 13.38 -33.71
N ALA D 279 -9.46 12.15 -33.28
CA ALA D 279 -8.53 11.05 -33.51
C ALA D 279 -8.28 10.91 -35.01
N GLY D 280 -7.00 10.78 -35.38
CA GLY D 280 -6.59 10.72 -36.76
C GLY D 280 -6.23 12.06 -37.35
N GLU D 281 -6.76 13.15 -36.78
CA GLU D 281 -6.44 14.49 -37.26
C GLU D 281 -5.28 15.12 -36.51
N SER D 282 -5.05 14.73 -35.25
CA SER D 282 -3.91 15.28 -34.51
C SER D 282 -2.59 14.83 -35.12
N GLU D 283 -2.43 13.53 -35.35
CA GLU D 283 -1.22 13.03 -35.98
C GLU D 283 -1.06 13.57 -37.39
N SER D 284 -2.16 13.69 -38.13
CA SER D 284 -2.09 14.28 -39.47
C SER D 284 -1.62 15.74 -39.40
N ASN D 285 -2.14 16.49 -38.42
CA ASN D 285 -1.70 17.88 -38.25
C ASN D 285 -0.21 17.95 -37.94
N LEU D 286 0.26 17.09 -37.03
CA LEU D 286 1.67 17.08 -36.69
C LEU D 286 2.51 16.72 -37.92
N ARG D 287 2.07 15.73 -38.68
CA ARG D 287 2.82 15.30 -39.86
C ARG D 287 2.90 16.42 -40.89
N LYS D 288 1.79 17.09 -41.16
CA LYS D 288 1.85 18.17 -42.15
C LYS D 288 2.63 19.36 -41.64
N ALA D 289 2.63 19.60 -40.32
CA ALA D 289 3.47 20.65 -39.75
C ALA D 289 4.94 20.34 -40.00
N PHE D 290 5.35 19.10 -39.72
CA PHE D 290 6.73 18.74 -39.98
C PHE D 290 7.05 18.81 -41.48
N GLU D 291 6.09 18.42 -42.32
CA GLU D 291 6.32 18.46 -43.76
C GLU D 291 6.53 19.89 -44.25
N GLU D 292 5.66 20.82 -43.83
CA GLU D 292 5.81 22.19 -44.28
C GLU D 292 7.05 22.84 -43.68
N ALA D 293 7.45 22.41 -42.48
CA ALA D 293 8.75 22.84 -41.96
C ALA D 293 9.88 22.35 -42.86
N GLU D 294 9.78 21.10 -43.32
CA GLU D 294 10.81 20.54 -44.19
C GLU D 294 10.88 21.30 -45.51
N LYS D 295 9.73 21.64 -46.09
CA LYS D 295 9.71 22.36 -47.36
C LYS D 295 10.31 23.76 -47.24
N ASN D 296 10.43 24.28 -46.03
CA ASN D 296 10.87 25.64 -45.77
C ASN D 296 11.95 25.64 -44.69
N ALA D 297 13.01 24.85 -44.89
CA ALA D 297 13.68 24.30 -43.72
C ALA D 297 15.07 24.86 -43.44
N PRO D 298 15.23 26.16 -43.37
CA PRO D 298 15.87 26.73 -42.17
C PRO D 298 14.75 26.95 -41.17
N ALA D 299 14.63 26.10 -40.15
CA ALA D 299 13.38 26.05 -39.41
C ALA D 299 13.61 25.78 -37.93
N ILE D 300 12.79 26.43 -37.10
CA ILE D 300 12.73 26.19 -35.68
C ILE D 300 11.30 25.76 -35.37
N ILE D 301 11.06 24.45 -35.37
CA ILE D 301 9.79 23.93 -34.89
C ILE D 301 9.77 24.05 -33.37
N PHE D 302 8.63 24.45 -32.81
CA PHE D 302 8.51 24.65 -31.37
C PHE D 302 7.27 23.92 -30.88
N ILE D 303 7.48 22.90 -30.06
CA ILE D 303 6.40 22.12 -29.48
C ILE D 303 6.21 22.62 -28.05
N ASP D 304 5.18 23.43 -27.84
CA ASP D 304 4.91 23.98 -26.52
C ASP D 304 4.14 22.97 -25.69
N GLU D 305 4.45 22.92 -24.39
CA GLU D 305 3.82 21.97 -23.47
C GLU D 305 3.97 20.54 -23.99
N LEU D 306 5.23 20.13 -24.17
CA LEU D 306 5.51 18.78 -24.64
C LEU D 306 4.95 17.74 -23.70
N ASP D 307 4.85 18.06 -22.40
CA ASP D 307 4.34 17.08 -21.44
C ASP D 307 2.90 16.70 -21.75
N ALA D 308 2.07 17.67 -22.12
CA ALA D 308 0.67 17.37 -22.40
C ALA D 308 0.54 16.42 -23.58
N ILE D 309 1.27 16.68 -24.66
CA ILE D 309 1.17 15.82 -25.84
C ILE D 309 1.81 14.45 -25.56
N ALA D 310 2.96 14.44 -24.88
CA ALA D 310 3.74 13.23 -24.69
C ALA D 310 4.13 13.09 -23.21
N PRO D 311 3.20 12.72 -22.35
CA PRO D 311 3.53 12.45 -20.96
C PRO D 311 4.18 11.08 -20.81
N LYS D 312 4.43 10.68 -19.57
CA LYS D 312 5.13 9.43 -19.32
C LYS D 312 4.40 8.26 -19.96
N ARG D 313 5.15 7.20 -20.25
CA ARG D 313 4.58 6.06 -20.97
C ARG D 313 3.40 5.48 -20.23
N GLU D 314 3.55 5.25 -18.92
CA GLU D 314 2.51 4.57 -18.15
C GLU D 314 1.32 5.47 -17.84
N LYS D 315 1.50 6.78 -17.82
CA LYS D 315 0.41 7.70 -17.58
C LYS D 315 -0.31 8.13 -18.84
N THR D 316 0.09 7.62 -20.00
CA THR D 316 -0.69 7.76 -21.23
C THR D 316 -1.76 6.69 -21.21
N HIS D 317 -2.99 7.09 -20.88
CA HIS D 317 -4.04 6.12 -20.65
C HIS D 317 -4.66 5.62 -21.95
N GLY D 318 -5.02 6.54 -22.85
CA GLY D 318 -5.67 6.14 -24.08
C GLY D 318 -4.69 5.60 -25.11
N GLU D 319 -5.25 4.88 -26.09
CA GLU D 319 -4.42 4.37 -27.17
C GLU D 319 -3.99 5.49 -28.11
N VAL D 320 -4.87 6.47 -28.34
CA VAL D 320 -4.53 7.59 -29.21
C VAL D 320 -3.37 8.38 -28.62
N GLU D 321 -3.26 8.43 -27.29
CA GLU D 321 -2.13 9.09 -26.66
C GLU D 321 -0.82 8.44 -27.08
N ARG D 322 -0.74 7.11 -26.95
CA ARG D 322 0.46 6.40 -27.38
C ARG D 322 0.69 6.55 -28.87
N ARG D 323 -0.38 6.59 -29.66
CA ARG D 323 -0.21 6.74 -31.11
C ARG D 323 0.41 8.09 -31.44
N ILE D 324 -0.04 9.17 -30.80
CA ILE D 324 0.52 10.48 -31.08
C ILE D 324 1.96 10.56 -30.58
N VAL D 325 2.24 9.93 -29.42
CA VAL D 325 3.61 9.92 -28.93
C VAL D 325 4.53 9.22 -29.93
N SER D 326 4.10 8.06 -30.43
CA SER D 326 4.92 7.34 -31.40
C SER D 326 5.05 8.12 -32.69
N GLN D 327 3.99 8.84 -33.08
CA GLN D 327 4.07 9.68 -34.26
C GLN D 327 5.15 10.75 -34.10
N LEU D 328 5.18 11.40 -32.94
CA LEU D 328 6.22 12.38 -32.67
C LEU D 328 7.60 11.74 -32.69
N LEU D 329 7.72 10.56 -32.09
CA LEU D 329 9.00 9.86 -32.08
C LEU D 329 9.49 9.59 -33.50
N THR D 330 8.63 9.03 -34.34
CA THR D 330 9.06 8.66 -35.69
C THR D 330 9.34 9.90 -36.53
N LEU D 331 8.57 10.97 -36.34
CA LEU D 331 8.88 12.21 -37.07
C LEU D 331 10.24 12.76 -36.66
N MET D 332 10.52 12.77 -35.36
CA MET D 332 11.81 13.29 -34.91
C MET D 332 12.96 12.43 -35.41
N ASP D 333 12.78 11.10 -35.45
CA ASP D 333 13.84 10.24 -35.96
C ASP D 333 13.99 10.39 -37.47
N GLY D 334 12.89 10.56 -38.20
CA GLY D 334 12.95 10.67 -39.65
C GLY D 334 13.42 12.03 -40.14
N LEU D 335 13.37 13.06 -39.29
CA LEU D 335 13.94 14.34 -39.64
C LEU D 335 15.45 14.39 -39.39
N LYS D 336 16.09 13.22 -39.29
CA LYS D 336 17.55 13.15 -39.21
C LYS D 336 18.21 13.68 -40.47
N GLN D 337 17.46 13.83 -41.56
CA GLN D 337 18.03 14.31 -42.82
C GLN D 337 18.72 15.65 -42.60
N ARG D 338 19.59 16.00 -43.56
CA ARG D 338 20.41 17.19 -43.44
C ARG D 338 19.61 18.48 -43.55
N ALA D 339 18.33 18.41 -43.93
CA ALA D 339 17.50 19.60 -43.92
C ALA D 339 17.51 20.22 -42.53
N HIS D 340 17.69 21.54 -42.49
CA HIS D 340 18.00 22.24 -41.24
C HIS D 340 16.70 22.57 -40.51
N VAL D 341 16.25 21.63 -39.69
CA VAL D 341 15.10 21.83 -38.81
C VAL D 341 15.56 21.52 -37.39
N ILE D 342 15.25 22.42 -36.46
CA ILE D 342 15.56 22.24 -35.05
C ILE D 342 14.24 22.15 -34.31
N VAL D 343 14.03 21.04 -33.61
CA VAL D 343 12.77 20.78 -32.93
C VAL D 343 12.97 21.13 -31.46
N MET D 344 12.68 22.37 -31.12
CA MET D 344 12.69 22.83 -29.74
C MET D 344 11.37 22.43 -29.08
N ALA D 345 11.45 22.10 -27.79
CA ALA D 345 10.27 21.71 -27.03
C ALA D 345 10.29 22.37 -25.67
N ALA D 346 9.12 22.81 -25.23
CA ALA D 346 8.95 23.46 -23.94
C ALA D 346 8.09 22.58 -23.06
N THR D 347 8.53 22.38 -21.81
CA THR D 347 7.81 21.52 -20.90
C THR D 347 8.12 21.97 -19.47
N ASN D 348 7.66 21.17 -18.51
CA ASN D 348 7.87 21.43 -17.09
C ASN D 348 8.22 20.11 -16.43
N ARG D 349 9.19 20.15 -15.50
CA ARG D 349 9.61 18.93 -14.83
C ARG D 349 10.00 17.88 -15.88
N PRO D 350 11.18 18.01 -16.51
CA PRO D 350 11.50 17.17 -17.67
C PRO D 350 11.36 15.67 -17.43
N ASN D 351 11.33 15.26 -16.16
CA ASN D 351 11.00 13.87 -15.85
C ASN D 351 9.55 13.53 -16.15
N SER D 352 8.70 14.52 -16.42
CA SER D 352 7.29 14.26 -16.68
C SER D 352 7.04 13.71 -18.08
N ILE D 353 7.88 14.06 -19.05
CA ILE D 353 7.65 13.62 -20.43
C ILE D 353 8.08 12.17 -20.56
N ASP D 354 7.67 11.53 -21.65
CA ASP D 354 8.06 10.16 -21.90
C ASP D 354 9.58 10.08 -22.03
N PRO D 355 10.26 9.24 -21.26
CA PRO D 355 11.73 9.17 -21.38
C PRO D 355 12.20 8.77 -22.76
N ALA D 356 11.34 8.16 -23.57
CA ALA D 356 11.74 7.81 -24.93
C ALA D 356 12.14 9.05 -25.72
N LEU D 357 11.53 10.20 -25.44
CA LEU D 357 11.89 11.42 -26.15
C LEU D 357 13.26 11.93 -25.74
N ARG D 358 13.64 11.73 -24.47
CA ARG D 358 14.92 12.23 -23.99
C ARG D 358 16.12 11.47 -24.56
N ARG D 359 15.89 10.34 -25.22
CA ARG D 359 17.00 9.58 -25.76
C ARG D 359 17.72 10.36 -26.85
N PHE D 360 18.99 10.05 -27.05
CA PHE D 360 19.81 10.79 -27.99
C PHE D 360 19.29 10.61 -29.41
N GLY D 361 19.50 11.62 -30.24
CA GLY D 361 18.96 11.66 -31.58
C GLY D 361 17.58 12.29 -31.66
N ARG D 362 16.90 12.46 -30.54
CA ARG D 362 15.59 13.11 -30.51
C ARG D 362 15.64 14.43 -29.75
N PHE D 363 16.11 14.41 -28.49
CA PHE D 363 16.30 15.63 -27.72
C PHE D 363 17.66 15.51 -27.04
N ASP D 364 18.71 15.90 -27.76
CA ASP D 364 20.07 15.71 -27.26
C ASP D 364 20.37 16.64 -26.09
N ARG D 365 19.97 17.91 -26.20
CA ARG D 365 20.39 18.95 -25.28
C ARG D 365 19.21 19.43 -24.45
N GLU D 366 19.45 19.62 -23.15
CA GLU D 366 18.45 20.08 -22.21
C GLU D 366 18.88 21.42 -21.64
N VAL D 367 17.90 22.30 -21.40
CA VAL D 367 18.16 23.65 -20.93
C VAL D 367 17.22 23.94 -19.76
N ASP D 368 17.79 24.05 -18.57
CA ASP D 368 17.01 24.35 -17.35
C ASP D 368 16.97 25.87 -17.20
N ILE D 369 15.85 26.48 -17.58
CA ILE D 369 15.73 27.93 -17.47
C ILE D 369 15.80 28.37 -16.02
N GLY D 370 15.00 27.74 -15.16
CA GLY D 370 15.06 28.02 -13.74
C GLY D 370 14.47 29.36 -13.36
N ILE D 371 14.41 29.64 -12.07
CA ILE D 371 13.89 30.92 -11.59
C ILE D 371 14.91 32.01 -11.88
N PRO D 372 14.50 33.21 -12.29
CA PRO D 372 15.46 34.31 -12.39
C PRO D 372 15.96 34.72 -11.01
N ASP D 373 17.21 35.19 -10.96
CA ASP D 373 17.81 35.65 -9.72
C ASP D 373 17.40 37.09 -9.46
N ALA D 374 18.02 37.73 -8.46
CA ALA D 374 17.67 39.11 -8.13
C ALA D 374 17.89 40.03 -9.31
N THR D 375 19.08 39.96 -9.91
CA THR D 375 19.33 40.74 -11.12
C THR D 375 18.38 40.33 -12.23
N GLY D 376 18.05 39.03 -12.29
CA GLY D 376 17.09 38.58 -13.29
C GLY D 376 15.72 39.21 -13.12
N ARG D 377 15.22 39.22 -11.88
CA ARG D 377 13.93 39.83 -11.63
C ARG D 377 13.97 41.33 -11.89
N LEU D 378 15.10 41.96 -11.58
CA LEU D 378 15.25 43.38 -11.91
C LEU D 378 15.15 43.60 -13.41
N GLU D 379 15.80 42.75 -14.20
CA GLU D 379 15.72 42.87 -15.65
C GLU D 379 14.30 42.65 -16.15
N ILE D 380 13.60 41.67 -15.58
CA ILE D 380 12.22 41.41 -15.98
C ILE D 380 11.36 42.63 -15.71
N LEU D 381 11.51 43.21 -14.52
CA LEU D 381 10.70 44.37 -14.17
C LEU D 381 11.03 45.55 -15.08
N GLN D 382 12.31 45.73 -15.42
CA GLN D 382 12.67 46.79 -16.36
C GLN D 382 11.98 46.57 -17.69
N ILE D 383 11.97 45.33 -18.20
CA ILE D 383 11.35 45.06 -19.48
C ILE D 383 9.85 45.34 -19.43
N HIS D 384 9.18 44.89 -18.38
CA HIS D 384 7.73 45.02 -18.31
C HIS D 384 7.26 46.41 -17.85
N THR D 385 8.17 47.25 -17.36
CA THR D 385 7.82 48.60 -16.92
C THR D 385 8.44 49.67 -17.80
N LYS D 386 8.90 49.30 -19.01
CA LYS D 386 9.51 50.29 -19.88
C LYS D 386 8.49 51.34 -20.31
N ASN D 387 7.35 50.91 -20.83
CA ASN D 387 6.32 51.84 -21.31
C ASN D 387 5.23 52.00 -20.27
N MET D 388 5.58 52.70 -19.19
CA MET D 388 4.62 52.99 -18.12
C MET D 388 4.66 54.42 -17.60
N LYS D 389 5.72 55.18 -17.82
CA LYS D 389 5.84 56.52 -17.25
C LYS D 389 5.74 56.46 -15.72
N LEU D 390 6.38 55.45 -15.13
CA LEU D 390 6.36 55.30 -13.69
C LEU D 390 7.07 56.47 -13.01
N ALA D 391 6.55 56.84 -11.84
CA ALA D 391 7.16 57.93 -11.08
C ALA D 391 8.58 57.56 -10.68
N ASP D 392 9.48 58.56 -10.71
CA ASP D 392 10.88 58.31 -10.39
C ASP D 392 11.10 57.96 -8.93
N ASP D 393 10.10 58.17 -8.07
CA ASP D 393 10.27 57.85 -6.66
C ASP D 393 10.55 56.37 -6.45
N VAL D 394 9.84 55.50 -7.15
CA VAL D 394 10.12 54.07 -7.05
C VAL D 394 11.45 53.76 -7.73
N ASP D 395 12.12 52.74 -7.21
CA ASP D 395 13.43 52.34 -7.71
C ASP D 395 13.37 51.15 -8.67
N LEU D 396 12.33 50.33 -8.59
CA LEU D 396 12.19 49.11 -9.40
C LEU D 396 13.25 48.07 -9.06
N GLU D 397 14.00 48.27 -7.97
CA GLU D 397 14.98 47.31 -7.50
C GLU D 397 14.71 46.86 -6.07
N GLN D 398 14.16 47.74 -5.23
CA GLN D 398 13.70 47.31 -3.92
C GLN D 398 12.64 46.24 -4.04
N VAL D 399 11.71 46.42 -4.98
CA VAL D 399 10.66 45.42 -5.19
C VAL D 399 11.27 44.13 -5.73
N ALA D 400 12.30 44.23 -6.57
CA ALA D 400 12.89 43.03 -7.17
C ALA D 400 13.45 42.10 -6.11
N ASN D 401 14.19 42.65 -5.13
CA ASN D 401 14.80 41.80 -4.12
C ASN D 401 13.76 41.15 -3.22
N GLU D 402 12.59 41.76 -3.09
CA GLU D 402 11.53 41.22 -2.24
C GLU D 402 10.64 40.23 -2.96
N THR D 403 10.78 40.08 -4.29
CA THR D 403 9.97 39.13 -5.05
C THR D 403 10.70 37.80 -5.19
N HIS D 404 11.10 37.25 -4.05
CA HIS D 404 11.75 35.95 -4.05
C HIS D 404 10.77 34.87 -4.49
N GLY D 405 11.24 33.98 -5.36
CA GLY D 405 10.40 32.90 -5.84
C GLY D 405 9.44 33.27 -6.94
N HIS D 406 9.31 34.56 -7.26
CA HIS D 406 8.43 34.96 -8.35
C HIS D 406 9.02 34.53 -9.69
N VAL D 407 8.15 34.05 -10.57
CA VAL D 407 8.53 33.69 -11.91
C VAL D 407 8.15 34.85 -12.84
N GLY D 408 8.67 34.81 -14.07
CA GLY D 408 8.46 35.93 -14.97
C GLY D 408 7.00 36.28 -15.17
N ALA D 409 6.17 35.25 -15.36
CA ALA D 409 4.73 35.50 -15.49
C ALA D 409 4.19 36.15 -14.22
N ASP D 410 4.65 35.70 -13.05
CA ASP D 410 4.23 36.32 -11.81
C ASP D 410 4.68 37.77 -11.75
N LEU D 411 5.87 38.08 -12.27
CA LEU D 411 6.32 39.46 -12.29
C LEU D 411 5.45 40.32 -13.19
N ALA D 412 5.06 39.79 -14.36
CA ALA D 412 4.14 40.53 -15.21
C ALA D 412 2.80 40.75 -14.52
N ALA D 413 2.31 39.73 -13.82
CA ALA D 413 1.07 39.88 -13.08
C ALA D 413 1.21 40.93 -11.98
N LEU D 414 2.36 40.96 -11.30
CA LEU D 414 2.60 41.96 -10.27
C LEU D 414 2.60 43.36 -10.87
N CYS D 415 3.23 43.53 -12.02
CA CYS D 415 3.23 44.84 -12.67
C CYS D 415 1.81 45.26 -13.05
N SER D 416 1.04 44.33 -13.61
CA SER D 416 -0.34 44.65 -13.97
C SER D 416 -1.16 45.01 -12.75
N GLU D 417 -0.97 44.29 -11.64
CA GLU D 417 -1.72 44.59 -10.43
C GLU D 417 -1.31 45.93 -9.84
N ALA D 418 -0.04 46.29 -9.95
CA ALA D 418 0.39 47.61 -9.51
C ALA D 418 -0.27 48.70 -10.34
N ALA D 419 -0.32 48.52 -11.66
CA ALA D 419 -1.02 49.48 -12.50
C ALA D 419 -2.50 49.55 -12.14
N LEU D 420 -3.10 48.40 -11.83
CA LEU D 420 -4.51 48.38 -11.46
C LEU D 420 -4.75 49.11 -10.15
N GLN D 421 -3.84 48.97 -9.19
CA GLN D 421 -3.95 49.76 -7.96
C GLN D 421 -3.81 51.24 -8.26
N ALA D 422 -2.94 51.60 -9.20
CA ALA D 422 -2.84 52.99 -9.61
C ALA D 422 -4.17 53.49 -10.17
N ILE D 423 -4.86 52.65 -10.94
CA ILE D 423 -6.19 53.01 -11.42
C ILE D 423 -7.14 53.21 -10.24
N ARG D 424 -7.09 52.30 -9.27
CA ARG D 424 -7.94 52.41 -8.09
C ARG D 424 -7.75 53.77 -7.41
N LYS D 425 -6.50 54.17 -7.21
CA LYS D 425 -6.24 55.46 -6.57
C LYS D 425 -6.87 56.60 -7.35
N LYS D 426 -7.06 56.43 -8.65
CA LYS D 426 -7.70 57.43 -9.48
C LYS D 426 -9.21 57.19 -9.53
N MET D 427 -9.98 58.26 -9.44
CA MET D 427 -11.43 58.18 -9.50
C MET D 427 -11.92 58.32 -10.95
N ASP D 428 -13.20 58.03 -11.14
CA ASP D 428 -13.81 58.09 -12.47
C ASP D 428 -13.08 57.17 -13.45
N ILE D 437 -13.50 62.55 -19.23
CA ILE D 437 -12.05 62.69 -19.16
C ILE D 437 -11.37 61.44 -19.70
N ASP D 438 -10.48 61.64 -20.66
CA ASP D 438 -9.79 60.54 -21.32
C ASP D 438 -8.29 60.79 -21.40
N ALA D 439 -7.90 62.05 -21.59
CA ALA D 439 -6.49 62.39 -21.82
C ALA D 439 -5.76 62.68 -20.52
N GLU D 440 -6.33 63.51 -19.65
CA GLU D 440 -5.62 63.93 -18.43
C GLU D 440 -5.50 62.79 -17.41
N VAL D 441 -6.21 61.68 -17.61
CA VAL D 441 -6.10 60.54 -16.69
C VAL D 441 -5.08 59.54 -17.20
N MET D 442 -5.05 59.28 -18.50
CA MET D 442 -4.07 58.36 -19.07
C MET D 442 -2.68 58.98 -19.17
N ASN D 443 -2.59 60.30 -19.19
CA ASN D 443 -1.29 60.98 -19.28
C ASN D 443 -0.66 61.20 -17.92
N SER D 444 -1.47 61.45 -16.88
CA SER D 444 -0.97 61.70 -15.54
C SER D 444 -0.77 60.43 -14.73
N LEU D 445 -1.03 59.26 -15.31
CA LEU D 445 -0.85 58.00 -14.60
C LEU D 445 0.63 57.78 -14.32
N ALA D 446 0.98 57.64 -13.03
CA ALA D 446 2.36 57.41 -12.61
C ALA D 446 2.33 56.44 -11.44
N VAL D 447 2.63 55.17 -11.72
CA VAL D 447 2.66 54.17 -10.67
C VAL D 447 3.74 54.52 -9.67
N THR D 448 3.38 54.51 -8.39
CA THR D 448 4.29 54.86 -7.31
C THR D 448 4.77 53.60 -6.60
N MET D 449 5.80 53.76 -5.77
CA MET D 449 6.28 52.64 -4.97
C MET D 449 5.18 52.09 -4.07
N ASP D 450 4.27 52.95 -3.61
CA ASP D 450 3.15 52.48 -2.80
C ASP D 450 2.20 51.60 -3.57
N ASP D 451 2.24 51.64 -4.90
CA ASP D 451 1.42 50.75 -5.71
C ASP D 451 2.10 49.41 -5.95
N PHE D 452 3.40 49.43 -6.23
CA PHE D 452 4.14 48.17 -6.31
C PHE D 452 4.14 47.44 -4.98
N ARG D 453 4.11 48.18 -3.87
CA ARG D 453 4.01 47.53 -2.56
C ARG D 453 2.71 46.76 -2.44
N TRP D 454 1.59 47.37 -2.84
CA TRP D 454 0.32 46.66 -2.82
C TRP D 454 0.36 45.46 -3.75
N ALA D 455 0.89 45.63 -4.95
CA ALA D 455 0.94 44.52 -5.90
C ALA D 455 1.74 43.36 -5.35
N LEU D 456 2.88 43.66 -4.73
CA LEU D 456 3.69 42.60 -4.12
C LEU D 456 2.94 41.93 -2.98
N SER D 457 2.25 42.71 -2.15
CA SER D 457 1.51 42.11 -1.04
C SER D 457 0.40 41.20 -1.55
N GLN D 458 -0.42 41.69 -2.48
CA GLN D 458 -1.53 40.90 -3.02
C GLN D 458 -1.14 40.16 -4.30
N SER D 459 -0.04 39.40 -4.23
CA SER D 459 0.36 38.59 -5.38
C SER D 459 1.22 37.44 -4.85
N ASN D 460 0.66 36.24 -4.84
CA ASN D 460 1.41 35.10 -4.37
C ASN D 460 2.33 34.58 -5.48
N PRO D 461 3.55 34.14 -5.16
CA PRO D 461 4.38 33.49 -6.19
C PRO D 461 3.81 32.14 -6.58
N SER D 462 4.11 31.72 -7.80
CA SER D 462 3.72 30.40 -8.29
C SER D 462 4.85 29.39 -8.16
N ALA D 463 6.01 29.68 -8.76
CA ALA D 463 7.16 28.78 -8.68
C ALA D 463 7.91 29.03 -7.38
N LEU D 464 7.25 28.71 -6.28
CA LEU D 464 7.80 28.88 -4.94
C LEU D 464 8.27 27.54 -4.39
N ARG D 465 9.15 27.62 -3.40
CA ARG D 465 9.76 26.46 -2.75
C ARG D 465 10.19 25.41 -3.76
N GLU D 466 10.73 25.85 -4.88
CA GLU D 466 11.49 25.00 -5.79
C GLU D 466 12.96 25.40 -5.62
N THR D 467 13.80 24.42 -5.33
CA THR D 467 15.19 24.68 -4.94
C THR D 467 15.85 25.67 -5.89
N VAL D 468 16.28 26.80 -5.34
CA VAL D 468 16.72 27.94 -6.14
C VAL D 468 18.09 27.66 -6.73
N VAL D 469 18.23 27.90 -8.02
CA VAL D 469 19.52 27.83 -8.71
C VAL D 469 19.96 29.28 -8.89
N GLU D 470 20.72 29.79 -7.92
CA GLU D 470 21.11 31.19 -7.93
C GLU D 470 22.47 31.34 -7.28
N VAL D 471 23.13 32.44 -7.59
CA VAL D 471 24.42 32.78 -7.01
C VAL D 471 24.17 33.60 -5.75
N PRO D 472 24.70 33.21 -4.59
CA PRO D 472 24.44 33.99 -3.37
C PRO D 472 25.12 35.35 -3.45
N GLN D 473 24.87 36.16 -2.41
CA GLN D 473 25.31 37.56 -2.37
C GLN D 473 25.92 37.89 -1.02
N VAL D 474 26.88 37.07 -0.57
CA VAL D 474 27.58 37.30 0.68
C VAL D 474 29.03 37.74 0.44
N THR D 475 29.67 37.21 -0.60
CA THR D 475 30.96 37.69 -1.10
C THR D 475 31.99 37.93 0.01
N TRP D 476 32.07 37.00 0.95
CA TRP D 476 33.07 36.95 2.01
C TRP D 476 32.96 38.10 3.01
N GLU D 477 32.03 39.04 2.84
CA GLU D 477 31.89 40.16 3.75
C GLU D 477 30.76 39.98 4.74
N ASP D 478 29.66 39.34 4.33
CA ASP D 478 28.61 39.00 5.28
C ASP D 478 29.16 38.08 6.35
N ILE D 479 29.95 37.09 5.96
CA ILE D 479 30.64 36.25 6.94
C ILE D 479 31.71 37.07 7.64
N GLY D 480 32.02 36.69 8.88
CA GLY D 480 32.98 37.43 9.68
C GLY D 480 34.18 36.62 10.12
N GLY D 481 35.33 36.88 9.52
CA GLY D 481 36.58 36.37 10.03
C GLY D 481 36.67 34.85 10.05
N LEU D 482 37.09 34.34 11.21
CA LEU D 482 37.55 32.98 11.48
C LEU D 482 38.94 32.72 10.90
N GLU D 483 39.41 33.60 10.01
CA GLU D 483 40.83 33.84 9.75
C GLU D 483 41.62 32.62 9.26
N ASP D 484 41.01 31.43 9.22
CA ASP D 484 41.71 30.25 8.76
C ASP D 484 40.90 29.34 7.83
N VAL D 485 39.57 29.32 7.96
CA VAL D 485 38.77 28.45 7.11
C VAL D 485 38.50 29.08 5.74
N LYS D 486 38.60 30.41 5.63
CA LYS D 486 38.54 31.03 4.32
C LYS D 486 39.67 30.50 3.44
N ARG D 487 40.89 30.47 3.97
CA ARG D 487 42.01 29.95 3.22
C ARG D 487 41.82 28.47 2.90
N GLU D 488 41.32 27.69 3.86
CA GLU D 488 41.12 26.27 3.63
C GLU D 488 40.12 26.03 2.51
N LEU D 489 38.99 26.74 2.55
CA LEU D 489 38.00 26.60 1.49
C LEU D 489 38.57 27.03 0.14
N GLN D 490 39.32 28.14 0.12
CA GLN D 490 39.94 28.56 -1.13
C GLN D 490 40.84 27.47 -1.68
N GLU D 491 41.69 26.89 -0.83
CA GLU D 491 42.60 25.85 -1.29
C GLU D 491 41.88 24.56 -1.66
N LEU D 492 40.69 24.32 -1.12
CA LEU D 492 39.95 23.10 -1.45
C LEU D 492 39.10 23.24 -2.71
N VAL D 493 38.67 24.46 -3.05
CA VAL D 493 37.80 24.63 -4.22
C VAL D 493 38.30 25.70 -5.19
N GLN D 494 39.17 26.63 -4.79
CA GLN D 494 39.67 27.64 -5.71
C GLN D 494 40.94 27.19 -6.42
N TYR D 495 41.92 26.68 -5.68
CA TYR D 495 43.15 26.22 -6.31
C TYR D 495 42.92 25.09 -7.31
N PRO D 496 42.11 24.06 -7.01
CA PRO D 496 41.92 22.99 -8.00
C PRO D 496 41.41 23.48 -9.33
N VAL D 497 40.52 24.47 -9.36
CA VAL D 497 40.01 24.98 -10.63
C VAL D 497 40.98 25.95 -11.29
N GLU D 498 41.73 26.73 -10.49
CA GLU D 498 42.63 27.71 -11.08
C GLU D 498 43.90 27.07 -11.64
N HIS D 499 44.39 26.01 -11.00
CA HIS D 499 45.67 25.40 -11.37
C HIS D 499 45.50 23.88 -11.46
N PRO D 500 44.71 23.40 -12.43
CA PRO D 500 44.60 21.94 -12.61
C PRO D 500 45.92 21.28 -12.94
N ASP D 501 46.84 22.01 -13.59
CA ASP D 501 48.09 21.41 -14.04
C ASP D 501 48.90 20.86 -12.87
N LYS D 502 48.98 21.63 -11.78
CA LYS D 502 49.72 21.14 -10.61
C LYS D 502 49.06 19.89 -10.03
N PHE D 503 47.73 19.88 -9.96
CA PHE D 503 47.03 18.71 -9.44
C PHE D 503 47.26 17.49 -10.32
N LEU D 504 47.43 17.68 -11.63
CA LEU D 504 47.82 16.57 -12.48
C LEU D 504 49.27 16.16 -12.27
N LYS D 505 50.14 17.13 -12.01
CA LYS D 505 51.56 16.83 -11.85
C LYS D 505 51.79 15.88 -10.66
N PHE D 506 51.43 16.33 -9.46
CA PHE D 506 51.66 15.51 -8.28
C PHE D 506 50.69 14.34 -8.19
N GLY D 507 49.70 14.26 -9.07
CA GLY D 507 48.84 13.10 -9.13
C GLY D 507 48.03 12.86 -7.88
N MET D 508 47.10 13.76 -7.58
CA MET D 508 46.17 13.58 -6.47
C MET D 508 44.82 14.12 -6.89
N THR D 509 43.81 13.27 -6.88
CA THR D 509 42.47 13.70 -7.24
C THR D 509 41.99 14.71 -6.23
N PRO D 510 41.62 15.94 -6.61
CA PRO D 510 41.15 16.90 -5.62
C PRO D 510 39.90 16.42 -4.93
N SER D 511 39.78 16.76 -3.65
CA SER D 511 38.63 16.35 -2.85
C SER D 511 37.41 17.16 -3.28
N LYS D 512 36.37 16.47 -3.74
CA LYS D 512 35.17 17.15 -4.20
C LYS D 512 34.20 17.48 -3.06
N GLY D 513 34.39 16.90 -1.88
CA GLY D 513 33.43 17.06 -0.81
C GLY D 513 34.07 17.62 0.45
N VAL D 514 33.32 18.46 1.14
CA VAL D 514 33.70 18.99 2.45
C VAL D 514 32.50 18.93 3.35
N LEU D 515 32.71 18.48 4.59
CA LEU D 515 31.63 18.33 5.57
C LEU D 515 31.92 19.23 6.76
N PHE D 516 31.34 20.43 6.77
CA PHE D 516 31.46 21.31 7.91
C PHE D 516 30.77 20.70 9.12
N TYR D 517 31.39 20.88 10.28
CA TYR D 517 30.79 20.42 11.53
C TYR D 517 31.28 21.29 12.67
N GLY D 518 30.39 21.60 13.60
CA GLY D 518 30.72 22.46 14.71
C GLY D 518 29.50 22.83 15.53
N PRO D 519 29.63 23.87 16.34
CA PRO D 519 28.50 24.35 17.13
C PRO D 519 27.34 24.74 16.23
N PRO D 520 26.09 24.52 16.67
CA PRO D 520 24.97 24.80 15.77
C PRO D 520 24.81 26.30 15.57
N GLY D 521 25.27 26.75 14.41
CA GLY D 521 25.21 28.14 14.02
C GLY D 521 26.53 28.81 14.34
N CYS D 522 27.44 28.82 13.39
CA CYS D 522 28.66 29.61 13.51
C CYS D 522 29.13 30.11 12.16
N GLY D 523 28.32 29.91 11.12
CA GLY D 523 28.66 30.34 9.79
C GLY D 523 28.81 29.22 8.78
N LYS D 524 28.06 28.13 8.96
CA LYS D 524 28.11 27.03 8.00
C LYS D 524 27.51 27.45 6.67
N THR D 525 26.22 27.79 6.67
CA THR D 525 25.56 28.22 5.45
C THR D 525 26.22 29.47 4.90
N LEU D 526 26.65 30.38 5.78
CA LEU D 526 27.35 31.56 5.32
C LEU D 526 28.64 31.19 4.62
N LEU D 527 29.40 30.23 5.17
CA LEU D 527 30.63 29.82 4.51
C LEU D 527 30.35 29.22 3.15
N ALA D 528 29.33 28.35 3.06
CA ALA D 528 29.02 27.73 1.78
C ALA D 528 28.61 28.77 0.75
N LYS D 529 27.75 29.71 1.14
CA LYS D 529 27.32 30.75 0.22
C LYS D 529 28.50 31.62 -0.20
N ALA D 530 29.38 31.96 0.75
CA ALA D 530 30.51 32.81 0.42
C ALA D 530 31.46 32.13 -0.55
N ILE D 531 31.78 30.86 -0.30
CA ILE D 531 32.69 30.17 -1.21
C ILE D 531 32.04 29.98 -2.57
N ALA D 532 30.71 29.80 -2.61
CA ALA D 532 30.04 29.73 -3.90
C ALA D 532 30.14 31.06 -4.63
N ASN D 533 29.93 32.17 -3.92
CA ASN D 533 29.98 33.48 -4.56
C ASN D 533 31.38 33.80 -5.06
N GLU D 534 32.40 33.44 -4.30
CA GLU D 534 33.77 33.72 -4.72
C GLU D 534 34.09 33.02 -6.04
N CYS D 535 33.54 31.82 -6.23
CA CYS D 535 33.76 31.07 -7.45
C CYS D 535 32.78 31.43 -8.56
N GLN D 536 31.83 32.32 -8.29
CA GLN D 536 30.81 32.70 -9.26
C GLN D 536 30.10 31.46 -9.78
N ALA D 537 29.56 30.68 -8.84
CA ALA D 537 28.94 29.40 -9.13
C ALA D 537 27.56 29.33 -8.47
N ASN D 538 26.69 28.53 -9.08
CA ASN D 538 25.36 28.34 -8.53
C ASN D 538 25.43 27.62 -7.20
N PHE D 539 24.47 27.94 -6.32
CA PHE D 539 24.42 27.40 -4.96
C PHE D 539 23.07 26.73 -4.76
N ILE D 540 23.06 25.40 -4.86
CA ILE D 540 21.82 24.62 -4.73
C ILE D 540 21.64 24.32 -3.25
N SER D 541 20.96 25.22 -2.55
CA SER D 541 20.67 25.00 -1.15
C SER D 541 19.71 23.83 -0.97
N ILE D 542 19.99 22.99 0.03
CA ILE D 542 19.11 21.88 0.40
C ILE D 542 19.01 21.92 1.92
N LYS D 543 17.95 22.54 2.42
CA LYS D 543 17.74 22.62 3.86
C LYS D 543 17.44 21.23 4.43
N GLY D 544 17.73 21.07 5.73
CA GLY D 544 17.45 19.84 6.43
C GLY D 544 16.00 19.43 6.45
N PRO D 545 15.06 20.37 6.63
CA PRO D 545 13.65 19.99 6.57
C PRO D 545 13.24 19.27 5.28
N GLU D 546 13.80 19.65 4.13
CA GLU D 546 13.40 18.95 2.92
C GLU D 546 13.95 17.52 2.91
N LEU D 547 15.13 17.30 3.50
CA LEU D 547 15.62 15.93 3.63
C LEU D 547 14.76 15.14 4.59
N LEU D 548 14.29 15.76 5.67
CA LEU D 548 13.38 15.07 6.58
C LEU D 548 12.09 14.70 5.87
N THR D 549 11.56 15.60 5.05
CA THR D 549 10.38 15.29 4.26
C THR D 549 10.67 14.15 3.29
N MET D 550 11.86 14.14 2.71
CA MET D 550 12.27 13.04 1.84
C MET D 550 12.20 11.71 2.59
N TRP D 551 12.77 11.68 3.80
CA TRP D 551 12.77 10.46 4.59
C TRP D 551 11.35 10.04 4.97
N PHE D 552 10.53 11.01 5.39
CA PHE D 552 9.17 10.70 5.82
C PHE D 552 8.27 10.35 4.65
N GLY D 553 8.45 11.00 3.50
CA GLY D 553 7.60 10.75 2.36
C GLY D 553 7.78 9.38 1.73
N GLU D 554 8.79 8.62 2.16
CA GLU D 554 9.07 7.29 1.62
C GLU D 554 9.35 7.34 0.13
N SER D 555 9.79 8.49 -0.38
CA SER D 555 10.09 8.68 -1.80
C SER D 555 11.49 9.24 -1.91
N GLU D 556 12.38 8.46 -2.53
CA GLU D 556 13.77 8.87 -2.74
C GLU D 556 14.06 9.22 -4.19
N ALA D 557 13.10 9.04 -5.11
CA ALA D 557 13.29 9.49 -6.48
C ALA D 557 13.46 11.00 -6.56
N ASN D 558 12.93 11.74 -5.59
CA ASN D 558 13.15 13.18 -5.58
C ASN D 558 14.60 13.51 -5.29
N VAL D 559 15.34 12.62 -4.63
CA VAL D 559 16.78 12.82 -4.49
C VAL D 559 17.46 12.70 -5.84
N ARG D 560 17.08 11.69 -6.62
CA ARG D 560 17.54 11.60 -8.01
C ARG D 560 17.23 12.90 -8.74
N GLU D 561 16.03 13.43 -8.57
CA GLU D 561 15.66 14.68 -9.24
C GLU D 561 16.55 15.83 -8.79
N ILE D 562 16.79 15.95 -7.49
CA ILE D 562 17.60 17.05 -6.97
C ILE D 562 19.01 16.98 -7.51
N PHE D 563 19.61 15.78 -7.49
CA PHE D 563 20.97 15.66 -7.97
C PHE D 563 21.04 15.90 -9.48
N ASP D 564 20.03 15.46 -10.23
CA ASP D 564 20.00 15.75 -11.66
C ASP D 564 19.94 17.25 -11.91
N LYS D 565 19.10 17.96 -11.14
CA LYS D 565 19.02 19.41 -11.30
C LYS D 565 20.33 20.08 -10.94
N ALA D 566 21.00 19.59 -9.89
CA ALA D 566 22.32 20.11 -9.55
C ALA D 566 23.30 19.90 -10.69
N ARG D 567 23.27 18.70 -11.29
CA ARG D 567 24.16 18.41 -12.40
C ARG D 567 23.86 19.29 -13.61
N GLN D 568 22.59 19.65 -13.81
CA GLN D 568 22.25 20.52 -14.93
C GLN D 568 22.93 21.87 -14.80
N ALA D 569 22.96 22.43 -13.60
CA ALA D 569 23.73 23.64 -13.34
C ALA D 569 25.20 23.27 -13.26
N ALA D 570 25.99 23.74 -14.22
CA ALA D 570 27.35 23.25 -14.38
C ALA D 570 28.21 23.59 -13.17
N PRO D 571 28.49 24.87 -12.88
CA PRO D 571 29.21 25.19 -11.64
C PRO D 571 28.24 25.24 -10.46
N CYS D 572 28.32 24.23 -9.60
CA CYS D 572 27.38 24.11 -8.48
C CYS D 572 28.14 23.87 -7.19
N VAL D 573 27.54 24.31 -6.09
CA VAL D 573 28.12 24.21 -4.76
C VAL D 573 27.16 23.46 -3.85
N LEU D 574 26.51 22.42 -4.38
CA LEU D 574 25.45 21.69 -3.71
C LEU D 574 25.71 21.57 -2.21
N PHE D 575 24.76 22.04 -1.42
CA PHE D 575 24.95 22.26 0.01
C PHE D 575 23.86 21.52 0.77
N PHE D 576 24.27 20.57 1.60
CA PHE D 576 23.35 19.79 2.44
C PHE D 576 23.44 20.36 3.85
N ASP D 577 22.49 21.23 4.19
CA ASP D 577 22.43 21.80 5.52
C ASP D 577 21.78 20.81 6.47
N GLU D 578 22.25 20.81 7.71
CA GLU D 578 21.73 19.91 8.74
C GLU D 578 21.79 18.47 8.26
N LEU D 579 22.94 18.09 7.67
CA LEU D 579 23.10 16.74 7.17
C LEU D 579 22.93 15.74 8.29
N ASP D 580 22.35 14.59 7.95
CA ASP D 580 22.00 13.56 8.94
C ASP D 580 21.08 14.12 10.02
N SER D 581 20.28 15.12 9.66
CA SER D 581 19.14 15.48 10.51
C SER D 581 18.17 14.31 10.62
N ILE D 582 18.20 13.40 9.66
CA ILE D 582 17.40 12.18 9.77
C ILE D 582 17.86 11.36 10.97
N ALA D 583 19.18 11.28 11.18
CA ALA D 583 19.70 10.61 12.37
C ALA D 583 19.21 11.28 13.64
N LYS D 584 19.19 12.62 13.64
CA LYS D 584 18.66 13.33 14.80
C LYS D 584 17.17 13.06 15.00
N ALA D 585 16.44 12.82 13.91
CA ALA D 585 15.01 12.55 14.02
C ALA D 585 14.74 11.17 14.61
N ARG D 586 15.54 10.18 14.23
CA ARG D 586 15.32 8.80 14.67
C ARG D 586 16.10 8.50 15.95
N GLY D 587 15.78 9.26 16.99
CA GLY D 587 16.34 9.03 18.31
C GLY D 587 17.66 9.70 18.58
N GLY D 588 18.26 10.35 17.58
CA GLY D 588 19.50 11.07 17.82
C GLY D 588 20.61 10.15 18.28
N ASN D 589 21.35 10.60 19.30
CA ASN D 589 22.51 9.85 19.76
C ASN D 589 22.15 8.47 20.25
N ILE D 590 20.94 8.31 20.83
CA ILE D 590 20.52 7.01 21.31
C ILE D 590 20.46 6.01 20.16
N GLY D 591 19.93 6.44 19.02
CA GLY D 591 19.80 5.55 17.88
C GLY D 591 18.84 4.40 18.13
N ASP D 592 17.73 4.66 18.83
CA ASP D 592 16.78 3.59 19.11
C ASP D 592 16.20 3.02 17.84
N GLY D 593 16.09 3.82 16.78
CA GLY D 593 15.58 3.30 15.52
C GLY D 593 16.46 2.22 14.93
N GLY D 594 17.77 2.39 15.01
CA GLY D 594 18.68 1.40 14.47
C GLY D 594 20.09 1.93 14.36
N GLY D 595 20.80 1.47 13.33
CA GLY D 595 22.17 1.85 13.13
C GLY D 595 22.31 3.23 12.53
N ALA D 596 23.57 3.64 12.34
CA ALA D 596 23.85 4.97 11.82
C ALA D 596 23.26 5.16 10.43
N ALA D 597 23.42 4.18 9.56
CA ALA D 597 22.89 4.29 8.20
C ALA D 597 21.37 4.36 8.23
N ASP D 598 20.81 5.14 7.31
CA ASP D 598 19.37 5.34 7.25
C ASP D 598 18.90 5.43 5.80
N ARG D 599 17.68 5.92 5.58
CA ARG D 599 17.02 5.75 4.29
C ARG D 599 17.54 6.75 3.25
N VAL D 600 17.34 8.03 3.48
CA VAL D 600 17.60 9.03 2.45
C VAL D 600 19.10 9.26 2.27
N ILE D 601 19.87 9.18 3.36
CA ILE D 601 21.31 9.37 3.25
C ILE D 601 21.92 8.29 2.38
N ASN D 602 21.28 7.11 2.32
CA ASN D 602 21.76 6.08 1.41
C ASN D 602 21.65 6.53 -0.03
N GLN D 603 20.50 7.09 -0.41
CA GLN D 603 20.36 7.60 -1.77
C GLN D 603 21.33 8.74 -2.04
N ILE D 604 21.54 9.59 -1.03
CA ILE D 604 22.51 10.68 -1.19
C ILE D 604 23.90 10.10 -1.44
N LEU D 605 24.27 9.05 -0.69
CA LEU D 605 25.56 8.43 -0.89
C LEU D 605 25.69 7.85 -2.29
N THR D 606 24.65 7.16 -2.76
CA THR D 606 24.70 6.59 -4.10
C THR D 606 24.88 7.69 -5.14
N GLU D 607 24.10 8.77 -5.04
CA GLU D 607 24.21 9.85 -6.01
C GLU D 607 25.59 10.49 -5.97
N MET D 608 26.13 10.72 -4.77
CA MET D 608 27.46 11.30 -4.66
C MET D 608 28.51 10.40 -5.27
N ASP D 609 28.40 9.09 -5.04
CA ASP D 609 29.30 8.15 -5.70
C ASP D 609 29.19 8.26 -7.20
N GLY D 610 27.98 8.43 -7.72
CA GLY D 610 27.82 8.70 -9.14
C GLY D 610 28.17 10.12 -9.56
N MET D 611 28.29 11.04 -8.60
CA MET D 611 28.59 12.43 -8.88
C MET D 611 30.03 12.80 -8.52
N SER D 612 30.94 11.83 -8.59
CA SER D 612 32.36 12.11 -8.43
C SER D 612 33.07 12.35 -9.76
N THR D 613 32.34 12.26 -10.87
CA THR D 613 32.92 12.43 -12.19
C THR D 613 32.60 13.77 -12.83
N LYS D 614 31.51 14.42 -12.41
CA LYS D 614 31.15 15.71 -13.01
C LYS D 614 32.26 16.73 -12.81
N LYS D 615 33.00 16.64 -11.71
CA LYS D 615 34.10 17.54 -11.38
C LYS D 615 33.77 19.00 -11.61
N ASN D 616 32.49 19.35 -11.47
CA ASN D 616 32.08 20.75 -11.55
C ASN D 616 31.01 21.07 -10.51
N VAL D 617 30.67 20.14 -9.63
CA VAL D 617 29.68 20.35 -8.57
C VAL D 617 30.38 20.02 -7.25
N PHE D 618 30.74 21.05 -6.50
CA PHE D 618 31.43 20.88 -5.23
C PHE D 618 30.40 20.69 -4.13
N ILE D 619 30.36 19.49 -3.55
CA ILE D 619 29.34 19.14 -2.58
C ILE D 619 29.83 19.52 -1.19
N ILE D 620 28.99 20.25 -0.46
CA ILE D 620 29.30 20.70 0.89
C ILE D 620 28.25 20.14 1.82
N GLY D 621 28.66 19.75 3.02
CA GLY D 621 27.74 19.28 4.04
C GLY D 621 27.96 20.06 5.33
N ALA D 622 26.88 20.31 6.05
CA ALA D 622 26.93 21.16 7.25
C ALA D 622 26.24 20.48 8.42
N THR D 623 26.63 19.24 8.69
CA THR D 623 26.10 18.54 9.86
C THR D 623 26.43 19.32 11.12
N ASN D 624 25.45 19.45 12.01
CA ASN D 624 25.65 20.10 13.30
C ASN D 624 25.95 19.11 14.41
N ARG D 625 25.71 17.82 14.19
CA ARG D 625 25.95 16.77 15.18
C ARG D 625 26.82 15.70 14.52
N PRO D 626 28.13 15.94 14.41
CA PRO D 626 28.99 14.98 13.69
C PRO D 626 29.03 13.60 14.32
N ASP D 627 28.75 13.47 15.61
CA ASP D 627 28.84 12.16 16.25
C ASP D 627 27.79 11.19 15.73
N ILE D 628 26.67 11.70 15.19
CA ILE D 628 25.64 10.84 14.61
C ILE D 628 25.75 10.75 13.09
N ILE D 629 26.77 11.38 12.50
CA ILE D 629 26.97 11.26 11.06
C ILE D 629 27.26 9.81 10.72
N ASP D 630 26.62 9.30 9.68
CA ASP D 630 26.88 7.93 9.27
C ASP D 630 28.28 7.84 8.70
N PRO D 631 29.16 6.95 9.19
CA PRO D 631 30.54 6.94 8.69
C PRO D 631 30.64 6.62 7.22
N ALA D 632 29.60 6.05 6.61
CA ALA D 632 29.65 5.72 5.20
C ALA D 632 29.90 6.94 4.32
N ILE D 633 29.60 8.14 4.82
CA ILE D 633 29.81 9.36 4.04
C ILE D 633 31.19 9.98 4.26
N LEU D 634 31.96 9.48 5.22
CA LEU D 634 33.33 9.93 5.42
C LEU D 634 34.31 8.95 4.74
N ARG D 635 34.21 8.91 3.42
CA ARG D 635 34.98 7.98 2.60
C ARG D 635 35.46 8.73 1.36
N PRO D 636 36.59 8.34 0.78
CA PRO D 636 37.03 8.98 -0.46
C PRO D 636 35.96 8.86 -1.54
N GLY D 637 35.87 9.89 -2.37
CA GLY D 637 34.78 10.02 -3.32
C GLY D 637 33.52 10.62 -2.75
N ARG D 638 33.51 10.94 -1.46
CA ARG D 638 32.34 11.52 -0.80
C ARG D 638 32.82 12.68 0.05
N LEU D 639 31.95 13.20 0.91
CA LEU D 639 32.33 14.28 1.82
C LEU D 639 33.37 13.72 2.79
N ASP D 640 34.64 13.87 2.42
CA ASP D 640 35.75 13.34 3.19
C ASP D 640 36.53 14.40 3.93
N GLN D 641 36.74 15.58 3.33
CA GLN D 641 37.48 16.64 3.98
C GLN D 641 36.63 17.25 5.08
N LEU D 642 37.16 17.24 6.30
CA LEU D 642 36.45 17.74 7.48
C LEU D 642 37.07 19.05 7.90
N ILE D 643 36.24 20.07 8.04
CA ILE D 643 36.67 21.39 8.49
C ILE D 643 35.85 21.74 9.72
N TYR D 644 36.51 21.86 10.87
CA TYR D 644 35.82 22.18 12.12
C TYR D 644 35.79 23.70 12.27
N ILE D 645 34.74 24.30 11.73
CA ILE D 645 34.55 25.73 11.91
C ILE D 645 34.18 25.95 13.37
N PRO D 646 34.99 26.67 14.17
CA PRO D 646 34.73 26.75 15.60
C PRO D 646 33.85 27.92 15.99
N LEU D 647 33.56 28.06 17.28
CA LEU D 647 32.87 29.24 17.78
C LEU D 647 33.75 30.45 17.52
N PRO D 648 33.19 31.63 17.29
CA PRO D 648 34.04 32.81 17.04
C PRO D 648 34.95 33.10 18.22
N ASP D 649 36.15 33.57 17.91
CA ASP D 649 37.14 33.96 18.90
C ASP D 649 36.98 35.44 19.24
N GLU D 650 37.75 35.90 20.23
CA GLU D 650 37.68 37.30 20.63
C GLU D 650 37.95 38.22 19.44
N LYS D 651 39.02 37.95 18.70
CA LYS D 651 39.35 38.76 17.54
C LYS D 651 38.29 38.64 16.44
N SER D 652 37.49 37.58 16.47
CA SER D 652 36.51 37.35 15.42
C SER D 652 35.16 38.00 15.71
N ARG D 653 34.73 38.03 16.97
CA ARG D 653 33.40 38.53 17.28
C ARG D 653 33.26 40.00 16.92
N VAL D 654 34.33 40.77 17.01
CA VAL D 654 34.27 42.18 16.59
C VAL D 654 33.93 42.25 15.10
N ALA D 655 34.58 41.41 14.29
CA ALA D 655 34.25 41.37 12.87
C ALA D 655 32.83 40.89 12.65
N ILE D 656 32.38 39.93 13.45
CA ILE D 656 31.00 39.43 13.33
C ILE D 656 30.02 40.58 13.54
N LEU D 657 30.22 41.35 14.60
CA LEU D 657 29.31 42.44 14.90
C LEU D 657 29.43 43.55 13.86
N LYS D 658 30.64 43.81 13.35
CA LYS D 658 30.77 44.80 12.30
C LYS D 658 30.01 44.38 11.05
N ALA D 659 30.07 43.11 10.70
CA ALA D 659 29.35 42.62 9.54
C ALA D 659 27.84 42.69 9.75
N ASN D 660 27.38 42.26 10.92
CA ASN D 660 25.93 42.23 11.17
C ASN D 660 25.36 43.64 11.25
N LEU D 661 26.03 44.54 11.97
CA LEU D 661 25.57 45.91 12.07
C LEU D 661 25.70 46.68 10.77
N ARG D 662 26.41 46.14 9.79
CA ARG D 662 26.47 46.78 8.48
C ARG D 662 25.08 46.96 7.91
N LYS D 663 24.96 47.91 6.98
CA LYS D 663 23.71 48.27 6.32
C LYS D 663 22.66 48.80 7.29
N SER D 664 23.06 49.10 8.53
CA SER D 664 22.17 49.63 9.54
C SER D 664 22.90 50.77 10.24
N PRO D 665 22.26 51.94 10.44
CA PRO D 665 22.94 53.02 11.14
C PRO D 665 23.34 52.60 12.55
N VAL D 666 24.52 53.03 12.97
CA VAL D 666 25.05 52.74 14.30
C VAL D 666 25.74 53.99 14.83
N ALA D 667 25.53 54.28 16.11
CA ALA D 667 26.19 55.41 16.74
C ALA D 667 27.64 55.07 17.07
N LYS D 668 28.43 56.12 17.30
CA LYS D 668 29.84 55.95 17.61
C LYS D 668 30.08 55.59 19.07
N ASP D 669 29.07 55.74 19.93
CA ASP D 669 29.27 55.47 21.36
C ASP D 669 29.48 54.00 21.65
N VAL D 670 28.82 53.11 20.89
CA VAL D 670 28.91 51.69 21.17
C VAL D 670 30.34 51.22 20.95
N ASP D 671 30.86 50.45 21.91
CA ASP D 671 32.19 49.88 21.84
C ASP D 671 32.04 48.37 21.67
N LEU D 672 32.36 47.88 20.47
CA LEU D 672 32.13 46.47 20.15
C LEU D 672 33.14 45.54 20.81
N GLU D 673 34.35 46.01 21.10
CA GLU D 673 35.35 45.14 21.70
C GLU D 673 34.92 44.68 23.09
N PHE D 674 34.41 45.58 23.91
CA PHE D 674 33.97 45.20 25.25
C PHE D 674 32.79 44.25 25.17
N LEU D 675 31.88 44.49 24.24
CA LEU D 675 30.74 43.58 24.06
C LEU D 675 31.22 42.19 23.63
N ALA D 676 32.21 42.14 22.74
CA ALA D 676 32.75 40.85 22.32
C ALA D 676 33.37 40.11 23.49
N LYS D 677 34.15 40.82 24.31
CA LYS D 677 34.74 40.19 25.50
C LYS D 677 33.65 39.72 26.45
N MET D 678 32.59 40.52 26.61
CA MET D 678 31.48 40.13 27.48
C MET D 678 30.82 38.85 27.01
N THR D 679 30.63 38.69 25.71
CA THR D 679 30.03 37.50 25.12
C THR D 679 31.18 36.56 24.73
N ASN D 680 31.57 35.68 25.66
CA ASN D 680 32.74 34.84 25.44
C ASN D 680 32.39 33.62 24.58
N GLY D 681 31.51 32.76 25.07
CA GLY D 681 31.20 31.53 24.38
C GLY D 681 30.02 31.64 23.44
N PHE D 682 29.56 32.86 23.19
CA PHE D 682 28.37 33.04 22.37
C PHE D 682 28.65 32.63 20.94
N SER D 683 27.69 31.95 20.32
CA SER D 683 27.80 31.53 18.94
C SER D 683 27.35 32.63 18.01
N GLY D 684 27.69 32.47 16.73
CA GLY D 684 27.32 33.49 15.74
C GLY D 684 25.83 33.74 15.71
N ALA D 685 25.03 32.67 15.83
CA ALA D 685 23.59 32.83 15.93
C ALA D 685 23.23 33.71 17.13
N ASP D 686 23.91 33.49 18.26
CA ASP D 686 23.64 34.30 19.43
C ASP D 686 24.07 35.75 19.22
N LEU D 687 25.18 35.98 18.52
CA LEU D 687 25.63 37.34 18.25
C LEU D 687 24.63 38.09 17.37
N THR D 688 24.17 37.44 16.30
CA THR D 688 23.16 38.10 15.47
C THR D 688 21.86 38.25 16.23
N GLU D 689 21.54 37.33 17.13
CA GLU D 689 20.35 37.50 17.97
C GLU D 689 20.48 38.73 18.85
N ILE D 690 21.66 38.95 19.43
CA ILE D 690 21.90 40.15 20.22
C ILE D 690 21.72 41.39 19.36
N CYS D 691 22.27 41.37 18.15
CA CYS D 691 22.14 42.53 17.27
C CYS D 691 20.67 42.80 16.94
N GLN D 692 19.93 41.76 16.60
CA GLN D 692 18.52 41.94 16.26
C GLN D 692 17.72 42.42 17.46
N ARG D 693 18.02 41.90 18.65
CA ARG D 693 17.31 42.35 19.84
C ARG D 693 17.60 43.81 20.14
N ALA D 694 18.87 44.22 20.01
CA ALA D 694 19.20 45.62 20.23
C ALA D 694 18.49 46.51 19.21
N CYS D 695 18.47 46.09 17.95
CA CYS D 695 17.78 46.88 16.93
C CYS D 695 16.29 46.95 17.22
N LYS D 696 15.71 45.85 17.70
CA LYS D 696 14.29 45.84 18.05
C LYS D 696 14.02 46.81 19.18
N LEU D 697 14.87 46.82 20.20
CA LEU D 697 14.68 47.77 21.29
C LEU D 697 14.80 49.20 20.80
N ALA D 698 15.79 49.48 19.95
CA ALA D 698 15.97 50.83 19.44
C ALA D 698 14.79 51.27 18.60
N ILE D 699 14.28 50.40 17.73
CA ILE D 699 13.16 50.79 16.90
C ILE D 699 11.88 50.92 17.71
N ARG D 700 11.73 50.11 18.77
CA ARG D 700 10.60 50.30 19.67
C ARG D 700 10.67 51.67 20.33
N GLU D 701 11.86 52.06 20.80
CA GLU D 701 12.02 53.39 21.37
C GLU D 701 11.70 54.47 20.35
N SER D 702 12.18 54.31 19.12
CA SER D 702 11.92 55.30 18.09
C SER D 702 10.43 55.41 17.78
N ILE D 703 9.74 54.28 17.70
CA ILE D 703 8.32 54.29 17.42
C ILE D 703 7.55 54.96 18.55
N GLU D 704 7.91 54.66 19.79
CA GLU D 704 7.26 55.32 20.92
C GLU D 704 7.50 56.82 20.88
N SER D 705 8.74 57.23 20.59
CA SER D 705 9.07 58.64 20.51
C SER D 705 8.24 59.33 19.44
N GLU D 706 8.15 58.72 18.26
CA GLU D 706 7.37 59.32 17.17
C GLU D 706 5.89 59.38 17.52
N ILE D 707 5.36 58.34 18.16
CA ILE D 707 3.95 58.35 18.54
C ILE D 707 3.66 59.47 19.50
N ARG D 708 4.50 59.63 20.54
CA ARG D 708 4.26 60.69 21.50
C ARG D 708 4.46 62.06 20.88
N ARG D 709 5.41 62.19 19.96
CA ARG D 709 5.61 63.46 19.27
C ARG D 709 4.40 63.83 18.43
N GLU D 710 3.86 62.87 17.69
CA GLU D 710 2.67 63.14 16.89
C GLU D 710 1.48 63.49 17.77
N ARG D 711 1.32 62.77 18.88
CA ARG D 711 0.23 63.07 19.80
C ARG D 711 0.37 64.48 20.36
N GLU D 712 1.59 64.87 20.74
CA GLU D 712 1.82 66.21 21.25
C GLU D 712 1.52 67.27 20.20
N ARG D 713 1.95 67.02 18.95
CA ARG D 713 1.71 67.98 17.89
C ARG D 713 0.22 68.15 17.61
N GLN D 714 -0.52 67.04 17.57
CA GLN D 714 -1.94 67.12 17.26
C GLN D 714 -2.77 67.69 18.40
N THR D 715 -2.26 67.63 19.63
CA THR D 715 -3.01 68.08 20.80
C THR D 715 -2.85 69.59 20.95
N ASN D 716 -3.24 70.12 22.13
CA ASN D 716 -3.24 71.54 22.46
C ASN D 716 -2.00 72.30 21.98
N PRO D 717 -0.79 71.74 22.08
CA PRO D 717 0.38 72.49 21.61
C PRO D 717 0.27 72.95 20.16
N SER D 718 -0.35 72.16 19.29
CA SER D 718 -0.52 72.56 17.90
C SER D 718 -1.66 71.79 17.24
N ASP D 726 15.23 65.89 18.40
CA ASP D 726 15.58 64.77 17.54
C ASP D 726 14.86 63.50 17.98
N PRO D 727 14.56 62.59 17.05
CA PRO D 727 13.93 61.32 17.42
C PRO D 727 14.91 60.21 17.78
N VAL D 728 16.18 60.51 17.97
CA VAL D 728 17.20 59.51 18.24
C VAL D 728 17.22 58.50 17.09
N PRO D 729 17.65 58.91 15.88
CA PRO D 729 17.70 57.98 14.73
C PRO D 729 18.98 57.15 14.70
N GLU D 730 19.37 56.61 15.84
CA GLU D 730 20.59 55.82 15.96
C GLU D 730 20.40 54.84 17.11
N ILE D 731 21.26 53.82 17.15
CA ILE D 731 21.27 52.84 18.22
C ILE D 731 22.44 53.15 19.14
N ARG D 732 22.17 53.28 20.44
CA ARG D 732 23.16 53.63 21.44
C ARG D 732 23.32 52.50 22.44
N ARG D 733 24.32 52.63 23.31
CA ARG D 733 24.75 51.51 24.12
C ARG D 733 23.69 51.03 25.10
N ASP D 734 22.75 51.89 25.48
CA ASP D 734 21.71 51.45 26.42
C ASP D 734 20.87 50.34 25.80
N HIS D 735 20.51 50.49 24.53
CA HIS D 735 19.79 49.42 23.85
C HIS D 735 20.62 48.15 23.80
N PHE D 736 21.92 48.28 23.52
CA PHE D 736 22.76 47.10 23.41
C PHE D 736 22.84 46.35 24.73
N GLU D 737 23.02 47.06 25.84
CA GLU D 737 23.09 46.38 27.13
C GLU D 737 21.74 45.82 27.53
N GLU D 738 20.65 46.52 27.19
CA GLU D 738 19.32 45.98 27.48
C GLU D 738 19.11 44.67 26.72
N ALA D 739 19.53 44.63 25.46
CA ALA D 739 19.43 43.39 24.70
C ALA D 739 20.32 42.30 25.30
N MET D 740 21.53 42.67 25.72
CA MET D 740 22.44 41.69 26.29
C MET D 740 21.86 41.07 27.55
N ARG D 741 21.11 41.86 28.34
CA ARG D 741 20.47 41.30 29.52
C ARG D 741 19.63 40.08 29.18
N PHE D 742 18.95 40.11 28.03
CA PHE D 742 18.04 39.03 27.66
C PHE D 742 18.80 37.89 26.97
N ALA D 743 19.51 38.19 25.90
CA ALA D 743 20.15 37.15 25.10
C ALA D 743 21.22 36.44 25.89
N ARG D 744 21.33 35.13 25.69
CA ARG D 744 22.34 34.31 26.33
C ARG D 744 22.82 33.25 25.36
N ARG D 745 24.01 32.73 25.62
CA ARG D 745 24.59 31.71 24.75
C ARG D 745 23.71 30.48 24.70
N SER D 746 23.47 29.98 23.48
CA SER D 746 22.59 28.85 23.27
C SER D 746 23.31 27.52 23.22
N VAL D 747 24.62 27.51 22.99
CA VAL D 747 25.40 26.28 22.93
C VAL D 747 26.19 26.17 24.23
N SER D 748 26.03 25.05 24.92
CA SER D 748 26.66 24.85 26.22
C SER D 748 28.12 24.43 26.05
N ASP D 749 28.88 24.56 27.15
CA ASP D 749 30.27 24.12 27.14
C ASP D 749 30.37 22.63 26.85
N ASN D 750 29.35 21.86 27.24
CA ASN D 750 29.37 20.42 26.96
C ASN D 750 29.41 20.14 25.47
N ASP D 751 28.65 20.91 24.68
CA ASP D 751 28.60 20.67 23.25
C ASP D 751 29.94 20.96 22.58
N ILE D 752 30.55 22.09 22.92
CA ILE D 752 31.84 22.42 22.33
C ILE D 752 32.90 21.43 22.79
N ARG D 753 32.81 20.97 24.05
CA ARG D 753 33.73 19.93 24.50
C ARG D 753 33.55 18.66 23.68
N LYS D 754 32.30 18.31 23.38
CA LYS D 754 32.03 17.11 22.57
C LYS D 754 32.62 17.27 21.16
N TYR D 755 32.45 18.44 20.56
CA TYR D 755 33.02 18.66 19.22
C TYR D 755 34.53 18.60 19.26
N GLU D 756 35.14 19.16 20.31
CA GLU D 756 36.58 19.09 20.46
C GLU D 756 37.04 17.65 20.62
N MET D 757 36.29 16.85 21.37
CA MET D 757 36.62 15.43 21.50
C MET D 757 36.54 14.72 20.16
N PHE D 758 35.53 15.06 19.35
CA PHE D 758 35.43 14.49 18.02
C PHE D 758 36.66 14.88 17.18
N ALA D 759 37.07 16.14 17.28
CA ALA D 759 38.26 16.59 16.57
C ALA D 759 39.49 15.81 17.02
N GLN D 760 39.62 15.60 18.34
CA GLN D 760 40.76 14.84 18.85
C GLN D 760 40.74 13.41 18.34
N THR D 761 39.55 12.82 18.24
CA THR D 761 39.44 11.52 17.59
C THR D 761 39.94 11.59 16.16
N LEU D 762 39.65 12.68 15.46
CA LEU D 762 40.21 12.90 14.12
C LEU D 762 41.62 13.48 14.21
N GLN D 763 41.73 14.73 14.62
CA GLN D 763 43.03 15.35 14.87
C GLN D 763 43.49 15.00 16.27
N GLU E 200 -32.97 37.83 -12.89
CA GLU E 200 -32.41 39.17 -12.77
C GLU E 200 -31.92 39.42 -11.35
N VAL E 201 -30.60 39.59 -11.20
CA VAL E 201 -29.96 39.85 -9.92
C VAL E 201 -28.98 41.00 -10.10
N GLY E 202 -28.26 41.32 -9.02
CA GLY E 202 -27.30 42.40 -9.08
C GLY E 202 -26.48 42.45 -7.82
N TYR E 203 -25.73 43.55 -7.69
CA TYR E 203 -24.85 43.73 -6.54
C TYR E 203 -25.64 43.70 -5.23
N ASP E 204 -26.89 44.19 -5.25
CA ASP E 204 -27.70 44.17 -4.04
C ASP E 204 -27.97 42.75 -3.58
N ASP E 205 -28.20 41.83 -4.52
CA ASP E 205 -28.53 40.46 -4.15
C ASP E 205 -27.38 39.79 -3.40
N ILE E 206 -26.15 40.03 -3.85
CA ILE E 206 -25.00 39.42 -3.20
C ILE E 206 -24.84 40.03 -1.81
N GLY E 207 -24.70 39.17 -0.80
CA GLY E 207 -24.49 39.62 0.56
C GLY E 207 -23.36 38.87 1.22
N GLY E 208 -22.66 39.56 2.11
CA GLY E 208 -21.55 38.97 2.82
C GLY E 208 -20.28 38.94 1.99
N CYS E 209 -20.40 38.50 0.75
CA CYS E 209 -19.29 38.60 -0.18
C CYS E 209 -19.05 40.05 -0.54
N ARG E 210 -18.15 40.71 0.20
CA ARG E 210 -17.79 42.10 -0.05
C ARG E 210 -16.34 42.24 -0.48
N LYS E 211 -15.40 41.67 0.27
CA LYS E 211 -14.01 41.71 -0.14
C LYS E 211 -13.82 41.01 -1.47
N GLN E 212 -14.29 39.77 -1.57
CA GLN E 212 -14.18 39.04 -2.83
C GLN E 212 -15.04 39.68 -3.91
N LEU E 213 -16.24 40.14 -3.55
CA LEU E 213 -17.03 40.87 -4.54
C LEU E 213 -16.36 42.18 -4.93
N ALA E 214 -15.67 42.83 -4.00
CA ALA E 214 -14.91 44.03 -4.37
C ALA E 214 -13.82 43.68 -5.37
N GLN E 215 -13.12 42.57 -5.15
CA GLN E 215 -12.09 42.16 -6.09
C GLN E 215 -12.68 41.85 -7.46
N ILE E 216 -13.83 41.16 -7.49
CA ILE E 216 -14.47 40.85 -8.77
C ILE E 216 -14.90 42.13 -9.47
N LYS E 217 -15.48 43.08 -8.72
CA LYS E 217 -15.83 44.38 -9.29
C LYS E 217 -14.61 45.01 -9.92
N GLU E 218 -13.52 45.12 -9.16
CA GLU E 218 -12.28 45.66 -9.67
C GLU E 218 -11.86 44.98 -10.96
N MET E 219 -11.88 43.66 -10.97
CA MET E 219 -11.27 42.87 -12.02
C MET E 219 -12.16 42.67 -13.24
N VAL E 220 -13.43 43.04 -13.16
CA VAL E 220 -14.38 42.77 -14.23
C VAL E 220 -15.00 44.04 -14.78
N GLU E 221 -15.05 45.11 -13.98
CA GLU E 221 -15.65 46.34 -14.47
C GLU E 221 -14.72 47.08 -15.43
N LEU E 222 -13.51 47.39 -14.97
CA LEU E 222 -12.60 48.19 -15.78
C LEU E 222 -12.28 47.56 -17.13
N PRO E 223 -11.98 46.26 -17.24
CA PRO E 223 -11.66 45.70 -18.55
C PRO E 223 -12.80 45.76 -19.54
N LEU E 224 -14.04 45.91 -19.08
CA LEU E 224 -15.21 45.92 -19.96
C LEU E 224 -15.85 47.31 -20.06
N ARG E 225 -16.13 47.95 -18.94
CA ARG E 225 -16.76 49.26 -18.98
C ARG E 225 -15.84 50.31 -19.58
N HIS E 226 -14.54 50.25 -19.25
CA HIS E 226 -13.54 51.18 -19.76
C HIS E 226 -12.38 50.39 -20.33
N PRO E 227 -12.52 49.85 -21.54
CA PRO E 227 -11.40 49.12 -22.15
C PRO E 227 -10.35 50.02 -22.80
N ALA E 228 -10.66 51.30 -23.01
CA ALA E 228 -9.77 52.16 -23.77
C ALA E 228 -8.45 52.39 -23.03
N LEU E 229 -8.52 52.75 -21.74
CA LEU E 229 -7.30 53.10 -21.02
C LEU E 229 -6.40 51.88 -20.86
N PHE E 230 -6.97 50.69 -20.65
CA PHE E 230 -6.15 49.49 -20.57
C PHE E 230 -5.43 49.23 -21.89
N LYS E 231 -6.14 49.37 -23.01
CA LYS E 231 -5.52 49.15 -24.31
C LYS E 231 -4.40 50.17 -24.55
N ALA E 232 -4.63 51.43 -24.20
CA ALA E 232 -3.62 52.45 -24.44
C ALA E 232 -2.40 52.25 -23.55
N ILE E 233 -2.62 51.95 -22.27
CA ILE E 233 -1.51 51.80 -21.33
C ILE E 233 -0.65 50.60 -21.71
N GLY E 234 -1.29 49.49 -22.08
CA GLY E 234 -0.58 48.30 -22.50
C GLY E 234 -0.53 47.19 -21.46
N VAL E 235 -0.99 47.43 -20.24
CA VAL E 235 -1.02 46.38 -19.22
C VAL E 235 -2.14 45.40 -19.56
N LYS E 236 -1.80 44.12 -19.58
CA LYS E 236 -2.76 43.10 -19.96
C LYS E 236 -3.73 42.84 -18.82
N PRO E 237 -5.04 43.03 -19.02
CA PRO E 237 -5.98 42.69 -17.94
C PRO E 237 -6.04 41.20 -17.73
N PRO E 238 -6.44 40.74 -16.54
CA PRO E 238 -6.50 39.30 -16.30
C PRO E 238 -7.55 38.63 -17.17
N ARG E 239 -7.09 37.74 -18.04
CA ARG E 239 -8.00 37.09 -18.99
C ARG E 239 -8.97 36.15 -18.28
N GLY E 240 -8.44 35.31 -17.40
CA GLY E 240 -9.26 34.35 -16.67
C GLY E 240 -9.34 34.74 -15.20
N ILE E 241 -10.51 34.51 -14.61
CA ILE E 241 -10.78 34.83 -13.21
C ILE E 241 -11.44 33.61 -12.61
N LEU E 242 -10.66 32.78 -11.93
CA LEU E 242 -11.16 31.54 -11.35
C LEU E 242 -11.60 31.83 -9.91
N LEU E 243 -12.91 31.91 -9.70
CA LEU E 243 -13.45 32.08 -8.36
C LEU E 243 -14.00 30.75 -7.89
N TYR E 244 -13.57 30.34 -6.70
CA TYR E 244 -13.91 29.01 -6.18
C TYR E 244 -14.43 29.12 -4.76
N GLY E 245 -14.72 27.97 -4.15
CA GLY E 245 -15.26 27.91 -2.82
C GLY E 245 -16.06 26.65 -2.65
N PRO E 246 -16.70 26.48 -1.48
CA PRO E 246 -17.54 25.31 -1.27
C PRO E 246 -18.79 25.40 -2.11
N PRO E 247 -19.49 24.29 -2.34
CA PRO E 247 -20.67 24.32 -3.20
C PRO E 247 -21.77 25.19 -2.60
N GLY E 248 -22.56 25.81 -3.48
CA GLY E 248 -23.66 26.63 -3.04
C GLY E 248 -23.26 27.87 -2.29
N THR E 249 -22.14 28.50 -2.65
CA THR E 249 -21.66 29.70 -1.99
C THR E 249 -22.01 30.97 -2.76
N GLY E 250 -22.74 30.86 -3.87
CA GLY E 250 -23.09 32.00 -4.68
C GLY E 250 -22.16 32.27 -5.84
N LYS E 251 -21.30 31.32 -6.21
CA LYS E 251 -20.38 31.53 -7.31
C LYS E 251 -21.14 31.88 -8.59
N THR E 252 -22.12 31.06 -8.95
CA THR E 252 -22.94 31.37 -10.11
C THR E 252 -23.71 32.67 -9.91
N LEU E 253 -24.24 32.88 -8.70
CA LEU E 253 -24.96 34.11 -8.42
C LEU E 253 -24.04 35.31 -8.53
N ILE E 254 -22.82 35.21 -8.01
CA ILE E 254 -21.87 36.32 -8.11
C ILE E 254 -21.54 36.60 -9.56
N ALA E 255 -21.31 35.56 -10.35
CA ALA E 255 -21.00 35.76 -11.77
C ALA E 255 -22.15 36.45 -12.48
N ARG E 256 -23.38 35.98 -12.24
CA ARG E 256 -24.53 36.60 -12.89
C ARG E 256 -24.69 38.05 -12.45
N ALA E 257 -24.49 38.32 -11.16
CA ALA E 257 -24.65 39.68 -10.65
C ALA E 257 -23.63 40.62 -11.29
N VAL E 258 -22.37 40.21 -11.35
CA VAL E 258 -21.35 41.08 -11.92
C VAL E 258 -21.60 41.27 -13.41
N ALA E 259 -22.02 40.20 -14.11
CA ALA E 259 -22.32 40.32 -15.53
C ALA E 259 -23.45 41.31 -15.76
N ASN E 260 -24.51 41.23 -14.95
CA ASN E 260 -25.64 42.15 -15.12
C ASN E 260 -25.24 43.57 -14.78
N GLU E 261 -24.43 43.75 -13.72
CA GLU E 261 -24.01 45.10 -13.35
C GLU E 261 -23.16 45.73 -14.44
N THR E 262 -22.23 44.97 -15.01
CA THR E 262 -21.40 45.50 -16.09
C THR E 262 -22.25 45.85 -17.29
N GLY E 263 -23.30 45.08 -17.55
CA GLY E 263 -24.12 45.27 -18.73
C GLY E 263 -23.55 44.65 -19.99
N ALA E 264 -22.37 44.03 -19.90
CA ALA E 264 -21.76 43.41 -21.06
C ALA E 264 -22.48 42.12 -21.43
N PHE E 265 -22.25 41.66 -22.65
CA PHE E 265 -22.81 40.40 -23.08
C PHE E 265 -22.33 39.27 -22.18
N PHE E 266 -23.23 38.35 -21.87
CA PHE E 266 -22.93 37.26 -20.94
C PHE E 266 -23.43 35.96 -21.54
N PHE E 267 -22.68 34.88 -21.31
CA PHE E 267 -23.05 33.57 -21.84
C PHE E 267 -22.59 32.51 -20.84
N LEU E 268 -23.52 32.04 -20.01
CA LEU E 268 -23.19 31.00 -19.04
C LEU E 268 -22.91 29.69 -19.76
N ILE E 269 -21.87 28.99 -19.32
CA ILE E 269 -21.54 27.65 -19.80
C ILE E 269 -21.50 26.74 -18.60
N ASN E 270 -22.25 25.63 -18.67
CA ASN E 270 -22.36 24.68 -17.58
C ASN E 270 -21.58 23.43 -17.94
N GLY E 271 -20.74 22.96 -17.02
CA GLY E 271 -19.94 21.78 -17.26
C GLY E 271 -20.78 20.56 -17.53
N PRO E 272 -21.79 20.30 -16.68
CA PRO E 272 -22.68 19.16 -16.94
C PRO E 272 -23.29 19.14 -18.32
N GLU E 273 -23.86 20.24 -18.80
CA GLU E 273 -24.53 20.19 -20.09
C GLU E 273 -23.53 20.06 -21.23
N ILE E 274 -22.33 20.65 -21.09
CA ILE E 274 -21.30 20.45 -22.10
C ILE E 274 -20.90 18.98 -22.16
N MET E 275 -20.75 18.33 -21.00
CA MET E 275 -20.37 16.93 -21.00
C MET E 275 -21.52 16.01 -21.40
N SER E 276 -22.77 16.50 -21.35
CA SER E 276 -23.90 15.65 -21.68
C SER E 276 -23.97 15.34 -23.16
N LYS E 277 -23.45 16.22 -24.01
CA LYS E 277 -23.57 16.02 -25.44
C LYS E 277 -22.68 14.86 -25.90
N LEU E 278 -22.98 14.36 -27.10
CA LEU E 278 -22.22 13.25 -27.65
C LEU E 278 -20.79 13.67 -27.95
N ALA E 279 -19.92 12.67 -28.07
CA ALA E 279 -18.53 12.93 -28.42
C ALA E 279 -18.46 13.66 -29.76
N GLY E 280 -17.66 14.72 -29.81
CA GLY E 280 -17.55 15.58 -30.96
C GLY E 280 -18.48 16.77 -30.91
N GLU E 281 -19.58 16.67 -30.18
CA GLU E 281 -20.51 17.79 -30.05
C GLU E 281 -20.21 18.68 -28.85
N SER E 282 -19.57 18.14 -27.81
CA SER E 282 -19.23 18.96 -26.65
C SER E 282 -18.17 19.99 -27.02
N GLU E 283 -17.09 19.55 -27.66
CA GLU E 283 -16.05 20.49 -28.08
C GLU E 283 -16.58 21.46 -29.12
N SER E 284 -17.44 20.99 -30.03
CA SER E 284 -18.04 21.91 -31.00
C SER E 284 -18.90 22.95 -30.30
N ASN E 285 -19.66 22.55 -29.28
CA ASN E 285 -20.47 23.49 -28.53
C ASN E 285 -19.60 24.53 -27.84
N LEU E 286 -18.52 24.09 -27.21
CA LEU E 286 -17.61 25.02 -26.56
C LEU E 286 -16.99 25.98 -27.56
N ARG E 287 -16.58 25.46 -28.72
CA ARG E 287 -15.96 26.29 -29.75
C ARG E 287 -16.94 27.35 -30.25
N LYS E 288 -18.18 26.97 -30.54
CA LYS E 288 -19.14 27.94 -31.03
C LYS E 288 -19.54 28.93 -29.94
N ALA E 289 -19.54 28.49 -28.69
CA ALA E 289 -19.79 29.44 -27.59
C ALA E 289 -18.70 30.50 -27.55
N PHE E 290 -17.44 30.08 -27.62
CA PHE E 290 -16.36 31.06 -27.63
C PHE E 290 -16.44 31.94 -28.87
N GLU E 291 -16.82 31.37 -30.01
CA GLU E 291 -16.92 32.16 -31.23
C GLU E 291 -17.99 33.24 -31.11
N GLU E 292 -19.18 32.87 -30.63
CA GLU E 292 -20.25 33.86 -30.51
C GLU E 292 -19.92 34.88 -29.43
N ALA E 293 -19.18 34.47 -28.40
CA ALA E 293 -18.67 35.46 -27.45
C ALA E 293 -17.73 36.43 -28.14
N GLU E 294 -16.86 35.93 -29.01
CA GLU E 294 -15.93 36.79 -29.74
C GLU E 294 -16.68 37.77 -30.64
N LYS E 295 -17.72 37.30 -31.34
CA LYS E 295 -18.48 38.17 -32.23
C LYS E 295 -19.21 39.27 -31.48
N ASN E 296 -19.38 39.14 -30.17
CA ASN E 296 -20.15 40.04 -29.34
C ASN E 296 -19.36 40.42 -28.09
N ALA E 297 -18.13 40.90 -28.28
CA ALA E 297 -17.13 40.66 -27.25
C ALA E 297 -16.70 41.88 -26.45
N PRO E 298 -17.63 42.63 -25.87
CA PRO E 298 -17.53 42.90 -24.44
C PRO E 298 -18.22 41.74 -23.75
N ALA E 299 -17.48 40.81 -23.15
CA ALA E 299 -18.08 39.53 -22.83
C ALA E 299 -17.54 38.96 -21.53
N ILE E 300 -18.42 38.33 -20.77
CA ILE E 300 -18.06 37.57 -19.57
C ILE E 300 -18.53 36.14 -19.83
N ILE E 301 -17.63 35.30 -20.35
CA ILE E 301 -17.93 33.88 -20.43
C ILE E 301 -17.82 33.30 -19.02
N PHE E 302 -18.74 32.42 -18.67
CA PHE E 302 -18.77 31.82 -17.34
C PHE E 302 -18.86 30.31 -17.47
N ILE E 303 -17.81 29.61 -17.03
CA ILE E 303 -17.77 28.16 -17.07
C ILE E 303 -18.07 27.69 -15.65
N ASP E 304 -19.30 27.22 -15.44
CA ASP E 304 -19.71 26.73 -14.13
C ASP E 304 -19.25 25.30 -13.94
N GLU E 305 -18.85 24.97 -12.72
CA GLU E 305 -18.35 23.65 -12.38
C GLU E 305 -17.20 23.25 -13.32
N LEU E 306 -16.15 24.08 -13.29
CA LEU E 306 -14.98 23.81 -14.13
C LEU E 306 -14.36 22.46 -13.79
N ASP E 307 -14.49 22.02 -12.53
CA ASP E 307 -13.89 20.75 -12.14
C ASP E 307 -14.49 19.58 -12.93
N ALA E 308 -15.81 19.59 -13.13
CA ALA E 308 -16.45 18.49 -13.84
C ALA E 308 -15.94 18.40 -15.27
N ILE E 309 -15.87 19.53 -15.96
CA ILE E 309 -15.41 19.52 -17.36
C ILE E 309 -13.91 19.21 -17.42
N ALA E 310 -13.12 19.79 -16.52
CA ALA E 310 -11.66 19.69 -16.57
C ALA E 310 -11.13 19.30 -15.20
N PRO E 311 -11.28 18.05 -14.79
CA PRO E 311 -10.67 17.59 -13.55
C PRO E 311 -9.18 17.35 -13.73
N LYS E 312 -8.54 16.83 -12.69
CA LYS E 312 -7.10 16.62 -12.72
C LYS E 312 -6.70 15.74 -13.90
N ARG E 313 -5.46 15.90 -14.35
CA ARG E 313 -5.00 15.20 -15.55
C ARG E 313 -5.13 13.69 -15.38
N GLU E 314 -4.68 13.16 -14.25
CA GLU E 314 -4.65 11.71 -14.07
C GLU E 314 -6.02 11.12 -13.76
N LYS E 315 -6.96 11.92 -13.26
CA LYS E 315 -8.30 11.44 -12.99
C LYS E 315 -9.25 11.63 -14.16
N THR E 316 -8.76 12.16 -15.29
CA THR E 316 -9.51 12.14 -16.54
C THR E 316 -9.30 10.78 -17.18
N HIS E 317 -10.31 9.92 -17.06
CA HIS E 317 -10.14 8.52 -17.46
C HIS E 317 -10.30 8.35 -18.97
N GLY E 318 -11.39 8.88 -19.53
CA GLY E 318 -11.63 8.70 -20.95
C GLY E 318 -10.78 9.61 -21.82
N GLU E 319 -10.65 9.23 -23.09
CA GLU E 319 -9.90 10.05 -24.03
C GLU E 319 -10.66 11.33 -24.36
N VAL E 320 -11.99 11.25 -24.45
CA VAL E 320 -12.78 12.44 -24.75
C VAL E 320 -12.63 13.48 -23.65
N GLU E 321 -12.43 13.04 -22.41
CA GLU E 321 -12.18 13.97 -21.32
C GLU E 321 -10.94 14.81 -21.59
N ARG E 322 -9.83 14.14 -21.93
CA ARG E 322 -8.61 14.87 -22.25
C ARG E 322 -8.80 15.74 -23.49
N ARG E 323 -9.57 15.27 -24.46
CA ARG E 323 -9.80 16.07 -25.66
C ARG E 323 -10.55 17.36 -25.32
N ILE E 324 -11.58 17.29 -24.48
CA ILE E 324 -12.31 18.50 -24.13
C ILE E 324 -11.44 19.41 -23.27
N VAL E 325 -10.62 18.85 -22.39
CA VAL E 325 -9.72 19.68 -21.60
C VAL E 325 -8.76 20.43 -22.51
N SER E 326 -8.17 19.74 -23.48
CA SER E 326 -7.25 20.39 -24.40
C SER E 326 -7.97 21.41 -25.27
N GLN E 327 -9.22 21.14 -25.62
CA GLN E 327 -10.01 22.11 -26.36
C GLN E 327 -10.18 23.39 -25.56
N LEU E 328 -10.51 23.26 -24.29
CA LEU E 328 -10.63 24.44 -23.43
C LEU E 328 -9.30 25.17 -23.33
N LEU E 329 -8.21 24.42 -23.17
CA LEU E 329 -6.89 25.04 -23.08
C LEU E 329 -6.59 25.87 -24.33
N THR E 330 -6.78 25.27 -25.50
CA THR E 330 -6.42 25.97 -26.74
C THR E 330 -7.34 27.15 -26.99
N LEU E 331 -8.62 27.04 -26.63
CA LEU E 331 -9.51 28.19 -26.77
C LEU E 331 -9.08 29.33 -25.86
N MET E 332 -8.74 29.01 -24.61
CA MET E 332 -8.31 30.06 -23.70
C MET E 332 -7.02 30.72 -24.16
N ASP E 333 -6.09 29.93 -24.69
CA ASP E 333 -4.85 30.51 -25.21
C ASP E 333 -5.08 31.33 -26.48
N GLY E 334 -5.98 30.87 -27.35
CA GLY E 334 -6.23 31.58 -28.59
C GLY E 334 -7.08 32.82 -28.44
N LEU E 335 -7.81 32.95 -27.33
CA LEU E 335 -8.54 34.17 -27.04
C LEU E 335 -7.63 35.25 -26.41
N LYS E 336 -6.32 35.10 -26.57
CA LYS E 336 -5.38 36.13 -26.15
C LYS E 336 -5.57 37.43 -26.93
N GLN E 337 -6.29 37.39 -28.05
CA GLN E 337 -6.51 38.57 -28.86
C GLN E 337 -7.13 39.69 -28.02
N ARG E 338 -7.02 40.91 -28.53
CA ARG E 338 -7.46 42.09 -27.79
C ARG E 338 -8.96 42.18 -27.64
N ALA E 339 -9.72 41.33 -28.32
CA ALA E 339 -11.16 41.28 -28.11
C ALA E 339 -11.46 41.02 -26.64
N HIS E 340 -12.38 41.79 -26.09
CA HIS E 340 -12.57 41.86 -24.64
C HIS E 340 -13.52 40.74 -24.20
N VAL E 341 -12.93 39.58 -23.91
CA VAL E 341 -13.64 38.45 -23.34
C VAL E 341 -12.93 38.07 -22.05
N ILE E 342 -13.70 37.90 -20.97
CA ILE E 342 -13.17 37.47 -19.69
C ILE E 342 -13.78 36.11 -19.38
N VAL E 343 -12.94 35.10 -19.23
CA VAL E 343 -13.38 33.72 -19.02
C VAL E 343 -13.33 33.46 -17.52
N MET E 344 -14.44 33.75 -16.85
CA MET E 344 -14.61 33.40 -15.45
C MET E 344 -14.98 31.93 -15.34
N ALA E 345 -14.49 31.29 -14.27
CA ALA E 345 -14.78 29.88 -14.03
C ALA E 345 -15.11 29.68 -12.57
N ALA E 346 -16.09 28.83 -12.31
CA ALA E 346 -16.52 28.49 -10.96
C ALA E 346 -16.21 27.03 -10.69
N THR E 347 -15.61 26.75 -9.54
CA THR E 347 -15.23 25.39 -9.19
C THR E 347 -15.20 25.26 -7.68
N ASN E 348 -14.73 24.11 -7.22
CA ASN E 348 -14.60 23.81 -5.80
C ASN E 348 -13.26 23.14 -5.58
N ARG E 349 -12.58 23.51 -4.49
CA ARG E 349 -11.27 22.95 -4.21
C ARG E 349 -10.37 23.15 -5.41
N PRO E 350 -9.84 24.37 -5.64
CA PRO E 350 -9.15 24.67 -6.90
C PRO E 350 -8.02 23.70 -7.24
N ASN E 351 -7.53 22.94 -6.25
CA ASN E 351 -6.59 21.88 -6.55
C ASN E 351 -7.23 20.73 -7.31
N SER E 352 -8.56 20.70 -7.42
CA SER E 352 -9.23 19.60 -8.10
C SER E 352 -9.13 19.72 -9.62
N ILE E 353 -9.06 20.94 -10.16
CA ILE E 353 -9.04 21.11 -11.61
C ILE E 353 -7.66 20.77 -12.13
N ASP E 354 -7.54 20.58 -13.44
CA ASP E 354 -6.25 20.28 -14.05
C ASP E 354 -5.31 21.46 -13.80
N PRO E 355 -4.12 21.23 -13.23
CA PRO E 355 -3.21 22.36 -12.99
C PRO E 355 -2.82 23.09 -14.26
N ALA E 356 -2.96 22.47 -15.42
CA ALA E 356 -2.64 23.16 -16.67
C ALA E 356 -3.49 24.41 -16.84
N LEU E 357 -4.73 24.41 -16.33
CA LEU E 357 -5.57 25.58 -16.45
C LEU E 357 -5.10 26.72 -15.55
N ARG E 358 -4.53 26.38 -14.39
CA ARG E 358 -4.09 27.41 -13.45
C ARG E 358 -2.86 28.17 -13.92
N ARG E 359 -2.20 27.71 -14.98
CA ARG E 359 -1.00 28.39 -15.46
C ARG E 359 -1.35 29.77 -15.98
N PHE E 360 -0.37 30.66 -15.93
CA PHE E 360 -0.61 32.06 -16.31
C PHE E 360 -0.97 32.15 -17.79
N GLY E 361 -1.77 33.17 -18.12
CA GLY E 361 -2.31 33.33 -19.44
C GLY E 361 -3.64 32.64 -19.66
N ARG E 362 -4.03 31.73 -18.77
CA ARG E 362 -5.31 31.05 -18.83
C ARG E 362 -6.22 31.41 -17.67
N PHE E 363 -5.76 31.23 -16.44
CA PHE E 363 -6.48 31.66 -15.24
C PHE E 363 -5.48 32.36 -14.34
N ASP E 364 -5.25 33.65 -14.58
CA ASP E 364 -4.22 34.38 -13.85
C ASP E 364 -4.62 34.59 -12.39
N ARG E 365 -5.87 34.96 -12.15
CA ARG E 365 -6.30 35.43 -10.84
C ARG E 365 -7.27 34.43 -10.22
N GLU E 366 -7.10 34.19 -8.92
CA GLU E 366 -7.94 33.28 -8.15
C GLU E 366 -8.66 34.04 -7.07
N VAL E 367 -9.91 33.66 -6.80
CA VAL E 367 -10.75 34.33 -5.83
C VAL E 367 -11.37 33.29 -4.91
N ASP E 368 -10.95 33.26 -3.65
CA ASP E 368 -11.48 32.33 -2.65
C ASP E 368 -12.67 32.99 -1.98
N ILE E 369 -13.88 32.60 -2.40
CA ILE E 369 -15.09 33.19 -1.82
C ILE E 369 -15.18 32.87 -0.34
N GLY E 370 -15.04 31.59 0.00
CA GLY E 370 -15.03 31.17 1.39
C GLY E 370 -16.39 31.24 2.04
N ILE E 371 -16.47 30.82 3.30
CA ILE E 371 -17.73 30.87 4.05
C ILE E 371 -18.01 32.32 4.44
N PRO E 372 -19.26 32.78 4.38
CA PRO E 372 -19.56 34.11 4.93
C PRO E 372 -19.39 34.14 6.45
N ASP E 373 -19.01 35.30 6.96
CA ASP E 373 -18.83 35.48 8.40
C ASP E 373 -20.18 35.78 9.04
N ALA E 374 -20.18 36.14 10.32
CA ALA E 374 -21.42 36.42 11.03
C ALA E 374 -22.19 37.55 10.35
N THR E 375 -21.51 38.68 10.09
CA THR E 375 -22.15 39.75 9.34
C THR E 375 -22.55 39.28 7.96
N GLY E 376 -21.74 38.40 7.36
CA GLY E 376 -22.09 37.87 6.05
C GLY E 376 -23.37 37.07 6.09
N ARG E 377 -23.51 36.17 7.08
CA ARG E 377 -24.74 35.40 7.18
C ARG E 377 -25.93 36.29 7.49
N LEU E 378 -25.71 37.34 8.29
CA LEU E 378 -26.78 38.30 8.53
C LEU E 378 -27.23 38.96 7.23
N GLU E 379 -26.28 39.35 6.38
CA GLU E 379 -26.63 39.95 5.10
C GLU E 379 -27.38 38.96 4.21
N ILE E 380 -26.93 37.71 4.18
CA ILE E 380 -27.60 36.70 3.38
C ILE E 380 -29.04 36.54 3.83
N LEU E 381 -29.25 36.43 5.15
CA LEU E 381 -30.60 36.26 5.66
C LEU E 381 -31.46 37.48 5.35
N GLN E 382 -30.88 38.68 5.44
CA GLN E 382 -31.64 39.87 5.06
C GLN E 382 -32.08 39.79 3.60
N ILE E 383 -31.16 39.38 2.72
CA ILE E 383 -31.50 39.30 1.30
C ILE E 383 -32.61 38.28 1.07
N HIS E 384 -32.51 37.11 1.68
CA HIS E 384 -33.47 36.04 1.41
C HIS E 384 -34.77 36.20 2.20
N THR E 385 -34.83 37.11 3.18
CA THR E 385 -36.04 37.33 3.95
C THR E 385 -36.63 38.71 3.70
N LYS E 386 -36.25 39.37 2.60
CA LYS E 386 -36.78 40.69 2.31
C LYS E 386 -38.28 40.64 2.06
N ASN E 387 -38.70 39.77 1.14
CA ASN E 387 -40.11 39.65 0.77
C ASN E 387 -40.75 38.46 1.49
N MET E 388 -40.93 38.63 2.80
CA MET E 388 -41.58 37.61 3.61
C MET E 388 -42.62 38.14 4.59
N LYS E 389 -42.62 39.42 4.93
CA LYS E 389 -43.52 39.95 5.96
C LYS E 389 -43.33 39.21 7.27
N LEU E 390 -42.06 38.95 7.62
CA LEU E 390 -41.75 38.25 8.86
C LEU E 390 -42.15 39.10 10.06
N ALA E 391 -42.59 38.41 11.12
CA ALA E 391 -42.98 39.11 12.33
C ALA E 391 -41.79 39.83 12.94
N ASP E 392 -42.03 41.02 13.49
CA ASP E 392 -40.97 41.83 14.05
C ASP E 392 -40.35 41.22 15.29
N ASP E 393 -40.99 40.20 15.88
CA ASP E 393 -40.44 39.60 17.10
C ASP E 393 -39.07 38.98 16.83
N VAL E 394 -38.91 38.29 15.70
CA VAL E 394 -37.60 37.75 15.35
C VAL E 394 -36.66 38.88 14.97
N ASP E 395 -35.37 38.68 15.26
CA ASP E 395 -34.36 39.68 14.99
C ASP E 395 -33.58 39.43 13.70
N LEU E 396 -33.54 38.20 13.21
CA LEU E 396 -32.78 37.82 12.03
C LEU E 396 -31.28 37.95 12.23
N GLU E 397 -30.83 38.18 13.46
CA GLU E 397 -29.42 38.24 13.81
C GLU E 397 -29.03 37.23 14.86
N GLN E 398 -29.94 36.90 15.79
CA GLN E 398 -29.69 35.80 16.71
C GLN E 398 -29.51 34.50 15.95
N VAL E 399 -30.34 34.26 14.93
CA VAL E 399 -30.21 33.07 14.11
C VAL E 399 -28.90 33.09 13.34
N ALA E 400 -28.48 34.28 12.89
CA ALA E 400 -27.28 34.36 12.07
C ALA E 400 -26.04 33.89 12.83
N ASN E 401 -25.89 34.32 14.08
CA ASN E 401 -24.71 33.94 14.85
C ASN E 401 -24.69 32.45 15.17
N GLU E 402 -25.86 31.81 15.21
CA GLU E 402 -25.94 30.39 15.51
C GLU E 402 -25.80 29.51 14.27
N THR E 403 -25.79 30.09 13.07
CA THR E 403 -25.63 29.32 11.84
C THR E 403 -24.16 29.26 11.43
N HIS E 404 -23.33 28.81 12.36
CA HIS E 404 -21.91 28.66 12.08
C HIS E 404 -21.71 27.56 11.04
N GLY E 405 -20.85 27.82 10.07
CA GLY E 405 -20.56 26.84 9.03
C GLY E 405 -21.59 26.75 7.94
N HIS E 406 -22.72 27.44 8.07
CA HIS E 406 -23.72 27.43 7.01
C HIS E 406 -23.22 28.20 5.80
N VAL E 407 -23.49 27.67 4.62
CA VAL E 407 -23.17 28.33 3.38
C VAL E 407 -24.43 29.02 2.86
N GLY E 408 -24.27 29.90 1.87
CA GLY E 408 -25.41 30.67 1.40
C GLY E 408 -26.57 29.82 0.96
N ALA E 409 -26.29 28.74 0.23
CA ALA E 409 -27.36 27.82 -0.16
C ALA E 409 -28.02 27.21 1.06
N ASP E 410 -27.22 26.86 2.07
CA ASP E 410 -27.79 26.34 3.31
C ASP E 410 -28.66 27.38 3.99
N LEU E 411 -28.26 28.66 3.92
CA LEU E 411 -29.10 29.70 4.53
C LEU E 411 -30.42 29.84 3.78
N ALA E 412 -30.39 29.77 2.46
CA ALA E 412 -31.65 29.79 1.70
C ALA E 412 -32.52 28.60 2.07
N ALA E 413 -31.92 27.42 2.21
CA ALA E 413 -32.67 26.24 2.62
C ALA E 413 -33.26 26.43 4.01
N LEU E 414 -32.49 27.02 4.93
CA LEU E 414 -33.00 27.30 6.27
C LEU E 414 -34.19 28.23 6.22
N CYS E 415 -34.11 29.28 5.41
CA CYS E 415 -35.23 30.21 5.29
C CYS E 415 -36.46 29.50 4.73
N SER E 416 -36.27 28.66 3.69
CA SER E 416 -37.39 27.93 3.12
C SER E 416 -38.01 26.98 4.15
N GLU E 417 -37.17 26.31 4.94
CA GLU E 417 -37.68 25.40 5.95
C GLU E 417 -38.42 26.13 7.05
N ALA E 418 -37.95 27.34 7.40
CA ALA E 418 -38.68 28.15 8.37
C ALA E 418 -40.06 28.52 7.84
N ALA E 419 -40.11 28.95 6.58
CA ALA E 419 -41.41 29.25 5.98
C ALA E 419 -42.30 28.01 5.96
N LEU E 420 -41.71 26.85 5.68
CA LEU E 420 -42.48 25.61 5.64
C LEU E 420 -43.03 25.26 7.02
N GLN E 421 -42.23 25.47 8.07
CA GLN E 421 -42.74 25.29 9.42
C GLN E 421 -43.88 26.25 9.71
N ALA E 422 -43.77 27.49 9.22
CA ALA E 422 -44.87 28.44 9.37
C ALA E 422 -46.13 27.89 8.70
N ILE E 423 -45.98 27.27 7.53
CA ILE E 423 -47.13 26.63 6.88
C ILE E 423 -47.69 25.54 7.77
N ARG E 424 -46.81 24.71 8.35
CA ARG E 424 -47.25 23.63 9.23
C ARG E 424 -48.11 24.18 10.36
N LYS E 425 -47.64 25.25 11.01
CA LYS E 425 -48.42 25.82 12.11
C LYS E 425 -49.80 26.26 11.65
N LYS E 426 -49.95 26.56 10.36
CA LYS E 426 -51.25 26.91 9.81
C LYS E 426 -51.96 25.67 9.28
N MET E 427 -53.26 25.59 9.53
CA MET E 427 -54.06 24.47 9.08
C MET E 427 -54.68 24.76 7.71
N ASP E 428 -55.26 23.72 7.12
CA ASP E 428 -55.85 23.82 5.78
C ASP E 428 -54.83 24.32 4.77
N ILE E 437 -60.13 29.11 1.36
CA ILE E 437 -59.37 30.24 1.85
C ILE E 437 -58.04 30.35 1.09
N ASP E 438 -57.80 31.54 0.52
CA ASP E 438 -56.62 31.78 -0.28
C ASP E 438 -55.93 33.08 0.12
N ALA E 439 -56.71 34.09 0.50
CA ALA E 439 -56.18 35.41 0.77
C ALA E 439 -55.78 35.59 2.23
N GLU E 440 -56.66 35.21 3.16
CA GLU E 440 -56.39 35.45 4.58
C GLU E 440 -55.29 34.55 5.13
N VAL E 441 -54.86 33.54 4.38
CA VAL E 441 -53.77 32.67 4.83
C VAL E 441 -52.43 33.15 4.28
N MET E 442 -52.40 33.58 3.02
CA MET E 442 -51.16 34.09 2.44
C MET E 442 -50.83 35.50 2.92
N ASN E 443 -51.83 36.25 3.40
CA ASN E 443 -51.60 37.60 3.89
C ASN E 443 -51.21 37.63 5.37
N SER E 444 -51.75 36.72 6.17
CA SER E 444 -51.46 36.67 7.59
C SER E 444 -50.23 35.84 7.92
N LEU E 445 -49.54 35.30 6.92
CA LEU E 445 -48.33 34.52 7.16
C LEU E 445 -47.24 35.42 7.72
N ALA E 446 -46.74 35.08 8.91
CA ALA E 446 -45.67 35.84 9.56
C ALA E 446 -44.76 34.84 10.26
N VAL E 447 -43.61 34.55 9.64
CA VAL E 447 -42.67 33.63 10.24
C VAL E 447 -42.16 34.22 11.54
N THR E 448 -42.17 33.41 12.60
CA THR E 448 -41.74 33.83 13.93
C THR E 448 -40.36 33.26 14.23
N MET E 449 -39.76 33.79 15.30
CA MET E 449 -38.47 33.27 15.74
C MET E 449 -38.57 31.79 16.06
N ASP E 450 -39.72 31.34 16.55
CA ASP E 450 -39.92 29.92 16.84
C ASP E 450 -39.90 29.07 15.59
N ASP E 451 -40.09 29.66 14.41
CA ASP E 451 -40.00 28.93 13.16
C ASP E 451 -38.56 28.87 12.65
N PHE E 452 -37.84 29.99 12.73
CA PHE E 452 -36.41 29.95 12.40
C PHE E 452 -35.66 29.03 13.35
N ARG E 453 -36.09 28.92 14.60
CA ARG E 453 -35.46 27.99 15.53
C ARG E 453 -35.61 26.56 15.02
N TRP E 454 -36.82 26.19 14.60
CA TRP E 454 -37.03 24.86 14.04
C TRP E 454 -36.18 24.65 12.79
N ALA E 455 -36.18 25.64 11.90
CA ALA E 455 -35.41 25.50 10.67
C ALA E 455 -33.93 25.30 10.97
N LEU E 456 -33.39 26.06 11.92
CA LEU E 456 -32.01 25.89 12.30
C LEU E 456 -31.76 24.51 12.90
N SER E 457 -32.68 24.03 13.73
CA SER E 457 -32.52 22.71 14.33
C SER E 457 -32.51 21.62 13.26
N GLN E 458 -33.49 21.63 12.38
CA GLN E 458 -33.61 20.62 11.33
C GLN E 458 -32.95 21.07 10.02
N SER E 459 -31.69 21.49 10.10
CA SER E 459 -30.95 21.88 8.90
C SER E 459 -29.47 21.72 9.19
N ASN E 460 -28.86 20.68 8.63
CA ASN E 460 -27.43 20.49 8.83
C ASN E 460 -26.63 21.37 7.89
N PRO E 461 -25.51 21.96 8.33
CA PRO E 461 -24.67 22.69 7.38
C PRO E 461 -23.99 21.75 6.41
N SER E 462 -23.67 22.27 5.23
CA SER E 462 -22.92 21.52 4.23
C SER E 462 -21.44 21.82 4.28
N ALA E 463 -21.05 23.08 4.13
CA ALA E 463 -19.65 23.48 4.21
C ALA E 463 -19.22 23.65 5.66
N LEU E 464 -19.20 22.53 6.36
CA LEU E 464 -18.82 22.47 7.77
C LEU E 464 -17.39 21.94 7.91
N ARG E 465 -16.79 22.23 9.05
CA ARG E 465 -15.42 21.84 9.39
C ARG E 465 -14.47 22.05 8.21
N GLU E 466 -14.66 23.15 7.49
CA GLU E 466 -13.67 23.68 6.57
C GLU E 466 -13.07 24.92 7.23
N THR E 467 -11.75 24.96 7.38
CA THR E 467 -11.08 25.97 8.16
C THR E 467 -11.60 27.37 7.82
N VAL E 468 -12.15 28.04 8.82
CA VAL E 468 -12.90 29.27 8.61
C VAL E 468 -11.94 30.42 8.33
N VAL E 469 -12.23 31.18 7.29
CA VAL E 469 -11.50 32.41 6.98
C VAL E 469 -12.40 33.55 7.44
N GLU E 470 -12.21 33.98 8.69
CA GLU E 470 -13.08 34.98 9.27
C GLU E 470 -12.30 35.82 10.27
N VAL E 471 -12.82 37.01 10.54
CA VAL E 471 -12.23 37.92 11.52
C VAL E 471 -12.85 37.61 12.88
N PRO E 472 -12.07 37.34 13.92
CA PRO E 472 -12.67 37.04 15.22
C PRO E 472 -13.35 38.26 15.81
N GLN E 473 -13.99 38.04 16.96
CA GLN E 473 -14.83 39.06 17.61
C GLN E 473 -14.54 39.13 19.10
N VAL E 474 -13.26 39.27 19.46
CA VAL E 474 -12.85 39.41 20.85
C VAL E 474 -12.36 40.82 21.16
N THR E 475 -11.70 41.48 20.20
CA THR E 475 -11.38 42.91 20.25
C THR E 475 -10.80 43.35 21.59
N TRP E 476 -9.88 42.55 22.13
CA TRP E 476 -9.10 42.85 23.33
C TRP E 476 -9.93 42.92 24.61
N GLU E 477 -11.25 42.76 24.55
CA GLU E 477 -12.10 42.85 25.73
C GLU E 477 -12.50 41.49 26.26
N ASP E 478 -12.70 40.50 25.38
CA ASP E 478 -12.92 39.15 25.85
C ASP E 478 -11.71 38.65 26.63
N ILE E 479 -10.51 38.92 26.14
CA ILE E 479 -9.30 38.61 26.89
C ILE E 479 -9.21 39.55 28.09
N GLY E 480 -8.55 39.08 29.14
CA GLY E 480 -8.44 39.84 30.37
C GLY E 480 -7.02 40.15 30.79
N GLY E 481 -6.64 41.42 30.64
CA GLY E 481 -5.40 41.90 31.24
C GLY E 481 -4.16 41.20 30.74
N LEU E 482 -3.33 40.79 31.71
CA LEU E 482 -1.94 40.34 31.58
C LEU E 482 -0.99 41.52 31.33
N GLU E 483 -1.54 42.68 30.96
CA GLU E 483 -0.90 43.99 31.17
C GLU E 483 0.45 44.18 30.50
N ASP E 484 1.01 43.14 29.88
CA ASP E 484 2.31 43.27 29.21
C ASP E 484 2.40 42.58 27.86
N VAL E 485 1.65 41.50 27.63
CA VAL E 485 1.72 40.80 26.36
C VAL E 485 0.87 41.47 25.29
N LYS E 486 -0.13 42.26 25.68
CA LYS E 486 -0.84 43.08 24.72
C LYS E 486 0.13 44.03 24.02
N ARG E 487 0.95 44.72 24.80
CA ARG E 487 1.93 45.63 24.23
C ARG E 487 2.94 44.86 23.37
N GLU E 488 3.38 43.69 23.84
CA GLU E 488 4.36 42.93 23.07
C GLU E 488 3.80 42.50 21.72
N LEU E 489 2.56 41.99 21.71
CA LEU E 489 1.94 41.60 20.44
C LEU E 489 1.75 42.81 19.55
N GLN E 490 1.31 43.94 20.11
CA GLN E 490 1.18 45.14 19.29
C GLN E 490 2.51 45.51 18.64
N GLU E 491 3.58 45.52 19.42
CA GLU E 491 4.88 45.88 18.87
C GLU E 491 5.42 44.84 17.90
N LEU E 492 4.97 43.59 18.00
CA LEU E 492 5.45 42.56 17.08
C LEU E 492 4.66 42.50 15.79
N VAL E 493 3.39 42.92 15.79
CA VAL E 493 2.57 42.85 14.58
C VAL E 493 1.90 44.15 14.20
N GLN E 494 1.74 45.12 15.11
CA GLN E 494 1.10 46.38 14.77
C GLN E 494 2.11 47.43 14.31
N TYR E 495 3.20 47.61 15.04
CA TYR E 495 4.21 48.57 14.62
C TYR E 495 4.82 48.24 13.27
N PRO E 496 5.20 46.99 12.97
CA PRO E 496 5.80 46.72 11.65
C PRO E 496 4.91 47.13 10.48
N VAL E 497 3.61 46.96 10.59
CA VAL E 497 2.73 47.35 9.49
C VAL E 497 2.44 48.84 9.50
N GLU E 498 2.39 49.47 10.66
CA GLU E 498 2.07 50.89 10.73
C GLU E 498 3.25 51.76 10.32
N HIS E 499 4.48 51.34 10.65
CA HIS E 499 5.68 52.14 10.42
C HIS E 499 6.75 51.29 9.77
N PRO E 500 6.53 50.86 8.53
CA PRO E 500 7.59 50.11 7.82
C PRO E 500 8.85 50.91 7.61
N ASP E 501 8.73 52.24 7.52
CA ASP E 501 9.89 53.06 7.22
C ASP E 501 10.97 52.94 8.29
N LYS E 502 10.57 52.93 9.57
CA LYS E 502 11.56 52.76 10.63
C LYS E 502 12.22 51.40 10.55
N PHE E 503 11.45 50.36 10.27
CA PHE E 503 12.03 49.02 10.14
C PHE E 503 13.01 48.95 8.98
N LEU E 504 12.77 49.71 7.92
CA LEU E 504 13.76 49.80 6.84
C LEU E 504 14.98 50.61 7.27
N LYS E 505 14.78 51.65 8.08
CA LYS E 505 15.89 52.51 8.47
C LYS E 505 16.93 51.72 9.26
N PHE E 506 16.55 51.18 10.40
CA PHE E 506 17.50 50.44 11.23
C PHE E 506 17.85 49.09 10.65
N GLY E 507 17.20 48.65 9.58
CA GLY E 507 17.59 47.45 8.89
C GLY E 507 17.48 46.18 9.73
N MET E 508 16.25 45.82 10.07
CA MET E 508 15.99 44.57 10.78
C MET E 508 14.70 43.98 10.25
N THR E 509 14.76 42.78 9.70
CA THR E 509 13.56 42.14 9.18
C THR E 509 12.62 41.85 10.35
N PRO E 510 11.37 42.34 10.33
CA PRO E 510 10.48 42.07 11.45
C PRO E 510 10.20 40.59 11.57
N SER E 511 10.05 40.13 12.82
CA SER E 511 9.79 38.74 13.09
C SER E 511 8.37 38.38 12.69
N LYS E 512 8.22 37.44 11.77
CA LYS E 512 6.91 37.04 11.28
C LYS E 512 6.24 36.01 12.16
N GLY E 513 6.96 35.38 13.08
CA GLY E 513 6.42 34.29 13.86
C GLY E 513 6.54 34.55 15.35
N VAL E 514 5.51 34.10 16.08
CA VAL E 514 5.50 34.13 17.54
C VAL E 514 4.95 32.82 18.03
N LEU E 515 5.61 32.22 19.02
CA LEU E 515 5.22 30.92 19.58
C LEU E 515 4.86 31.12 21.04
N PHE E 516 3.56 31.25 21.31
CA PHE E 516 3.09 31.32 22.69
C PHE E 516 3.32 29.99 23.39
N TYR E 517 3.73 30.07 24.66
CA TYR E 517 3.91 28.87 25.47
C TYR E 517 3.67 29.22 26.92
N GLY E 518 3.02 28.32 27.65
CA GLY E 518 2.68 28.55 29.03
C GLY E 518 1.77 27.48 29.58
N PRO E 519 1.15 27.75 30.72
CA PRO E 519 0.21 26.81 31.32
C PRO E 519 -0.92 26.49 30.35
N PRO E 520 -1.43 25.25 30.35
CA PRO E 520 -2.46 24.91 29.36
C PRO E 520 -3.76 25.63 29.67
N GLY E 521 -4.01 26.67 28.91
CA GLY E 521 -5.19 27.50 29.05
C GLY E 521 -4.86 28.70 29.90
N CYS E 522 -4.47 29.79 29.27
CA CYS E 522 -4.33 31.06 29.96
C CYS E 522 -4.66 32.22 29.03
N GLY E 523 -5.12 31.93 27.82
CA GLY E 523 -5.46 32.94 26.85
C GLY E 523 -4.62 32.92 25.59
N LYS E 524 -4.16 31.73 25.17
CA LYS E 524 -3.40 31.62 23.93
C LYS E 524 -4.28 31.93 22.73
N THR E 525 -5.31 31.11 22.52
CA THR E 525 -6.22 31.34 21.40
C THR E 525 -6.88 32.71 21.52
N LEU E 526 -7.22 33.11 22.75
CA LEU E 526 -7.80 34.43 22.93
C LEU E 526 -6.84 35.52 22.50
N LEU E 527 -5.55 35.39 22.85
CA LEU E 527 -4.58 36.39 22.43
C LEU E 527 -4.47 36.43 20.92
N ALA E 528 -4.40 35.26 20.27
CA ALA E 528 -4.27 35.24 18.82
C ALA E 528 -5.49 35.88 18.16
N LYS E 529 -6.69 35.53 18.63
CA LYS E 529 -7.89 36.12 18.06
C LYS E 529 -7.93 37.62 18.29
N ALA E 530 -7.53 38.07 19.48
CA ALA E 530 -7.58 39.49 19.79
C ALA E 530 -6.62 40.27 18.91
N ILE E 531 -5.39 39.78 18.77
CA ILE E 531 -4.43 40.49 17.94
C ILE E 531 -4.86 40.48 16.48
N ALA E 532 -5.50 39.39 16.03
CA ALA E 532 -6.04 39.38 14.68
C ALA E 532 -7.14 40.42 14.52
N ASN E 533 -8.03 40.52 15.49
CA ASN E 533 -9.13 41.47 15.39
C ASN E 533 -8.62 42.91 15.41
N GLU E 534 -7.62 43.18 16.24
CA GLU E 534 -7.08 44.55 16.31
C GLU E 534 -6.52 44.97 14.95
N CYS E 535 -5.92 44.04 14.22
CA CYS E 535 -5.38 44.34 12.91
C CYS E 535 -6.40 44.24 11.80
N GLN E 536 -7.63 43.83 12.11
CA GLN E 536 -8.68 43.66 11.10
C GLN E 536 -8.20 42.70 10.01
N ALA E 537 -7.78 41.52 10.45
CA ALA E 537 -7.18 40.52 9.57
C ALA E 537 -7.86 39.18 9.80
N ASN E 538 -7.84 38.35 8.75
CA ASN E 538 -8.40 37.02 8.83
C ASN E 538 -7.61 36.16 9.81
N PHE E 539 -8.31 35.23 10.46
CA PHE E 539 -7.72 34.36 11.48
C PHE E 539 -7.97 32.92 11.07
N ILE E 540 -6.95 32.27 10.52
CA ILE E 540 -7.06 30.90 10.03
C ILE E 540 -6.71 29.99 11.21
N SER E 541 -7.72 29.64 11.98
CA SER E 541 -7.53 28.72 13.10
C SER E 541 -7.15 27.34 12.59
N ILE E 542 -6.18 26.71 13.26
CA ILE E 542 -5.78 25.34 12.98
C ILE E 542 -5.66 24.64 14.33
N LYS E 543 -6.72 23.95 14.74
CA LYS E 543 -6.70 23.24 16.01
C LYS E 543 -5.72 22.07 15.95
N GLY E 544 -5.21 21.69 17.13
CA GLY E 544 -4.30 20.58 17.24
C GLY E 544 -4.85 19.26 16.74
N PRO E 545 -6.12 18.93 17.01
CA PRO E 545 -6.68 17.69 16.46
C PRO E 545 -6.53 17.56 14.95
N GLU E 546 -6.67 18.64 14.19
CA GLU E 546 -6.52 18.49 12.75
C GLU E 546 -5.07 18.18 12.38
N LEU E 547 -4.12 18.72 13.13
CA LEU E 547 -2.72 18.36 12.90
C LEU E 547 -2.47 16.90 13.26
N LEU E 548 -3.09 16.42 14.34
CA LEU E 548 -2.96 15.00 14.67
C LEU E 548 -3.54 14.13 13.56
N THR E 549 -4.69 14.54 13.01
CA THR E 549 -5.25 13.81 11.88
C THR E 549 -4.32 13.84 10.68
N MET E 550 -3.67 14.99 10.46
CA MET E 550 -2.67 15.10 9.40
C MET E 550 -1.57 14.08 9.60
N TRP E 551 -1.05 13.98 10.82
CA TRP E 551 0.03 13.04 11.10
C TRP E 551 -0.43 11.60 10.93
N PHE E 552 -1.63 11.28 11.43
CA PHE E 552 -2.14 9.92 11.36
C PHE E 552 -2.58 9.55 9.95
N GLY E 553 -3.14 10.50 9.21
CA GLY E 553 -3.61 10.22 7.86
C GLY E 553 -2.51 9.91 6.87
N GLU E 554 -1.25 10.11 7.24
CA GLU E 554 -0.11 9.89 6.36
C GLU E 554 -0.20 10.73 5.10
N SER E 555 -0.90 11.86 5.17
CA SER E 555 -1.06 12.76 4.04
C SER E 555 -0.67 14.16 4.50
N GLU E 556 0.36 14.72 3.87
CA GLU E 556 0.83 16.05 4.17
C GLU E 556 0.53 17.06 3.06
N ALA E 557 -0.01 16.61 1.94
CA ALA E 557 -0.44 17.56 0.91
C ALA E 557 -1.55 18.46 1.42
N ASN E 558 -2.31 18.03 2.42
CA ASN E 558 -3.32 18.91 2.99
C ASN E 558 -2.67 20.07 3.75
N VAL E 559 -1.43 19.90 4.22
CA VAL E 559 -0.71 21.05 4.78
C VAL E 559 -0.40 22.07 3.70
N ARG E 560 0.06 21.59 2.53
CA ARG E 560 0.20 22.46 1.37
C ARG E 560 -1.10 23.19 1.10
N GLU E 561 -2.22 22.47 1.13
CA GLU E 561 -3.51 23.09 0.87
C GLU E 561 -3.83 24.16 1.92
N ILE E 562 -3.59 23.86 3.19
CA ILE E 562 -3.92 24.81 4.26
C ILE E 562 -3.08 26.08 4.10
N PHE E 563 -1.79 25.92 3.86
CA PHE E 563 -0.94 27.10 3.73
C PHE E 563 -1.29 27.89 2.47
N ASP E 564 -1.66 27.21 1.38
CA ASP E 564 -2.10 27.92 0.19
C ASP E 564 -3.36 28.72 0.48
N LYS E 565 -4.32 28.14 1.21
CA LYS E 565 -5.53 28.88 1.56
C LYS E 565 -5.22 30.06 2.45
N ALA E 566 -4.30 29.88 3.40
CA ALA E 566 -3.88 31.01 4.23
C ALA E 566 -3.27 32.11 3.38
N ARG E 567 -2.44 31.74 2.41
CA ARG E 567 -1.83 32.73 1.53
C ARG E 567 -2.87 33.44 0.68
N GLN E 568 -3.94 32.74 0.29
CA GLN E 568 -4.98 33.38 -0.49
C GLN E 568 -5.62 34.52 0.28
N ALA E 569 -5.89 34.32 1.57
CA ALA E 569 -6.34 35.41 2.41
C ALA E 569 -5.16 36.30 2.74
N ALA E 570 -5.19 37.54 2.25
CA ALA E 570 -4.00 38.39 2.27
C ALA E 570 -3.60 38.71 3.70
N PRO E 571 -4.40 39.45 4.49
CA PRO E 571 -4.06 39.65 5.90
C PRO E 571 -4.52 38.46 6.73
N CYS E 572 -3.57 37.65 7.18
CA CYS E 572 -3.87 36.43 7.90
C CYS E 572 -3.03 36.35 9.17
N VAL E 573 -3.58 35.65 10.18
CA VAL E 573 -2.95 35.50 11.48
C VAL E 573 -2.81 34.01 11.78
N LEU E 574 -2.45 33.23 10.76
CA LEU E 574 -2.40 31.77 10.83
C LEU E 574 -1.94 31.28 12.19
N PHE E 575 -2.77 30.47 12.83
CA PHE E 575 -2.63 30.12 14.24
C PHE E 575 -2.59 28.61 14.39
N PHE E 576 -1.48 28.10 14.90
CA PHE E 576 -1.32 26.67 15.16
C PHE E 576 -1.51 26.43 16.65
N ASP E 577 -2.71 26.02 17.02
CA ASP E 577 -3.02 25.71 18.41
C ASP E 577 -2.49 24.32 18.75
N GLU E 578 -2.04 24.16 19.99
CA GLU E 578 -1.50 22.89 20.46
C GLU E 578 -0.38 22.41 19.53
N LEU E 579 0.50 23.33 19.17
CA LEU E 579 1.60 22.99 18.28
C LEU E 579 2.45 21.89 18.89
N ASP E 580 2.95 21.00 18.03
CA ASP E 580 3.70 19.82 18.46
C ASP E 580 2.86 18.95 19.40
N SER E 581 1.53 18.99 19.23
CA SER E 581 0.70 17.96 19.82
C SER E 581 1.06 16.59 19.27
N ILE E 582 1.66 16.55 18.08
CA ILE E 582 2.16 15.28 17.55
C ILE E 582 3.24 14.73 18.46
N ALA E 583 4.13 15.60 18.94
CA ALA E 583 5.14 15.16 19.90
C ALA E 583 4.49 14.61 21.17
N LYS E 584 3.43 15.25 21.64
CA LYS E 584 2.72 14.74 22.80
C LYS E 584 2.07 13.40 22.51
N ALA E 585 1.67 13.17 21.26
CA ALA E 585 1.03 11.91 20.90
C ALA E 585 2.04 10.76 20.86
N ARG E 586 3.25 11.03 20.38
CA ARG E 586 4.26 9.99 20.23
C ARG E 586 5.15 9.90 21.47
N GLY E 587 4.51 9.61 22.60
CA GLY E 587 5.21 9.38 23.84
C GLY E 587 5.49 10.62 24.66
N GLY E 588 5.22 11.81 24.14
CA GLY E 588 5.44 13.02 24.92
C GLY E 588 6.89 13.20 25.29
N ASN E 589 7.12 13.57 26.56
CA ASN E 589 8.47 13.89 27.01
C ASN E 589 9.42 12.70 26.87
N ILE E 590 8.89 11.48 27.03
CA ILE E 590 9.74 10.30 26.89
C ILE E 590 10.33 10.22 25.49
N GLY E 591 9.51 10.51 24.48
CA GLY E 591 9.98 10.44 23.10
C GLY E 591 10.36 9.03 22.69
N ASP E 592 9.58 8.03 23.13
CA ASP E 592 9.88 6.65 22.76
C ASP E 592 9.82 6.45 21.24
N GLY E 593 8.96 7.22 20.56
CA GLY E 593 8.88 7.10 19.12
C GLY E 593 10.19 7.46 18.43
N GLY E 594 10.84 8.52 18.89
CA GLY E 594 12.10 8.93 18.28
C GLY E 594 12.51 10.32 18.74
N GLY E 595 13.15 11.04 17.83
CA GLY E 595 13.65 12.36 18.13
C GLY E 595 12.56 13.41 18.11
N ALA E 596 12.97 14.65 18.40
CA ALA E 596 12.01 15.75 18.48
C ALA E 596 11.32 15.97 17.14
N ALA E 597 12.07 15.95 16.05
CA ALA E 597 11.48 16.15 14.73
C ALA E 597 10.51 15.03 14.40
N ASP E 598 9.43 15.37 13.70
CA ASP E 598 8.41 14.40 13.35
C ASP E 598 7.85 14.67 11.96
N ARG E 599 6.70 14.09 11.62
CA ARG E 599 6.26 14.04 10.24
C ARG E 599 5.64 15.36 9.78
N VAL E 600 4.53 15.76 10.41
CA VAL E 600 3.76 16.90 9.89
C VAL E 600 4.45 18.22 10.20
N ILE E 601 5.11 18.32 11.36
CA ILE E 601 5.80 19.56 11.68
C ILE E 601 6.90 19.83 10.67
N ASN E 602 7.44 18.79 10.05
CA ASN E 602 8.42 19.00 8.98
C ASN E 602 7.80 19.74 7.81
N GLN E 603 6.62 19.31 7.38
CA GLN E 603 5.93 20.01 6.29
C GLN E 603 5.59 21.44 6.71
N ILE E 604 5.18 21.62 7.97
CA ILE E 604 4.88 22.96 8.46
C ILE E 604 6.13 23.83 8.39
N LEU E 605 7.28 23.27 8.78
CA LEU E 605 8.53 24.01 8.71
C LEU E 605 8.86 24.40 7.28
N THR E 606 8.71 23.47 6.35
CA THR E 606 9.00 23.77 4.95
C THR E 606 8.10 24.88 4.44
N GLU E 607 6.80 24.79 4.73
CA GLU E 607 5.87 25.82 4.26
C GLU E 607 6.20 27.18 4.88
N MET E 608 6.50 27.20 6.18
CA MET E 608 6.85 28.47 6.83
C MET E 608 8.12 29.06 6.22
N ASP E 609 9.11 28.22 5.92
CA ASP E 609 10.30 28.71 5.24
C ASP E 609 9.93 29.31 3.89
N GLY E 610 9.00 28.68 3.17
CA GLY E 610 8.48 29.28 1.96
C GLY E 610 7.52 30.43 2.18
N MET E 611 7.00 30.59 3.40
CA MET E 611 6.05 31.63 3.73
C MET E 611 6.68 32.76 4.54
N SER E 612 7.97 33.00 4.36
CA SER E 612 8.63 34.15 4.96
C SER E 612 8.68 35.35 4.03
N THR E 613 8.17 35.21 2.81
CA THR E 613 8.19 36.29 1.81
C THR E 613 6.85 36.97 1.65
N LYS E 614 5.74 36.31 1.99
CA LYS E 614 4.44 36.93 1.83
C LYS E 614 4.31 38.20 2.65
N LYS E 615 4.98 38.26 3.79
CA LYS E 615 4.98 39.42 4.69
C LYS E 615 3.58 39.98 4.91
N ASN E 616 2.57 39.13 4.83
CA ASN E 616 1.20 39.54 5.15
C ASN E 616 0.45 38.46 5.91
N VAL E 617 1.13 37.38 6.31
CA VAL E 617 0.51 36.26 7.02
C VAL E 617 1.34 36.05 8.28
N PHE E 618 0.91 36.64 9.39
CA PHE E 618 1.62 36.54 10.65
C PHE E 618 1.29 35.20 11.30
N ILE E 619 2.29 34.35 11.44
CA ILE E 619 2.09 32.99 11.93
C ILE E 619 2.26 32.98 13.45
N ILE E 620 1.32 32.37 14.14
CA ILE E 620 1.32 32.27 15.59
C ILE E 620 1.27 30.79 15.96
N GLY E 621 1.96 30.42 17.02
CA GLY E 621 1.93 29.07 17.55
C GLY E 621 1.64 29.10 19.03
N ALA E 622 0.89 28.11 19.50
CA ALA E 622 0.42 28.08 20.89
C ALA E 622 0.71 26.73 21.53
N THR E 623 1.96 26.27 21.43
CA THR E 623 2.35 25.05 22.10
C THR E 623 2.13 25.16 23.60
N ASN E 624 1.55 24.12 24.19
CA ASN E 624 1.34 24.06 25.63
C ASN E 624 2.46 23.33 26.36
N ARG E 625 3.32 22.62 25.64
CA ARG E 625 4.43 21.86 26.22
C ARG E 625 5.70 22.25 25.48
N PRO E 626 6.29 23.42 25.80
CA PRO E 626 7.44 23.89 25.02
C PRO E 626 8.65 22.97 25.12
N ASP E 627 8.77 22.14 26.16
CA ASP E 627 9.94 21.29 26.29
C ASP E 627 10.00 20.22 25.21
N ILE E 628 8.85 19.85 24.62
CA ILE E 628 8.82 18.89 23.52
C ILE E 628 8.75 19.56 22.17
N ILE E 629 8.77 20.89 22.11
CA ILE E 629 8.78 21.58 20.82
C ILE E 629 10.06 21.20 20.09
N ASP E 630 9.93 20.91 18.81
CA ASP E 630 11.11 20.59 18.01
C ASP E 630 11.94 21.84 17.84
N PRO E 631 13.23 21.85 18.18
CA PRO E 631 14.00 23.10 18.09
C PRO E 631 14.11 23.63 16.66
N ALA E 632 13.84 22.80 15.66
CA ALA E 632 13.94 23.24 14.27
C ALA E 632 13.00 24.41 13.98
N ILE E 633 11.95 24.59 14.78
CA ILE E 633 11.01 25.68 14.56
C ILE E 633 11.37 26.94 15.32
N LEU E 634 12.36 26.88 16.21
CA LEU E 634 12.87 28.07 16.90
C LEU E 634 14.12 28.60 16.20
N ARG E 635 13.91 29.06 14.97
CA ARG E 635 14.98 29.52 14.11
C ARG E 635 14.51 30.77 13.37
N PRO E 636 15.41 31.68 13.01
CA PRO E 636 14.98 32.84 12.22
C PRO E 636 14.30 32.42 10.94
N GLY E 637 13.31 33.23 10.53
CA GLY E 637 12.43 32.85 9.44
C GLY E 637 11.28 31.96 9.84
N ARG E 638 11.21 31.56 11.11
CA ARG E 638 10.15 30.69 11.60
C ARG E 638 9.65 31.29 12.91
N LEU E 639 8.85 30.52 13.65
CA LEU E 639 8.35 30.98 14.95
C LEU E 639 9.54 31.10 15.88
N ASP E 640 10.12 32.30 15.94
CA ASP E 640 11.31 32.56 16.73
C ASP E 640 11.05 33.37 17.97
N GLN E 641 10.16 34.36 17.89
CA GLN E 641 9.85 35.19 19.05
C GLN E 641 9.01 34.38 20.03
N LEU E 642 9.47 34.30 21.27
CA LEU E 642 8.83 33.53 22.32
C LEU E 642 8.23 34.48 23.33
N ILE E 643 6.94 34.30 23.62
CA ILE E 643 6.23 35.11 24.60
C ILE E 643 5.63 34.15 25.62
N TYR E 644 6.11 34.25 26.86
CA TYR E 644 5.64 33.36 27.93
C TYR E 644 4.43 34.02 28.59
N ILE E 645 3.26 33.75 28.03
CA ILE E 645 2.04 34.25 28.63
C ILE E 645 1.85 33.48 29.94
N PRO E 646 1.87 34.13 31.11
CA PRO E 646 1.86 33.38 32.36
C PRO E 646 0.47 33.14 32.90
N LEU E 647 0.37 32.48 34.05
CA LEU E 647 -0.91 32.33 34.73
C LEU E 647 -1.38 33.72 35.15
N PRO E 648 -2.69 33.97 35.23
CA PRO E 648 -3.14 35.30 35.63
C PRO E 648 -2.66 35.66 37.03
N ASP E 649 -2.36 36.94 37.21
CA ASP E 649 -1.94 37.47 38.51
C ASP E 649 -3.15 37.95 39.29
N GLU E 650 -2.92 38.36 40.54
CA GLU E 650 -4.01 38.85 41.38
C GLU E 650 -4.74 39.99 40.72
N LYS E 651 -3.99 40.98 40.22
CA LYS E 651 -4.61 42.12 39.55
C LYS E 651 -5.29 41.71 38.25
N SER E 652 -4.93 40.55 37.69
CA SER E 652 -5.49 40.13 36.41
C SER E 652 -6.76 39.31 36.56
N ARG E 653 -6.87 38.48 37.60
CA ARG E 653 -8.02 37.59 37.71
C ARG E 653 -9.31 38.36 37.87
N VAL E 654 -9.27 39.54 38.50
CA VAL E 654 -10.47 40.35 38.60
C VAL E 654 -10.94 40.76 37.20
N ALA E 655 -10.00 41.16 36.34
CA ALA E 655 -10.36 41.48 34.96
C ALA E 655 -10.87 40.24 34.23
N ILE E 656 -10.26 39.09 34.50
CA ILE E 656 -10.71 37.85 33.87
C ILE E 656 -12.16 37.59 34.20
N LEU E 657 -12.51 37.69 35.48
CA LEU E 657 -13.88 37.44 35.90
C LEU E 657 -14.83 38.51 35.38
N LYS E 658 -14.38 39.76 35.34
CA LYS E 658 -15.24 40.80 34.78
C LYS E 658 -15.54 40.53 33.31
N ALA E 659 -14.54 40.08 32.56
CA ALA E 659 -14.76 39.77 31.15
C ALA E 659 -15.68 38.57 30.99
N ASN E 660 -15.45 37.51 31.75
CA ASN E 660 -16.25 36.30 31.61
C ASN E 660 -17.70 36.54 32.02
N LEU E 661 -17.90 37.21 33.16
CA LEU E 661 -19.25 37.49 33.64
C LEU E 661 -19.96 38.52 32.77
N ARG E 662 -19.25 39.19 31.86
CA ARG E 662 -19.89 40.10 30.94
C ARG E 662 -20.96 39.36 30.14
N LYS E 663 -21.91 40.14 29.60
CA LYS E 663 -23.03 39.64 28.81
C LYS E 663 -23.94 38.70 29.61
N SER E 664 -23.75 38.63 30.93
CA SER E 664 -24.56 37.80 31.80
C SER E 664 -24.93 38.64 33.02
N PRO E 665 -26.19 38.67 33.44
CA PRO E 665 -26.54 39.46 34.63
C PRO E 665 -25.78 38.96 35.85
N VAL E 666 -25.35 39.91 36.68
CA VAL E 666 -24.62 39.63 37.91
C VAL E 666 -25.12 40.55 39.00
N ALA E 667 -25.30 40.01 40.20
CA ALA E 667 -25.71 40.81 41.33
C ALA E 667 -24.54 41.61 41.88
N LYS E 668 -24.86 42.63 42.67
CA LYS E 668 -23.84 43.49 43.26
C LYS E 668 -23.21 42.89 44.51
N ASP E 669 -23.81 41.83 45.07
CA ASP E 669 -23.29 41.27 46.31
C ASP E 669 -21.96 40.57 46.10
N VAL E 670 -21.75 39.96 44.93
CA VAL E 670 -20.53 39.19 44.70
C VAL E 670 -19.33 40.12 44.71
N ASP E 671 -18.30 39.73 45.44
CA ASP E 671 -17.04 40.48 45.53
C ASP E 671 -15.97 39.69 44.80
N LEU E 672 -15.56 40.17 43.63
CA LEU E 672 -14.63 39.43 42.78
C LEU E 672 -13.20 39.45 43.30
N GLU E 673 -12.81 40.49 44.05
CA GLU E 673 -11.43 40.56 44.53
C GLU E 673 -11.13 39.42 45.51
N PHE E 674 -12.04 39.17 46.44
CA PHE E 674 -11.82 38.08 47.39
C PHE E 674 -11.78 36.73 46.68
N LEU E 675 -12.64 36.55 45.68
CA LEU E 675 -12.63 35.31 44.91
C LEU E 675 -11.31 35.15 44.16
N ALA E 676 -10.80 36.24 43.60
CA ALA E 676 -9.52 36.19 42.89
C ALA E 676 -8.39 35.81 43.85
N LYS E 677 -8.38 36.40 45.04
CA LYS E 677 -7.37 36.04 46.02
C LYS E 677 -7.50 34.59 46.44
N MET E 678 -8.74 34.12 46.59
CA MET E 678 -8.98 32.72 46.96
C MET E 678 -8.43 31.77 45.92
N THR E 679 -8.62 32.09 44.63
CA THR E 679 -8.11 31.27 43.53
C THR E 679 -6.74 31.83 43.15
N ASN E 680 -5.69 31.30 43.76
CA ASN E 680 -4.36 31.85 43.57
C ASN E 680 -3.72 31.34 42.29
N GLY E 681 -3.49 30.02 42.20
CA GLY E 681 -2.81 29.46 41.06
C GLY E 681 -3.73 29.00 39.95
N PHE E 682 -5.01 29.36 40.05
CA PHE E 682 -5.98 28.90 39.06
C PHE E 682 -5.69 29.50 37.70
N SER E 683 -5.81 28.67 36.67
CA SER E 683 -5.60 29.11 35.30
C SER E 683 -6.87 29.73 34.75
N GLY E 684 -6.73 30.44 33.62
CA GLY E 684 -7.89 31.07 33.01
C GLY E 684 -8.98 30.08 32.67
N ALA E 685 -8.59 28.89 32.20
CA ALA E 685 -9.57 27.83 31.98
C ALA E 685 -10.30 27.50 33.27
N ASP E 686 -9.58 27.44 34.39
CA ASP E 686 -10.22 27.16 35.66
C ASP E 686 -11.13 28.31 36.10
N LEU E 687 -10.74 29.55 35.82
CA LEU E 687 -11.59 30.68 36.19
C LEU E 687 -12.89 30.66 35.40
N THR E 688 -12.81 30.45 34.09
CA THR E 688 -14.04 30.35 33.31
C THR E 688 -14.84 29.12 33.72
N GLU E 689 -14.18 28.03 34.13
CA GLU E 689 -14.91 26.88 34.63
C GLU E 689 -15.68 27.23 35.90
N ILE E 690 -15.06 28.00 36.79
CA ILE E 690 -15.77 28.46 37.99
C ILE E 690 -16.97 29.30 37.61
N CYS E 691 -16.80 30.21 36.65
CA CYS E 691 -17.90 31.05 36.23
C CYS E 691 -19.04 30.21 35.66
N GLN E 692 -18.72 29.25 34.79
CA GLN E 692 -19.75 28.42 34.19
C GLN E 692 -20.44 27.56 35.24
N ARG E 693 -19.68 27.03 36.19
CA ARG E 693 -20.29 26.21 37.25
C ARG E 693 -21.23 27.05 38.11
N ALA E 694 -20.81 28.27 38.47
CA ALA E 694 -21.68 29.13 39.24
C ALA E 694 -22.96 29.46 38.46
N CYS E 695 -22.81 29.77 37.17
CA CYS E 695 -23.98 30.05 36.36
C CYS E 695 -24.89 28.83 36.25
N LYS E 696 -24.30 27.65 36.15
CA LYS E 696 -25.09 26.42 36.10
C LYS E 696 -25.87 26.22 37.39
N LEU E 697 -25.23 26.46 38.53
CA LEU E 697 -25.93 26.33 39.80
C LEU E 697 -27.06 27.35 39.89
N ALA E 698 -26.81 28.59 39.48
CA ALA E 698 -27.83 29.62 39.56
C ALA E 698 -29.01 29.30 38.65
N ILE E 699 -28.74 28.84 37.42
CA ILE E 699 -29.84 28.52 36.52
C ILE E 699 -30.59 27.28 36.98
N ARG E 700 -29.89 26.33 37.59
CA ARG E 700 -30.59 25.19 38.19
C ARG E 700 -31.55 25.66 39.29
N GLU E 701 -31.07 26.57 40.14
CA GLU E 701 -31.95 27.12 41.18
C GLU E 701 -33.13 27.84 40.56
N SER E 702 -32.89 28.63 39.51
CA SER E 702 -33.98 29.36 38.87
C SER E 702 -34.99 28.41 38.25
N ILE E 703 -34.52 27.34 37.60
CA ILE E 703 -35.43 26.39 36.98
C ILE E 703 -36.26 25.68 38.06
N GLU E 704 -35.63 25.29 39.16
CA GLU E 704 -36.38 24.66 40.24
C GLU E 704 -37.43 25.62 40.80
N SER E 705 -37.04 26.89 41.00
CA SER E 705 -37.98 27.87 41.51
C SER E 705 -39.17 28.03 40.58
N GLU E 706 -38.90 28.14 39.27
CA GLU E 706 -39.99 28.30 38.31
C GLU E 706 -40.88 27.07 38.27
N ILE E 707 -40.29 25.88 38.34
CA ILE E 707 -41.08 24.65 38.31
C ILE E 707 -42.01 24.60 39.51
N ARG E 708 -41.48 24.89 40.71
CA ARG E 708 -42.33 24.83 41.89
C ARG E 708 -43.38 25.94 41.87
N ARG E 709 -43.03 27.10 41.33
CA ARG E 709 -44.02 28.18 41.21
C ARG E 709 -45.15 27.79 40.28
N GLU E 710 -44.82 27.19 39.13
CA GLU E 710 -45.86 26.76 38.20
C GLU E 710 -46.72 25.66 38.82
N ARG E 711 -46.09 24.72 39.52
CA ARG E 711 -46.85 23.66 40.18
C ARG E 711 -47.80 24.25 41.23
N GLU E 712 -47.32 25.22 42.01
CA GLU E 712 -48.18 25.85 43.01
C GLU E 712 -49.33 26.59 42.35
N ARG E 713 -49.05 27.31 41.25
CA ARG E 713 -50.12 28.06 40.58
C ARG E 713 -51.17 27.12 40.00
N GLN E 714 -50.75 26.01 39.38
CA GLN E 714 -51.70 25.10 38.77
C GLN E 714 -52.49 24.30 39.78
N THR E 715 -51.97 24.14 41.00
CA THR E 715 -52.61 23.32 42.02
C THR E 715 -53.68 24.13 42.74
N ASN E 716 -54.17 23.62 43.87
CA ASN E 716 -55.24 24.19 44.69
C ASN E 716 -55.16 25.71 44.83
N PRO E 717 -53.98 26.31 45.04
CA PRO E 717 -53.93 27.77 45.17
C PRO E 717 -54.57 28.52 44.01
N SER E 718 -54.44 28.01 42.79
CA SER E 718 -55.06 28.65 41.63
C SER E 718 -55.23 27.67 40.48
N ASP E 726 -40.31 37.05 43.74
CA ASP E 726 -39.33 37.12 42.66
C ASP E 726 -38.69 35.76 42.43
N PRO E 727 -38.29 35.45 41.19
CA PRO E 727 -37.61 34.18 40.91
C PRO E 727 -36.10 34.22 41.10
N VAL E 728 -35.56 35.26 41.70
CA VAL E 728 -34.11 35.42 41.85
C VAL E 728 -33.47 35.40 40.47
N PRO E 729 -33.70 36.43 39.63
CA PRO E 729 -33.11 36.48 38.29
C PRO E 729 -31.69 37.05 38.28
N GLU E 730 -30.87 36.59 39.22
CA GLU E 730 -29.50 37.07 39.36
C GLU E 730 -28.68 35.97 40.00
N ILE E 731 -27.36 36.09 39.90
CA ILE E 731 -26.42 35.17 40.51
C ILE E 731 -25.83 35.84 41.75
N ARG E 732 -25.92 35.15 42.89
CA ARG E 732 -25.47 35.67 44.17
C ARG E 732 -24.34 34.80 44.71
N ARG E 733 -23.71 35.28 45.79
CA ARG E 733 -22.45 34.71 46.23
C ARG E 733 -22.58 33.26 46.68
N ASP E 734 -23.77 32.81 47.10
CA ASP E 734 -23.90 31.43 47.52
C ASP E 734 -23.62 30.48 46.36
N HIS E 735 -24.12 30.80 45.17
CA HIS E 735 -23.82 29.99 44.00
C HIS E 735 -22.33 30.01 43.71
N PHE E 736 -21.69 31.18 43.83
CA PHE E 736 -20.27 31.27 43.53
C PHE E 736 -19.45 30.41 44.47
N GLU E 737 -19.74 30.45 45.77
CA GLU E 737 -18.98 29.63 46.71
C GLU E 737 -19.29 28.16 46.53
N GLU E 738 -20.54 27.82 46.19
CA GLU E 738 -20.86 26.42 45.92
C GLU E 738 -20.08 25.91 44.73
N ALA E 739 -19.97 26.73 43.68
CA ALA E 739 -19.15 26.34 42.53
C ALA E 739 -17.68 26.23 42.91
N MET E 740 -17.19 27.16 43.73
CA MET E 740 -15.79 27.13 44.14
C MET E 740 -15.47 25.85 44.90
N ARG E 741 -16.42 25.35 45.69
CA ARG E 741 -16.21 24.10 46.40
C ARG E 741 -15.79 22.99 45.44
N PHE E 742 -16.39 22.96 44.25
CA PHE E 742 -16.13 21.89 43.30
C PHE E 742 -14.87 22.17 42.47
N ALA E 743 -14.84 23.30 41.78
CA ALA E 743 -13.75 23.59 40.86
C ALA E 743 -12.43 23.73 41.61
N ARG E 744 -11.37 23.23 40.99
CA ARG E 744 -10.02 23.31 41.53
C ARG E 744 -9.04 23.56 40.40
N ARG E 745 -7.87 24.09 40.77
CA ARG E 745 -6.84 24.39 39.78
C ARG E 745 -6.41 23.12 39.06
N SER E 746 -6.33 23.20 37.73
CA SER E 746 -6.00 22.04 36.91
C SER E 746 -4.52 21.94 36.58
N VAL E 747 -3.77 23.02 36.70
CA VAL E 747 -2.34 23.03 36.42
C VAL E 747 -1.59 23.04 37.75
N SER E 748 -0.71 22.06 37.94
CA SER E 748 0.00 21.91 39.20
C SER E 748 1.18 22.87 39.27
N ASP E 749 1.69 23.06 40.49
CA ASP E 749 2.87 23.90 40.69
C ASP E 749 4.07 23.35 39.92
N ASN E 750 4.12 22.02 39.73
CA ASN E 750 5.22 21.44 38.99
C ASN E 750 5.25 21.94 37.55
N ASP E 751 4.09 22.07 36.93
CA ASP E 751 4.05 22.50 35.53
C ASP E 751 4.52 23.95 35.38
N ILE E 752 4.05 24.84 36.25
CA ILE E 752 4.48 26.23 36.16
C ILE E 752 5.96 26.34 36.50
N ARG E 753 6.45 25.53 37.44
CA ARG E 753 7.89 25.51 37.71
C ARG E 753 8.66 25.07 36.47
N LYS E 754 8.14 24.07 35.75
CA LYS E 754 8.81 23.61 34.53
C LYS E 754 8.84 24.71 33.48
N TYR E 755 7.73 25.42 33.30
CA TYR E 755 7.71 26.52 32.33
C TYR E 755 8.67 27.62 32.73
N GLU E 756 8.73 27.93 34.03
CA GLU E 756 9.69 28.92 34.51
C GLU E 756 11.12 28.48 34.26
N MET E 757 11.40 27.20 34.46
CA MET E 757 12.73 26.68 34.16
C MET E 757 13.06 26.82 32.68
N PHE E 758 12.08 26.55 31.82
CA PHE E 758 12.28 26.75 30.39
C PHE E 758 12.59 28.22 30.09
N ALA E 759 11.85 29.13 30.73
CA ALA E 759 12.11 30.56 30.55
C ALA E 759 13.53 30.91 30.99
N GLN E 760 13.96 30.36 32.13
CA GLN E 760 15.32 30.63 32.60
C GLN E 760 16.35 30.10 31.62
N THR E 761 16.09 28.93 31.04
CA THR E 761 16.96 28.45 29.96
C THR E 761 16.99 29.46 28.82
N LEU E 762 15.87 30.13 28.55
CA LEU E 762 15.85 31.20 27.57
C LEU E 762 16.24 32.53 28.20
N GLN E 763 15.36 33.09 29.04
CA GLN E 763 15.69 34.28 29.80
C GLN E 763 16.44 33.88 31.06
N GLU F 200 -51.38 -0.73 -6.65
CA GLU F 200 -52.08 0.32 -5.92
C GLU F 200 -51.78 0.23 -4.43
N VAL F 201 -51.12 1.26 -3.90
CA VAL F 201 -50.76 1.34 -2.50
C VAL F 201 -51.10 2.75 -2.00
N GLY F 202 -50.80 3.00 -0.73
CA GLY F 202 -51.09 4.29 -0.15
C GLY F 202 -50.45 4.43 1.21
N TYR F 203 -50.84 5.50 1.90
CA TYR F 203 -50.28 5.77 3.23
C TYR F 203 -50.55 4.61 4.19
N ASP F 204 -51.68 3.92 4.03
CA ASP F 204 -51.98 2.80 4.90
C ASP F 204 -50.95 1.70 4.75
N ASP F 205 -50.51 1.44 3.52
CA ASP F 205 -49.56 0.35 3.28
C ASP F 205 -48.25 0.59 4.01
N ILE F 206 -47.75 1.82 4.00
CA ILE F 206 -46.49 2.12 4.68
C ILE F 206 -46.69 1.99 6.17
N GLY F 207 -45.79 1.24 6.81
CA GLY F 207 -45.83 1.07 8.25
C GLY F 207 -44.47 1.27 8.87
N GLY F 208 -44.48 1.78 10.10
CA GLY F 208 -43.25 2.03 10.81
C GLY F 208 -42.58 3.33 10.39
N CYS F 209 -42.47 3.54 9.08
CA CYS F 209 -42.02 4.81 8.56
C CYS F 209 -43.08 5.88 8.81
N ARG F 210 -42.96 6.58 9.93
CA ARG F 210 -43.87 7.66 10.30
C ARG F 210 -43.18 9.01 10.33
N LYS F 211 -42.06 9.13 11.05
CA LYS F 211 -41.31 10.37 11.05
C LYS F 211 -40.82 10.71 9.65
N GLN F 212 -40.15 9.77 9.00
CA GLN F 212 -39.68 10.00 7.64
C GLN F 212 -40.85 10.12 6.67
N LEU F 213 -41.89 9.30 6.85
CA LEU F 213 -43.07 9.47 6.03
C LEU F 213 -43.76 10.80 6.30
N ALA F 214 -43.72 11.27 7.54
CA ALA F 214 -44.25 12.60 7.84
C ALA F 214 -43.47 13.68 7.09
N GLN F 215 -42.14 13.55 7.06
CA GLN F 215 -41.33 14.51 6.32
C GLN F 215 -41.64 14.47 4.83
N ILE F 216 -41.81 13.26 4.27
CA ILE F 216 -42.12 13.15 2.85
C ILE F 216 -43.49 13.74 2.57
N LYS F 217 -44.47 13.48 3.42
CA LYS F 217 -45.79 14.10 3.30
C LYS F 217 -45.65 15.61 3.25
N GLU F 218 -44.97 16.17 4.26
CA GLU F 218 -44.73 17.61 4.31
C GLU F 218 -44.13 18.11 3.00
N MET F 219 -43.11 17.43 2.52
CA MET F 219 -42.26 17.94 1.45
C MET F 219 -42.79 17.65 0.07
N VAL F 220 -43.84 16.84 -0.06
CA VAL F 220 -44.33 16.43 -1.37
C VAL F 220 -45.80 16.81 -1.56
N GLU F 221 -46.55 17.00 -0.48
CA GLU F 221 -47.95 17.35 -0.63
C GLU F 221 -48.12 18.82 -1.00
N LEU F 222 -47.57 19.72 -0.17
CA LEU F 222 -47.78 21.14 -0.38
C LEU F 222 -47.29 21.62 -1.74
N PRO F 223 -46.09 21.24 -2.21
CA PRO F 223 -45.64 21.76 -3.52
C PRO F 223 -46.52 21.33 -4.68
N LEU F 224 -47.31 20.27 -4.53
CA LEU F 224 -48.14 19.75 -5.61
C LEU F 224 -49.62 20.00 -5.38
N ARG F 225 -50.14 19.64 -4.21
CA ARG F 225 -51.56 19.84 -3.94
C ARG F 225 -51.92 21.32 -3.88
N HIS F 226 -51.06 22.13 -3.27
CA HIS F 226 -51.26 23.57 -3.14
C HIS F 226 -50.02 24.30 -3.62
N PRO F 227 -49.84 24.42 -4.94
CA PRO F 227 -48.69 25.16 -5.47
C PRO F 227 -48.87 26.67 -5.46
N ALA F 228 -50.09 27.17 -5.29
CA ALA F 228 -50.34 28.59 -5.44
C ALA F 228 -49.63 29.40 -4.35
N LEU F 229 -49.77 29.00 -3.09
CA LEU F 229 -49.22 29.80 -2.01
C LEU F 229 -47.70 29.82 -2.07
N PHE F 230 -47.08 28.70 -2.44
CA PHE F 230 -45.62 28.68 -2.59
C PHE F 230 -45.17 29.64 -3.68
N LYS F 231 -45.86 29.63 -4.81
CA LYS F 231 -45.50 30.54 -5.90
C LYS F 231 -45.66 31.99 -5.48
N ALA F 232 -46.75 32.31 -4.78
CA ALA F 232 -46.99 33.69 -4.37
C ALA F 232 -45.98 34.14 -3.33
N ILE F 233 -45.69 33.29 -2.34
CA ILE F 233 -44.77 33.68 -1.26
C ILE F 233 -43.37 33.89 -1.81
N GLY F 234 -42.92 33.00 -2.70
CA GLY F 234 -41.61 33.11 -3.31
C GLY F 234 -40.56 32.17 -2.76
N VAL F 235 -40.86 31.43 -1.69
CA VAL F 235 -39.91 30.47 -1.15
C VAL F 235 -39.84 29.26 -2.08
N LYS F 236 -38.63 28.89 -2.47
CA LYS F 236 -38.45 27.81 -3.43
C LYS F 236 -38.68 26.46 -2.73
N PRO F 237 -39.64 25.64 -3.18
CA PRO F 237 -39.79 24.32 -2.58
C PRO F 237 -38.61 23.43 -2.93
N PRO F 238 -38.33 22.41 -2.13
CA PRO F 238 -37.18 21.53 -2.43
C PRO F 238 -37.41 20.77 -3.72
N ARG F 239 -36.56 21.02 -4.70
CA ARG F 239 -36.72 20.40 -6.01
C ARG F 239 -36.46 18.90 -5.95
N GLY F 240 -35.35 18.50 -5.33
CA GLY F 240 -34.97 17.10 -5.21
C GLY F 240 -35.12 16.63 -3.79
N ILE F 241 -35.55 15.38 -3.63
CA ILE F 241 -35.77 14.77 -2.33
C ILE F 241 -35.11 13.40 -2.39
N LEU F 242 -33.89 13.30 -1.86
CA LEU F 242 -33.13 12.05 -1.90
C LEU F 242 -33.43 11.28 -0.63
N LEU F 243 -34.25 10.24 -0.73
CA LEU F 243 -34.54 9.36 0.38
C LEU F 243 -33.75 8.08 0.20
N TYR F 244 -33.01 7.69 1.23
CA TYR F 244 -32.10 6.55 1.15
C TYR F 244 -32.29 5.62 2.34
N GLY F 245 -31.48 4.57 2.39
CA GLY F 245 -31.55 3.59 3.44
C GLY F 245 -31.01 2.26 2.94
N PRO F 246 -31.09 1.23 3.75
CA PRO F 246 -30.64 -0.09 3.31
C PRO F 246 -31.59 -0.65 2.27
N PRO F 247 -31.15 -1.65 1.50
CA PRO F 247 -32.01 -2.18 0.44
C PRO F 247 -33.27 -2.82 1.02
N GLY F 248 -34.35 -2.76 0.24
CA GLY F 248 -35.60 -3.36 0.65
C GLY F 248 -36.23 -2.73 1.87
N THR F 249 -36.08 -1.42 2.04
CA THR F 249 -36.67 -0.71 3.17
C THR F 249 -37.98 -0.03 2.83
N GLY F 250 -38.48 -0.20 1.61
CA GLY F 250 -39.71 0.44 1.19
C GLY F 250 -39.53 1.77 0.50
N LYS F 251 -38.31 2.10 0.06
CA LYS F 251 -38.09 3.38 -0.63
C LYS F 251 -38.99 3.51 -1.84
N THR F 252 -38.99 2.51 -2.72
CA THR F 252 -39.89 2.53 -3.86
C THR F 252 -41.34 2.51 -3.41
N LEU F 253 -41.65 1.70 -2.40
CA LEU F 253 -43.01 1.66 -1.90
C LEU F 253 -43.43 3.00 -1.33
N ILE F 254 -42.54 3.66 -0.58
CA ILE F 254 -42.87 4.98 -0.05
C ILE F 254 -43.11 5.97 -1.16
N ALA F 255 -42.25 5.95 -2.19
CA ALA F 255 -42.43 6.86 -3.31
C ALA F 255 -43.76 6.63 -4.00
N ARG F 256 -44.10 5.37 -4.26
CA ARG F 256 -45.37 5.06 -4.92
C ARG F 256 -46.54 5.49 -4.06
N ALA F 257 -46.45 5.26 -2.75
CA ALA F 257 -47.55 5.60 -1.85
C ALA F 257 -47.78 7.12 -1.83
N VAL F 258 -46.69 7.89 -1.72
CA VAL F 258 -46.87 9.34 -1.67
C VAL F 258 -47.36 9.86 -3.01
N ALA F 259 -46.88 9.28 -4.11
CA ALA F 259 -47.36 9.70 -5.42
C ALA F 259 -48.84 9.43 -5.57
N ASN F 260 -49.30 8.26 -5.15
CA ASN F 260 -50.72 7.94 -5.26
C ASN F 260 -51.56 8.81 -4.34
N GLU F 261 -51.07 9.07 -3.13
CA GLU F 261 -51.83 9.92 -2.20
C GLU F 261 -51.97 11.33 -2.74
N THR F 262 -50.89 11.89 -3.29
CA THR F 262 -50.97 13.24 -3.85
C THR F 262 -51.93 13.27 -5.04
N GLY F 263 -51.98 12.19 -5.81
CA GLY F 263 -52.77 12.16 -7.02
C GLY F 263 -52.12 12.80 -8.22
N ALA F 264 -50.91 13.34 -8.05
CA ALA F 264 -50.22 13.98 -9.17
C ALA F 264 -49.69 12.94 -10.14
N PHE F 265 -49.36 13.39 -11.34
CA PHE F 265 -48.76 12.50 -12.32
C PHE F 265 -47.46 11.93 -11.77
N PHE F 266 -47.22 10.65 -12.05
CA PHE F 266 -46.06 9.95 -11.53
C PHE F 266 -45.41 9.17 -12.66
N PHE F 267 -44.09 9.10 -12.64
CA PHE F 267 -43.35 8.37 -13.67
C PHE F 267 -42.09 7.78 -13.03
N LEU F 268 -42.15 6.49 -12.68
CA LEU F 268 -41.01 5.82 -12.10
C LEU F 268 -39.90 5.68 -13.14
N ILE F 269 -38.66 5.93 -12.73
CA ILE F 269 -37.48 5.71 -13.54
C ILE F 269 -36.56 4.77 -12.78
N ASN F 270 -36.15 3.69 -13.42
CA ASN F 270 -35.31 2.68 -12.80
C ASN F 270 -33.91 2.79 -13.37
N GLY F 271 -32.91 2.81 -12.50
CA GLY F 271 -31.54 2.93 -12.92
C GLY F 271 -31.11 1.79 -13.82
N PRO F 272 -31.38 0.55 -13.41
CA PRO F 272 -31.04 -0.59 -14.27
C PRO F 272 -31.58 -0.50 -15.68
N GLU F 273 -32.86 -0.16 -15.86
CA GLU F 273 -33.40 -0.16 -17.22
C GLU F 273 -32.88 1.01 -18.04
N ILE F 274 -32.61 2.14 -17.39
CA ILE F 274 -31.97 3.25 -18.10
C ILE F 274 -30.58 2.84 -18.58
N MET F 275 -29.82 2.15 -17.73
CA MET F 275 -28.48 1.73 -18.11
C MET F 275 -28.50 0.57 -19.10
N SER F 276 -29.61 -0.17 -19.18
CA SER F 276 -29.66 -1.31 -20.08
C SER F 276 -29.65 -0.90 -21.55
N LYS F 277 -30.18 0.28 -21.85
CA LYS F 277 -30.30 0.69 -23.25
C LYS F 277 -28.91 0.98 -23.85
N LEU F 278 -28.86 0.96 -25.17
CA LEU F 278 -27.62 1.20 -25.88
C LEU F 278 -27.13 2.63 -25.64
N ALA F 279 -25.83 2.84 -25.87
CA ALA F 279 -25.26 4.16 -25.75
C ALA F 279 -25.99 5.13 -26.67
N GLY F 280 -26.35 6.30 -26.13
CA GLY F 280 -27.12 7.29 -26.84
C GLY F 280 -28.61 7.17 -26.61
N GLU F 281 -29.09 5.98 -26.26
CA GLU F 281 -30.51 5.78 -26.00
C GLU F 281 -30.86 5.96 -24.53
N SER F 282 -29.91 5.73 -23.61
CA SER F 282 -30.20 5.94 -22.19
C SER F 282 -30.43 7.41 -21.89
N GLU F 283 -29.53 8.27 -22.34
CA GLU F 283 -29.72 9.70 -22.12
C GLU F 283 -30.94 10.22 -22.86
N SER F 284 -31.22 9.70 -24.06
CA SER F 284 -32.43 10.10 -24.76
C SER F 284 -33.68 9.69 -23.98
N ASN F 285 -33.66 8.48 -23.40
CA ASN F 285 -34.79 8.03 -22.60
C ASN F 285 -34.99 8.93 -21.39
N LEU F 286 -33.90 9.27 -20.71
CA LEU F 286 -34.00 10.16 -19.55
C LEU F 286 -34.53 11.53 -19.96
N ARG F 287 -34.04 12.05 -21.08
CA ARG F 287 -34.47 13.36 -21.54
C ARG F 287 -35.96 13.37 -21.87
N LYS F 288 -36.43 12.34 -22.59
CA LYS F 288 -37.85 12.31 -22.93
C LYS F 288 -38.71 12.05 -21.71
N ALA F 289 -38.20 11.31 -20.73
CA ALA F 289 -38.93 11.15 -19.47
C ALA F 289 -39.11 12.48 -18.78
N PHE F 290 -38.04 13.26 -18.67
CA PHE F 290 -38.16 14.59 -18.07
C PHE F 290 -39.08 15.48 -18.89
N GLU F 291 -39.02 15.38 -20.21
CA GLU F 291 -39.87 16.20 -21.06
C GLU F 291 -41.35 15.88 -20.84
N GLU F 292 -41.70 14.60 -20.84
CA GLU F 292 -43.10 14.23 -20.66
C GLU F 292 -43.57 14.54 -19.24
N ALA F 293 -42.65 14.48 -18.27
CA ALA F 293 -42.99 14.96 -16.93
C ALA F 293 -43.30 16.45 -16.97
N GLU F 294 -42.50 17.22 -17.71
CA GLU F 294 -42.73 18.66 -17.83
C GLU F 294 -44.08 18.96 -18.48
N LYS F 295 -44.42 18.22 -19.54
CA LYS F 295 -45.69 18.45 -20.22
C LYS F 295 -46.90 18.14 -19.35
N ASN F 296 -46.70 17.40 -18.26
CA ASN F 296 -47.77 16.92 -17.39
C ASN F 296 -47.42 17.20 -15.94
N ALA F 297 -47.09 18.46 -15.62
CA ALA F 297 -46.15 18.66 -14.52
C ALA F 297 -46.74 19.27 -13.26
N PRO F 298 -47.82 18.70 -12.71
CA PRO F 298 -47.76 18.32 -11.30
C PRO F 298 -47.17 16.93 -11.26
N ALA F 299 -45.90 16.77 -10.87
CA ALA F 299 -45.20 15.54 -11.19
C ALA F 299 -44.24 15.14 -10.08
N ILE F 300 -44.15 13.83 -9.85
CA ILE F 300 -43.18 13.23 -8.95
C ILE F 300 -42.37 12.26 -9.79
N ILE F 301 -41.25 12.73 -10.34
CA ILE F 301 -40.31 11.82 -10.98
C ILE F 301 -39.59 11.04 -9.89
N PHE F 302 -39.40 9.74 -10.12
CA PHE F 302 -38.77 8.87 -9.14
C PHE F 302 -37.65 8.11 -9.82
N ILE F 303 -36.42 8.37 -9.41
CA ILE F 303 -35.24 7.69 -9.94
C ILE F 303 -34.85 6.63 -8.91
N ASP F 304 -35.18 5.38 -9.20
CA ASP F 304 -34.86 4.29 -8.29
C ASP F 304 -33.43 3.83 -8.52
N GLU F 305 -32.74 3.48 -7.43
CA GLU F 305 -31.35 3.06 -7.47
C GLU F 305 -30.49 4.12 -8.16
N LEU F 306 -30.51 5.32 -7.58
CA LEU F 306 -29.72 6.42 -8.13
C LEU F 306 -28.24 6.08 -8.14
N ASP F 307 -27.79 5.23 -7.20
CA ASP F 307 -26.37 4.89 -7.15
C ASP F 307 -25.92 4.18 -8.42
N ALA F 308 -26.75 3.26 -8.92
CA ALA F 308 -26.37 2.51 -10.12
C ALA F 308 -26.18 3.44 -11.32
N ILE F 309 -27.14 4.36 -11.52
CA ILE F 309 -27.04 5.27 -12.66
C ILE F 309 -25.91 6.27 -12.45
N ALA F 310 -25.77 6.80 -11.23
CA ALA F 310 -24.83 7.88 -10.93
C ALA F 310 -24.02 7.53 -9.69
N PRO F 311 -23.05 6.63 -9.81
CA PRO F 311 -22.16 6.33 -8.70
C PRO F 311 -21.10 7.42 -8.57
N LYS F 312 -20.16 7.21 -7.65
CA LYS F 312 -19.13 8.21 -7.38
C LYS F 312 -18.37 8.57 -8.66
N ARG F 313 -17.82 9.78 -8.68
CA ARG F 313 -17.15 10.27 -9.89
C ARG F 313 -16.03 9.34 -10.31
N GLU F 314 -15.17 8.94 -9.37
CA GLU F 314 -13.99 8.17 -9.71
C GLU F 314 -14.29 6.70 -9.99
N LYS F 315 -15.41 6.18 -9.50
CA LYS F 315 -15.80 4.80 -9.77
C LYS F 315 -16.68 4.67 -11.00
N THR F 316 -16.98 5.76 -11.69
CA THR F 316 -17.59 5.71 -13.02
C THR F 316 -16.48 5.44 -14.02
N HIS F 317 -16.38 4.20 -14.47
CA HIS F 317 -15.24 3.79 -15.29
C HIS F 317 -15.42 4.20 -16.75
N GLY F 318 -16.56 3.89 -17.34
CA GLY F 318 -16.77 4.20 -18.74
C GLY F 318 -17.09 5.66 -18.98
N GLU F 319 -16.90 6.09 -20.24
CA GLU F 319 -17.23 7.46 -20.60
C GLU F 319 -18.74 7.66 -20.64
N VAL F 320 -19.48 6.64 -21.09
CA VAL F 320 -20.94 6.76 -21.15
C VAL F 320 -21.51 6.94 -19.75
N GLU F 321 -20.86 6.36 -18.74
CA GLU F 321 -21.30 6.57 -17.36
C GLU F 321 -21.25 8.05 -16.98
N ARG F 322 -20.12 8.70 -17.24
CA ARG F 322 -20.01 10.12 -16.96
C ARG F 322 -20.99 10.92 -17.82
N ARG F 323 -21.22 10.49 -19.05
CA ARG F 323 -22.15 11.22 -19.90
C ARG F 323 -23.57 11.16 -19.34
N ILE F 324 -24.01 10.00 -18.87
CA ILE F 324 -25.36 9.91 -18.31
C ILE F 324 -25.44 10.67 -17.00
N VAL F 325 -24.37 10.65 -16.19
CA VAL F 325 -24.38 11.43 -14.96
C VAL F 325 -24.53 12.91 -15.28
N SER F 326 -23.76 13.41 -16.24
CA SER F 326 -23.85 14.81 -16.60
C SER F 326 -25.22 15.14 -17.20
N GLN F 327 -25.80 14.19 -17.94
CA GLN F 327 -27.15 14.41 -18.47
C GLN F 327 -28.14 14.58 -17.33
N LEU F 328 -28.06 13.72 -16.31
CA LEU F 328 -28.94 13.88 -15.16
C LEU F 328 -28.70 15.22 -14.47
N LEU F 329 -27.43 15.60 -14.31
CA LEU F 329 -27.12 16.88 -13.68
C LEU F 329 -27.77 18.04 -14.43
N THR F 330 -27.58 18.08 -15.75
CA THR F 330 -28.09 19.22 -16.51
C THR F 330 -29.61 19.20 -16.55
N LEU F 331 -30.24 18.03 -16.61
CA LEU F 331 -31.69 17.99 -16.55
C LEU F 331 -32.20 18.52 -15.22
N MET F 332 -31.58 18.11 -14.12
CA MET F 332 -32.02 18.57 -12.81
C MET F 332 -31.82 20.08 -12.68
N ASP F 333 -30.72 20.61 -13.19
CA ASP F 333 -30.51 22.05 -13.12
C ASP F 333 -31.47 22.82 -14.03
N GLY F 334 -31.77 22.27 -15.21
CA GLY F 334 -32.65 22.94 -16.15
C GLY F 334 -34.13 22.85 -15.80
N LEU F 335 -34.50 21.90 -14.94
CA LEU F 335 -35.86 21.85 -14.43
C LEU F 335 -36.08 22.81 -13.26
N LYS F 336 -35.20 23.81 -13.11
CA LYS F 336 -35.40 24.87 -12.13
C LYS F 336 -36.65 25.69 -12.42
N GLN F 337 -37.20 25.58 -13.63
CA GLN F 337 -38.38 26.36 -14.00
C GLN F 337 -39.51 26.10 -13.00
N ARG F 338 -40.49 27.01 -13.00
CA ARG F 338 -41.57 26.96 -12.02
C ARG F 338 -42.51 25.79 -12.25
N ALA F 339 -42.40 25.07 -13.35
CA ALA F 339 -43.19 23.87 -13.56
C ALA F 339 -42.96 22.90 -12.40
N HIS F 340 -44.05 22.36 -11.86
CA HIS F 340 -44.01 21.65 -10.58
C HIS F 340 -43.63 20.20 -10.82
N VAL F 341 -42.32 19.94 -10.82
CA VAL F 341 -41.77 18.59 -10.89
C VAL F 341 -40.86 18.41 -9.69
N ILE F 342 -41.04 17.30 -8.98
CA ILE F 342 -40.20 16.95 -7.84
C ILE F 342 -39.45 15.68 -8.20
N VAL F 343 -38.12 15.76 -8.20
CA VAL F 343 -37.28 14.65 -8.63
C VAL F 343 -36.83 13.93 -7.36
N MET F 344 -37.64 12.96 -6.93
CA MET F 344 -37.27 12.07 -5.84
C MET F 344 -36.31 11.01 -6.33
N ALA F 345 -35.36 10.62 -5.49
CA ALA F 345 -34.39 9.58 -5.83
C ALA F 345 -34.22 8.63 -4.67
N ALA F 346 -34.10 7.35 -4.99
CA ALA F 346 -33.90 6.30 -4.01
C ALA F 346 -32.53 5.69 -4.21
N THR F 347 -31.78 5.53 -3.12
CA THR F 347 -30.43 5.00 -3.19
C THR F 347 -30.10 4.32 -1.87
N ASN F 348 -28.84 3.90 -1.74
CA ASN F 348 -28.34 3.26 -0.53
C ASN F 348 -26.98 3.87 -0.22
N ARG F 349 -26.73 4.11 1.07
CA ARG F 349 -25.45 4.71 1.45
C ARG F 349 -25.23 6.00 0.68
N PRO F 350 -25.90 7.10 1.04
CA PRO F 350 -25.90 8.29 0.18
C PRO F 350 -24.52 8.81 -0.18
N ASN F 351 -23.49 8.39 0.57
CA ASN F 351 -22.13 8.69 0.16
C ASN F 351 -21.71 7.94 -1.09
N SER F 352 -22.49 6.96 -1.54
CA SER F 352 -22.13 6.18 -2.72
C SER F 352 -22.38 6.94 -4.02
N ILE F 353 -23.37 7.83 -4.05
CA ILE F 353 -23.70 8.53 -5.29
C ILE F 353 -22.67 9.63 -5.53
N ASP F 354 -22.63 10.15 -6.75
CA ASP F 354 -21.72 11.24 -7.06
C ASP F 354 -22.05 12.44 -6.18
N PRO F 355 -21.08 13.00 -5.45
CA PRO F 355 -21.41 14.16 -4.61
C PRO F 355 -21.91 15.36 -5.39
N ALA F 356 -21.66 15.41 -6.69
CA ALA F 356 -22.19 16.51 -7.49
C ALA F 356 -23.71 16.57 -7.43
N LEU F 357 -24.36 15.42 -7.27
CA LEU F 357 -25.82 15.41 -7.18
C LEU F 357 -26.31 15.96 -5.85
N ARG F 358 -25.54 15.76 -4.78
CA ARG F 358 -25.95 16.22 -3.46
C ARG F 358 -25.88 17.73 -3.30
N ARG F 359 -25.27 18.44 -4.24
CA ARG F 359 -25.16 19.89 -4.12
C ARG F 359 -26.54 20.53 -4.18
N PHE F 360 -26.65 21.71 -3.59
CA PHE F 360 -27.94 22.38 -3.50
C PHE F 360 -28.43 22.77 -4.89
N GLY F 361 -29.76 22.81 -5.03
CA GLY F 361 -30.39 23.02 -6.31
C GLY F 361 -30.67 21.76 -7.08
N ARG F 362 -30.07 20.64 -6.70
CA ARG F 362 -30.31 19.35 -7.33
C ARG F 362 -30.98 18.36 -6.39
N PHE F 363 -30.39 18.13 -5.21
CA PHE F 363 -31.01 17.30 -4.17
C PHE F 363 -30.82 18.02 -2.85
N ASP F 364 -31.74 18.94 -2.56
CA ASP F 364 -31.59 19.79 -1.39
C ASP F 364 -31.79 19.00 -0.09
N ARG F 365 -32.80 18.14 -0.06
CA ARG F 365 -33.25 17.49 1.17
C ARG F 365 -32.96 16.00 1.11
N GLU F 366 -32.49 15.48 2.24
CA GLU F 366 -32.15 14.06 2.39
C GLU F 366 -33.05 13.45 3.46
N VAL F 367 -33.44 12.19 3.25
CA VAL F 367 -34.34 11.49 4.15
C VAL F 367 -33.76 10.10 4.44
N ASP F 368 -33.30 9.90 5.67
CA ASP F 368 -32.75 8.62 6.09
C ASP F 368 -33.90 7.76 6.62
N ILE F 369 -34.37 6.82 5.81
CA ILE F 369 -35.47 5.96 6.23
C ILE F 369 -35.07 5.12 7.43
N GLY F 370 -33.93 4.44 7.33
CA GLY F 370 -33.41 3.68 8.44
C GLY F 370 -34.18 2.40 8.71
N ILE F 371 -33.70 1.61 9.67
CA ILE F 371 -34.39 0.38 10.04
C ILE F 371 -35.66 0.72 10.82
N PRO F 372 -36.76 0.01 10.62
CA PRO F 372 -37.92 0.22 11.50
C PRO F 372 -37.62 -0.27 12.91
N ASP F 373 -38.24 0.40 13.88
CA ASP F 373 -38.07 0.03 15.28
C ASP F 373 -39.03 -1.11 15.63
N ALA F 374 -39.13 -1.45 16.92
CA ALA F 374 -40.01 -2.54 17.33
C ALA F 374 -41.45 -2.27 16.92
N THR F 375 -41.97 -1.09 17.25
CA THR F 375 -43.31 -0.73 16.80
C THR F 375 -43.37 -0.69 15.29
N GLY F 376 -42.27 -0.28 14.64
CA GLY F 376 -42.25 -0.26 13.19
C GLY F 376 -42.38 -1.66 12.60
N ARG F 377 -41.62 -2.62 13.14
CA ARG F 377 -41.72 -3.98 12.65
C ARG F 377 -43.09 -4.57 12.94
N LEU F 378 -43.68 -4.21 14.09
CA LEU F 378 -45.05 -4.63 14.37
C LEU F 378 -46.01 -4.11 13.32
N GLU F 379 -45.88 -2.84 12.94
CA GLU F 379 -46.74 -2.28 11.91
C GLU F 379 -46.54 -2.97 10.57
N ILE F 380 -45.28 -3.25 10.23
CA ILE F 380 -45.00 -3.94 8.97
C ILE F 380 -45.67 -5.30 8.95
N LEU F 381 -45.53 -6.04 10.04
CA LEU F 381 -46.13 -7.37 10.11
C LEU F 381 -47.65 -7.28 10.03
N GLN F 382 -48.25 -6.28 10.68
CA GLN F 382 -49.68 -6.10 10.56
C GLN F 382 -50.08 -5.86 9.12
N ILE F 383 -49.34 -5.02 8.41
CA ILE F 383 -49.67 -4.73 7.02
C ILE F 383 -49.57 -5.99 6.16
N HIS F 384 -48.49 -6.75 6.33
CA HIS F 384 -48.27 -7.91 5.47
C HIS F 384 -49.06 -9.14 5.90
N THR F 385 -49.68 -9.14 7.08
CA THR F 385 -50.47 -10.26 7.56
C THR F 385 -51.95 -9.92 7.65
N LYS F 386 -52.39 -8.84 7.00
CA LYS F 386 -53.80 -8.46 7.07
C LYS F 386 -54.67 -9.53 6.43
N ASN F 387 -54.36 -9.91 5.19
CA ASN F 387 -55.17 -10.88 4.45
C ASN F 387 -54.50 -12.25 4.52
N MET F 388 -54.58 -12.86 5.71
CA MET F 388 -54.04 -14.20 5.91
C MET F 388 -54.94 -15.12 6.72
N LYS F 389 -55.91 -14.62 7.48
CA LYS F 389 -56.72 -15.46 8.35
C LYS F 389 -55.83 -16.23 9.33
N LEU F 390 -54.83 -15.55 9.88
CA LEU F 390 -53.92 -16.16 10.83
C LEU F 390 -54.66 -16.55 12.10
N ALA F 391 -54.23 -17.66 12.69
CA ALA F 391 -54.84 -18.12 13.94
C ALA F 391 -54.60 -17.09 15.05
N ASP F 392 -55.62 -16.92 15.90
CA ASP F 392 -55.54 -15.93 16.96
C ASP F 392 -54.51 -16.28 18.02
N ASP F 393 -54.01 -17.52 18.04
CA ASP F 393 -53.03 -17.91 19.05
C ASP F 393 -51.77 -17.06 18.95
N VAL F 394 -51.29 -16.82 17.72
CA VAL F 394 -50.13 -15.96 17.55
C VAL F 394 -50.52 -14.51 17.84
N ASP F 395 -49.55 -13.76 18.37
CA ASP F 395 -49.76 -12.37 18.75
C ASP F 395 -49.29 -11.37 17.69
N LEU F 396 -48.37 -11.76 16.83
CA LEU F 396 -47.77 -10.89 15.81
C LEU F 396 -46.95 -9.76 16.43
N GLU F 397 -46.69 -9.83 17.74
CA GLU F 397 -45.84 -8.86 18.42
C GLU F 397 -44.65 -9.51 19.12
N GLN F 398 -44.81 -10.74 19.61
CA GLN F 398 -43.66 -11.49 20.10
C GLN F 398 -42.63 -11.67 18.99
N VAL F 399 -43.09 -12.01 17.79
CA VAL F 399 -42.17 -12.17 16.66
C VAL F 399 -41.51 -10.84 16.31
N ALA F 400 -42.27 -9.74 16.43
CA ALA F 400 -41.74 -8.44 16.04
C ALA F 400 -40.52 -8.06 16.87
N ASN F 401 -40.58 -8.27 18.19
CA ASN F 401 -39.48 -7.87 19.05
C ASN F 401 -38.25 -8.74 18.81
N GLU F 402 -38.43 -9.96 18.33
CA GLU F 402 -37.32 -10.86 18.07
C GLU F 402 -36.70 -10.68 16.69
N THR F 403 -37.33 -9.89 15.82
CA THR F 403 -36.80 -9.64 14.47
C THR F 403 -35.93 -8.38 14.46
N HIS F 404 -34.96 -8.37 15.35
CA HIS F 404 -34.03 -7.24 15.40
C HIS F 404 -33.17 -7.22 14.14
N GLY F 405 -33.02 -6.03 13.57
CA GLY F 405 -32.22 -5.87 12.37
C GLY F 405 -32.92 -6.23 11.09
N HIS F 406 -34.12 -6.81 11.16
CA HIS F 406 -34.85 -7.15 9.94
C HIS F 406 -35.33 -5.87 9.26
N VAL F 407 -35.24 -5.87 7.94
CA VAL F 407 -35.74 -4.77 7.14
C VAL F 407 -37.10 -5.18 6.59
N GLY F 408 -37.84 -4.20 6.05
CA GLY F 408 -39.20 -4.48 5.61
C GLY F 408 -39.28 -5.61 4.62
N ALA F 409 -38.37 -5.64 3.63
CA ALA F 409 -38.35 -6.75 2.69
C ALA F 409 -38.08 -8.06 3.41
N ASP F 410 -37.18 -8.05 4.40
CA ASP F 410 -36.95 -9.25 5.18
C ASP F 410 -38.19 -9.68 5.94
N LEU F 411 -38.96 -8.70 6.44
CA LEU F 411 -40.20 -9.05 7.13
C LEU F 411 -41.22 -9.69 6.17
N ALA F 412 -41.31 -9.16 4.95
CA ALA F 412 -42.19 -9.79 3.98
C ALA F 412 -41.73 -11.20 3.65
N ALA F 413 -40.41 -11.39 3.52
CA ALA F 413 -39.88 -12.72 3.28
C ALA F 413 -40.18 -13.66 4.45
N LEU F 414 -40.07 -13.15 5.67
CA LEU F 414 -40.39 -13.95 6.85
C LEU F 414 -41.85 -14.36 6.83
N CYS F 415 -42.75 -13.44 6.49
CA CYS F 415 -44.17 -13.78 6.42
C CYS F 415 -44.42 -14.84 5.35
N SER F 416 -43.79 -14.69 4.19
CA SER F 416 -43.96 -15.67 3.13
C SER F 416 -43.43 -17.04 3.56
N GLU F 417 -42.30 -17.06 4.25
CA GLU F 417 -41.74 -18.33 4.69
C GLU F 417 -42.61 -18.97 5.77
N ALA F 418 -43.23 -18.16 6.63
CA ALA F 418 -44.16 -18.72 7.60
C ALA F 418 -45.36 -19.34 6.90
N ALA F 419 -45.90 -18.66 5.90
CA ALA F 419 -47.00 -19.24 5.14
C ALA F 419 -46.56 -20.53 4.46
N LEU F 420 -45.33 -20.56 3.95
CA LEU F 420 -44.82 -21.74 3.27
C LEU F 420 -44.67 -22.90 4.25
N GLN F 421 -44.23 -22.62 5.47
CA GLN F 421 -44.20 -23.67 6.50
C GLN F 421 -45.60 -24.16 6.81
N ALA F 422 -46.57 -23.26 6.83
CA ALA F 422 -47.95 -23.68 7.01
C ALA F 422 -48.38 -24.63 5.90
N ILE F 423 -47.96 -24.35 4.66
CA ILE F 423 -48.23 -25.28 3.56
C ILE F 423 -47.57 -26.62 3.83
N ARG F 424 -46.31 -26.60 4.27
CA ARG F 424 -45.61 -27.84 4.58
C ARG F 424 -46.39 -28.69 5.58
N LYS F 425 -46.87 -28.06 6.65
CA LYS F 425 -47.63 -28.81 7.65
C LYS F 425 -48.86 -29.46 7.03
N LYS F 426 -49.38 -28.88 5.95
CA LYS F 426 -50.51 -29.47 5.24
C LYS F 426 -50.03 -30.42 4.15
N MET F 427 -50.71 -31.55 4.03
CA MET F 427 -50.37 -32.54 3.01
C MET F 427 -51.16 -32.29 1.73
N ASP F 428 -50.77 -32.98 0.67
CA ASP F 428 -51.40 -32.83 -0.64
C ASP F 428 -51.33 -31.37 -1.10
N ILE F 437 -58.73 -31.62 -3.85
CA ILE F 437 -59.11 -30.67 -2.80
C ILE F 437 -58.51 -29.30 -3.12
N ASP F 438 -59.38 -28.29 -3.15
CA ASP F 438 -58.97 -26.93 -3.49
C ASP F 438 -59.53 -25.93 -2.49
N ALA F 439 -60.74 -26.17 -2.00
CA ALA F 439 -61.43 -25.21 -1.14
C ALA F 439 -61.13 -25.42 0.33
N GLU F 440 -61.23 -26.66 0.81
CA GLU F 440 -61.05 -26.92 2.24
C GLU F 440 -59.61 -26.77 2.70
N VAL F 441 -58.66 -26.64 1.78
CA VAL F 441 -57.27 -26.43 2.16
C VAL F 441 -56.91 -24.94 2.17
N MET F 442 -57.41 -24.18 1.20
CA MET F 442 -57.16 -22.75 1.18
C MET F 442 -58.01 -21.98 2.19
N ASN F 443 -59.13 -22.57 2.64
CA ASN F 443 -59.99 -21.92 3.62
C ASN F 443 -59.58 -22.21 5.05
N SER F 444 -59.05 -23.41 5.31
CA SER F 444 -58.64 -23.81 6.65
C SER F 444 -57.21 -23.42 6.97
N LEU F 445 -56.51 -22.76 6.05
CA LEU F 445 -55.14 -22.34 6.30
C LEU F 445 -55.12 -21.27 7.40
N ALA F 446 -54.38 -21.56 8.48
CA ALA F 446 -54.26 -20.64 9.60
C ALA F 446 -52.83 -20.73 10.12
N VAL F 447 -51.99 -19.75 9.74
CA VAL F 447 -50.62 -19.74 10.20
C VAL F 447 -50.60 -19.59 11.71
N THR F 448 -49.82 -20.45 12.37
CA THR F 448 -49.72 -20.46 13.82
C THR F 448 -48.41 -19.84 14.26
N MET F 449 -48.31 -19.55 15.56
CA MET F 449 -47.06 -19.03 16.10
C MET F 449 -45.90 -19.99 15.85
N ASP F 450 -46.18 -21.29 15.84
CA ASP F 450 -45.13 -22.27 15.54
C ASP F 450 -44.63 -22.17 14.11
N ASP F 451 -45.38 -21.53 13.21
CA ASP F 451 -44.91 -21.30 11.86
C ASP F 451 -44.08 -20.03 11.74
N PHE F 452 -44.52 -18.95 12.40
CA PHE F 452 -43.68 -17.76 12.45
C PHE F 452 -42.37 -18.03 13.17
N ARG F 453 -42.37 -18.93 14.14
CA ARG F 453 -41.13 -19.30 14.81
C ARG F 453 -40.16 -19.92 13.81
N TRP F 454 -40.64 -20.85 12.99
CA TRP F 454 -39.79 -21.45 11.96
C TRP F 454 -39.30 -20.39 10.98
N ALA F 455 -40.21 -19.52 10.54
CA ALA F 455 -39.82 -18.50 9.58
C ALA F 455 -38.74 -17.60 10.15
N LEU F 456 -38.88 -17.20 11.41
CA LEU F 456 -37.86 -16.39 12.06
C LEU F 456 -36.54 -17.14 12.16
N SER F 457 -36.59 -18.43 12.50
CA SER F 457 -35.37 -19.21 12.62
C SER F 457 -34.65 -19.31 11.28
N GLN F 458 -35.38 -19.68 10.23
CA GLN F 458 -34.79 -19.84 8.90
C GLN F 458 -34.94 -18.57 8.06
N SER F 459 -34.50 -17.44 8.60
CA SER F 459 -34.52 -16.19 7.84
C SER F 459 -33.46 -15.26 8.43
N ASN F 460 -32.37 -15.09 7.71
CA ASN F 460 -31.33 -14.19 8.18
C ASN F 460 -31.69 -12.75 7.85
N PRO F 461 -31.43 -11.79 8.74
CA PRO F 461 -31.63 -10.38 8.38
C PRO F 461 -30.61 -9.94 7.34
N SER F 462 -31.00 -8.95 6.55
CA SER F 462 -30.10 -8.34 5.57
C SER F 462 -29.44 -7.08 6.09
N ALA F 463 -30.23 -6.10 6.52
CA ALA F 463 -29.71 -4.86 7.07
C ALA F 463 -29.37 -5.05 8.55
N LEU F 464 -28.38 -5.90 8.78
CA LEU F 464 -27.90 -6.22 10.12
C LEU F 464 -26.61 -5.47 10.42
N ARG F 465 -26.33 -5.34 11.71
CA ARG F 465 -25.14 -4.63 12.20
C ARG F 465 -24.91 -3.32 11.47
N GLU F 466 -26.00 -2.60 11.18
CA GLU F 466 -25.95 -1.20 10.79
C GLU F 466 -26.48 -0.41 11.98
N THR F 467 -25.69 0.56 12.45
CA THR F 467 -25.99 1.26 13.70
C THR F 467 -27.44 1.70 13.76
N VAL F 468 -28.16 1.20 14.76
CA VAL F 468 -29.60 1.34 14.81
C VAL F 468 -29.98 2.76 15.21
N VAL F 469 -30.90 3.35 14.46
CA VAL F 469 -31.47 4.65 14.81
C VAL F 469 -32.85 4.35 15.39
N GLU F 470 -32.90 4.19 16.71
CA GLU F 470 -34.13 3.78 17.37
C GLU F 470 -34.18 4.39 18.76
N VAL F 471 -35.39 4.48 19.30
CA VAL F 471 -35.62 4.98 20.64
C VAL F 471 -35.57 3.80 21.60
N PRO F 472 -34.74 3.84 22.65
CA PRO F 472 -34.67 2.69 23.57
C PRO F 472 -35.97 2.54 24.35
N GLN F 473 -36.03 1.47 25.15
CA GLN F 473 -37.24 1.09 25.87
C GLN F 473 -36.91 0.72 27.32
N VAL F 474 -36.20 1.62 28.01
CA VAL F 474 -35.86 1.42 29.41
C VAL F 474 -36.65 2.37 30.32
N THR F 475 -36.90 3.59 29.85
CA THR F 475 -37.84 4.54 30.49
C THR F 475 -37.64 4.64 32.00
N TRP F 476 -36.39 4.72 32.44
CA TRP F 476 -35.99 4.97 33.82
C TRP F 476 -36.37 3.84 34.78
N GLU F 477 -37.04 2.79 34.33
CA GLU F 477 -37.44 1.70 35.21
C GLU F 477 -36.53 0.50 35.11
N ASP F 478 -36.00 0.20 33.92
CA ASP F 478 -34.99 -0.83 33.80
C ASP F 478 -33.78 -0.50 34.63
N ILE F 479 -33.33 0.76 34.59
CA ILE F 479 -32.27 1.21 35.47
C ILE F 479 -32.79 1.27 36.90
N GLY F 480 -31.88 1.09 37.86
CA GLY F 480 -32.25 1.06 39.26
C GLY F 480 -31.59 2.12 40.11
N GLY F 481 -32.38 3.11 40.52
CA GLY F 481 -31.93 4.04 41.55
C GLY F 481 -30.71 4.84 41.17
N LEU F 482 -29.74 4.86 42.10
CA LEU F 482 -28.59 5.73 42.19
C LEU F 482 -28.97 7.14 42.62
N GLU F 483 -30.26 7.48 42.56
CA GLU F 483 -30.89 8.53 43.37
C GLU F 483 -30.32 9.93 43.18
N ASP F 484 -29.25 10.09 42.40
CA ASP F 484 -28.66 11.42 42.17
C ASP F 484 -28.26 11.69 40.74
N VAL F 485 -27.89 10.67 39.96
CA VAL F 485 -27.47 10.91 38.58
C VAL F 485 -28.67 11.03 37.65
N LYS F 486 -29.83 10.50 38.02
CA LYS F 486 -31.03 10.78 37.26
C LYS F 486 -31.30 12.27 37.21
N ARG F 487 -31.24 12.93 38.37
CA ARG F 487 -31.45 14.36 38.44
C ARG F 487 -30.38 15.10 37.65
N GLU F 488 -29.13 14.66 37.77
CA GLU F 488 -28.04 15.34 37.05
C GLU F 488 -28.24 15.25 35.55
N LEU F 489 -28.57 14.07 35.04
CA LEU F 489 -28.82 13.92 33.61
C LEU F 489 -30.01 14.76 33.18
N GLN F 490 -31.08 14.76 33.98
CA GLN F 490 -32.23 15.59 33.63
C GLN F 490 -31.82 17.05 33.52
N GLU F 491 -31.06 17.56 34.49
CA GLU F 491 -30.65 18.95 34.47
C GLU F 491 -29.65 19.24 33.35
N LEU F 492 -28.91 18.24 32.88
CA LEU F 492 -27.94 18.46 31.82
C LEU F 492 -28.55 18.36 30.43
N VAL F 493 -29.65 17.62 30.26
CA VAL F 493 -30.25 17.46 28.93
C VAL F 493 -31.73 17.75 28.90
N GLN F 494 -32.46 17.72 30.02
CA GLN F 494 -33.89 18.03 30.00
C GLN F 494 -34.16 19.51 30.18
N TYR F 495 -33.54 20.13 31.19
CA TYR F 495 -33.77 21.56 31.41
C TYR F 495 -33.32 22.41 30.22
N PRO F 496 -32.15 22.19 29.60
CA PRO F 496 -31.76 23.05 28.48
C PRO F 496 -32.78 23.07 27.35
N VAL F 497 -33.42 21.94 27.04
CA VAL F 497 -34.40 21.92 25.98
C VAL F 497 -35.75 22.45 26.44
N GLU F 498 -36.11 22.25 27.71
CA GLU F 498 -37.42 22.69 28.18
C GLU F 498 -37.45 24.20 28.42
N HIS F 499 -36.35 24.78 28.88
CA HIS F 499 -36.30 26.19 29.27
C HIS F 499 -35.07 26.85 28.65
N PRO F 500 -35.03 26.97 27.32
CA PRO F 500 -33.90 27.69 26.70
C PRO F 500 -33.82 29.15 27.12
N ASP F 501 -34.95 29.76 27.48
CA ASP F 501 -34.95 31.19 27.80
C ASP F 501 -34.06 31.49 28.99
N LYS F 502 -34.10 30.66 30.02
CA LYS F 502 -33.23 30.88 31.17
C LYS F 502 -31.77 30.74 30.79
N PHE F 503 -31.44 29.74 29.97
CA PHE F 503 -30.06 29.57 29.53
C PHE F 503 -29.59 30.76 28.71
N LEU F 504 -30.48 31.40 27.96
CA LEU F 504 -30.12 32.64 27.28
C LEU F 504 -29.97 33.80 28.26
N LYS F 505 -30.79 33.84 29.31
CA LYS F 505 -30.75 34.95 30.25
C LYS F 505 -29.40 35.02 30.95
N PHE F 506 -29.04 33.97 31.68
CA PHE F 506 -27.78 33.99 32.42
C PHE F 506 -26.57 33.81 31.51
N GLY F 507 -26.77 33.54 30.22
CA GLY F 507 -25.68 33.52 29.28
C GLY F 507 -24.64 32.45 29.56
N MET F 508 -25.03 31.18 29.42
CA MET F 508 -24.10 30.07 29.54
C MET F 508 -24.49 29.01 28.52
N THR F 509 -23.58 28.69 27.63
CA THR F 509 -23.85 27.68 26.63
C THR F 509 -24.03 26.33 27.32
N PRO F 510 -25.17 25.65 27.17
CA PRO F 510 -25.34 24.36 27.86
C PRO F 510 -24.30 23.35 27.37
N SER F 511 -23.88 22.49 28.29
CA SER F 511 -22.88 21.48 27.98
C SER F 511 -23.52 20.39 27.13
N LYS F 512 -22.98 20.19 25.92
CA LYS F 512 -23.53 19.19 25.02
C LYS F 512 -22.99 17.78 25.28
N GLY F 513 -21.93 17.65 26.06
CA GLY F 513 -21.28 16.36 26.25
C GLY F 513 -21.22 15.97 27.71
N VAL F 514 -21.36 14.66 27.94
CA VAL F 514 -21.19 14.08 29.25
C VAL F 514 -20.41 12.78 29.10
N LEU F 515 -19.43 12.57 29.96
CA LEU F 515 -18.55 11.40 29.90
C LEU F 515 -18.71 10.61 31.18
N PHE F 516 -19.56 9.58 31.15
CA PHE F 516 -19.70 8.69 32.30
C PHE F 516 -18.41 7.92 32.52
N TYR F 517 -18.03 7.76 33.78
CA TYR F 517 -16.86 6.97 34.13
C TYR F 517 -17.07 6.36 35.50
N GLY F 518 -16.65 5.12 35.66
CA GLY F 518 -16.85 4.40 36.89
C GLY F 518 -16.46 2.94 36.78
N PRO F 519 -16.91 2.13 37.75
CA PRO F 519 -16.63 0.69 37.71
C PRO F 519 -17.19 0.08 36.43
N PRO F 520 -16.52 -0.93 35.87
CA PRO F 520 -17.00 -1.47 34.60
C PRO F 520 -18.30 -2.22 34.78
N GLY F 521 -19.39 -1.58 34.41
CA GLY F 521 -20.72 -2.13 34.50
C GLY F 521 -21.36 -1.65 35.78
N CYS F 522 -22.07 -0.52 35.71
CA CYS F 522 -22.89 -0.07 36.84
C CYS F 522 -24.12 0.66 36.34
N GLY F 523 -24.35 0.67 35.02
CA GLY F 523 -25.50 1.34 34.44
C GLY F 523 -25.14 2.47 33.51
N LYS F 524 -24.01 2.39 32.83
CA LYS F 524 -23.63 3.44 31.87
C LYS F 524 -24.57 3.41 30.67
N THR F 525 -24.57 2.29 29.94
CA THR F 525 -25.44 2.17 28.77
C THR F 525 -26.90 2.31 29.19
N LEU F 526 -27.26 1.75 30.34
CA LEU F 526 -28.62 1.90 30.83
C LEU F 526 -28.96 3.35 31.07
N LEU F 527 -28.04 4.12 31.66
CA LEU F 527 -28.30 5.54 31.88
C LEU F 527 -28.48 6.27 30.56
N ALA F 528 -27.62 5.99 29.59
CA ALA F 528 -27.72 6.68 28.30
C ALA F 528 -29.04 6.35 27.62
N LYS F 529 -29.42 5.07 27.62
CA LYS F 529 -30.69 4.68 27.00
C LYS F 529 -31.86 5.31 27.72
N ALA F 530 -31.82 5.34 29.06
CA ALA F 530 -32.93 5.90 29.81
C ALA F 530 -33.09 7.39 29.56
N ILE F 531 -31.98 8.13 29.56
CA ILE F 531 -32.08 9.57 29.32
C ILE F 531 -32.51 9.83 27.89
N ALA F 532 -32.12 8.97 26.95
CA ALA F 532 -32.63 9.11 25.59
C ALA F 532 -34.12 8.87 25.53
N ASN F 533 -34.60 7.85 26.23
CA ASN F 533 -36.03 7.54 26.18
C ASN F 533 -36.85 8.64 26.84
N GLU F 534 -36.36 9.20 27.95
CA GLU F 534 -37.09 10.28 28.61
C GLU F 534 -37.25 11.49 27.69
N CYS F 535 -36.27 11.74 26.85
CA CYS F 535 -36.32 12.84 25.89
C CYS F 535 -37.05 12.47 24.60
N GLN F 536 -37.44 11.20 24.44
CA GLN F 536 -38.07 10.74 23.22
C GLN F 536 -37.20 11.06 22.01
N ALA F 537 -35.95 10.62 22.09
CA ALA F 537 -34.93 10.92 21.10
C ALA F 537 -34.25 9.65 20.64
N ASN F 538 -33.71 9.69 19.44
CA ASN F 538 -32.99 8.56 18.88
C ASN F 538 -31.69 8.33 19.65
N PHE F 539 -31.28 7.06 19.74
CA PHE F 539 -30.11 6.64 20.50
C PHE F 539 -29.16 5.90 19.56
N ILE F 540 -28.13 6.60 19.08
CA ILE F 540 -27.18 6.02 18.14
C ILE F 540 -26.10 5.33 18.97
N SER F 541 -26.32 4.06 19.28
CA SER F 541 -25.33 3.29 20.01
C SER F 541 -24.09 3.09 19.17
N ILE F 542 -22.92 3.24 19.80
CA ILE F 542 -21.64 2.97 19.16
C ILE F 542 -20.83 2.15 20.16
N LYS F 543 -20.86 0.84 20.02
CA LYS F 543 -20.11 -0.03 20.91
C LYS F 543 -18.60 0.17 20.70
N GLY F 544 -17.83 -0.13 21.76
CA GLY F 544 -16.40 -0.06 21.69
C GLY F 544 -15.75 -0.93 20.64
N PRO F 545 -16.22 -2.17 20.44
CA PRO F 545 -15.65 -2.99 19.36
C PRO F 545 -15.67 -2.33 18.00
N GLU F 546 -16.72 -1.56 17.65
CA GLU F 546 -16.71 -0.92 16.35
C GLU F 546 -15.66 0.17 16.27
N LEU F 547 -15.41 0.86 17.38
CA LEU F 547 -14.31 1.84 17.40
C LEU F 547 -12.96 1.14 17.27
N LEU F 548 -12.80 -0.01 17.91
CA LEU F 548 -11.56 -0.77 17.75
C LEU F 548 -11.38 -1.20 16.31
N THR F 549 -12.46 -1.64 15.65
CA THR F 549 -12.38 -1.97 14.23
C THR F 549 -12.01 -0.75 13.41
N MET F 550 -12.57 0.40 13.78
CA MET F 550 -12.21 1.65 13.12
C MET F 550 -10.71 1.90 13.20
N TRP F 551 -10.16 1.75 14.41
CA TRP F 551 -8.72 1.99 14.60
C TRP F 551 -7.90 0.97 13.82
N PHE F 552 -8.29 -0.30 13.87
CA PHE F 552 -7.53 -1.35 13.19
C PHE F 552 -7.70 -1.29 11.68
N GLY F 553 -8.89 -0.92 11.20
CA GLY F 553 -9.14 -0.87 9.77
C GLY F 553 -8.38 0.23 9.05
N GLU F 554 -7.73 1.13 9.78
CA GLU F 554 -6.99 2.24 9.20
C GLU F 554 -7.89 3.14 8.34
N SER F 555 -9.19 3.13 8.61
CA SER F 555 -10.16 3.93 7.87
C SER F 555 -10.95 4.75 8.88
N GLU F 556 -10.86 6.06 8.78
CA GLU F 556 -11.58 6.98 9.65
C GLU F 556 -12.71 7.71 8.94
N ALA F 557 -12.84 7.54 7.61
CA ALA F 557 -13.98 8.11 6.91
C ALA F 557 -15.30 7.52 7.41
N ASN F 558 -15.26 6.30 7.96
CA ASN F 558 -16.48 5.74 8.53
C ASN F 558 -16.90 6.50 9.78
N VAL F 559 -15.97 7.17 10.47
CA VAL F 559 -16.37 8.05 11.56
C VAL F 559 -17.13 9.25 11.03
N ARG F 560 -16.65 9.84 9.92
CA ARG F 560 -17.41 10.86 9.23
C ARG F 560 -18.80 10.36 8.90
N GLU F 561 -18.90 9.13 8.39
CA GLU F 561 -20.21 8.57 8.05
C GLU F 561 -21.09 8.43 9.28
N ILE F 562 -20.53 7.94 10.39
CA ILE F 562 -21.32 7.74 11.60
C ILE F 562 -21.84 9.06 12.12
N PHE F 563 -20.98 10.07 12.18
CA PHE F 563 -21.42 11.37 12.68
C PHE F 563 -22.44 12.01 11.76
N ASP F 564 -22.28 11.83 10.43
CA ASP F 564 -23.27 12.35 9.51
C ASP F 564 -24.62 11.68 9.74
N LYS F 565 -24.62 10.36 9.93
CA LYS F 565 -25.87 9.66 10.18
C LYS F 565 -26.49 10.11 11.50
N ALA F 566 -25.67 10.34 12.52
CA ALA F 566 -26.18 10.88 13.77
C ALA F 566 -26.82 12.25 13.55
N ARG F 567 -26.16 13.10 12.76
CA ARG F 567 -26.70 14.42 12.48
C ARG F 567 -28.01 14.34 11.70
N GLN F 568 -28.15 13.34 10.83
CA GLN F 568 -29.39 13.19 10.08
C GLN F 568 -30.56 12.96 11.02
N ALA F 569 -30.38 12.12 12.04
CA ALA F 569 -31.39 11.96 13.08
C ALA F 569 -31.35 13.17 14.00
N ALA F 570 -32.42 13.98 13.97
CA ALA F 570 -32.37 15.28 14.59
C ALA F 570 -32.19 15.16 16.10
N PRO F 571 -33.15 14.60 16.86
CA PRO F 571 -32.90 14.38 18.29
C PRO F 571 -32.12 13.10 18.50
N CYS F 572 -30.84 13.25 18.86
CA CYS F 572 -29.95 12.11 19.00
C CYS F 572 -29.21 12.19 20.33
N VAL F 573 -28.85 11.01 20.84
CA VAL F 573 -28.17 10.86 22.12
C VAL F 573 -26.87 10.10 21.92
N LEU F 574 -26.17 10.40 20.81
CA LEU F 574 -24.99 9.67 20.37
C LEU F 574 -24.14 9.20 21.55
N PHE F 575 -23.92 7.89 21.62
CA PHE F 575 -23.37 7.23 22.80
C PHE F 575 -22.12 6.45 22.40
N PHE F 576 -20.98 6.82 22.97
CA PHE F 576 -19.72 6.14 22.73
C PHE F 576 -19.43 5.26 23.95
N ASP F 577 -19.76 3.98 23.82
CA ASP F 577 -19.51 3.02 24.88
C ASP F 577 -18.05 2.59 24.83
N GLU F 578 -17.48 2.34 26.01
CA GLU F 578 -16.09 1.92 26.12
C GLU F 578 -15.17 2.91 25.40
N LEU F 579 -15.42 4.20 25.63
CA LEU F 579 -14.62 5.22 24.98
C LEU F 579 -13.16 5.07 25.37
N ASP F 580 -12.28 5.36 24.40
CA ASP F 580 -10.84 5.15 24.56
C ASP F 580 -10.52 3.69 24.89
N SER F 581 -11.37 2.78 24.42
CA SER F 581 -10.97 1.38 24.38
C SER F 581 -9.76 1.19 23.48
N ILE F 582 -9.53 2.12 22.54
CA ILE F 582 -8.32 2.08 21.75
C ILE F 582 -7.09 2.25 22.65
N ALA F 583 -7.19 3.15 23.63
CA ALA F 583 -6.10 3.30 24.59
C ALA F 583 -5.88 2.01 25.36
N LYS F 584 -6.96 1.33 25.75
CA LYS F 584 -6.82 0.05 26.43
C LYS F 584 -6.18 -0.99 25.52
N ALA F 585 -6.42 -0.90 24.22
CA ALA F 585 -5.85 -1.88 23.29
C ALA F 585 -4.35 -1.66 23.10
N ARG F 586 -3.91 -0.40 23.08
CA ARG F 586 -2.51 -0.09 22.82
C ARG F 586 -1.73 0.04 24.14
N GLY F 587 -1.72 -1.07 24.89
CA GLY F 587 -0.94 -1.16 26.10
C GLY F 587 -1.62 -0.66 27.35
N GLY F 588 -2.81 -0.08 27.24
CA GLY F 588 -3.53 0.36 28.42
C GLY F 588 -2.75 1.41 29.20
N ASN F 589 -2.73 1.25 30.52
CA ASN F 589 -2.10 2.26 31.38
C ASN F 589 -0.63 2.43 31.08
N ILE F 590 0.05 1.36 30.65
CA ILE F 590 1.47 1.46 30.33
C ILE F 590 1.67 2.45 29.19
N GLY F 591 0.82 2.39 28.18
CA GLY F 591 0.98 3.27 27.03
C GLY F 591 2.24 3.02 26.26
N ASP F 592 2.63 1.75 26.09
CA ASP F 592 3.85 1.45 25.36
C ASP F 592 3.76 1.91 23.91
N GLY F 593 2.55 1.93 23.34
CA GLY F 593 2.40 2.40 21.97
C GLY F 593 2.80 3.86 21.82
N GLY F 594 2.43 4.70 22.78
CA GLY F 594 2.75 6.11 22.70
C GLY F 594 1.97 6.93 23.71
N GLY F 595 1.66 8.16 23.32
CA GLY F 595 0.95 9.08 24.17
C GLY F 595 -0.53 8.79 24.26
N ALA F 596 -1.22 9.60 25.05
CA ALA F 596 -2.65 9.39 25.27
C ALA F 596 -3.43 9.51 23.97
N ALA F 597 -3.11 10.52 23.16
CA ALA F 597 -3.81 10.72 21.90
C ALA F 597 -3.56 9.55 20.96
N ASP F 598 -4.57 9.20 20.17
CA ASP F 598 -4.49 8.07 19.26
C ASP F 598 -5.22 8.37 17.96
N ARG F 599 -5.49 7.35 17.16
CA ARG F 599 -5.91 7.56 15.78
C ARG F 599 -7.38 7.94 15.66
N VAL F 600 -8.28 7.05 16.09
CA VAL F 600 -9.70 7.25 15.83
C VAL F 600 -10.28 8.32 16.75
N ILE F 601 -9.80 8.40 17.99
CA ILE F 601 -10.32 9.41 18.91
C ILE F 601 -10.02 10.80 18.38
N ASN F 602 -8.96 10.95 17.58
CA ASN F 602 -8.69 12.24 16.95
C ASN F 602 -9.82 12.63 15.99
N GLN F 603 -10.24 11.69 15.14
CA GLN F 603 -11.35 11.97 14.25
C GLN F 603 -12.62 12.25 15.03
N ILE F 604 -12.83 11.50 16.12
CA ILE F 604 -14.00 11.75 16.96
C ILE F 604 -13.95 13.16 17.53
N LEU F 605 -12.78 13.59 17.99
CA LEU F 605 -12.64 14.95 18.51
C LEU F 605 -12.95 15.99 17.44
N THR F 606 -12.42 15.79 16.23
CA THR F 606 -12.70 16.74 15.16
C THR F 606 -14.19 16.82 14.86
N GLU F 607 -14.85 15.66 14.76
CA GLU F 607 -16.27 15.66 14.47
C GLU F 607 -17.07 16.32 15.58
N MET F 608 -16.72 16.04 16.84
CA MET F 608 -17.43 16.66 17.95
C MET F 608 -17.24 18.17 17.95
N ASP F 609 -16.02 18.63 17.65
CA ASP F 609 -15.80 20.07 17.50
C ASP F 609 -16.69 20.63 16.41
N GLY F 610 -16.84 19.91 15.30
CA GLY F 610 -17.76 20.35 14.26
C GLY F 610 -19.21 20.13 14.64
N MET F 611 -19.47 19.28 15.64
CA MET F 611 -20.81 18.94 16.06
C MET F 611 -21.20 19.65 17.36
N SER F 612 -20.64 20.82 17.61
CA SER F 612 -21.06 21.66 18.73
C SER F 612 -22.13 22.67 18.34
N THR F 613 -22.52 22.71 17.07
CA THR F 613 -23.49 23.67 16.57
C THR F 613 -24.86 23.08 16.32
N LYS F 614 -24.95 21.77 16.10
CA LYS F 614 -26.25 21.15 15.82
C LYS F 614 -27.21 21.36 16.98
N LYS F 615 -26.69 21.42 18.21
CA LYS F 615 -27.48 21.64 19.42
C LYS F 615 -28.74 20.79 19.47
N ASN F 616 -28.69 19.61 18.83
CA ASN F 616 -29.79 18.66 18.92
C ASN F 616 -29.27 17.23 19.04
N VAL F 617 -27.97 17.03 19.19
CA VAL F 617 -27.37 15.70 19.33
C VAL F 617 -26.54 15.74 20.60
N PHE F 618 -27.07 15.15 21.67
CA PHE F 618 -26.39 15.14 22.96
C PHE F 618 -25.43 13.96 23.00
N ILE F 619 -24.13 14.25 23.02
CA ILE F 619 -23.11 13.22 22.94
C ILE F 619 -22.80 12.73 24.34
N ILE F 620 -22.79 11.41 24.51
CA ILE F 620 -22.51 10.77 25.79
C ILE F 620 -21.33 9.83 25.58
N GLY F 621 -20.45 9.75 26.58
CA GLY F 621 -19.33 8.83 26.57
C GLY F 621 -19.33 8.00 27.84
N ALA F 622 -18.93 6.74 27.72
CA ALA F 622 -18.99 5.80 28.84
C ALA F 622 -17.67 5.07 29.01
N THR F 623 -16.57 5.84 29.08
CA THR F 623 -15.28 5.25 29.35
C THR F 623 -15.30 4.50 30.68
N ASN F 624 -14.73 3.30 30.70
CA ASN F 624 -14.61 2.52 31.91
C ASN F 624 -13.26 2.70 32.60
N ARG F 625 -12.28 3.29 31.91
CA ARG F 625 -10.94 3.51 32.46
C ARG F 625 -10.60 4.98 32.24
N PRO F 626 -11.11 5.87 33.09
CA PRO F 626 -10.90 7.31 32.87
C PRO F 626 -9.43 7.73 32.92
N ASP F 627 -8.58 6.97 33.61
CA ASP F 627 -7.18 7.38 33.72
C ASP F 627 -6.45 7.33 32.39
N ILE F 628 -6.92 6.52 31.43
CA ILE F 628 -6.33 6.46 30.10
C ILE F 628 -7.10 7.31 29.10
N ILE F 629 -8.13 8.02 29.52
CA ILE F 629 -8.85 8.91 28.62
C ILE F 629 -7.90 10.00 28.14
N ASP F 630 -7.91 10.27 26.85
CA ASP F 630 -7.06 11.33 26.33
C ASP F 630 -7.59 12.68 26.82
N PRO F 631 -6.77 13.51 27.47
CA PRO F 631 -7.32 14.77 28.02
C PRO F 631 -7.85 15.71 26.95
N ALA F 632 -7.50 15.50 25.68
CA ALA F 632 -8.00 16.37 24.62
C ALA F 632 -9.52 16.36 24.54
N ILE F 633 -10.18 15.32 25.05
CA ILE F 633 -11.63 15.24 24.99
C ILE F 633 -12.31 15.84 26.23
N LEU F 634 -11.54 16.20 27.25
CA LEU F 634 -12.08 16.89 28.42
C LEU F 634 -11.85 18.40 28.30
N ARG F 635 -12.51 18.98 27.30
CA ARG F 635 -12.36 20.39 26.96
C ARG F 635 -13.73 20.94 26.62
N PRO F 636 -13.96 22.24 26.85
CA PRO F 636 -15.24 22.83 26.44
C PRO F 636 -15.49 22.63 24.96
N GLY F 637 -16.76 22.45 24.62
CA GLY F 637 -17.14 22.05 23.28
C GLY F 637 -17.06 20.55 23.03
N ARG F 638 -16.67 19.78 24.03
CA ARG F 638 -16.55 18.32 23.88
C ARG F 638 -17.13 17.69 25.14
N LEU F 639 -16.89 16.39 25.34
CA LEU F 639 -17.35 15.69 26.53
C LEU F 639 -16.59 16.29 27.71
N ASP F 640 -17.19 17.30 28.33
CA ASP F 640 -16.59 18.02 29.44
C ASP F 640 -17.21 17.71 30.79
N GLN F 641 -18.54 17.59 30.84
CA GLN F 641 -19.22 17.28 32.09
C GLN F 641 -18.93 15.84 32.47
N LEU F 642 -18.42 15.64 33.68
CA LEU F 642 -18.04 14.33 34.19
C LEU F 642 -19.00 13.93 35.28
N ILE F 643 -19.62 12.75 35.13
CA ILE F 643 -20.55 12.20 36.11
C ILE F 643 -20.01 10.84 36.54
N TYR F 644 -19.62 10.73 37.81
CA TYR F 644 -19.07 9.49 38.34
C TYR F 644 -20.21 8.63 38.86
N ILE F 645 -20.77 7.83 37.97
CA ILE F 645 -21.81 6.90 38.40
C ILE F 645 -21.12 5.84 39.25
N PRO F 646 -21.46 5.70 40.54
CA PRO F 646 -20.70 4.79 41.40
C PRO F 646 -21.27 3.38 41.45
N LEU F 647 -20.63 2.51 42.20
CA LEU F 647 -21.19 1.18 42.45
C LEU F 647 -22.50 1.35 43.20
N PRO F 648 -23.47 0.47 43.03
CA PRO F 648 -24.74 0.63 43.74
C PRO F 648 -24.54 0.60 45.25
N ASP F 649 -25.34 1.39 45.95
CA ASP F 649 -25.33 1.45 47.40
C ASP F 649 -26.32 0.43 47.97
N GLU F 650 -26.33 0.31 49.30
CA GLU F 650 -27.24 -0.63 49.94
C GLU F 650 -28.68 -0.33 49.57
N LYS F 651 -29.08 0.93 49.66
CA LYS F 651 -30.44 1.32 49.30
C LYS F 651 -30.71 1.13 47.82
N SER F 652 -29.66 1.05 46.99
CA SER F 652 -29.84 0.94 45.55
C SER F 652 -29.94 -0.49 45.07
N ARG F 653 -29.19 -1.42 45.68
CA ARG F 653 -29.16 -2.79 45.17
C ARG F 653 -30.52 -3.44 45.26
N VAL F 654 -31.34 -3.08 46.25
CA VAL F 654 -32.69 -3.62 46.32
C VAL F 654 -33.48 -3.20 45.09
N ALA F 655 -33.36 -1.94 44.70
CA ALA F 655 -34.02 -1.48 43.47
C ALA F 655 -33.45 -2.18 42.25
N ILE F 656 -32.14 -2.41 42.24
CA ILE F 656 -31.51 -3.11 41.12
C ILE F 656 -32.15 -4.49 40.95
N LEU F 657 -32.24 -5.22 42.05
CA LEU F 657 -32.80 -6.57 42.00
C LEU F 657 -34.28 -6.54 41.67
N LYS F 658 -35.01 -5.56 42.18
CA LYS F 658 -36.43 -5.45 41.83
C LYS F 658 -36.60 -5.21 40.34
N ALA F 659 -35.76 -4.35 39.76
CA ALA F 659 -35.84 -4.10 38.33
C ALA F 659 -35.46 -5.33 37.51
N ASN F 660 -34.38 -6.01 37.90
CA ASN F 660 -33.94 -7.17 37.12
C ASN F 660 -34.93 -8.32 37.22
N LEU F 661 -35.42 -8.61 38.43
CA LEU F 661 -36.39 -9.68 38.61
C LEU F 661 -37.74 -9.35 38.01
N ARG F 662 -37.98 -8.09 37.61
CA ARG F 662 -39.21 -7.74 36.94
C ARG F 662 -39.38 -8.59 35.69
N LYS F 663 -40.63 -8.70 35.23
CA LYS F 663 -41.02 -9.48 34.06
C LYS F 663 -40.72 -10.97 34.22
N SER F 664 -40.36 -11.40 35.43
CA SER F 664 -40.07 -12.81 35.71
C SER F 664 -40.78 -13.16 37.01
N PRO F 665 -41.50 -14.28 37.07
CA PRO F 665 -42.16 -14.66 38.33
C PRO F 665 -41.14 -14.82 39.45
N VAL F 666 -41.52 -14.36 40.64
CA VAL F 666 -40.68 -14.47 41.83
C VAL F 666 -41.55 -14.83 43.02
N ALA F 667 -41.07 -15.73 43.85
CA ALA F 667 -41.79 -16.12 45.05
C ALA F 667 -41.63 -15.05 46.13
N LYS F 668 -42.52 -15.10 47.12
CA LYS F 668 -42.52 -14.14 48.21
C LYS F 668 -41.48 -14.48 49.28
N ASP F 669 -40.94 -15.69 49.27
CA ASP F 669 -40.00 -16.10 50.31
C ASP F 669 -38.68 -15.34 50.21
N VAL F 670 -38.23 -15.03 49.01
CA VAL F 670 -36.93 -14.39 48.84
C VAL F 670 -36.95 -13.01 49.47
N ASP F 671 -35.92 -12.71 50.26
CA ASP F 671 -35.76 -11.42 50.92
C ASP F 671 -34.59 -10.71 50.26
N LEU F 672 -34.89 -9.66 49.49
CA LEU F 672 -33.86 -8.98 48.69
C LEU F 672 -32.95 -8.10 49.54
N GLU F 673 -33.44 -7.59 50.68
CA GLU F 673 -32.59 -6.71 51.49
C GLU F 673 -31.39 -7.46 52.04
N PHE F 674 -31.60 -8.66 52.55
CA PHE F 674 -30.47 -9.43 53.09
C PHE F 674 -29.49 -9.79 51.98
N LEU F 675 -30.00 -10.12 50.80
CA LEU F 675 -29.11 -10.41 49.68
C LEU F 675 -28.31 -9.18 49.27
N ALA F 676 -28.94 -8.01 49.28
CA ALA F 676 -28.22 -6.78 48.96
C ALA F 676 -27.12 -6.51 49.97
N LYS F 677 -27.42 -6.70 51.26
CA LYS F 677 -26.40 -6.52 52.28
C LYS F 677 -25.28 -7.53 52.10
N MET F 678 -25.61 -8.78 51.75
CA MET F 678 -24.61 -9.80 51.53
C MET F 678 -23.67 -9.43 50.39
N THR F 679 -24.21 -8.87 49.31
CA THR F 679 -23.42 -8.44 48.16
C THR F 679 -23.10 -6.96 48.36
N ASN F 680 -21.97 -6.69 48.99
CA ASN F 680 -21.62 -5.31 49.36
C ASN F 680 -21.02 -4.56 48.18
N GLY F 681 -19.87 -5.00 47.70
CA GLY F 681 -19.17 -4.29 46.65
C GLY F 681 -19.51 -4.76 45.25
N PHE F 682 -20.55 -5.59 45.14
CA PHE F 682 -20.91 -6.16 43.84
C PHE F 682 -21.39 -5.07 42.90
N SER F 683 -20.96 -5.16 41.65
CA SER F 683 -21.38 -4.21 40.63
C SER F 683 -22.71 -4.64 40.02
N GLY F 684 -23.34 -3.72 39.30
CA GLY F 684 -24.61 -4.02 38.67
C GLY F 684 -24.53 -5.21 37.74
N ALA F 685 -23.42 -5.32 37.00
CA ALA F 685 -23.21 -6.50 36.18
C ALA F 685 -23.20 -7.75 37.03
N ASP F 686 -22.57 -7.70 38.20
CA ASP F 686 -22.54 -8.86 39.08
C ASP F 686 -23.93 -9.15 39.65
N LEU F 687 -24.71 -8.11 39.95
CA LEU F 687 -26.07 -8.35 40.45
C LEU F 687 -26.94 -9.02 39.40
N THR F 688 -26.91 -8.52 38.17
CA THR F 688 -27.67 -9.19 37.13
C THR F 688 -27.13 -10.58 36.84
N GLU F 689 -25.82 -10.79 37.01
CA GLU F 689 -25.28 -12.13 36.86
C GLU F 689 -25.83 -13.06 37.93
N ILE F 690 -25.95 -12.58 39.16
CA ILE F 690 -26.55 -13.37 40.22
C ILE F 690 -27.99 -13.71 39.87
N CYS F 691 -28.74 -12.72 39.38
CA CYS F 691 -30.13 -12.98 39.01
C CYS F 691 -30.23 -14.03 37.91
N GLN F 692 -29.40 -13.90 36.87
CA GLN F 692 -29.44 -14.85 35.77
C GLN F 692 -29.03 -16.24 36.23
N ARG F 693 -28.02 -16.33 37.09
CA ARG F 693 -27.59 -17.63 37.60
C ARG F 693 -28.69 -18.28 38.43
N ALA F 694 -29.36 -17.51 39.29
CA ALA F 694 -30.46 -18.06 40.07
C ALA F 694 -31.58 -18.54 39.17
N CYS F 695 -31.92 -17.74 38.14
CA CYS F 695 -32.96 -18.14 37.22
C CYS F 695 -32.55 -19.41 36.45
N LYS F 696 -31.27 -19.52 36.09
CA LYS F 696 -30.79 -20.70 35.41
C LYS F 696 -30.92 -21.93 36.30
N LEU F 697 -30.56 -21.80 37.57
CA LEU F 697 -30.70 -22.92 38.50
C LEU F 697 -32.17 -23.31 38.65
N ALA F 698 -33.05 -22.32 38.77
CA ALA F 698 -34.47 -22.61 38.95
C ALA F 698 -35.05 -23.29 37.73
N ILE F 699 -34.69 -22.82 36.53
CA ILE F 699 -35.23 -23.43 35.32
C ILE F 699 -34.63 -24.81 35.10
N ARG F 700 -33.38 -25.02 35.50
CA ARG F 700 -32.82 -26.37 35.45
C ARG F 700 -33.60 -27.31 36.36
N GLU F 701 -33.91 -26.86 37.57
CA GLU F 701 -34.72 -27.66 38.47
C GLU F 701 -36.09 -27.95 37.87
N SER F 702 -36.71 -26.93 37.27
CA SER F 702 -38.03 -27.13 36.67
C SER F 702 -37.97 -28.12 35.52
N ILE F 703 -36.95 -28.03 34.68
CA ILE F 703 -36.82 -28.95 33.55
C ILE F 703 -36.61 -30.37 34.06
N GLU F 704 -35.77 -30.54 35.07
CA GLU F 704 -35.57 -31.88 35.62
C GLU F 704 -36.86 -32.42 36.20
N SER F 705 -37.61 -31.58 36.92
CA SER F 705 -38.87 -32.01 37.49
C SER F 705 -39.84 -32.44 36.41
N GLU F 706 -39.96 -31.65 35.34
CA GLU F 706 -40.87 -31.99 34.26
C GLU F 706 -40.43 -33.28 33.55
N ILE F 707 -39.12 -33.45 33.35
CA ILE F 707 -38.64 -34.65 32.68
C ILE F 707 -38.99 -35.89 33.52
N ARG F 708 -38.73 -35.83 34.82
CA ARG F 708 -39.02 -37.00 35.65
C ARG F 708 -40.53 -37.23 35.75
N ARG F 709 -41.33 -36.16 35.76
CA ARG F 709 -42.78 -36.31 35.79
C ARG F 709 -43.28 -36.98 34.53
N GLU F 710 -42.78 -36.56 33.36
CA GLU F 710 -43.18 -37.18 32.11
C GLU F 710 -42.75 -38.64 32.05
N ARG F 711 -41.53 -38.92 32.51
CA ARG F 711 -41.06 -40.30 32.54
C ARG F 711 -41.93 -41.16 33.44
N GLU F 712 -42.30 -40.64 34.61
CA GLU F 712 -43.17 -41.38 35.51
C GLU F 712 -44.54 -41.61 34.89
N ARG F 713 -45.10 -40.60 34.23
CA ARG F 713 -46.41 -40.74 33.62
C ARG F 713 -46.39 -41.77 32.50
N GLN F 714 -45.36 -41.75 31.67
CA GLN F 714 -45.29 -42.68 30.54
C GLN F 714 -44.98 -44.11 30.97
N THR F 715 -44.37 -44.29 32.13
CA THR F 715 -43.97 -45.61 32.61
C THR F 715 -45.15 -46.32 33.26
N ASN F 716 -44.87 -47.41 33.98
CA ASN F 716 -45.85 -48.27 34.64
C ASN F 716 -46.99 -47.52 35.33
N PRO F 717 -46.73 -46.40 36.03
CA PRO F 717 -47.85 -45.69 36.68
C PRO F 717 -48.98 -45.31 35.73
N SER F 718 -48.66 -44.97 34.49
CA SER F 718 -49.70 -44.63 33.52
C SER F 718 -49.18 -44.78 32.10
N ASP F 726 -47.21 -30.08 42.15
CA ASP F 726 -46.84 -28.86 41.46
C ASP F 726 -45.41 -28.97 40.93
N PRO F 727 -45.11 -28.30 39.82
CA PRO F 727 -43.74 -28.31 39.29
C PRO F 727 -42.83 -27.23 39.85
N VAL F 728 -43.24 -26.53 40.90
CA VAL F 728 -42.48 -25.41 41.46
C VAL F 728 -42.28 -24.37 40.38
N PRO F 729 -43.34 -23.67 39.92
CA PRO F 729 -43.21 -22.64 38.89
C PRO F 729 -42.82 -21.28 39.44
N GLU F 730 -41.84 -21.27 40.34
CA GLU F 730 -41.38 -20.06 40.99
C GLU F 730 -39.93 -20.25 41.39
N ILE F 731 -39.26 -19.14 41.67
CA ILE F 731 -37.88 -19.15 42.14
C ILE F 731 -37.88 -18.87 43.64
N ARG F 732 -37.22 -19.75 44.40
CA ARG F 732 -37.19 -19.67 45.85
C ARG F 732 -35.75 -19.48 46.32
N ARG F 733 -35.60 -19.22 47.62
CA ARG F 733 -34.32 -18.72 48.14
C ARG F 733 -33.19 -19.73 48.00
N ASP F 734 -33.50 -21.03 47.91
CA ASP F 734 -32.44 -22.01 47.75
C ASP F 734 -31.68 -21.79 46.45
N HIS F 735 -32.40 -21.51 45.36
CA HIS F 735 -31.74 -21.20 44.11
C HIS F 735 -30.91 -19.94 44.23
N PHE F 736 -31.42 -18.92 44.92
CA PHE F 736 -30.69 -17.67 45.05
C PHE F 736 -29.38 -17.87 45.80
N GLU F 737 -29.41 -18.61 46.91
CA GLU F 737 -28.18 -18.84 47.66
C GLU F 737 -27.23 -19.74 46.89
N GLU F 738 -27.76 -20.72 46.15
CA GLU F 738 -26.89 -21.55 45.33
C GLU F 738 -26.18 -20.71 44.28
N ALA F 739 -26.90 -19.79 43.65
CA ALA F 739 -26.27 -18.89 42.69
C ALA F 739 -25.25 -17.99 43.37
N MET F 740 -25.57 -17.49 44.56
CA MET F 740 -24.65 -16.60 45.27
C MET F 740 -23.35 -17.32 45.60
N ARG F 741 -23.42 -18.62 45.88
CA ARG F 741 -22.20 -19.38 46.14
C ARG F 741 -21.21 -19.23 44.98
N PHE F 742 -21.72 -19.19 43.75
CA PHE F 742 -20.84 -19.14 42.58
C PHE F 742 -20.44 -17.71 42.26
N ALA F 743 -21.42 -16.83 42.05
CA ALA F 743 -21.12 -15.47 41.60
C ALA F 743 -20.33 -14.71 42.65
N ARG F 744 -19.38 -13.90 42.19
CA ARG F 744 -18.56 -13.06 43.05
C ARG F 744 -18.32 -11.73 42.37
N ARG F 745 -18.00 -10.72 43.18
CA ARG F 745 -17.76 -9.39 42.67
C ARG F 745 -16.60 -9.39 41.68
N SER F 746 -16.80 -8.74 40.53
CA SER F 746 -15.80 -8.73 39.47
C SER F 746 -14.88 -7.53 39.52
N VAL F 747 -15.27 -6.46 40.20
CA VAL F 747 -14.46 -5.25 40.32
C VAL F 747 -13.83 -5.24 41.71
N SER F 748 -12.51 -5.13 41.75
CA SER F 748 -11.78 -5.19 43.01
C SER F 748 -11.83 -3.84 43.73
N ASP F 749 -11.50 -3.87 45.02
CA ASP F 749 -11.43 -2.63 45.78
C ASP F 749 -10.38 -1.67 45.21
N ASN F 750 -9.34 -2.22 44.58
CA ASN F 750 -8.32 -1.37 44.00
C ASN F 750 -8.91 -0.49 42.89
N ASP F 751 -9.79 -1.05 42.06
CA ASP F 751 -10.35 -0.30 40.96
C ASP F 751 -11.23 0.85 41.45
N ILE F 752 -12.09 0.58 42.43
CA ILE F 752 -12.95 1.64 42.95
C ILE F 752 -12.10 2.69 43.68
N ARG F 753 -11.04 2.26 44.36
CA ARG F 753 -10.13 3.23 44.97
C ARG F 753 -9.49 4.11 43.90
N LYS F 754 -9.11 3.51 42.76
CA LYS F 754 -8.52 4.28 41.69
C LYS F 754 -9.52 5.30 41.13
N TYR F 755 -10.76 4.89 40.93
CA TYR F 755 -11.77 5.82 40.44
C TYR F 755 -12.02 6.94 41.44
N GLU F 756 -12.04 6.60 42.73
CA GLU F 756 -12.20 7.62 43.76
C GLU F 756 -11.03 8.60 43.74
N MET F 757 -9.81 8.09 43.54
CA MET F 757 -8.65 8.96 43.43
C MET F 757 -8.78 9.90 42.23
N PHE F 758 -9.27 9.37 41.11
CA PHE F 758 -9.52 10.21 39.95
C PHE F 758 -10.52 11.31 40.27
N ALA F 759 -11.59 10.94 40.99
CA ALA F 759 -12.58 11.93 41.39
C ALA F 759 -11.95 12.99 42.29
N GLN F 760 -11.11 12.58 43.23
CA GLN F 760 -10.44 13.54 44.11
C GLN F 760 -9.54 14.47 43.31
N THR F 761 -8.87 13.93 42.29
CA THR F 761 -8.12 14.81 41.38
C THR F 761 -9.05 15.82 40.73
N LEU F 762 -10.26 15.40 40.37
CA LEU F 762 -11.27 16.33 39.87
C LEU F 762 -11.99 17.03 41.01
N GLN F 763 -12.83 16.30 41.74
CA GLN F 763 -13.46 16.82 42.93
C GLN F 763 -12.52 16.67 44.12
PB ADP G . -21.61 -27.94 -11.58
O1B ADP G . -22.47 -27.01 -12.39
O2B ADP G . -20.67 -27.24 -10.62
O3B ADP G . -22.33 -29.12 -11.00
PA ADP G . -21.25 -29.50 -13.85
O1A ADP G . -20.60 -29.10 -15.15
O2A ADP G . -22.76 -29.43 -13.72
O3A ADP G . -20.63 -28.59 -12.68
O5' ADP G . -20.77 -30.99 -13.49
C5' ADP G . -20.88 -31.51 -12.16
C4' ADP G . -20.53 -33.00 -12.18
O4' ADP G . -20.42 -33.48 -10.84
C3' ADP G . -21.62 -33.81 -12.87
O3' ADP G . -21.06 -34.60 -13.91
C2' ADP G . -22.24 -34.67 -11.80
O2' ADP G . -22.34 -36.03 -12.22
C1' ADP G . -21.33 -34.55 -10.59
N9 ADP G . -22.12 -34.23 -9.38
C8 ADP G . -21.92 -33.15 -8.60
N7 ADP G . -22.80 -33.13 -7.57
C5 ADP G . -23.59 -34.21 -7.69
C6 ADP G . -24.71 -34.79 -6.94
N6 ADP G . -25.19 -34.17 -5.82
N1 ADP G . -25.25 -35.94 -7.39
C2 ADP G . -24.78 -36.55 -8.49
N3 ADP G . -23.76 -36.08 -9.22
C4 ADP G . -23.13 -34.93 -8.88
PB ADP H . -7.74 -29.48 22.20
O1B ADP H . -8.53 -29.09 20.98
O2B ADP H . -6.45 -28.73 22.39
O3B ADP H . -8.57 -29.63 23.45
PA ADP H . -8.40 -32.10 21.64
O1A ADP H . -9.19 -31.68 20.43
O2A ADP H . -9.10 -32.36 22.95
O3A ADP H . -7.28 -30.99 21.89
O5' ADP H . -7.54 -33.41 21.24
C5' ADP H . -8.13 -34.40 20.42
C4' ADP H . -7.46 -35.74 20.63
O4' ADP H . -7.31 -35.99 22.03
C3' ADP H . -8.30 -36.86 20.04
O3' ADP H . -7.50 -37.73 19.24
C2' ADP H . -8.88 -37.58 21.25
O2' ADP H . -8.83 -39.01 21.08
C1' ADP H . -8.03 -37.15 22.44
N9 ADP H . -8.89 -36.78 23.58
C8 ADP H . -8.76 -35.67 24.32
N7 ADP H . -9.69 -35.62 25.30
C5 ADP H . -10.44 -36.73 25.20
C6 ADP H . -11.59 -37.31 25.92
N6 ADP H . -12.14 -36.67 26.98
N1 ADP H . -12.06 -38.50 25.49
C2 ADP H . -11.53 -39.14 24.44
N3 ADP H . -10.48 -38.67 23.75
C4 ADP H . -9.91 -37.50 24.08
C10 XNU I . -34.01 -17.12 23.16
C13 XNU I . -33.92 -19.23 22.01
C15 XNU I . -33.59 -21.45 21.30
C21 XNU I . -28.93 -24.75 17.97
C22 XNU I . -29.75 -26.23 17.95
C24 XNU I . -27.61 -27.19 18.80
C26 XNU I . -27.52 -24.85 17.74
C28 XNU I . -30.49 -21.88 21.68
C01 XNU I . -37.01 -10.82 25.07
C02 XNU I . -36.93 -10.93 26.58
C03 XNU I . -37.05 -12.38 27.06
C06 XNU I . -36.99 -14.84 26.58
C07 XNU I . -36.36 -15.80 25.57
C08 XNU I . -35.84 -16.56 24.80
C09 XNU I . -35.17 -17.52 23.81
C11 XNU I . -33.39 -17.97 22.26
C16 XNU I . -32.65 -22.36 20.49
C19 XNU I . -30.89 -23.41 19.78
C23 XNU I . -28.94 -27.31 17.83
C25 XNU I . -26.76 -26.09 18.38
C29 XNU I . -29.74 -22.65 22.55
C31 XNU I . -28.90 -20.76 23.57
C32 XNU I . -29.62 -19.93 22.72
C33 XNU I . -30.43 -20.50 21.76
C34 XNU I . -35.07 -19.63 22.68
C35 XNU I . -35.69 -18.78 23.56
F12 XNU I . -32.26 -17.55 21.63
F36 XNU I . -36.83 -19.18 24.22
N05 XNU I . -36.88 -13.47 26.11
N17 XNU I . -33.01 -23.13 19.49
N18 XNU I . -31.92 -23.78 19.04
N27 XNU I . -31.32 -22.53 20.68
N30 XNU I . -28.98 -22.07 23.46
O04 XNU I . -37.27 -12.60 28.20
O14 XNU I . -33.28 -20.10 21.11
S20 XNU I . -29.17 -23.99 19.59
PB ADP J . 7.46 -25.72 -25.84
O1B ADP J . 6.10 -25.51 -26.46
O2B ADP J . 7.61 -25.13 -24.46
O3B ADP J . 8.01 -27.10 -25.99
PA ADP J . 8.63 -25.20 -28.30
O1A ADP J . 8.53 -23.94 -29.11
O2A ADP J . 7.68 -26.35 -28.60
O3A ADP J . 8.42 -24.81 -26.75
O5' ADP J . 10.14 -25.75 -28.39
C5' ADP J . 10.66 -26.66 -27.42
C4' ADP J . 12.04 -27.14 -27.87
O4' ADP J . 12.68 -27.84 -26.81
C3' ADP J . 11.93 -28.08 -29.06
O3' ADP J . 12.75 -27.62 -30.14
C2' ADP J . 12.40 -29.42 -28.56
O2' ADP J . 13.37 -30.00 -29.45
C1' ADP J . 13.03 -29.17 -27.20
N9 ADP J . 12.46 -30.12 -26.20
C8 ADP J . 11.84 -29.75 -25.06
N7 ADP J . 11.44 -30.83 -24.37
C5 ADP J . 11.82 -31.91 -25.06
C6 ADP J . 11.70 -33.38 -24.87
N6 ADP J . 11.09 -33.89 -23.77
N1 ADP J . 12.22 -34.17 -25.82
C2 ADP J . 12.84 -33.66 -26.91
N3 ADP J . 12.97 -32.35 -27.13
C4 ADP J . 12.49 -31.45 -26.26
PB ADP K . 21.83 -29.88 7.57
O1B ADP K . 20.84 -29.67 6.44
O2B ADP K . 22.07 -28.67 8.42
O3B ADP K . 21.65 -31.18 8.33
PA ADP K . 23.38 -31.41 5.88
O1A ADP K . 22.41 -31.28 4.74
O2A ADP K . 23.34 -32.62 6.78
O3A ADP K . 23.23 -30.12 6.82
O5' ADP K . 24.87 -31.26 5.29
C5' ADP K . 25.19 -31.89 4.06
C4' ADP K . 26.68 -32.17 3.97
O4' ADP K . 27.13 -32.75 5.19
C3' ADP K . 26.98 -33.15 2.84
O3' ADP K . 28.04 -32.67 2.03
C2' ADP K . 27.35 -34.44 3.55
O2' ADP K . 28.48 -35.07 2.93
C1' ADP K . 27.67 -34.06 4.98
N9 ADP K . 27.02 -34.99 5.93
C8 ADP K . 26.30 -34.63 7.01
N7 ADP K . 25.86 -35.73 7.67
C5 ADP K . 26.28 -36.81 7.01
C6 ADP K . 26.14 -38.27 7.16
N6 ADP K . 25.45 -38.81 8.19
N1 ADP K . 26.75 -39.05 6.24
C2 ADP K . 27.44 -38.54 5.21
N3 ADP K . 27.59 -37.22 5.02
C4 ADP K . 27.05 -36.33 5.87
C10 XNU L . -3.58 -44.01 6.10
C13 XNU L . -2.01 -44.52 4.35
C15 XNU L . -0.17 -45.10 3.00
C21 XNU L . 4.75 -41.83 0.02
C22 XNU L . 5.40 -43.20 -0.75
C24 XNU L . 7.56 -42.46 0.26
C26 XNU L . 5.65 -40.73 0.13
C28 XNU L . 2.08 -43.11 3.97
C01 XNU L . -10.07 -43.94 9.27
C02 XNU L . -9.74 -44.58 10.62
C03 XNU L . -8.59 -45.58 10.50
C06 XNU L . -6.67 -46.55 9.22
C07 XNU L . -5.67 -46.13 8.13
C08 XNU L . -4.88 -45.81 7.30
C09 XNU L . -3.86 -45.36 6.25
C11 XNU L . -2.66 -43.59 5.15
C16 XNU L . 0.99 -44.50 2.19
C19 XNU L . 2.78 -43.40 1.61
C23 XNU L . 6.72 -43.10 -1.01
C25 XNU L . 7.17 -41.07 0.48
C29 XNU L . 3.25 -43.28 4.69
C31 XNU L . 2.41 -42.11 6.46
C32 XNU L . 1.21 -41.90 5.82
C33 XNU L . 1.04 -42.40 4.54
C34 XNU L . -2.30 -45.87 4.49
C35 XNU L . -3.23 -46.30 5.44
F12 XNU L . -2.40 -42.26 5.03
F36 XNU L . -3.49 -47.62 5.59
N05 XNU L . -7.75 -45.59 9.32
N17 XNU L . 1.25 -44.75 0.92
N18 XNU L . 2.35 -44.06 0.57
N27 XNU L . 1.95 -43.65 2.64
N30 XNU L . 3.38 -42.78 5.89
O04 XNU L . -8.39 -46.34 11.38
O14 XNU L . -1.08 -44.10 3.38
S20 XNU L . 4.23 -42.30 1.68
PB ADP M . 21.12 3.48 -30.40
O1B ADP M . 20.08 2.78 -31.25
O2B ADP M . 20.90 3.35 -28.92
O3B ADP M . 22.54 3.25 -30.85
PA ADP M . 21.09 5.60 -32.20
O1A ADP M . 19.93 6.50 -32.54
O2A ADP M . 21.39 4.41 -33.08
O3A ADP M . 20.85 5.03 -30.72
O5' ADP M . 22.41 6.50 -32.07
C5' ADP M . 23.58 6.04 -31.39
C4' ADP M . 24.72 7.03 -31.59
O4' ADP M . 25.80 6.71 -30.73
C3' ADP M . 25.23 6.97 -33.03
O3' ADP M . 25.22 8.28 -33.61
C2' ADP M . 26.65 6.43 -32.93
O2' ADP M . 27.56 7.24 -33.68
C1' ADP M . 27.00 6.46 -31.45
N9 ADP M . 27.55 5.15 -31.02
C8 ADP M . 27.04 4.40 -30.03
N7 ADP M . 27.76 3.26 -29.89
C5 ADP M . 28.74 3.28 -30.80
C6 ADP M . 29.85 2.38 -31.18
N6 ADP M . 30.05 1.21 -30.53
N1 ADP M . 30.65 2.77 -32.19
C2 ADP M . 30.47 3.94 -32.84
N3 ADP M . 29.48 4.80 -32.53
C4 ADP M . 28.60 4.53 -31.55
PB ADP N . 37.66 -1.60 1.81
O1B ADP N . 36.80 -1.77 0.58
O2B ADP N . 36.91 -1.14 3.04
O3B ADP N . 38.65 -2.71 2.05
PA ADP N . 39.60 -0.51 0.20
O1A ADP N . 38.77 -0.71 -1.04
O2A ADP N . 40.66 -1.51 0.58
O3A ADP N . 38.60 -0.35 1.44
O5' ADP N . 40.29 0.95 0.11
C5' ADP N . 40.78 1.40 -1.15
C4' ADP N . 41.87 2.44 -0.95
O4' ADP N . 42.79 2.00 0.06
C3' ADP N . 42.66 2.65 -2.23
O3' ADP N . 42.78 4.05 -2.53
C2' ADP N . 44.00 2.01 -1.97
O2' ADP N . 45.08 2.83 -2.47
C1' ADP N . 44.11 1.85 -0.47
N9 ADP N . 44.59 0.50 -0.12
C8 ADP N . 44.04 -0.31 0.80
N7 ADP N . 44.72 -1.48 0.89
C5 ADP N . 45.73 -1.43 0.02
C6 ADP N . 46.82 -2.33 -0.39
N6 ADP N . 46.98 -3.55 0.17
N1 ADP N . 47.66 -1.89 -1.35
C2 ADP N . 47.53 -0.68 -1.92
N3 ADP N . 46.56 0.19 -1.58
C4 ADP N . 45.65 -0.13 -0.64
C10 XNU O . 33.46 -27.34 -11.00
C13 XNU O . 34.55 -25.69 -12.36
C15 XNU O . 35.93 -24.03 -13.30
C21 XNU O . 35.80 -17.44 -13.55
C22 XNU O . 37.13 -17.26 -14.59
C24 XNU O . 37.96 -15.64 -12.87
C26 XNU O . 35.47 -16.26 -12.82
C28 XNU O . 35.83 -21.72 -11.14
C01 XNU O . 29.93 -33.52 -9.75
C02 XNU O . 30.82 -34.15 -8.69
C03 XNU O . 32.28 -33.74 -8.85
C06 XNU O . 34.03 -32.24 -9.86
C07 XNU O . 34.15 -30.83 -10.44
C08 XNU O . 34.26 -29.73 -10.87
C09 XNU O . 34.37 -28.29 -11.42
C11 XNU O . 33.55 -26.04 -11.48
C16 XNU O . 36.05 -22.50 -13.52
C19 XNU O . 36.17 -20.36 -13.19
C23 XNU O . 37.78 -16.08 -14.44
C25 XNU O . 36.67 -15.38 -12.25
C29 XNU O . 36.75 -21.21 -10.26
C31 XNU O . 35.55 -22.00 -8.47
C32 XNU O . 34.59 -22.54 -9.29
C33 XNU O . 34.72 -22.40 -10.66
C34 XNU O . 35.47 -26.65 -12.78
C35 XNU O . 35.37 -27.95 -12.30
F12 XNU O . 32.63 -25.12 -11.05
F36 XNU O . 36.27 -28.89 -12.70
N05 XNU O . 32.64 -32.63 -9.71
N17 XNU O . 36.23 -21.92 -14.68
N18 XNU O . 36.31 -20.59 -14.47
N27 XNU O . 36.01 -21.54 -12.56
N30 XNU O . 36.60 -21.37 -8.96
O04 XNU O . 33.14 -34.33 -8.27
O14 XNU O . 34.64 -24.37 -12.86
S20 XNU O . 36.18 -18.73 -12.37
PB ADP P . 5.61 30.34 -20.72
O1B ADP P . 5.44 29.58 -22.02
O2B ADP P . 5.76 29.46 -19.51
O3B ADP P . 6.58 31.49 -20.79
PA ADP P . 3.69 32.14 -21.61
O1A ADP P . 2.24 31.87 -21.92
O2A ADP P . 4.70 32.15 -22.72
O3A ADP P . 4.17 31.06 -20.53
O5' ADP P . 3.77 33.54 -20.82
C5' ADP P . 4.92 33.92 -20.06
C4' ADP P . 4.80 35.36 -19.62
O4' ADP P . 5.81 35.68 -18.67
C3' ADP P . 4.95 36.31 -20.80
O3' ADP P . 3.83 37.20 -20.88
C2' ADP P . 6.23 37.08 -20.54
O2' ADP P . 6.04 38.48 -20.71
C1' ADP P . 6.63 36.76 -19.11
N9 ADP P . 8.05 36.35 -19.06
C8 ADP P . 8.48 35.17 -18.56
N7 ADP P . 9.83 35.08 -18.65
C5 ADP P . 10.27 36.21 -19.21
C6 ADP P . 11.59 36.76 -19.58
N6 ADP P . 12.71 36.04 -19.37
N1 ADP P . 11.62 37.98 -20.13
C2 ADP P . 10.51 38.70 -20.36
N3 ADP P . 9.28 38.25 -20.04
C4 ADP P . 9.10 37.05 -19.47
PB ADP Q . 24.02 27.03 10.69
O1B ADP Q . 23.51 26.83 9.28
O2B ADP Q . 23.34 26.19 11.73
O3B ADP Q . 25.53 27.08 10.80
PA ADP Q . 24.13 29.73 10.14
O1A ADP Q . 23.63 29.50 8.74
O2A ADP Q . 25.61 29.88 10.40
O3A ADP Q . 23.58 28.54 11.05
O5' ADP Q . 23.37 31.02 10.74
C5' ADP Q . 23.14 32.14 9.89
C4' ADP Q . 22.97 33.41 10.72
O4' ADP Q . 24.00 33.48 11.70
C3' ADP Q . 23.09 34.64 9.84
O3' ADP Q . 22.01 35.55 10.10
C2' ADP Q . 24.42 35.25 10.18
O2' ADP Q . 24.34 36.67 10.31
C1' ADP Q . 24.83 34.62 11.51
N9 ADP Q . 26.24 34.17 11.47
C8 ADP Q . 26.68 32.97 11.88
N7 ADP Q . 28.02 32.87 11.73
C5 ADP Q . 28.46 34.01 11.20
C6 ADP Q . 29.76 34.57 10.79
N6 ADP Q . 30.90 33.85 10.91
N1 ADP Q . 29.78 35.83 10.30
C2 ADP Q . 28.67 36.56 10.18
N3 ADP Q . 27.45 36.12 10.54
C4 ADP Q . 27.29 34.88 11.05
C10 XNU R . 40.03 16.22 -11.00
C13 XNU R . 39.19 18.44 -11.36
C15 XNU R . 38.55 20.70 -11.27
C21 XNU R . 33.28 24.09 -9.19
C22 XNU R . 33.84 25.61 -9.68
C24 XNU R . 33.28 26.35 -7.35
C26 XNU R . 32.24 24.14 -8.20
C28 XNU R . 36.99 20.90 -8.54
C01 XNU R . 42.99 9.92 -12.99
C02 XNU R . 44.14 9.84 -12.01
C03 XNU R . 44.68 11.23 -11.64
C06 XNU R . 44.41 13.72 -11.59
C07 XNU R . 43.28 14.76 -11.58
C08 XNU R . 42.40 15.57 -11.54
C09 XNU R . 41.27 16.60 -11.49
C11 XNU R . 38.99 17.13 -10.95
C16 XNU R . 37.39 21.65 -10.90
C19 XNU R . 35.82 22.67 -9.81
C23 XNU R . 33.32 26.65 -8.97
C25 XNU R . 32.36 25.25 -7.06
C29 XNU R . 37.28 21.51 -7.34
C31 XNU R . 37.45 19.47 -6.29
C32 XNU R . 37.17 18.79 -7.46
C33 XNU R . 36.93 19.52 -8.61
C34 XNU R . 40.42 18.82 -11.84
C35 XNU R . 41.46 17.90 -11.90
F12 XNU R . 37.79 16.71 -10.46
F36 XNU R . 42.69 18.29 -12.38
N05 XNU R . 43.89 12.41 -11.95
N17 XNU R . 36.87 22.55 -11.69
N18 XNU R . 35.88 23.18 -11.03
N27 XNU R . 36.74 21.70 -9.72
N30 XNU R . 37.50 20.79 -6.26
O04 XNU R . 45.73 11.33 -11.10
O14 XNU R . 38.13 19.37 -11.30
S20 XNU R . 34.65 23.16 -8.50
PB ADP S . -23.48 28.13 -6.50
O1B ADP S . -23.16 28.08 -7.97
O2B ADP S . -22.51 27.37 -5.63
O3B ADP S . -23.85 29.49 -5.98
PA ADP S . -26.17 27.84 -7.12
O1A ADP S . -26.84 26.68 -7.82
O2A ADP S . -25.77 29.05 -7.92
O3A ADP S . -24.85 27.28 -6.40
O5' ADP S . -27.12 28.30 -5.90
C5' ADP S . -26.63 29.07 -4.82
C4' ADP S . -27.79 29.51 -3.94
O4' ADP S . -27.30 30.05 -2.70
C3' ADP S . -28.61 30.59 -4.61
O3' ADP S . -29.99 30.21 -4.65
C2' ADP S . -28.41 31.84 -3.78
O2' ADP S . -29.67 32.47 -3.48
C1' ADP S . -27.72 31.39 -2.50
N9 ADP S . -26.54 32.23 -2.24
C8 ADP S . -25.28 31.77 -2.10
N7 ADP S . -24.43 32.78 -1.87
C5 ADP S . -25.13 33.92 -1.85
C6 ADP S . -24.83 35.35 -1.67
N6 ADP S . -23.56 35.77 -1.43
N1 ADP S . -25.86 36.23 -1.72
C2 ADP S . -27.12 35.82 -1.95
N3 ADP S . -27.46 34.54 -2.13
C4 ADP S . -26.53 33.55 -2.09
PB ADP T . -5.52 27.43 25.38
O1B ADP T . -5.82 27.41 23.89
O2B ADP T . -5.06 26.11 25.93
O3B ADP T . -4.73 28.63 25.84
PA ADP T . -7.71 29.06 25.78
O1A ADP T . -8.02 29.11 24.30
O2A ADP T . -6.89 30.16 26.42
O3A ADP T . -6.96 27.67 26.05
O5' ADP T . -9.09 28.89 26.58
C5' ADP T . -10.22 29.65 26.17
C4' ADP T . -11.18 29.84 27.34
O4' ADP T . -10.45 30.24 28.50
C3' ADP T . -12.19 30.92 27.02
O3' ADP T . -13.52 30.47 27.31
C2' ADP T . -11.80 32.10 27.89
O2' ADP T . -12.94 32.71 28.50
C1' ADP T . -10.87 31.52 28.95
N9 ADP T . -9.67 32.38 29.12
C8 ADP T . -8.40 31.94 29.15
N7 ADP T . -7.54 32.97 29.32
C5 ADP T . -8.26 34.10 29.39
C6 ADP T . -7.98 35.54 29.54
N6 ADP T . -6.70 35.99 29.67
N1 ADP T . -9.02 36.38 29.56
C2 ADP T . -10.29 35.95 29.44
N3 ADP T . -10.61 34.66 29.29
C4 ADP T . -9.66 33.71 29.26
C10 XNU U . 9.60 43.12 6.06
C13 XNU U . 7.29 43.72 6.31
C15 XNU U . 5.14 44.35 7.03
C21 XNU U . -0.41 41.18 8.75
C22 XNU U . -1.33 42.58 8.97
C24 XNU U . -1.90 41.60 11.21
C26 XNU U . -0.93 40.03 9.40
C28 XNU U . 4.42 42.13 9.16
C01 XNU U . 16.06 43.03 2.81
C02 XNU U . 16.96 43.49 3.96
C03 XNU U . 16.23 44.43 4.91
C06 XNU U . 14.11 45.43 5.78
C07 XNU U . 12.60 45.09 5.88
C08 XNU U . 11.45 44.82 5.97
C09 XNU U . 9.96 44.44 6.09
C11 XNU U . 8.27 42.74 6.18
C16 XNU U . 3.75 43.78 7.40
C19 XNU U . 2.15 42.66 8.33
C23 XNU U . -2.34 42.44 9.86
C25 XNU U . -1.56 40.22 10.86
C29 XNU U . 4.28 42.14 10.54
C31 XNU U . 6.13 40.82 10.80
C32 XNU U . 6.35 40.75 9.43
C33 XNU U . 5.47 41.42 8.60
C34 XNU U . 7.67 45.07 6.34
C35 XNU U . 9.00 45.43 6.23
F12 XNU U . 7.95 41.43 6.15
F36 XNU U . 9.36 46.73 6.25
N05 XNU U . 14.79 44.53 4.88
N17 XNU U . 2.62 44.17 6.87
N18 XNU U . 1.62 43.47 7.44
N27 XNU U . 3.48 42.84 8.32
N30 XNU U . 5.12 41.50 11.30
O04 XNU U . 16.85 45.07 5.69
O14 XNU U . 5.93 43.37 6.42
S20 XNU U . 1.25 41.48 9.40
PB ADP V . -37.11 -1.06 -1.92
O1B ADP V . -37.11 -0.21 -3.16
O2B ADP V . -35.78 -1.10 -1.20
O3B ADP V . -38.31 -0.87 -1.03
PA ADP V . -38.65 -2.94 -3.26
O1A ADP V . -38.27 -3.72 -4.50
O2A ADP V . -39.45 -1.68 -3.41
O3A ADP V . -37.29 -2.55 -2.50
O5' ADP V . -39.40 -3.93 -2.26
C5' ADP V . -39.53 -3.63 -0.86
C4' ADP V . -40.46 -4.65 -0.21
O4' ADP V . -40.40 -4.51 1.21
C3' ADP V . -41.89 -4.46 -0.65
O3' ADP V . -42.43 -5.67 -1.17
C2' ADP V . -42.65 -4.03 0.59
O2' ADP V . -43.84 -4.79 0.77
C1' ADP V . -41.70 -4.26 1.76
N9 ADP V . -41.62 -3.04 2.60
C8 ADP V . -40.48 -2.37 2.89
N7 ADP V . -40.74 -1.31 3.68
C5 ADP V . -42.05 -1.28 3.90
C6 ADP V . -42.98 -0.41 4.66
N6 ADP V . -42.52 0.66 5.34
N1 ADP V . -44.29 -0.72 4.65
C2 ADP V . -44.76 -1.79 3.98
N3 ADP V . -43.97 -2.62 3.27
C4 ADP V . -42.64 -2.42 3.20
PB ADP W . -21.37 -0.85 31.09
O1B ADP W . -21.81 -0.48 29.70
O2B ADP W . -19.97 -1.40 31.18
O3B ADP W . -21.72 0.16 32.15
PA ADP W . -23.90 -1.86 31.53
O1A ADP W . -24.36 -1.46 30.16
O2A ADP W . -24.18 -0.97 32.72
O3A ADP W . -22.31 -2.09 31.47
O5' ADP W . -24.47 -3.33 31.85
C5' ADP W . -25.80 -3.65 31.43
C4' ADP W . -26.36 -4.78 32.29
O4' ADP W . -26.09 -4.51 33.67
C3' ADP W . -27.87 -4.87 32.12
O3' ADP W . -28.25 -6.22 31.88
C2' ADP W . -28.44 -4.35 33.42
O2' ADP W . -29.53 -5.17 33.87
C1' ADP W . -27.30 -4.37 34.42
N9 ADP W . -27.24 -3.10 35.17
C8 ADP W . -26.13 -2.38 35.38
N7 ADP W . -26.40 -1.27 36.11
C5 ADP W . -27.71 -1.28 36.38
C6 ADP W . -28.65 -0.40 37.11
N6 ADP W . -28.23 0.73 37.72
N1 ADP W . -29.95 -0.78 37.16
C2 ADP W . -30.38 -1.90 36.57
N3 ADP W . -29.58 -2.74 35.89
C4 ADP W . -28.27 -2.49 35.77
C10 XNU X . -27.45 26.45 23.16
C13 XNU X . -29.29 24.90 23.01
C15 XNU X . -30.96 23.29 23.33
C21 XNU X . -31.48 16.79 22.29
C22 XNU X . -33.12 16.65 22.70
C24 XNU X . -32.35 14.81 24.21
C26 XNU X . -30.75 15.56 22.33
C28 XNU X . -29.33 20.75 24.27
C01 XNU X . -23.95 32.62 21.85
C02 XNU X . -23.60 33.07 23.26
C03 XNU X . -24.65 32.60 24.27
C06 XNU X . -26.60 31.14 24.87
C07 XNU X . -27.22 29.80 24.45
C08 XNU X . -27.70 28.75 24.15
C09 XNU X . -28.27 27.39 23.75
C11 XNU X . -27.95 25.20 22.79
C16 XNU X . -31.30 21.80 23.12
C19 XNU X . -31.24 19.63 23.15
C23 XNU X . -33.46 15.44 23.16
C25 XNU X . -31.09 14.54 23.52
C29 XNU X . -29.22 20.09 25.48
C31 XNU X . -27.02 20.72 25.70
C32 XNU X . -27.05 21.40 24.50
C33 XNU X . -28.23 21.42 23.77
C34 XNU X . -30.11 25.85 23.60
C35 XNU X . -29.61 27.10 23.97
F12 XNU X . -27.10 24.30 22.23
F36 XNU X . -30.43 28.02 24.54
N05 XNU X . -25.61 31.58 23.91
N17 XNU X . -32.35 21.34 22.51
N18 XNU X . -32.32 20.00 22.52
N27 XNU X . -30.57 20.73 23.55
N30 XNU X . -28.09 20.08 26.15
O04 XNU X . -24.66 33.07 25.36
O14 XNU X . -29.79 23.65 22.64
S20 XNU X . -30.69 17.91 23.46
#